data_3X0Y
#
_entry.id   3X0Y
#
_cell.length_a   145.480
_cell.length_b   123.520
_cell.length_c   184.520
_cell.angle_alpha   90.00
_cell.angle_beta   101.31
_cell.angle_gamma   90.00
#
_symmetry.space_group_name_H-M   'C 1 2 1'
#
loop_
_entity.id
_entity.type
_entity.pdbx_description
1 polymer DszC
2 non-polymer 'FLAVIN MONONUCLEOTIDE'
3 water water
#
_entity_poly.entity_id   1
_entity_poly.type   'polypeptide(L)'
_entity_poly.pdbx_seq_one_letter_code
;MTLSPEKQHVRPRDAADNDPVAVARGLAEKWRATAVERDRAGGSATAEREDLRASGLLSLLVPREYGGWGADWPTAIEVV
REIAAADGSLGHLFGYHLTNAPMIELIGSQEQEEHLYTQIAQNNWWTGNASSENNSHVLDWKVRATPTEDGGYVLNGTKH
FCSGAKGSDLLFVFGVVQDDSPQQGAIIAAAIPTSRAGVTPNDDWAAIGMRQTDSGSTDFHNVKVEPDEVLGAPNAFVLA
FIQSERGSLFAPIAQLIFANVYLGIAHGALDAAREYTRTQARPWTPAGIQQATEDPYTIRSYGEFTIALQGADAAAREAA
HLLQTVWDKGDALTPEDRGELMVKVSGVKALATNAALNISSGVFEVIGARGTHPRYGFDRFWRNVRTHSLHDPVSYKIAD
VGKHTLNGQYPIPGFTS
;
_entity_poly.pdbx_strand_id   A,B,C,D,E,F,G,H
#
# COMPACT_ATOMS: atom_id res chain seq x y z
N ALA A 16 -29.39 12.94 -18.10
CA ALA A 16 -30.55 13.24 -17.19
C ALA A 16 -31.06 11.98 -16.48
N ASP A 17 -31.22 10.90 -17.24
CA ASP A 17 -31.76 9.64 -16.70
C ASP A 17 -30.75 8.83 -15.89
N ASN A 18 -29.46 9.08 -16.09
CA ASN A 18 -28.39 8.34 -15.40
C ASN A 18 -28.13 8.84 -13.99
N ASP A 19 -27.30 8.11 -13.25
CA ASP A 19 -26.94 8.48 -11.88
C ASP A 19 -25.88 9.59 -11.88
N PRO A 20 -26.24 10.79 -11.41
CA PRO A 20 -25.31 11.92 -11.48
C PRO A 20 -24.00 11.75 -10.69
N VAL A 21 -24.02 11.02 -9.58
CA VAL A 21 -22.81 10.80 -8.77
C VAL A 21 -21.80 9.93 -9.53
N ALA A 22 -22.31 8.97 -10.31
CA ALA A 22 -21.47 8.14 -11.16
C ALA A 22 -20.83 8.93 -12.31
N VAL A 23 -21.60 9.87 -12.87
CA VAL A 23 -21.08 10.74 -13.92
C VAL A 23 -20.00 11.67 -13.37
N ALA A 24 -20.25 12.22 -12.18
CA ALA A 24 -19.27 13.07 -11.50
C ALA A 24 -17.97 12.33 -11.23
N ARG A 25 -18.07 11.08 -10.78
CA ARG A 25 -16.89 10.26 -10.50
C ARG A 25 -16.03 10.06 -11.75
N GLY A 26 -16.67 9.88 -12.90
CA GLY A 26 -15.96 9.78 -14.16
C GLY A 26 -15.18 11.04 -14.47
N LEU A 27 -15.81 12.20 -14.24
CA LEU A 27 -15.16 13.49 -14.42
C LEU A 27 -14.05 13.72 -13.40
N ALA A 28 -14.26 13.24 -12.17
CA ALA A 28 -13.26 13.33 -11.12
C ALA A 28 -12.02 12.52 -11.46
N GLU A 29 -12.22 11.30 -11.97
CA GLU A 29 -11.12 10.44 -12.38
C GLU A 29 -10.24 11.17 -13.41
N LYS A 30 -10.86 11.67 -14.48
CA LYS A 30 -10.15 12.38 -15.55
C LYS A 30 -9.36 13.59 -15.04
N TRP A 31 -9.89 14.29 -14.04
CA TRP A 31 -9.25 15.50 -13.53
C TRP A 31 -8.11 15.24 -12.57
N ARG A 32 -8.16 14.11 -11.88
CA ARG A 32 -7.12 13.75 -10.90
C ARG A 32 -5.77 13.52 -11.57
N ALA A 33 -5.77 13.17 -12.86
CA ALA A 33 -4.54 13.00 -13.63
C ALA A 33 -3.81 14.32 -13.93
N THR A 34 -4.54 15.45 -13.88
CA THR A 34 -3.96 16.77 -14.12
C THR A 34 -4.09 17.72 -12.91
N ALA A 35 -4.51 17.19 -11.76
CA ALA A 35 -4.76 18.03 -10.57
C ALA A 35 -3.51 18.79 -10.10
N VAL A 36 -2.38 18.08 -10.05
CA VAL A 36 -1.12 18.67 -9.60
C VAL A 36 -0.71 19.87 -10.47
N GLU A 37 -0.68 19.66 -11.78
CA GLU A 37 -0.21 20.68 -12.72
C GLU A 37 -1.14 21.90 -12.73
N ARG A 38 -2.45 21.67 -12.64
CA ARG A 38 -3.41 22.78 -12.68
C ARG A 38 -3.42 23.58 -11.38
N ASP A 39 -3.04 22.93 -10.29
CA ASP A 39 -2.88 23.62 -9.01
C ASP A 39 -1.66 24.55 -9.02
N ARG A 40 -0.52 24.04 -9.48
CA ARG A 40 0.70 24.86 -9.53
C ARG A 40 0.61 25.96 -10.59
N ALA A 41 -0.09 25.67 -11.69
CA ALA A 41 -0.24 26.64 -12.78
C ALA A 41 -1.28 27.71 -12.46
N GLY A 42 -2.37 27.32 -11.79
CA GLY A 42 -3.44 28.24 -11.45
C GLY A 42 -4.24 28.66 -12.68
N GLY A 43 -4.76 29.88 -12.64
CA GLY A 43 -5.56 30.42 -13.74
C GLY A 43 -6.92 29.76 -13.84
N SER A 44 -7.57 29.94 -14.98
CA SER A 44 -8.91 29.39 -15.21
C SER A 44 -8.83 27.94 -15.67
N ALA A 45 -9.75 27.11 -15.19
CA ALA A 45 -9.82 25.70 -15.57
C ALA A 45 -10.82 25.53 -16.72
N THR A 46 -10.55 26.22 -17.81
CA THR A 46 -11.46 26.29 -18.95
C THR A 46 -11.83 24.92 -19.50
N ALA A 47 -10.83 24.04 -19.64
CA ALA A 47 -11.04 22.69 -20.17
C ALA A 47 -11.90 21.84 -19.23
N GLU A 48 -11.69 22.00 -17.92
CA GLU A 48 -12.47 21.26 -16.93
C GLU A 48 -13.90 21.81 -16.86
N ARG A 49 -14.03 23.13 -16.86
CA ARG A 49 -15.35 23.77 -16.95
C ARG A 49 -16.14 23.26 -18.17
N GLU A 50 -15.45 23.09 -19.29
CA GLU A 50 -16.06 22.55 -20.50
C GLU A 50 -16.46 21.08 -20.35
N ASP A 51 -15.65 20.29 -19.65
CA ASP A 51 -16.00 18.90 -19.30
C ASP A 51 -17.32 18.89 -18.53
N LEU A 52 -17.46 19.80 -17.57
CA LEU A 52 -18.69 19.93 -16.79
C LEU A 52 -19.89 20.33 -17.64
N ARG A 53 -19.69 21.33 -18.51
CA ARG A 53 -20.75 21.75 -19.43
C ARG A 53 -21.24 20.57 -20.27
N ALA A 54 -20.30 19.87 -20.88
CA ALA A 54 -20.59 18.75 -21.77
C ALA A 54 -21.28 17.57 -21.07
N SER A 55 -21.04 17.41 -19.77
CA SER A 55 -21.61 16.32 -18.98
C SER A 55 -23.11 16.50 -18.76
N GLY A 56 -23.59 17.75 -18.80
CA GLY A 56 -25.00 18.05 -18.57
C GLY A 56 -25.34 18.33 -17.11
N LEU A 57 -24.36 18.27 -16.23
CA LEU A 57 -24.59 18.37 -14.77
C LEU A 57 -24.91 19.78 -14.28
N LEU A 58 -24.70 20.80 -15.09
CA LEU A 58 -25.05 22.17 -14.72
C LEU A 58 -26.57 22.36 -14.55
N SER A 59 -27.36 21.46 -15.11
CA SER A 59 -28.81 21.49 -14.92
C SER A 59 -29.28 20.44 -13.92
N LEU A 60 -28.40 20.08 -12.99
CA LEU A 60 -28.66 18.99 -12.05
C LEU A 60 -29.84 19.27 -11.12
N LEU A 61 -29.95 20.51 -10.65
CA LEU A 61 -31.03 20.89 -9.74
C LEU A 61 -32.22 21.54 -10.46
N VAL A 62 -32.11 21.75 -11.77
CA VAL A 62 -33.23 22.24 -12.57
C VAL A 62 -34.28 21.14 -12.69
N PRO A 63 -35.57 21.48 -12.50
CA PRO A 63 -36.64 20.50 -12.71
C PRO A 63 -36.64 19.86 -14.09
N ARG A 64 -37.18 18.66 -14.18
CA ARG A 64 -37.26 17.93 -15.45
C ARG A 64 -38.18 18.61 -16.46
N GLU A 65 -39.20 19.33 -15.98
CA GLU A 65 -40.15 20.01 -16.86
C GLU A 65 -39.53 21.17 -17.68
N TYR A 66 -38.38 21.68 -17.21
CA TYR A 66 -37.62 22.68 -17.95
C TYR A 66 -36.36 22.09 -18.59
N GLY A 67 -36.25 20.76 -18.64
CA GLY A 67 -35.13 20.06 -19.27
C GLY A 67 -33.98 19.69 -18.35
N GLY A 68 -34.19 19.71 -17.04
CA GLY A 68 -33.13 19.44 -16.06
C GLY A 68 -33.08 18.00 -15.60
N TRP A 69 -32.29 17.75 -14.55
CA TRP A 69 -32.14 16.42 -13.98
C TRP A 69 -33.14 16.15 -12.86
N GLY A 70 -33.60 17.21 -12.19
CA GLY A 70 -34.59 17.09 -11.12
C GLY A 70 -34.08 16.30 -9.93
N ALA A 71 -32.80 16.45 -9.60
CA ALA A 71 -32.20 15.72 -8.48
C ALA A 71 -32.55 16.37 -7.14
N ASP A 72 -32.44 15.59 -6.07
CA ASP A 72 -32.70 16.09 -4.72
C ASP A 72 -31.43 16.71 -4.14
N TRP A 73 -31.55 17.39 -3.01
CA TRP A 73 -30.40 18.10 -2.44
C TRP A 73 -29.27 17.17 -1.99
N PRO A 74 -29.61 16.04 -1.33
CA PRO A 74 -28.57 15.08 -0.95
C PRO A 74 -27.75 14.54 -2.11
N THR A 75 -28.39 14.33 -3.27
CA THR A 75 -27.70 13.81 -4.45
C THR A 75 -26.80 14.89 -5.04
N ALA A 76 -27.31 16.09 -5.20
CA ALA A 76 -26.51 17.21 -5.69
C ALA A 76 -25.27 17.41 -4.82
N ILE A 77 -25.47 17.30 -3.51
CA ILE A 77 -24.38 17.46 -2.55
C ILE A 77 -23.33 16.35 -2.69
N GLU A 78 -23.77 15.12 -2.97
CA GLU A 78 -22.85 14.02 -3.24
C GLU A 78 -22.00 14.28 -4.49
N VAL A 79 -22.61 14.92 -5.49
CA VAL A 79 -21.87 15.31 -6.70
C VAL A 79 -20.80 16.36 -6.35
N VAL A 80 -21.17 17.32 -5.50
CA VAL A 80 -20.25 18.37 -5.10
C VAL A 80 -19.05 17.76 -4.36
N ARG A 81 -19.34 16.86 -3.41
CA ARG A 81 -18.30 16.18 -2.62
C ARG A 81 -17.33 15.39 -3.49
N GLU A 82 -17.88 14.72 -4.50
CA GLU A 82 -17.11 13.87 -5.40
C GLU A 82 -16.17 14.70 -6.29
N ILE A 83 -16.68 15.82 -6.78
CA ILE A 83 -15.86 16.76 -7.55
C ILE A 83 -14.81 17.43 -6.67
N ALA A 84 -15.20 17.76 -5.44
CA ALA A 84 -14.33 18.46 -4.50
C ALA A 84 -13.13 17.63 -4.06
N ALA A 85 -13.31 16.31 -3.94
CA ALA A 85 -12.23 15.42 -3.53
C ALA A 85 -11.14 15.32 -4.60
N ALA A 86 -11.54 15.46 -5.85
CA ALA A 86 -10.62 15.49 -6.98
C ALA A 86 -9.96 16.87 -7.11
N ASP A 87 -10.77 17.91 -6.97
CA ASP A 87 -10.32 19.28 -7.21
C ASP A 87 -11.14 20.28 -6.42
N GLY A 88 -10.53 20.89 -5.42
CA GLY A 88 -11.21 21.85 -4.55
C GLY A 88 -11.84 23.01 -5.30
N SER A 89 -11.12 23.53 -6.30
CA SER A 89 -11.60 24.68 -7.07
C SER A 89 -12.83 24.36 -7.91
N LEU A 90 -12.85 23.18 -8.52
CA LEU A 90 -13.99 22.75 -9.32
C LEU A 90 -15.22 22.43 -8.47
N GLY A 91 -14.99 21.89 -7.26
CA GLY A 91 -16.06 21.64 -6.32
C GLY A 91 -16.73 22.95 -5.91
N HIS A 92 -15.89 23.92 -5.56
CA HIS A 92 -16.34 25.27 -5.22
C HIS A 92 -17.12 25.88 -6.38
N LEU A 93 -16.58 25.76 -7.58
CA LEU A 93 -17.17 26.37 -8.77
C LEU A 93 -18.54 25.77 -9.08
N PHE A 94 -18.63 24.44 -9.08
CA PHE A 94 -19.90 23.76 -9.32
C PHE A 94 -20.87 24.03 -8.18
N GLY A 95 -20.35 23.95 -6.95
CA GLY A 95 -21.12 24.24 -5.75
C GLY A 95 -21.78 25.61 -5.79
N TYR A 96 -20.99 26.64 -6.10
CA TYR A 96 -21.53 28.00 -6.22
C TYR A 96 -22.57 28.12 -7.33
N HIS A 97 -22.31 27.46 -8.45
CA HIS A 97 -23.26 27.41 -9.56
C HIS A 97 -24.60 26.84 -9.10
N LEU A 98 -24.56 25.79 -8.28
CA LEU A 98 -25.79 25.17 -7.74
C LEU A 98 -26.54 26.07 -6.74
N THR A 99 -25.85 27.04 -6.14
CA THR A 99 -26.49 27.99 -5.22
C THR A 99 -27.01 29.23 -5.95
N ASN A 100 -26.41 29.53 -7.10
CA ASN A 100 -26.82 30.67 -7.91
C ASN A 100 -28.21 30.48 -8.49
N ALA A 101 -28.43 29.33 -9.14
CA ALA A 101 -29.68 29.07 -9.84
C ALA A 101 -30.95 29.23 -8.97
N PRO A 102 -31.02 28.52 -7.84
CA PRO A 102 -32.18 28.59 -6.94
C PRO A 102 -32.74 30.00 -6.69
N MET A 103 -31.85 30.99 -6.66
CA MET A 103 -32.25 32.38 -6.43
C MET A 103 -33.39 32.87 -7.31
N ILE A 104 -33.52 32.30 -8.52
CA ILE A 104 -34.60 32.69 -9.43
C ILE A 104 -35.97 32.26 -8.92
N GLU A 105 -36.07 31.06 -8.34
CA GLU A 105 -37.33 30.58 -7.78
C GLU A 105 -37.52 31.03 -6.33
N LEU A 106 -36.40 31.18 -5.62
CA LEU A 106 -36.43 31.66 -4.24
C LEU A 106 -37.11 33.03 -4.10
N ILE A 107 -36.75 33.99 -4.96
CA ILE A 107 -37.36 35.32 -4.93
C ILE A 107 -38.00 35.80 -6.24
N GLY A 108 -37.67 35.15 -7.36
CA GLY A 108 -38.23 35.55 -8.65
C GLY A 108 -39.66 35.05 -8.84
N SER A 109 -40.28 35.52 -9.92
CA SER A 109 -41.67 35.21 -10.23
C SER A 109 -41.77 33.89 -10.98
N GLN A 110 -43.00 33.48 -11.28
CA GLN A 110 -43.26 32.25 -12.02
C GLN A 110 -42.64 32.27 -13.41
N GLU A 111 -42.71 33.41 -14.10
CA GLU A 111 -42.21 33.50 -15.47
C GLU A 111 -40.68 33.42 -15.54
N GLN A 112 -40.00 34.02 -14.58
CA GLN A 112 -38.53 33.96 -14.51
C GLN A 112 -38.06 32.55 -14.24
N GLU A 113 -38.79 31.83 -13.38
CA GLU A 113 -38.49 30.44 -13.08
C GLU A 113 -38.55 29.59 -14.36
N GLU A 114 -39.68 29.65 -15.05
CA GLU A 114 -39.86 28.89 -16.30
C GLU A 114 -38.84 29.29 -17.38
N HIS A 115 -38.63 30.58 -17.55
CA HIS A 115 -37.79 31.09 -18.62
C HIS A 115 -36.31 30.74 -18.41
N LEU A 116 -35.76 31.21 -17.30
CA LEU A 116 -34.33 31.04 -17.02
C LEU A 116 -33.92 29.59 -16.82
N TYR A 117 -34.65 28.84 -16.00
CA TYR A 117 -34.32 27.43 -15.78
C TYR A 117 -34.29 26.66 -17.10
N THR A 118 -35.27 26.92 -17.96
CA THR A 118 -35.30 26.28 -19.28
C THR A 118 -34.06 26.66 -20.09
N GLN A 119 -33.69 27.93 -20.07
CA GLN A 119 -32.48 28.40 -20.75
C GLN A 119 -31.21 27.74 -20.21
N ILE A 120 -31.15 27.57 -18.89
CA ILE A 120 -29.99 26.96 -18.25
C ILE A 120 -29.85 25.48 -18.64
N ALA A 121 -30.97 24.77 -18.67
CA ALA A 121 -30.97 23.36 -19.02
C ALA A 121 -30.69 23.12 -20.51
N GLN A 122 -31.36 23.87 -21.37
CA GLN A 122 -31.22 23.70 -22.82
C GLN A 122 -29.82 24.10 -23.30
N ASN A 123 -29.38 25.28 -22.88
CA ASN A 123 -28.07 25.80 -23.30
C ASN A 123 -26.89 25.30 -22.45
N ASN A 124 -27.18 24.63 -21.34
CA ASN A 124 -26.14 24.19 -20.39
C ASN A 124 -25.29 25.37 -19.92
N TRP A 125 -25.96 26.42 -19.45
CA TRP A 125 -25.28 27.64 -19.05
C TRP A 125 -24.53 27.49 -17.73
N TRP A 126 -23.27 27.89 -17.73
CA TRP A 126 -22.54 28.16 -16.49
C TRP A 126 -23.11 29.43 -15.88
N THR A 127 -23.15 29.49 -14.55
CA THR A 127 -23.58 30.69 -13.84
C THR A 127 -22.46 31.20 -12.95
N GLY A 128 -22.42 32.51 -12.76
CA GLY A 128 -21.49 33.14 -11.84
C GLY A 128 -22.24 34.19 -11.05
N ASN A 129 -21.58 34.76 -10.05
CA ASN A 129 -22.20 35.82 -9.25
C ASN A 129 -21.24 36.98 -9.04
N ALA A 130 -21.81 38.12 -8.67
CA ALA A 130 -21.05 39.32 -8.37
C ALA A 130 -21.77 40.05 -7.25
N SER A 131 -21.34 39.79 -6.02
CA SER A 131 -22.11 40.19 -4.83
C SER A 131 -21.27 40.89 -3.76
N SER A 132 -20.15 40.28 -3.38
CA SER A 132 -19.28 40.86 -2.35
C SER A 132 -18.36 41.94 -2.91
N GLU A 133 -18.00 42.88 -2.04
CA GLU A 133 -17.18 44.04 -2.42
C GLU A 133 -15.98 44.20 -1.46
N ASN A 134 -15.10 45.15 -1.79
CA ASN A 134 -13.88 45.37 -0.99
C ASN A 134 -13.90 46.73 -0.29
N ASN A 135 -15.00 47.02 0.40
CA ASN A 135 -15.16 48.27 1.14
C ASN A 135 -14.78 48.07 2.62
N SER A 136 -15.27 48.94 3.51
CA SER A 136 -14.88 48.91 4.93
C SER A 136 -15.34 47.65 5.68
N HIS A 137 -16.50 47.11 5.29
CA HIS A 137 -16.98 45.83 5.81
C HIS A 137 -17.98 45.18 4.85
N VAL A 138 -18.30 43.91 5.10
CA VAL A 138 -19.09 43.10 4.14
C VAL A 138 -20.54 43.58 3.90
N LEU A 139 -21.12 44.29 4.87
CA LEU A 139 -22.47 44.88 4.70
C LEU A 139 -22.44 46.22 3.96
N ASP A 140 -21.27 46.87 3.91
CA ASP A 140 -21.13 48.15 3.24
C ASP A 140 -20.92 47.95 1.73
N TRP A 141 -21.99 48.16 0.96
CA TRP A 141 -21.98 47.96 -0.49
C TRP A 141 -22.07 49.29 -1.22
N LYS A 142 -21.20 49.48 -2.21
CA LYS A 142 -21.08 50.74 -2.97
C LYS A 142 -21.38 50.61 -4.47
N VAL A 143 -21.76 49.43 -4.93
CA VAL A 143 -22.14 49.26 -6.34
C VAL A 143 -23.55 49.80 -6.53
N ARG A 144 -23.62 51.03 -7.03
CA ARG A 144 -24.89 51.77 -7.15
C ARG A 144 -25.76 51.23 -8.28
N ALA A 145 -27.07 51.31 -8.08
CA ALA A 145 -28.04 50.95 -9.11
C ALA A 145 -29.02 52.11 -9.28
N THR A 146 -29.00 52.73 -10.45
CA THR A 146 -29.89 53.85 -10.75
C THR A 146 -31.13 53.32 -11.47
N PRO A 147 -32.34 53.62 -10.95
CA PRO A 147 -33.55 53.15 -11.62
C PRO A 147 -33.78 53.77 -12.99
N THR A 148 -34.50 53.07 -13.84
CA THR A 148 -34.92 53.57 -15.16
C THR A 148 -36.43 53.41 -15.29
N GLU A 149 -37.06 54.30 -16.06
CA GLU A 149 -38.53 54.37 -16.12
C GLU A 149 -39.21 53.19 -16.84
N ASP A 150 -38.43 52.20 -17.30
CA ASP A 150 -38.98 50.93 -17.76
C ASP A 150 -39.13 49.91 -16.62
N GLY A 151 -38.63 50.27 -15.44
CA GLY A 151 -38.69 49.40 -14.25
C GLY A 151 -37.32 48.83 -13.87
N GLY A 152 -36.37 48.85 -14.79
CA GLY A 152 -35.06 48.27 -14.58
C GLY A 152 -34.12 49.18 -13.81
N TYR A 153 -32.82 48.90 -13.91
CA TYR A 153 -31.78 49.69 -13.25
C TYR A 153 -30.52 49.78 -14.11
N VAL A 154 -29.63 50.69 -13.72
CA VAL A 154 -28.30 50.81 -14.33
C VAL A 154 -27.26 50.64 -13.23
N LEU A 155 -26.28 49.76 -13.45
CA LEU A 155 -25.27 49.45 -12.44
C LEU A 155 -23.91 50.10 -12.70
N ASN A 156 -23.29 50.59 -11.64
CA ASN A 156 -21.94 51.15 -11.68
C ASN A 156 -21.16 50.77 -10.43
N GLY A 157 -19.92 50.29 -10.61
CA GLY A 157 -19.06 49.92 -9.50
C GLY A 157 -18.25 48.67 -9.79
N THR A 158 -17.57 48.15 -8.75
CA THR A 158 -16.69 46.99 -8.88
C THR A 158 -16.91 45.97 -7.76
N LYS A 159 -17.31 44.76 -8.15
CA LYS A 159 -17.36 43.61 -7.24
C LYS A 159 -15.99 42.95 -7.19
N HIS A 160 -15.71 42.16 -6.14
CA HIS A 160 -14.34 41.64 -5.90
C HIS A 160 -14.15 40.13 -5.68
N PHE A 161 -15.16 39.42 -5.20
CA PHE A 161 -15.08 37.96 -5.07
C PHE A 161 -16.11 37.31 -5.98
N CYS A 162 -15.88 37.40 -7.28
CA CYS A 162 -16.89 36.99 -8.27
C CYS A 162 -16.61 35.60 -8.82
N SER A 163 -16.83 34.58 -8.00
CA SER A 163 -16.61 33.19 -8.40
C SER A 163 -17.47 32.82 -9.60
N GLY A 164 -16.82 32.30 -10.64
CA GLY A 164 -17.52 31.86 -11.84
C GLY A 164 -17.92 32.94 -12.83
N ALA A 165 -17.81 34.22 -12.43
CA ALA A 165 -18.23 35.34 -13.27
C ALA A 165 -17.57 35.26 -14.64
N LYS A 166 -16.27 35.05 -14.66
CA LYS A 166 -15.51 34.90 -15.88
C LYS A 166 -15.88 33.56 -16.55
N GLY A 167 -16.20 33.61 -17.83
CA GLY A 167 -16.56 32.41 -18.59
C GLY A 167 -18.00 31.94 -18.39
N SER A 168 -18.73 32.57 -17.49
CA SER A 168 -20.13 32.22 -17.28
C SER A 168 -21.01 32.77 -18.40
N ASP A 169 -22.22 32.24 -18.47
CA ASP A 169 -23.23 32.72 -19.42
C ASP A 169 -24.28 33.60 -18.74
N LEU A 170 -24.48 33.40 -17.44
CA LEU A 170 -25.49 34.12 -16.68
C LEU A 170 -24.88 34.63 -15.37
N LEU A 171 -24.95 35.95 -15.15
CA LEU A 171 -24.31 36.58 -13.99
C LEU A 171 -25.36 37.10 -13.00
N PHE A 172 -25.28 36.58 -11.77
CA PHE A 172 -26.18 37.01 -10.70
C PHE A 172 -25.56 38.17 -9.94
N VAL A 173 -26.10 39.37 -10.14
CA VAL A 173 -25.52 40.58 -9.57
C VAL A 173 -26.44 41.23 -8.54
N PHE A 174 -25.82 41.81 -7.51
CA PHE A 174 -26.53 42.48 -6.44
C PHE A 174 -26.18 43.96 -6.45
N GLY A 175 -27.20 44.81 -6.53
CA GLY A 175 -27.02 46.25 -6.57
C GLY A 175 -27.59 46.93 -5.34
N VAL A 176 -27.26 48.21 -5.16
CA VAL A 176 -27.85 49.03 -4.11
C VAL A 176 -28.47 50.27 -4.75
N VAL A 177 -29.76 50.49 -4.48
CA VAL A 177 -30.53 51.51 -5.19
C VAL A 177 -30.17 52.93 -4.75
N GLN A 178 -29.90 53.80 -5.73
CA GLN A 178 -29.74 55.23 -5.51
C GLN A 178 -30.88 55.98 -6.18
N ASP A 179 -31.83 56.49 -5.38
CA ASP A 179 -33.01 57.16 -5.92
C ASP A 179 -33.74 58.00 -4.86
N ASP A 180 -34.32 59.11 -5.31
CA ASP A 180 -35.19 59.93 -4.47
C ASP A 180 -36.55 59.23 -4.32
N SER A 181 -36.61 58.25 -3.42
CA SER A 181 -37.81 57.45 -3.20
C SER A 181 -37.62 56.56 -1.98
N PRO A 182 -38.68 55.81 -1.59
CA PRO A 182 -38.51 54.77 -0.56
C PRO A 182 -37.57 53.62 -0.96
N GLN A 183 -37.30 53.48 -2.26
CA GLN A 183 -36.37 52.46 -2.73
C GLN A 183 -34.91 52.75 -2.38
N GLN A 184 -34.62 53.97 -1.93
CA GLN A 184 -33.27 54.34 -1.50
C GLN A 184 -32.65 53.29 -0.56
N GLY A 185 -31.46 52.82 -0.92
CA GLY A 185 -30.73 51.85 -0.10
C GLY A 185 -31.24 50.42 -0.16
N ALA A 186 -32.19 50.16 -1.05
CA ALA A 186 -32.76 48.81 -1.20
C ALA A 186 -31.82 47.96 -2.03
N ILE A 187 -31.74 46.68 -1.69
CA ILE A 187 -30.90 45.74 -2.43
C ILE A 187 -31.71 45.11 -3.56
N ILE A 188 -31.13 45.11 -4.76
CA ILE A 188 -31.76 44.48 -5.93
C ILE A 188 -30.97 43.27 -6.37
N ALA A 189 -31.68 42.18 -6.69
CA ALA A 189 -31.08 40.97 -7.21
C ALA A 189 -31.42 40.87 -8.69
N ALA A 190 -30.43 40.50 -9.51
CA ALA A 190 -30.63 40.44 -10.96
C ALA A 190 -29.87 39.29 -11.60
N ALA A 191 -30.45 38.72 -12.65
CA ALA A 191 -29.80 37.69 -13.46
C ALA A 191 -29.65 38.19 -14.89
N ILE A 192 -28.42 38.51 -15.29
CA ILE A 192 -28.13 39.08 -16.60
C ILE A 192 -27.11 38.26 -17.37
N PRO A 193 -27.15 38.34 -18.71
CA PRO A 193 -26.08 37.71 -19.48
C PRO A 193 -24.73 38.34 -19.15
N THR A 194 -23.71 37.52 -18.99
CA THR A 194 -22.37 37.98 -18.64
C THR A 194 -21.77 38.88 -19.73
N SER A 195 -22.21 38.71 -20.97
CA SER A 195 -21.73 39.53 -22.09
C SER A 195 -22.41 40.91 -22.22
N ARG A 196 -23.40 41.19 -21.38
CA ARG A 196 -24.08 42.50 -21.35
C ARG A 196 -23.08 43.66 -21.38
N ALA A 197 -23.39 44.68 -22.16
CA ALA A 197 -22.51 45.83 -22.35
C ALA A 197 -22.19 46.49 -21.01
N GLY A 198 -20.90 46.71 -20.75
CA GLY A 198 -20.44 47.33 -19.50
C GLY A 198 -19.77 46.35 -18.56
N VAL A 199 -20.28 45.11 -18.54
CA VAL A 199 -19.80 44.10 -17.60
C VAL A 199 -18.46 43.54 -18.06
N THR A 200 -17.43 43.74 -17.24
CA THR A 200 -16.09 43.25 -17.54
C THR A 200 -15.60 42.36 -16.41
N PRO A 201 -15.71 41.03 -16.57
CA PRO A 201 -15.10 40.13 -15.60
C PRO A 201 -13.58 40.12 -15.79
N ASN A 202 -12.85 40.43 -14.72
CA ASN A 202 -11.40 40.54 -14.78
C ASN A 202 -10.70 39.22 -14.47
N ASP A 203 -9.46 39.12 -14.94
CA ASP A 203 -8.65 37.91 -14.80
C ASP A 203 -7.56 38.19 -13.78
N ASP A 204 -7.97 38.62 -12.59
CA ASP A 204 -7.04 39.09 -11.56
C ASP A 204 -7.15 38.30 -10.24
N TRP A 205 -7.66 37.07 -10.30
CA TRP A 205 -7.80 36.25 -9.11
C TRP A 205 -6.50 35.57 -8.74
N ALA A 206 -6.01 35.83 -7.53
CA ALA A 206 -4.80 35.19 -7.02
C ALA A 206 -4.99 34.80 -5.57
N ALA A 207 -4.64 33.56 -5.24
CA ALA A 207 -4.76 33.08 -3.87
C ALA A 207 -3.87 31.87 -3.62
N ILE A 208 -3.47 31.69 -2.37
CA ILE A 208 -2.70 30.52 -1.95
C ILE A 208 -3.40 29.22 -2.32
N GLY A 209 -4.75 29.22 -2.24
CA GLY A 209 -5.56 28.08 -2.65
C GLY A 209 -6.79 28.53 -3.42
N MET A 210 -7.68 27.58 -3.72
CA MET A 210 -8.83 27.81 -4.60
C MET A 210 -8.40 28.57 -5.86
N ARG A 211 -7.24 28.20 -6.39
CA ARG A 211 -6.57 28.98 -7.43
C ARG A 211 -7.33 29.07 -8.74
N GLN A 212 -8.21 28.10 -9.01
CA GLN A 212 -8.96 28.09 -10.26
C GLN A 212 -10.45 28.39 -10.08
N THR A 213 -10.80 29.19 -9.08
CA THR A 213 -12.22 29.52 -8.85
C THR A 213 -12.64 30.78 -9.59
N ASP A 214 -11.69 31.49 -10.19
CA ASP A 214 -11.97 32.75 -10.88
C ASP A 214 -12.81 33.67 -10.02
N SER A 215 -12.38 33.88 -8.77
CA SER A 215 -13.06 34.78 -7.85
C SER A 215 -12.43 36.18 -7.91
N GLY A 216 -12.23 36.70 -9.12
CA GLY A 216 -11.59 37.99 -9.30
C GLY A 216 -12.59 39.13 -9.19
N SER A 217 -12.21 40.28 -9.73
CA SER A 217 -13.07 41.45 -9.72
C SER A 217 -13.92 41.49 -10.97
N THR A 218 -15.03 42.21 -10.90
CA THR A 218 -15.90 42.41 -12.06
C THR A 218 -16.34 43.87 -12.07
N ASP A 219 -15.95 44.60 -13.13
CA ASP A 219 -16.34 45.99 -13.30
C ASP A 219 -17.69 46.10 -14.01
N PHE A 220 -18.50 47.05 -13.57
CA PHE A 220 -19.79 47.34 -14.17
C PHE A 220 -19.80 48.81 -14.58
N HIS A 221 -19.92 49.07 -15.87
CA HIS A 221 -19.90 50.42 -16.41
C HIS A 221 -21.17 50.66 -17.23
N ASN A 222 -22.13 51.38 -16.64
CA ASN A 222 -23.42 51.66 -17.26
C ASN A 222 -24.15 50.38 -17.70
N VAL A 223 -24.13 49.38 -16.82
CA VAL A 223 -24.71 48.08 -17.11
C VAL A 223 -26.22 48.12 -16.89
N LYS A 224 -26.97 47.96 -17.97
CA LYS A 224 -28.42 47.96 -17.91
C LYS A 224 -28.90 46.61 -17.37
N VAL A 225 -29.85 46.68 -16.44
CA VAL A 225 -30.56 45.51 -15.95
C VAL A 225 -32.03 45.66 -16.36
N GLU A 226 -32.47 44.89 -17.34
CA GLU A 226 -33.82 45.03 -17.88
C GLU A 226 -34.85 44.61 -16.83
N PRO A 227 -36.07 45.18 -16.90
CA PRO A 227 -37.13 44.91 -15.91
C PRO A 227 -37.35 43.44 -15.57
N ASP A 228 -37.48 42.59 -16.58
CA ASP A 228 -37.76 41.16 -16.35
C ASP A 228 -36.52 40.34 -15.94
N GLU A 229 -35.35 40.97 -15.93
CA GLU A 229 -34.13 40.36 -15.39
C GLU A 229 -33.93 40.69 -13.91
N VAL A 230 -34.77 41.58 -13.37
CA VAL A 230 -34.77 41.88 -11.94
C VAL A 230 -35.51 40.76 -11.21
N LEU A 231 -34.89 40.23 -10.15
CA LEU A 231 -35.46 39.12 -9.39
C LEU A 231 -36.21 39.61 -8.16
N GLY A 232 -37.54 39.58 -8.25
CA GLY A 232 -38.38 40.04 -7.15
C GLY A 232 -38.43 41.55 -7.07
N ALA A 233 -39.17 42.07 -6.08
CA ALA A 233 -39.31 43.50 -5.88
C ALA A 233 -38.04 44.11 -5.30
N PRO A 234 -37.96 45.44 -5.22
CA PRO A 234 -36.80 46.04 -4.55
C PRO A 234 -36.72 45.61 -3.09
N ASN A 235 -35.52 45.20 -2.66
CA ASN A 235 -35.28 44.77 -1.29
C ASN A 235 -35.91 43.40 -0.96
N ALA A 236 -36.23 42.63 -1.99
CA ALA A 236 -36.95 41.37 -1.84
C ALA A 236 -36.21 40.36 -0.96
N PHE A 237 -34.88 40.32 -1.09
CA PHE A 237 -34.06 39.45 -0.24
C PHE A 237 -34.11 39.90 1.21
N VAL A 238 -33.93 41.20 1.43
CA VAL A 238 -33.91 41.77 2.78
C VAL A 238 -35.26 41.53 3.49
N LEU A 239 -36.35 41.67 2.76
CA LEU A 239 -37.68 41.34 3.28
C LEU A 239 -37.78 39.85 3.58
N ALA A 240 -37.38 39.03 2.60
CA ALA A 240 -37.44 37.57 2.72
C ALA A 240 -36.62 37.04 3.90
N PHE A 241 -35.45 37.65 4.15
CA PHE A 241 -34.62 37.30 5.31
C PHE A 241 -35.34 37.62 6.62
N ILE A 242 -35.87 38.83 6.74
CA ILE A 242 -36.55 39.27 7.97
C ILE A 242 -37.75 38.39 8.29
N GLN A 243 -38.49 37.98 7.25
CA GLN A 243 -39.65 37.12 7.41
C GLN A 243 -39.31 35.63 7.47
N SER A 244 -38.05 35.28 7.27
CA SER A 244 -37.61 33.88 7.18
C SER A 244 -38.44 33.08 6.16
N GLU A 245 -38.82 33.73 5.07
CA GLU A 245 -39.60 33.09 4.01
C GLU A 245 -38.63 32.36 3.07
N ARG A 246 -39.16 31.69 2.05
CA ARG A 246 -38.38 30.75 1.24
C ARG A 246 -37.06 31.31 0.69
N GLY A 247 -37.01 32.62 0.44
CA GLY A 247 -35.79 33.27 -0.02
C GLY A 247 -34.64 33.18 0.96
N SER A 248 -34.97 33.09 2.25
CA SER A 248 -33.97 32.99 3.30
C SER A 248 -33.30 31.60 3.39
N LEU A 249 -33.55 30.72 2.42
CA LEU A 249 -32.83 29.45 2.33
C LEU A 249 -31.49 29.58 1.61
N PHE A 250 -31.10 30.80 1.22
CA PHE A 250 -29.82 31.00 0.53
C PHE A 250 -28.67 30.56 1.42
N ALA A 251 -28.59 31.13 2.62
CA ALA A 251 -27.51 30.83 3.56
C ALA A 251 -27.39 29.33 3.88
N PRO A 252 -28.49 28.68 4.30
CA PRO A 252 -28.43 27.24 4.58
C PRO A 252 -27.91 26.42 3.41
N ILE A 253 -28.40 26.72 2.22
CA ILE A 253 -28.01 26.01 1.00
C ILE A 253 -26.53 26.23 0.66
N ALA A 254 -26.09 27.48 0.67
CA ALA A 254 -24.72 27.82 0.32
C ALA A 254 -23.74 27.27 1.35
N GLN A 255 -24.07 27.47 2.62
CA GLN A 255 -23.20 27.03 3.72
C GLN A 255 -23.04 25.52 3.81
N LEU A 256 -24.11 24.78 3.53
CA LEU A 256 -24.06 23.32 3.56
C LEU A 256 -23.24 22.78 2.37
N ILE A 257 -23.37 23.42 1.22
CA ILE A 257 -22.53 23.11 0.06
C ILE A 257 -21.04 23.36 0.37
N PHE A 258 -20.73 24.51 0.95
CA PHE A 258 -19.34 24.81 1.34
C PHE A 258 -18.78 23.75 2.27
N ALA A 259 -19.52 23.42 3.33
CA ALA A 259 -19.10 22.40 4.26
C ALA A 259 -18.75 21.09 3.53
N ASN A 260 -19.60 20.68 2.60
CA ASN A 260 -19.35 19.48 1.81
C ASN A 260 -18.20 19.59 0.81
N VAL A 261 -17.88 20.82 0.37
CA VAL A 261 -16.65 21.06 -0.38
C VAL A 261 -15.45 20.77 0.52
N TYR A 262 -15.49 21.23 1.77
CA TYR A 262 -14.38 21.00 2.71
C TYR A 262 -14.22 19.52 3.01
N LEU A 263 -15.33 18.82 3.17
CA LEU A 263 -15.30 17.39 3.46
C LEU A 263 -14.76 16.60 2.26
N GLY A 264 -15.16 16.98 1.06
CA GLY A 264 -14.60 16.37 -0.15
C GLY A 264 -13.08 16.47 -0.16
N ILE A 265 -12.60 17.69 0.02
CA ILE A 265 -11.16 17.98 0.04
C ILE A 265 -10.44 17.18 1.12
N ALA A 266 -11.08 17.07 2.29
CA ALA A 266 -10.53 16.27 3.39
C ALA A 266 -10.37 14.81 2.95
N HIS A 267 -11.40 14.27 2.30
CA HIS A 267 -11.34 12.90 1.78
C HIS A 267 -10.23 12.78 0.74
N GLY A 268 -10.14 13.75 -0.15
CA GLY A 268 -9.08 13.79 -1.12
C GLY A 268 -7.72 13.72 -0.46
N ALA A 269 -7.52 14.54 0.57
CA ALA A 269 -6.25 14.58 1.31
C ALA A 269 -5.92 13.25 1.96
N LEU A 270 -6.93 12.64 2.58
CA LEU A 270 -6.74 11.38 3.30
C LEU A 270 -6.52 10.21 2.32
N ASP A 271 -7.23 10.22 1.20
CA ASP A 271 -7.06 9.19 0.17
C ASP A 271 -5.64 9.23 -0.39
N ALA A 272 -5.18 10.42 -0.76
CA ALA A 272 -3.82 10.61 -1.29
C ALA A 272 -2.76 10.18 -0.27
N ALA A 273 -2.95 10.60 0.98
CA ALA A 273 -2.03 10.25 2.06
C ALA A 273 -1.93 8.75 2.19
N ARG A 274 -3.09 8.10 2.30
CA ARG A 274 -3.15 6.66 2.46
C ARG A 274 -2.34 5.95 1.37
N GLU A 275 -2.57 6.33 0.12
CA GLU A 275 -1.89 5.70 -0.99
C GLU A 275 -0.37 5.89 -0.94
N TYR A 276 0.09 7.10 -0.59
CA TYR A 276 1.51 7.37 -0.39
C TYR A 276 2.08 6.53 0.75
N THR A 277 1.39 6.54 1.89
CA THR A 277 1.82 5.76 3.04
C THR A 277 2.03 4.29 2.65
N ARG A 278 1.15 3.78 1.82
CA ARG A 278 1.23 2.39 1.35
C ARG A 278 2.29 2.11 0.27
N THR A 279 2.74 3.13 -0.44
CA THR A 279 3.63 2.95 -1.59
C THR A 279 5.03 3.54 -1.42
N GLN A 280 5.13 4.74 -0.86
CA GLN A 280 6.39 5.49 -0.79
C GLN A 280 7.01 5.63 0.59
N ALA A 281 6.19 5.68 1.64
CA ALA A 281 6.68 5.96 2.98
C ALA A 281 7.61 4.86 3.51
N ARG A 282 8.53 5.25 4.37
N ARG A 282 8.54 5.25 4.37
CA ARG A 282 9.50 4.32 4.95
CA ARG A 282 9.50 4.31 4.95
C ARG A 282 9.30 4.24 6.45
C ARG A 282 9.27 4.24 6.45
N PRO A 283 9.59 3.08 7.05
CA PRO A 283 9.41 2.91 8.49
C PRO A 283 10.50 3.63 9.28
N TRP A 284 10.15 4.15 10.45
CA TRP A 284 11.15 4.72 11.35
C TRP A 284 11.98 3.60 11.96
N THR A 285 13.10 3.28 11.30
CA THR A 285 13.95 2.16 11.72
C THR A 285 14.64 2.33 13.07
N PRO A 286 14.92 3.57 13.51
CA PRO A 286 15.44 3.71 14.88
C PRO A 286 14.53 3.13 15.96
N ALA A 287 13.21 3.15 15.74
CA ALA A 287 12.25 2.55 16.65
C ALA A 287 11.96 1.07 16.37
N GLY A 288 12.70 0.45 15.45
CA GLY A 288 12.50 -0.97 15.12
C GLY A 288 11.20 -1.29 14.39
N ILE A 289 10.63 -0.30 13.71
CA ILE A 289 9.41 -0.47 12.91
C ILE A 289 9.78 -1.08 11.56
N GLN A 290 9.08 -2.15 11.17
CA GLN A 290 9.44 -2.93 9.98
C GLN A 290 8.87 -2.33 8.69
N GLN A 291 7.58 -1.99 8.72
CA GLN A 291 6.91 -1.42 7.57
C GLN A 291 6.12 -0.18 7.99
N ALA A 292 6.11 0.83 7.11
CA ALA A 292 5.42 2.09 7.38
C ALA A 292 3.97 1.87 7.83
N THR A 293 3.28 0.95 7.16
CA THR A 293 1.89 0.62 7.48
C THR A 293 1.67 -0.08 8.84
N GLU A 294 2.76 -0.54 9.47
CA GLU A 294 2.69 -1.20 10.78
C GLU A 294 2.93 -0.28 11.97
N ASP A 295 3.47 0.92 11.70
CA ASP A 295 3.75 1.87 12.76
C ASP A 295 2.47 2.17 13.55
N PRO A 296 2.51 2.01 14.89
CA PRO A 296 1.30 2.17 15.70
C PRO A 296 0.79 3.61 15.79
N TYR A 297 1.69 4.59 15.67
CA TYR A 297 1.29 6.00 15.69
C TYR A 297 0.73 6.48 14.36
N THR A 298 1.21 5.91 13.26
CA THR A 298 0.63 6.14 11.93
C THR A 298 -0.78 5.56 11.89
N ILE A 299 -0.92 4.34 12.39
CA ILE A 299 -2.23 3.70 12.51
C ILE A 299 -3.17 4.60 13.32
N ARG A 300 -2.69 5.11 14.45
CA ARG A 300 -3.51 5.99 15.30
C ARG A 300 -3.93 7.25 14.55
N SER A 301 -2.99 7.84 13.82
CA SER A 301 -3.26 9.06 13.05
C SER A 301 -4.38 8.86 12.04
N TYR A 302 -4.31 7.78 11.27
CA TYR A 302 -5.33 7.49 10.27
C TYR A 302 -6.70 7.23 10.91
N GLY A 303 -6.67 6.63 12.09
CA GLY A 303 -7.88 6.38 12.85
C GLY A 303 -8.56 7.65 13.30
N GLU A 304 -7.79 8.60 13.79
CA GLU A 304 -8.34 9.89 14.20
C GLU A 304 -8.87 10.68 13.00
N PHE A 305 -8.14 10.64 11.87
CA PHE A 305 -8.61 11.28 10.64
C PHE A 305 -9.96 10.73 10.23
N THR A 306 -10.06 9.39 10.15
CA THR A 306 -11.28 8.72 9.73
C THR A 306 -12.44 9.03 10.69
N ILE A 307 -12.13 8.99 11.99
CA ILE A 307 -13.12 9.23 13.03
C ILE A 307 -13.68 10.66 12.98
N ALA A 308 -12.81 11.64 12.79
CA ALA A 308 -13.26 13.03 12.66
C ALA A 308 -14.19 13.19 11.47
N LEU A 309 -13.86 12.55 10.35
CA LEU A 309 -14.70 12.62 9.15
C LEU A 309 -15.97 11.81 9.25
N GLN A 310 -15.92 10.68 9.97
CA GLN A 310 -17.10 9.86 10.19
C GLN A 310 -18.20 10.71 10.79
N GLY A 311 -17.87 11.41 11.87
CA GLY A 311 -18.83 12.28 12.57
C GLY A 311 -19.25 13.48 11.75
N ALA A 312 -18.28 14.13 11.10
CA ALA A 312 -18.58 15.31 10.28
C ALA A 312 -19.48 14.97 9.09
N ASP A 313 -19.17 13.87 8.41
CA ASP A 313 -19.95 13.43 7.25
C ASP A 313 -21.39 13.05 7.61
N ALA A 314 -21.56 12.36 8.72
CA ALA A 314 -22.90 11.97 9.18
C ALA A 314 -23.73 13.21 9.50
N ALA A 315 -23.14 14.15 10.24
CA ALA A 315 -23.80 15.42 10.52
C ALA A 315 -24.26 16.10 9.23
N ALA A 316 -23.37 16.12 8.24
CA ALA A 316 -23.64 16.75 6.96
C ALA A 316 -24.79 16.10 6.22
N ARG A 317 -24.77 14.77 6.14
CA ARG A 317 -25.88 14.02 5.56
C ARG A 317 -27.21 14.28 6.27
N GLU A 318 -27.19 14.33 7.60
CA GLU A 318 -28.40 14.64 8.38
C GLU A 318 -28.98 15.98 7.95
N ALA A 319 -28.13 17.01 7.93
CA ALA A 319 -28.53 18.36 7.52
C ALA A 319 -29.05 18.42 6.08
N ALA A 320 -28.50 17.56 5.21
CA ALA A 320 -28.95 17.50 3.81
C ALA A 320 -30.40 17.05 3.68
N HIS A 321 -30.78 16.05 4.46
CA HIS A 321 -32.15 15.56 4.47
C HIS A 321 -33.10 16.58 5.07
N LEU A 322 -32.62 17.34 6.05
CA LEU A 322 -33.42 18.36 6.72
C LEU A 322 -33.66 19.55 5.79
N LEU A 323 -32.65 19.87 4.98
CA LEU A 323 -32.79 20.88 3.95
C LEU A 323 -33.86 20.47 2.95
N GLN A 324 -33.80 19.21 2.51
CA GLN A 324 -34.77 18.70 1.55
C GLN A 324 -36.18 18.82 2.10
N THR A 325 -36.36 18.33 3.32
CA THR A 325 -37.64 18.45 4.03
C THR A 325 -38.13 19.89 3.97
N VAL A 326 -37.31 20.82 4.46
CA VAL A 326 -37.69 22.24 4.46
C VAL A 326 -37.97 22.74 3.03
N TRP A 327 -37.12 22.33 2.09
CA TRP A 327 -37.25 22.74 0.69
C TRP A 327 -38.58 22.31 0.06
N ASP A 328 -39.06 21.12 0.40
CA ASP A 328 -40.30 20.58 -0.18
C ASP A 328 -41.57 21.15 0.45
N LYS A 329 -41.43 21.89 1.55
CA LYS A 329 -42.56 22.58 2.17
C LYS A 329 -42.95 23.82 1.38
N GLY A 330 -42.00 24.33 0.60
CA GLY A 330 -42.24 25.53 -0.22
C GLY A 330 -42.56 26.71 0.67
N ASP A 331 -43.61 27.44 0.30
CA ASP A 331 -44.00 28.65 1.03
C ASP A 331 -44.52 28.35 2.45
N ALA A 332 -44.84 27.09 2.74
CA ALA A 332 -45.33 26.67 4.05
C ALA A 332 -44.28 26.64 5.18
N LEU A 333 -43.00 26.81 4.83
CA LEU A 333 -41.91 26.78 5.82
C LEU A 333 -42.05 27.91 6.86
N THR A 334 -41.72 27.60 8.10
CA THR A 334 -41.83 28.55 9.20
C THR A 334 -40.47 29.11 9.60
N PRO A 335 -40.45 30.20 10.40
CA PRO A 335 -39.19 30.72 10.96
C PRO A 335 -38.49 29.70 11.85
N GLU A 336 -39.27 28.85 12.51
CA GLU A 336 -38.74 27.75 13.30
C GLU A 336 -37.98 26.76 12.41
N ASP A 337 -38.62 26.33 11.33
CA ASP A 337 -38.04 25.34 10.42
C ASP A 337 -36.73 25.87 9.82
N ARG A 338 -36.78 27.13 9.37
CA ARG A 338 -35.62 27.79 8.79
C ARG A 338 -34.50 27.93 9.80
N GLY A 339 -34.82 28.49 10.96
CA GLY A 339 -33.83 28.72 12.01
C GLY A 339 -33.19 27.45 12.53
N GLU A 340 -34.00 26.42 12.72
CA GLU A 340 -33.51 25.10 13.11
C GLU A 340 -32.59 24.51 12.04
N LEU A 341 -33.03 24.59 10.78
CA LEU A 341 -32.21 24.15 9.65
C LEU A 341 -30.85 24.84 9.65
N MET A 342 -30.85 26.16 9.83
CA MET A 342 -29.62 26.95 9.79
C MET A 342 -28.68 26.62 10.96
N VAL A 343 -29.26 26.36 12.14
CA VAL A 343 -28.50 25.91 13.31
C VAL A 343 -27.72 24.64 12.99
N LYS A 344 -28.40 23.67 12.37
CA LYS A 344 -27.78 22.39 11.98
C LYS A 344 -26.64 22.59 10.99
N VAL A 345 -26.87 23.41 9.96
CA VAL A 345 -25.87 23.69 8.91
C VAL A 345 -24.66 24.44 9.47
N SER A 346 -24.91 25.41 10.35
CA SER A 346 -23.83 26.16 10.99
C SER A 346 -22.91 25.22 11.76
N GLY A 347 -23.51 24.23 12.42
CA GLY A 347 -22.76 23.21 13.11
C GLY A 347 -21.94 22.33 12.17
N VAL A 348 -22.52 21.96 11.03
CA VAL A 348 -21.83 21.17 10.03
C VAL A 348 -20.68 21.96 9.42
N LYS A 349 -20.90 23.24 9.14
CA LYS A 349 -19.85 24.12 8.63
C LYS A 349 -18.61 24.08 9.54
N ALA A 350 -18.84 24.11 10.86
CA ALA A 350 -17.76 24.07 11.84
C ALA A 350 -17.03 22.72 11.86
N LEU A 351 -17.79 21.63 11.89
CA LEU A 351 -17.22 20.28 11.86
C LEU A 351 -16.39 20.05 10.59
N ALA A 352 -16.91 20.48 9.45
CA ALA A 352 -16.22 20.34 8.18
C ALA A 352 -14.94 21.17 8.14
N THR A 353 -15.03 22.40 8.65
CA THR A 353 -13.91 23.32 8.69
C THR A 353 -12.72 22.74 9.45
N ASN A 354 -12.93 22.41 10.72
CA ASN A 354 -11.84 21.93 11.56
C ASN A 354 -11.39 20.50 11.25
N ALA A 355 -12.30 19.65 10.77
CA ALA A 355 -11.90 18.33 10.27
C ALA A 355 -11.02 18.46 9.02
N ALA A 356 -11.44 19.28 8.06
CA ALA A 356 -10.69 19.46 6.82
C ALA A 356 -9.31 20.07 7.06
N LEU A 357 -9.24 21.08 7.93
CA LEU A 357 -7.97 21.71 8.30
C LEU A 357 -7.04 20.74 9.02
N ASN A 358 -7.58 20.05 10.01
CA ASN A 358 -6.79 19.10 10.81
C ASN A 358 -6.24 17.93 9.99
N ILE A 359 -7.00 17.48 9.00
CA ILE A 359 -6.58 16.33 8.20
C ILE A 359 -5.62 16.77 7.09
N SER A 360 -5.94 17.88 6.42
CA SER A 360 -5.13 18.34 5.31
C SER A 360 -3.71 18.71 5.76
N SER A 361 -3.58 19.24 6.98
CA SER A 361 -2.26 19.46 7.58
C SER A 361 -1.70 18.18 8.21
N GLY A 362 -2.51 17.52 9.04
CA GLY A 362 -2.05 16.35 9.80
C GLY A 362 -1.55 15.21 8.94
N VAL A 363 -2.09 15.12 7.72
CA VAL A 363 -1.70 14.06 6.76
C VAL A 363 -0.18 14.02 6.50
N PHE A 364 0.49 15.17 6.61
CA PHE A 364 1.92 15.24 6.39
C PHE A 364 2.76 14.44 7.39
N GLU A 365 2.32 14.35 8.64
CA GLU A 365 3.03 13.57 9.65
C GLU A 365 3.21 12.10 9.25
N VAL A 366 2.21 11.53 8.59
CA VAL A 366 2.27 10.12 8.15
C VAL A 366 2.91 9.94 6.77
N ILE A 367 2.96 11.03 5.99
CA ILE A 367 3.60 11.04 4.66
C ILE A 367 5.12 11.16 4.78
N GLY A 368 5.60 12.16 5.53
CA GLY A 368 7.03 12.34 5.76
C GLY A 368 7.67 13.35 4.82
N ALA A 369 8.98 13.50 4.94
CA ALA A 369 9.72 14.59 4.28
C ALA A 369 9.75 14.55 2.75
N ARG A 370 9.98 13.37 2.16
CA ARG A 370 10.05 13.27 0.70
C ARG A 370 8.72 13.62 0.03
N GLY A 371 7.62 13.52 0.78
CA GLY A 371 6.31 13.95 0.31
C GLY A 371 6.09 15.45 0.32
N THR A 372 7.09 16.22 0.71
CA THR A 372 7.00 17.68 0.58
C THR A 372 7.36 18.15 -0.83
N HIS A 373 7.82 17.23 -1.69
CA HIS A 373 8.25 17.58 -3.06
C HIS A 373 7.06 18.07 -3.89
N PRO A 374 7.23 19.14 -4.68
CA PRO A 374 6.09 19.72 -5.41
C PRO A 374 5.38 18.79 -6.40
N ARG A 375 6.05 17.73 -6.82
CA ARG A 375 5.50 16.81 -7.81
C ARG A 375 4.31 16.00 -7.30
N TYR A 376 4.13 15.91 -5.97
CA TYR A 376 2.92 15.32 -5.40
C TYR A 376 1.81 16.35 -5.15
N GLY A 377 2.21 17.61 -4.98
CA GLY A 377 1.27 18.71 -4.73
C GLY A 377 0.39 18.47 -3.52
N PHE A 378 0.97 17.89 -2.48
CA PHE A 378 0.20 17.46 -1.31
C PHE A 378 -0.34 18.59 -0.45
N ASP A 379 0.26 19.78 -0.52
CA ASP A 379 -0.22 20.93 0.26
C ASP A 379 -1.45 21.62 -0.37
N ARG A 380 -1.85 21.19 -1.56
CA ARG A 380 -2.98 21.83 -2.25
C ARG A 380 -4.30 21.67 -1.48
N PHE A 381 -4.48 20.54 -0.80
CA PHE A 381 -5.69 20.28 -0.02
C PHE A 381 -5.86 21.31 1.11
N TRP A 382 -4.80 21.49 1.89
CA TRP A 382 -4.81 22.47 2.98
C TRP A 382 -4.99 23.88 2.45
N ARG A 383 -4.14 24.27 1.51
CA ARG A 383 -4.22 25.59 0.91
C ARG A 383 -5.62 25.87 0.38
N ASN A 384 -6.23 24.88 -0.27
CA ASN A 384 -7.61 25.01 -0.73
C ASN A 384 -8.59 25.25 0.42
N VAL A 385 -8.53 24.40 1.44
CA VAL A 385 -9.44 24.53 2.59
C VAL A 385 -9.14 25.80 3.38
N ARG A 386 -7.85 26.02 3.66
CA ARG A 386 -7.41 27.19 4.42
C ARG A 386 -7.94 28.47 3.78
N THR A 387 -7.95 28.50 2.46
CA THR A 387 -8.45 29.64 1.71
C THR A 387 -9.96 29.81 1.90
N HIS A 388 -10.75 28.84 1.45
CA HIS A 388 -12.19 29.04 1.45
C HIS A 388 -12.82 29.05 2.84
N SER A 389 -12.22 28.36 3.80
CA SER A 389 -12.71 28.40 5.18
C SER A 389 -12.86 29.84 5.70
N LEU A 390 -12.16 30.79 5.06
CA LEU A 390 -12.25 32.21 5.41
C LEU A 390 -13.37 32.98 4.70
N HIS A 391 -14.18 32.30 3.88
CA HIS A 391 -15.33 32.92 3.21
C HIS A 391 -16.14 33.73 4.22
N ASP A 392 -16.47 33.08 5.33
CA ASP A 392 -17.09 33.76 6.47
C ASP A 392 -16.60 33.11 7.76
N PRO A 393 -16.59 33.86 8.87
CA PRO A 393 -15.89 33.39 10.06
C PRO A 393 -16.59 32.23 10.77
N VAL A 394 -15.83 31.15 10.98
CA VAL A 394 -16.34 29.95 11.64
C VAL A 394 -16.70 30.20 13.11
N SER A 395 -16.08 31.22 13.71
CA SER A 395 -16.38 31.63 15.09
C SER A 395 -17.85 32.02 15.27
N TYR A 396 -18.45 32.62 14.25
CA TYR A 396 -19.85 33.03 14.34
C TYR A 396 -20.85 31.98 13.86
N LYS A 397 -20.37 30.96 13.15
CA LYS A 397 -21.15 29.74 12.95
C LYS A 397 -21.29 29.01 14.29
N ILE A 398 -20.18 28.92 15.01
CA ILE A 398 -20.15 28.29 16.33
C ILE A 398 -20.97 29.09 17.33
N ALA A 399 -20.86 30.42 17.29
CA ALA A 399 -21.61 31.29 18.19
C ALA A 399 -23.12 31.22 17.95
N ASP A 400 -23.54 31.15 16.68
CA ASP A 400 -24.96 30.98 16.34
C ASP A 400 -25.57 29.73 16.98
N VAL A 401 -24.82 28.63 16.95
CA VAL A 401 -25.28 27.37 17.54
C VAL A 401 -25.39 27.52 19.05
N GLY A 402 -24.47 28.26 19.65
CA GLY A 402 -24.48 28.53 21.09
C GLY A 402 -25.67 29.36 21.53
N LYS A 403 -26.00 30.40 20.78
CA LYS A 403 -27.17 31.22 21.06
C LYS A 403 -28.44 30.39 21.02
N HIS A 404 -28.51 29.43 20.08
CA HIS A 404 -29.68 28.56 19.96
C HIS A 404 -29.78 27.59 21.11
N THR A 405 -28.68 26.90 21.41
CA THR A 405 -28.63 25.94 22.49
C THR A 405 -28.98 26.59 23.82
N LEU A 406 -28.29 27.67 24.15
CA LEU A 406 -28.45 28.34 25.44
C LEU A 406 -29.81 29.05 25.57
N ASN A 407 -30.15 29.87 24.58
CA ASN A 407 -31.30 30.80 24.67
C ASN A 407 -32.48 30.51 23.72
N GLY A 408 -32.38 29.47 22.90
CA GLY A 408 -33.40 29.17 21.89
C GLY A 408 -33.48 30.16 20.73
N GLN A 409 -32.49 31.05 20.60
CA GLN A 409 -32.52 32.10 19.57
C GLN A 409 -32.05 31.56 18.23
N TYR A 410 -32.73 31.96 17.16
CA TYR A 410 -32.33 31.58 15.81
C TYR A 410 -31.40 32.62 15.20
N PRO A 411 -30.54 32.20 14.25
CA PRO A 411 -29.57 33.14 13.65
C PRO A 411 -30.24 34.27 12.88
N ILE A 412 -29.58 35.42 12.81
CA ILE A 412 -30.10 36.55 12.06
C ILE A 412 -30.01 36.19 10.58
N PRO A 413 -31.16 36.09 9.90
CA PRO A 413 -31.11 35.67 8.50
C PRO A 413 -30.37 36.67 7.60
N GLY A 414 -29.41 36.17 6.84
CA GLY A 414 -28.61 36.97 5.91
C GLY A 414 -28.06 36.09 4.82
N PHE A 415 -27.02 36.55 4.14
CA PHE A 415 -26.40 35.77 3.06
C PHE A 415 -25.54 34.62 3.59
N THR A 416 -25.07 34.72 4.83
CA THR A 416 -24.21 33.68 5.44
C THR A 416 -24.78 33.04 6.71
N SER A 417 -25.96 33.46 7.15
CA SER A 417 -26.59 32.88 8.34
C SER A 417 -28.11 33.06 8.28
N ASN B 18 3.74 12.74 -51.27
CA ASN B 18 4.43 11.44 -51.41
C ASN B 18 4.29 10.61 -50.13
N ASP B 19 4.09 9.31 -50.30
CA ASP B 19 3.95 8.39 -49.18
C ASP B 19 5.35 7.88 -48.76
N PRO B 20 5.81 8.26 -47.56
CA PRO B 20 7.16 7.87 -47.14
C PRO B 20 7.35 6.37 -46.90
N VAL B 21 6.27 5.68 -46.53
CA VAL B 21 6.33 4.24 -46.27
C VAL B 21 6.46 3.46 -47.58
N ALA B 22 5.95 4.01 -48.68
CA ALA B 22 6.09 3.40 -50.00
C ALA B 22 7.51 3.54 -50.53
N VAL B 23 8.17 4.64 -50.17
CA VAL B 23 9.59 4.84 -50.52
C VAL B 23 10.46 3.84 -49.78
N ALA B 24 10.10 3.55 -48.53
CA ALA B 24 10.79 2.54 -47.72
C ALA B 24 10.58 1.14 -48.29
N ARG B 25 9.34 0.84 -48.68
CA ARG B 25 9.03 -0.43 -49.33
C ARG B 25 9.89 -0.64 -50.59
N GLY B 26 10.07 0.43 -51.36
CA GLY B 26 10.88 0.39 -52.58
C GLY B 26 12.34 0.06 -52.29
N LEU B 27 12.91 0.73 -51.30
CA LEU B 27 14.28 0.49 -50.88
C LEU B 27 14.47 -0.92 -50.35
N ALA B 28 13.44 -1.46 -49.70
CA ALA B 28 13.49 -2.84 -49.19
C ALA B 28 13.59 -3.84 -50.34
N GLU B 29 12.77 -3.66 -51.38
CA GLU B 29 12.83 -4.49 -52.59
C GLU B 29 14.24 -4.52 -53.18
N LYS B 30 14.90 -3.36 -53.18
CA LYS B 30 16.24 -3.22 -53.75
C LYS B 30 17.33 -3.92 -52.93
N TRP B 31 17.22 -3.87 -51.61
CA TRP B 31 18.26 -4.38 -50.71
C TRP B 31 18.15 -5.87 -50.42
N ARG B 32 16.95 -6.43 -50.54
CA ARG B 32 16.72 -7.83 -50.18
C ARG B 32 17.43 -8.82 -51.10
N ALA B 33 17.80 -8.38 -52.29
CA ALA B 33 18.65 -9.17 -53.19
C ALA B 33 20.08 -9.35 -52.64
N THR B 34 20.57 -8.35 -51.92
CA THR B 34 21.94 -8.37 -51.37
C THR B 34 22.00 -8.57 -49.85
N ALA B 35 20.85 -8.80 -49.21
CA ALA B 35 20.76 -8.87 -47.74
C ALA B 35 21.72 -9.87 -47.11
N VAL B 36 21.86 -11.06 -47.71
CA VAL B 36 22.66 -12.14 -47.14
C VAL B 36 24.16 -11.82 -47.16
N GLU B 37 24.67 -11.42 -48.32
CA GLU B 37 26.10 -11.15 -48.47
C GLU B 37 26.53 -9.91 -47.67
N ARG B 38 25.65 -8.92 -47.57
CA ARG B 38 25.96 -7.71 -46.81
C ARG B 38 26.13 -7.99 -45.30
N ASP B 39 25.29 -8.86 -44.76
CA ASP B 39 25.47 -9.35 -43.40
C ASP B 39 26.79 -10.10 -43.26
N ARG B 40 27.04 -11.03 -44.17
CA ARG B 40 28.27 -11.83 -44.17
C ARG B 40 29.51 -10.94 -44.20
N ALA B 41 29.49 -9.92 -45.06
CA ALA B 41 30.66 -9.06 -45.25
C ALA B 41 30.91 -8.13 -44.07
N GLY B 42 29.85 -7.56 -43.51
CA GLY B 42 29.98 -6.55 -42.47
C GLY B 42 30.53 -5.26 -43.07
N GLY B 43 31.16 -4.45 -42.23
CA GLY B 43 31.65 -3.14 -42.66
C GLY B 43 30.50 -2.18 -42.91
N SER B 44 30.78 -1.08 -43.61
CA SER B 44 29.75 -0.10 -43.95
C SER B 44 28.92 -0.56 -45.13
N ALA B 45 27.62 -0.28 -45.08
CA ALA B 45 26.74 -0.43 -46.23
C ALA B 45 26.71 0.91 -46.98
N THR B 46 27.85 1.28 -47.55
CA THR B 46 28.05 2.57 -48.23
C THR B 46 26.98 2.81 -49.28
N ALA B 47 26.73 1.80 -50.12
CA ALA B 47 25.75 1.91 -51.19
C ALA B 47 24.34 2.15 -50.64
N GLU B 48 24.00 1.42 -49.59
CA GLU B 48 22.66 1.48 -49.02
C GLU B 48 22.44 2.84 -48.35
N ARG B 49 23.45 3.31 -47.62
CA ARG B 49 23.40 4.64 -47.01
C ARG B 49 23.14 5.74 -48.04
N GLU B 50 23.76 5.64 -49.22
CA GLU B 50 23.52 6.60 -50.31
C GLU B 50 22.11 6.50 -50.86
N ASP B 51 21.56 5.29 -50.94
CA ASP B 51 20.17 5.09 -51.31
C ASP B 51 19.20 5.79 -50.34
N LEU B 52 19.52 5.78 -49.05
CA LEU B 52 18.72 6.53 -48.06
C LEU B 52 18.85 8.05 -48.24
N ARG B 53 20.09 8.51 -48.39
CA ARG B 53 20.37 9.93 -48.63
C ARG B 53 19.59 10.44 -49.84
N ALA B 54 19.67 9.70 -50.95
CA ALA B 54 19.03 10.11 -52.20
C ALA B 54 17.49 10.05 -52.12
N SER B 55 16.96 9.09 -51.35
CA SER B 55 15.50 8.90 -51.23
C SER B 55 14.77 10.10 -50.63
N GLY B 56 15.49 10.92 -49.87
CA GLY B 56 14.91 12.08 -49.20
C GLY B 56 14.41 11.77 -47.81
N LEU B 57 14.48 10.51 -47.39
CA LEU B 57 13.92 10.08 -46.11
C LEU B 57 14.71 10.55 -44.88
N LEU B 58 15.93 11.05 -45.07
CA LEU B 58 16.71 11.53 -43.93
C LEU B 58 16.11 12.77 -43.25
N SER B 59 15.32 13.53 -44.00
CA SER B 59 14.66 14.72 -43.46
C SER B 59 13.20 14.44 -43.05
N LEU B 60 12.89 13.18 -42.76
CA LEU B 60 11.50 12.75 -42.54
C LEU B 60 10.84 13.42 -41.34
N LEU B 61 11.60 13.64 -40.26
CA LEU B 61 11.07 14.31 -39.07
C LEU B 61 11.32 15.81 -39.05
N VAL B 62 12.04 16.34 -40.04
CA VAL B 62 12.30 17.77 -40.11
C VAL B 62 10.99 18.46 -40.52
N PRO B 63 10.62 19.56 -39.83
CA PRO B 63 9.38 20.25 -40.18
C PRO B 63 9.37 20.78 -41.61
N ARG B 64 8.18 20.90 -42.19
CA ARG B 64 8.02 21.35 -43.58
C ARG B 64 8.56 22.75 -43.82
N GLU B 65 8.39 23.64 -42.84
CA GLU B 65 8.82 25.04 -42.98
C GLU B 65 10.34 25.19 -43.15
N TYR B 66 11.10 24.15 -42.82
CA TYR B 66 12.55 24.14 -43.04
C TYR B 66 12.97 23.23 -44.21
N GLY B 67 12.00 22.81 -45.02
CA GLY B 67 12.25 21.96 -46.18
C GLY B 67 12.15 20.47 -45.94
N GLY B 68 11.57 20.06 -44.82
CA GLY B 68 11.45 18.64 -44.48
C GLY B 68 10.11 18.05 -44.87
N TRP B 69 9.88 16.79 -44.47
CA TRP B 69 8.62 16.11 -44.72
C TRP B 69 7.57 16.52 -43.69
N GLY B 70 8.01 16.87 -42.49
CA GLY B 70 7.11 17.25 -41.41
C GLY B 70 6.20 16.12 -40.96
N ALA B 71 6.77 14.92 -40.88
CA ALA B 71 6.01 13.71 -40.56
C ALA B 71 5.79 13.55 -39.06
N ASP B 72 4.72 12.86 -38.69
CA ASP B 72 4.46 12.57 -37.28
C ASP B 72 5.27 11.34 -36.86
N TRP B 73 5.29 11.08 -35.56
CA TRP B 73 6.10 9.98 -35.02
C TRP B 73 5.60 8.61 -35.47
N PRO B 74 4.27 8.39 -35.48
CA PRO B 74 3.76 7.13 -36.00
C PRO B 74 4.22 6.83 -37.43
N THR B 75 4.12 7.81 -38.33
CA THR B 75 4.53 7.60 -39.72
C THR B 75 6.03 7.33 -39.83
N ALA B 76 6.84 8.09 -39.08
CA ALA B 76 8.29 7.91 -39.09
C ALA B 76 8.71 6.53 -38.58
N ILE B 77 8.00 6.04 -37.57
CA ILE B 77 8.28 4.73 -37.00
C ILE B 77 7.89 3.60 -37.96
N GLU B 78 6.80 3.78 -38.71
CA GLU B 78 6.41 2.79 -39.73
C GLU B 78 7.47 2.66 -40.82
N VAL B 79 8.15 3.76 -41.13
CA VAL B 79 9.25 3.75 -42.10
C VAL B 79 10.44 2.98 -41.52
N VAL B 80 10.72 3.20 -40.24
CA VAL B 80 11.82 2.51 -39.54
C VAL B 80 11.61 1.00 -39.56
N ARG B 81 10.37 0.59 -39.29
CA ARG B 81 10.00 -0.83 -39.24
C ARG B 81 10.17 -1.52 -40.58
N GLU B 82 9.72 -0.86 -41.65
CA GLU B 82 9.81 -1.41 -43.01
C GLU B 82 11.28 -1.56 -43.43
N ILE B 83 12.12 -0.63 -43.00
CA ILE B 83 13.56 -0.71 -43.25
C ILE B 83 14.20 -1.80 -42.39
N ALA B 84 13.89 -1.79 -41.11
CA ALA B 84 14.43 -2.77 -40.17
C ALA B 84 14.06 -4.20 -40.55
N ALA B 85 12.88 -4.38 -41.14
CA ALA B 85 12.43 -5.68 -41.62
C ALA B 85 13.31 -6.22 -42.74
N ALA B 86 13.76 -5.35 -43.63
CA ALA B 86 14.65 -5.72 -44.72
C ALA B 86 16.10 -5.91 -44.25
N ASP B 87 16.51 -5.09 -43.29
CA ASP B 87 17.90 -5.09 -42.82
C ASP B 87 17.98 -4.43 -41.46
N GLY B 88 18.27 -5.23 -40.43
CA GLY B 88 18.33 -4.74 -39.06
C GLY B 88 19.31 -3.60 -38.83
N SER B 89 20.46 -3.67 -39.48
CA SER B 89 21.51 -2.64 -39.33
C SER B 89 21.09 -1.29 -39.92
N LEU B 90 20.42 -1.33 -41.07
CA LEU B 90 19.94 -0.10 -41.70
C LEU B 90 18.76 0.49 -40.91
N GLY B 91 17.90 -0.37 -40.37
CA GLY B 91 16.81 0.07 -39.51
C GLY B 91 17.31 0.86 -38.32
N HIS B 92 18.31 0.30 -37.63
CA HIS B 92 18.92 0.98 -36.49
C HIS B 92 19.63 2.26 -36.93
N LEU B 93 20.37 2.21 -38.04
CA LEU B 93 21.13 3.36 -38.50
C LEU B 93 20.20 4.53 -38.83
N PHE B 94 19.20 4.26 -39.66
CA PHE B 94 18.19 5.25 -40.01
C PHE B 94 17.42 5.67 -38.76
N GLY B 95 17.00 4.69 -37.95
CA GLY B 95 16.29 4.95 -36.71
C GLY B 95 17.01 5.89 -35.77
N TYR B 96 18.25 5.55 -35.43
CA TYR B 96 19.06 6.35 -34.49
C TYR B 96 19.33 7.74 -35.06
N HIS B 97 19.55 7.81 -36.38
CA HIS B 97 19.70 9.08 -37.08
C HIS B 97 18.52 10.01 -36.82
N LEU B 98 17.30 9.48 -36.91
CA LEU B 98 16.10 10.29 -36.66
C LEU B 98 16.06 10.89 -35.25
N THR B 99 16.68 10.25 -34.28
CA THR B 99 16.64 10.72 -32.88
C THR B 99 17.59 11.87 -32.59
N ASN B 100 18.58 12.07 -33.47
CA ASN B 100 19.60 13.09 -33.26
C ASN B 100 19.07 14.50 -33.45
N ALA B 101 18.50 14.77 -34.63
CA ALA B 101 18.03 16.12 -34.98
C ALA B 101 17.03 16.74 -33.98
N PRO B 102 16.07 15.94 -33.48
CA PRO B 102 15.17 16.44 -32.44
C PRO B 102 15.87 17.16 -31.28
N MET B 103 17.10 16.74 -30.97
CA MET B 103 17.92 17.36 -29.94
C MET B 103 18.06 18.88 -30.04
N ILE B 104 17.97 19.44 -31.25
CA ILE B 104 17.98 20.90 -31.41
C ILE B 104 16.70 21.56 -30.87
N GLU B 105 15.55 20.92 -31.07
CA GLU B 105 14.28 21.42 -30.54
C GLU B 105 14.21 21.29 -29.01
N LEU B 106 14.84 20.23 -28.49
CA LEU B 106 14.71 19.89 -27.08
C LEU B 106 15.54 20.78 -26.17
N ILE B 107 16.80 20.99 -26.52
CA ILE B 107 17.70 21.83 -25.71
C ILE B 107 18.27 23.06 -26.44
N GLY B 108 18.28 23.04 -27.78
CA GLY B 108 18.80 24.16 -28.57
C GLY B 108 17.83 25.33 -28.66
N SER B 109 18.34 26.47 -29.12
CA SER B 109 17.56 27.71 -29.26
C SER B 109 16.78 27.76 -30.58
N GLN B 110 16.04 28.84 -30.79
CA GLN B 110 15.28 29.07 -32.03
C GLN B 110 16.17 29.27 -33.25
N GLU B 111 17.25 30.03 -33.10
CA GLU B 111 18.15 30.29 -34.22
C GLU B 111 18.92 29.03 -34.66
N GLN B 112 19.33 28.22 -33.68
CA GLN B 112 20.01 26.95 -33.97
C GLN B 112 19.07 25.95 -34.65
N GLU B 113 17.79 26.02 -34.30
CA GLU B 113 16.77 25.17 -34.89
C GLU B 113 16.57 25.52 -36.36
N GLU B 114 16.30 26.80 -36.62
CA GLU B 114 16.09 27.29 -37.99
C GLU B 114 17.27 26.99 -38.89
N HIS B 115 18.49 27.21 -38.39
CA HIS B 115 19.70 27.04 -39.20
C HIS B 115 19.97 25.57 -39.50
N LEU B 116 20.01 24.74 -38.47
CA LEU B 116 20.46 23.35 -38.62
C LEU B 116 19.45 22.46 -39.34
N TYR B 117 18.17 22.63 -39.04
CA TYR B 117 17.12 21.87 -39.74
C TYR B 117 17.12 22.20 -41.22
N THR B 118 17.25 23.49 -41.53
CA THR B 118 17.30 23.94 -42.92
C THR B 118 18.45 23.24 -43.64
N GLN B 119 19.64 23.31 -43.06
CA GLN B 119 20.82 22.67 -43.67
C GLN B 119 20.63 21.17 -43.83
N ILE B 120 20.16 20.51 -42.77
CA ILE B 120 19.91 19.07 -42.80
C ILE B 120 18.91 18.70 -43.88
N ALA B 121 17.85 19.48 -44.01
CA ALA B 121 16.82 19.24 -45.01
C ALA B 121 17.32 19.53 -46.43
N GLN B 122 17.84 20.74 -46.64
CA GLN B 122 18.21 21.17 -48.00
C GLN B 122 19.45 20.45 -48.53
N ASN B 123 20.33 20.00 -47.62
CA ASN B 123 21.55 19.27 -48.01
C ASN B 123 21.50 17.77 -47.73
N ASN B 124 20.30 17.24 -47.48
CA ASN B 124 20.10 15.79 -47.26
C ASN B 124 21.20 15.19 -46.40
N TRP B 125 21.38 15.73 -45.20
CA TRP B 125 22.47 15.31 -44.32
C TRP B 125 22.14 14.05 -43.52
N TRP B 126 23.10 13.12 -43.49
CA TRP B 126 23.13 12.06 -42.49
C TRP B 126 23.59 12.70 -41.19
N THR B 127 22.92 12.35 -40.10
CA THR B 127 23.34 12.76 -38.77
C THR B 127 23.92 11.55 -38.04
N GLY B 128 24.84 11.81 -37.13
CA GLY B 128 25.44 10.77 -36.30
C GLY B 128 25.60 11.30 -34.89
N ASN B 129 26.08 10.46 -33.99
CA ASN B 129 26.37 10.91 -32.64
C ASN B 129 27.55 10.21 -31.98
N ALA B 130 28.24 10.97 -31.14
CA ALA B 130 29.14 10.44 -30.15
C ALA B 130 28.72 11.19 -28.90
N SER B 131 27.58 10.76 -28.34
CA SER B 131 26.90 11.51 -27.30
C SER B 131 27.12 10.88 -25.92
N SER B 132 26.10 10.22 -25.39
CA SER B 132 26.13 9.73 -24.01
C SER B 132 26.96 8.46 -23.87
N GLU B 133 27.63 8.33 -22.72
CA GLU B 133 28.09 7.05 -22.22
C GLU B 133 27.09 6.63 -21.14
N ASN B 134 26.32 5.58 -21.42
CA ASN B 134 25.11 5.27 -20.64
C ASN B 134 25.34 4.60 -19.29
N ASN B 135 26.53 4.04 -19.09
CA ASN B 135 26.85 3.32 -17.85
C ASN B 135 28.24 3.70 -17.35
N SER B 136 28.56 4.99 -17.44
CA SER B 136 29.83 5.52 -16.96
C SER B 136 29.56 6.85 -16.29
N HIS B 137 30.19 7.09 -15.15
CA HIS B 137 30.01 8.36 -14.45
C HIS B 137 30.58 9.49 -15.30
N VAL B 138 29.89 10.64 -15.30
CA VAL B 138 30.20 11.77 -16.17
C VAL B 138 31.66 12.21 -16.14
N LEU B 139 32.32 12.07 -14.99
CA LEU B 139 33.73 12.42 -14.83
C LEU B 139 34.70 11.32 -15.32
N ASP B 140 34.17 10.17 -15.74
CA ASP B 140 34.96 9.12 -16.38
C ASP B 140 34.73 9.08 -17.89
N TRP B 141 33.89 9.97 -18.41
CA TRP B 141 33.65 10.06 -19.85
C TRP B 141 34.94 10.47 -20.56
N LYS B 142 35.17 9.89 -21.72
CA LYS B 142 36.45 10.06 -22.42
C LYS B 142 36.59 11.39 -23.14
N VAL B 143 35.47 11.93 -23.65
CA VAL B 143 35.50 13.16 -24.43
C VAL B 143 35.52 14.38 -23.50
N ARG B 144 36.71 14.90 -23.23
CA ARG B 144 36.88 16.09 -22.38
C ARG B 144 36.58 17.36 -23.17
N ALA B 145 35.94 18.32 -22.51
CA ALA B 145 35.64 19.63 -23.10
C ALA B 145 36.36 20.73 -22.33
N THR B 146 37.06 21.60 -23.05
CA THR B 146 37.80 22.71 -22.45
C THR B 146 37.29 24.02 -23.06
N PRO B 147 36.81 24.95 -22.20
CA PRO B 147 36.19 26.18 -22.75
C PRO B 147 37.22 27.18 -23.27
N THR B 148 36.99 27.68 -24.49
CA THR B 148 37.85 28.70 -25.09
C THR B 148 37.35 30.10 -24.72
N GLU B 149 38.15 31.13 -25.05
CA GLU B 149 37.83 32.52 -24.70
C GLU B 149 36.59 33.08 -25.41
N ASP B 150 36.39 32.67 -26.65
CA ASP B 150 35.23 33.13 -27.43
C ASP B 150 33.90 32.52 -27.01
N GLY B 151 33.93 31.60 -26.04
CA GLY B 151 32.72 30.94 -25.55
C GLY B 151 32.59 29.51 -26.03
N GLY B 152 33.31 29.16 -27.10
CA GLY B 152 33.30 27.80 -27.64
C GLY B 152 34.05 26.81 -26.77
N TYR B 153 34.33 25.64 -27.33
CA TYR B 153 35.04 24.57 -26.61
C TYR B 153 36.02 23.84 -27.51
N VAL B 154 36.95 23.12 -26.89
CA VAL B 154 37.84 22.21 -27.61
C VAL B 154 37.68 20.81 -27.03
N LEU B 155 37.43 19.83 -27.90
CA LEU B 155 37.18 18.45 -27.48
C LEU B 155 38.42 17.57 -27.63
N ASN B 156 38.63 16.68 -26.65
CA ASN B 156 39.76 15.75 -26.67
C ASN B 156 39.38 14.39 -26.07
N GLY B 157 39.82 13.31 -26.73
CA GLY B 157 39.58 11.96 -26.25
C GLY B 157 38.91 11.10 -27.32
N THR B 158 38.71 9.83 -27.01
CA THR B 158 38.09 8.88 -27.93
C THR B 158 36.83 8.30 -27.30
N LYS B 159 35.68 8.47 -27.96
CA LYS B 159 34.45 7.83 -27.50
C LYS B 159 34.36 6.42 -28.10
N HIS B 160 34.37 5.41 -27.24
CA HIS B 160 34.45 4.01 -27.65
C HIS B 160 33.28 3.54 -28.51
N PHE B 161 32.06 3.81 -28.03
CA PHE B 161 30.83 3.45 -28.75
C PHE B 161 30.20 4.70 -29.33
N CYS B 162 30.01 4.70 -30.64
CA CYS B 162 29.26 5.75 -31.32
C CYS B 162 28.16 5.09 -32.12
N SER B 163 27.27 5.89 -32.69
CA SER B 163 26.23 5.35 -33.56
C SER B 163 26.15 6.21 -34.81
N GLY B 164 26.52 5.62 -35.95
CA GLY B 164 26.49 6.31 -37.24
C GLY B 164 27.38 7.53 -37.36
N ALA B 165 28.47 7.58 -36.59
CA ALA B 165 29.40 8.72 -36.68
C ALA B 165 30.12 8.71 -38.03
N LYS B 166 30.62 7.54 -38.43
CA LYS B 166 31.26 7.38 -39.73
C LYS B 166 30.27 7.56 -40.87
N GLY B 167 30.65 8.37 -41.86
CA GLY B 167 29.82 8.63 -43.02
C GLY B 167 28.79 9.73 -42.86
N SER B 168 28.61 10.23 -41.64
CA SER B 168 27.65 11.30 -41.39
C SER B 168 28.19 12.65 -41.84
N ASP B 169 27.33 13.65 -41.83
CA ASP B 169 27.66 15.03 -42.18
C ASP B 169 27.60 15.96 -40.96
N LEU B 170 26.62 15.72 -40.07
CA LEU B 170 26.48 16.51 -38.86
C LEU B 170 26.54 15.59 -37.65
N LEU B 171 27.61 15.74 -36.86
CA LEU B 171 27.84 14.89 -35.69
C LEU B 171 27.40 15.61 -34.42
N PHE B 172 26.49 14.99 -33.69
CA PHE B 172 26.06 15.48 -32.37
C PHE B 172 26.98 14.89 -31.32
N VAL B 173 27.76 15.76 -30.67
CA VAL B 173 28.82 15.34 -29.77
C VAL B 173 28.51 15.82 -28.35
N PHE B 174 28.80 14.96 -27.38
CA PHE B 174 28.74 15.34 -25.97
C PHE B 174 30.17 15.49 -25.46
N GLY B 175 30.38 16.48 -24.61
CA GLY B 175 31.65 16.66 -23.91
C GLY B 175 31.40 16.88 -22.43
N VAL B 176 32.42 16.69 -21.61
CA VAL B 176 32.33 16.98 -20.18
C VAL B 176 33.44 17.96 -19.80
N VAL B 177 33.06 19.07 -19.16
CA VAL B 177 34.02 20.08 -18.73
C VAL B 177 34.78 19.58 -17.51
N GLN B 178 36.10 19.49 -17.62
CA GLN B 178 36.94 19.00 -16.53
C GLN B 178 38.10 19.94 -16.24
N ASP B 179 37.77 21.23 -16.08
CA ASP B 179 38.73 22.26 -15.67
C ASP B 179 38.66 22.48 -14.16
N ASP B 180 39.48 23.41 -13.66
CA ASP B 180 39.41 23.81 -12.26
C ASP B 180 38.57 25.09 -12.13
N SER B 181 37.25 24.91 -12.11
CA SER B 181 36.30 26.03 -12.12
C SER B 181 34.87 25.52 -11.86
N PRO B 182 33.95 26.42 -11.44
CA PRO B 182 32.53 26.08 -11.24
C PRO B 182 31.87 25.30 -12.39
N GLN B 183 32.33 25.52 -13.62
CA GLN B 183 31.80 24.82 -14.79
C GLN B 183 32.07 23.30 -14.77
N GLN B 184 33.07 22.88 -14.00
CA GLN B 184 33.43 21.47 -13.79
C GLN B 184 32.23 20.52 -13.77
N GLY B 185 32.36 19.41 -14.52
CA GLY B 185 31.36 18.34 -14.53
C GLY B 185 30.22 18.49 -15.51
N ALA B 186 30.03 19.68 -16.07
CA ALA B 186 28.89 19.96 -16.94
C ALA B 186 28.98 19.18 -18.24
N ILE B 187 27.85 18.63 -18.68
CA ILE B 187 27.77 17.99 -19.99
C ILE B 187 27.52 19.04 -21.06
N ILE B 188 28.52 19.26 -21.90
CA ILE B 188 28.42 20.16 -23.05
C ILE B 188 27.92 19.38 -24.25
N ALA B 189 26.82 19.83 -24.84
CA ALA B 189 26.26 19.21 -26.04
C ALA B 189 26.46 20.14 -27.22
N ALA B 190 26.69 19.57 -28.40
CA ALA B 190 26.97 20.36 -29.59
C ALA B 190 26.79 19.60 -30.90
N ALA B 191 26.45 20.35 -31.96
CA ALA B 191 26.28 19.82 -33.30
C ALA B 191 27.33 20.44 -34.23
N ILE B 192 28.25 19.62 -34.70
CA ILE B 192 29.37 20.07 -35.54
C ILE B 192 29.50 19.18 -36.76
N PRO B 193 30.12 19.70 -37.85
CA PRO B 193 30.36 18.87 -39.02
C PRO B 193 31.29 17.69 -38.74
N THR B 194 30.97 16.54 -39.33
CA THR B 194 31.70 15.30 -39.08
C THR B 194 33.14 15.37 -39.56
N SER B 195 33.37 16.07 -40.67
CA SER B 195 34.73 16.23 -41.22
C SER B 195 35.56 17.34 -40.53
N ARG B 196 35.00 18.00 -39.51
CA ARG B 196 35.72 19.00 -38.72
C ARG B 196 37.11 18.49 -38.33
N ALA B 197 38.11 19.36 -38.45
CA ALA B 197 39.51 19.01 -38.18
C ALA B 197 39.70 18.40 -36.80
N GLY B 198 40.27 17.19 -36.76
CA GLY B 198 40.47 16.47 -35.51
C GLY B 198 39.41 15.43 -35.19
N VAL B 199 38.38 15.32 -36.04
CA VAL B 199 37.34 14.30 -35.86
C VAL B 199 37.66 13.08 -36.71
N THR B 200 38.00 11.98 -36.04
CA THR B 200 38.37 10.74 -36.73
C THR B 200 37.42 9.59 -36.33
N PRO B 201 36.33 9.41 -37.10
CA PRO B 201 35.48 8.24 -36.93
C PRO B 201 36.15 7.00 -37.52
N ASN B 202 36.39 5.99 -36.69
CA ASN B 202 37.10 4.81 -37.12
C ASN B 202 36.17 3.79 -37.76
N ASP B 203 36.73 2.95 -38.63
CA ASP B 203 36.01 1.84 -39.25
C ASP B 203 36.37 0.55 -38.51
N ASP B 204 35.96 0.47 -37.24
CA ASP B 204 36.39 -0.60 -36.33
C ASP B 204 35.22 -1.27 -35.59
N TRP B 205 34.02 -1.21 -36.17
CA TRP B 205 32.84 -1.82 -35.55
C TRP B 205 32.77 -3.30 -35.86
N ALA B 206 32.86 -4.11 -34.81
CA ALA B 206 32.76 -5.56 -34.93
C ALA B 206 31.74 -6.09 -33.93
N ALA B 207 30.90 -7.01 -34.38
CA ALA B 207 29.83 -7.57 -33.57
C ALA B 207 29.21 -8.78 -34.27
N ILE B 208 28.59 -9.67 -33.51
CA ILE B 208 27.92 -10.85 -34.08
C ILE B 208 26.73 -10.47 -34.96
N GLY B 209 26.05 -9.38 -34.59
CA GLY B 209 24.97 -8.80 -35.40
C GLY B 209 25.03 -7.28 -35.39
N MET B 210 24.07 -6.66 -36.06
CA MET B 210 24.10 -5.22 -36.31
C MET B 210 25.45 -4.81 -36.89
N ARG B 211 25.96 -5.62 -37.81
CA ARG B 211 27.33 -5.48 -38.33
C ARG B 211 27.54 -4.23 -39.18
N GLN B 212 26.47 -3.71 -39.78
CA GLN B 212 26.59 -2.55 -40.66
C GLN B 212 25.98 -1.30 -40.05
N THR B 213 26.10 -1.15 -38.73
CA THR B 213 25.54 0.00 -38.01
C THR B 213 26.55 1.12 -37.79
N ASP B 214 27.81 0.89 -38.16
CA ASP B 214 28.89 1.86 -37.94
C ASP B 214 28.87 2.36 -36.50
N SER B 215 28.90 1.42 -35.56
CA SER B 215 28.84 1.73 -34.14
C SER B 215 30.23 1.64 -33.48
N GLY B 216 31.24 2.12 -34.21
CA GLY B 216 32.63 2.06 -33.77
C GLY B 216 33.04 3.29 -32.96
N SER B 217 34.35 3.45 -32.80
CA SER B 217 34.88 4.56 -32.00
C SER B 217 35.19 5.78 -32.87
N THR B 218 35.10 6.95 -32.25
CA THR B 218 35.44 8.22 -32.88
C THR B 218 36.45 8.97 -32.00
N ASP B 219 37.62 9.28 -32.55
CA ASP B 219 38.64 10.05 -31.85
C ASP B 219 38.35 11.54 -31.99
N PHE B 220 38.77 12.31 -30.99
CA PHE B 220 38.69 13.77 -31.01
C PHE B 220 40.05 14.34 -30.61
N HIS B 221 40.68 15.09 -31.51
CA HIS B 221 41.95 15.75 -31.20
C HIS B 221 41.84 17.23 -31.47
N ASN B 222 41.85 18.02 -30.40
CA ASN B 222 41.63 19.47 -30.47
C ASN B 222 40.53 19.88 -31.46
N VAL B 223 39.40 19.18 -31.42
CA VAL B 223 38.26 19.49 -32.27
C VAL B 223 37.57 20.74 -31.74
N LYS B 224 37.42 21.75 -32.59
CA LYS B 224 36.84 23.02 -32.18
C LYS B 224 35.32 22.97 -32.24
N VAL B 225 34.69 23.45 -31.17
CA VAL B 225 33.25 23.67 -31.14
C VAL B 225 33.03 25.16 -31.01
N GLU B 226 32.32 25.75 -31.97
CA GLU B 226 32.09 27.19 -32.01
C GLU B 226 30.91 27.59 -31.12
N PRO B 227 30.84 28.88 -30.72
CA PRO B 227 29.76 29.38 -29.86
C PRO B 227 28.34 29.04 -30.35
N ASP B 228 28.08 29.22 -31.65
CA ASP B 228 26.75 28.95 -32.21
C ASP B 228 26.45 27.46 -32.40
N GLU B 229 27.44 26.60 -32.17
CA GLU B 229 27.27 25.16 -32.30
C GLU B 229 26.96 24.47 -30.97
N VAL B 230 27.05 25.20 -29.85
CA VAL B 230 26.79 24.63 -28.53
C VAL B 230 25.29 24.61 -28.24
N LEU B 231 24.71 23.41 -28.26
CA LEU B 231 23.28 23.24 -28.05
C LEU B 231 22.93 23.37 -26.56
N GLY B 232 22.28 24.49 -26.22
CA GLY B 232 21.90 24.76 -24.85
C GLY B 232 23.08 25.20 -23.99
N ALA B 233 22.80 25.61 -22.77
CA ALA B 233 23.84 26.02 -21.82
C ALA B 233 24.58 24.79 -21.29
N PRO B 234 25.70 25.01 -20.59
CA PRO B 234 26.40 23.87 -19.99
C PRO B 234 25.48 23.03 -19.12
N ASN B 235 25.49 21.72 -19.36
CA ASN B 235 24.77 20.76 -18.53
C ASN B 235 23.25 20.76 -18.78
N ALA B 236 22.84 21.26 -19.95
CA ALA B 236 21.43 21.41 -20.28
C ALA B 236 20.64 20.11 -20.15
N PHE B 237 21.18 19.02 -20.70
CA PHE B 237 20.49 17.73 -20.68
C PHE B 237 20.29 17.16 -19.29
N VAL B 238 21.28 17.32 -18.41
CA VAL B 238 21.18 16.80 -17.04
C VAL B 238 20.09 17.55 -16.27
N LEU B 239 20.08 18.88 -16.43
CA LEU B 239 19.09 19.74 -15.77
C LEU B 239 17.69 19.48 -16.34
N ALA B 240 17.64 19.12 -17.62
CA ALA B 240 16.37 18.77 -18.27
C ALA B 240 15.79 17.47 -17.72
N PHE B 241 16.65 16.50 -17.44
CA PHE B 241 16.23 15.23 -16.85
C PHE B 241 15.60 15.43 -15.47
N ILE B 242 16.29 16.21 -14.63
CA ILE B 242 15.85 16.48 -13.26
C ILE B 242 14.44 17.09 -13.21
N GLN B 243 14.14 17.97 -14.17
CA GLN B 243 12.85 18.67 -14.20
C GLN B 243 11.80 17.97 -15.06
N SER B 244 12.16 16.82 -15.63
CA SER B 244 11.34 16.17 -16.66
C SER B 244 10.88 17.14 -17.76
N GLU B 245 11.74 18.11 -18.09
CA GLU B 245 11.45 19.08 -19.14
C GLU B 245 11.53 18.38 -20.49
N ARG B 246 11.33 19.12 -21.57
CA ARG B 246 11.29 18.53 -22.91
C ARG B 246 12.56 17.76 -23.30
N GLY B 247 13.69 18.14 -22.71
CA GLY B 247 14.94 17.39 -22.90
C GLY B 247 14.85 15.94 -22.45
N SER B 248 14.02 15.68 -21.44
CA SER B 248 13.84 14.32 -20.92
C SER B 248 13.03 13.41 -21.84
N LEU B 249 12.69 13.87 -23.04
CA LEU B 249 12.05 13.00 -24.03
C LEU B 249 13.05 12.18 -24.83
N PHE B 250 14.35 12.34 -24.53
CA PHE B 250 15.42 11.65 -25.27
C PHE B 250 15.28 10.13 -25.17
N ALA B 251 15.26 9.62 -23.95
CA ALA B 251 15.11 8.19 -23.71
C ALA B 251 13.87 7.60 -24.39
N PRO B 252 12.65 8.08 -24.05
CA PRO B 252 11.46 7.46 -24.65
C PRO B 252 11.48 7.42 -26.20
N ILE B 253 11.99 8.47 -26.82
CA ILE B 253 12.10 8.51 -28.28
C ILE B 253 13.02 7.40 -28.76
N ALA B 254 14.23 7.35 -28.20
CA ALA B 254 15.25 6.40 -28.61
C ALA B 254 14.83 4.97 -28.34
N GLN B 255 14.35 4.75 -27.11
CA GLN B 255 13.89 3.44 -26.67
C GLN B 255 12.77 2.88 -27.53
N LEU B 256 11.81 3.74 -27.87
CA LEU B 256 10.67 3.33 -28.68
C LEU B 256 11.08 3.00 -30.11
N ILE B 257 12.10 3.69 -30.61
CA ILE B 257 12.64 3.40 -31.94
C ILE B 257 13.39 2.06 -31.93
N PHE B 258 14.12 1.76 -30.84
CA PHE B 258 14.80 0.47 -30.73
C PHE B 258 13.79 -0.67 -30.75
N ALA B 259 12.72 -0.51 -29.98
CA ALA B 259 11.66 -1.51 -29.90
C ALA B 259 11.10 -1.86 -31.28
N ASN B 260 10.83 -0.83 -32.09
CA ASN B 260 10.30 -1.05 -33.44
C ASN B 260 11.32 -1.60 -34.42
N VAL B 261 12.60 -1.27 -34.21
CA VAL B 261 13.69 -1.93 -34.94
C VAL B 261 13.67 -3.43 -34.68
N TYR B 262 13.46 -3.83 -33.42
CA TYR B 262 13.40 -5.25 -33.07
C TYR B 262 12.20 -5.92 -33.71
N LEU B 263 11.07 -5.23 -33.70
CA LEU B 263 9.82 -5.76 -34.25
C LEU B 263 9.92 -5.85 -35.78
N GLY B 264 10.53 -4.86 -36.41
CA GLY B 264 10.84 -4.93 -37.83
C GLY B 264 11.63 -6.19 -38.15
N ILE B 265 12.73 -6.39 -37.41
CA ILE B 265 13.57 -7.58 -37.56
C ILE B 265 12.74 -8.86 -37.43
N ALA B 266 11.89 -8.92 -36.41
CA ALA B 266 11.03 -10.08 -36.15
C ALA B 266 10.09 -10.39 -37.31
N HIS B 267 9.49 -9.34 -37.87
CA HIS B 267 8.68 -9.48 -39.08
C HIS B 267 9.54 -9.99 -40.26
N GLY B 268 10.80 -9.54 -40.32
CA GLY B 268 11.73 -10.01 -41.34
C GLY B 268 12.00 -11.49 -41.26
N ALA B 269 12.35 -11.95 -40.05
CA ALA B 269 12.56 -13.37 -39.78
C ALA B 269 11.31 -14.19 -40.12
N LEU B 270 10.17 -13.72 -39.63
CA LEU B 270 8.90 -14.45 -39.81
C LEU B 270 8.54 -14.63 -41.28
N ASP B 271 8.61 -13.54 -42.04
CA ASP B 271 8.28 -13.60 -43.46
C ASP B 271 9.24 -14.52 -44.21
N ALA B 272 10.53 -14.40 -43.93
CA ALA B 272 11.54 -15.28 -44.51
C ALA B 272 11.24 -16.74 -44.20
N ALA B 273 10.82 -17.00 -42.97
CA ALA B 273 10.43 -18.35 -42.54
C ALA B 273 9.23 -18.84 -43.35
N ARG B 274 8.22 -17.97 -43.48
CA ARG B 274 7.00 -18.31 -44.22
C ARG B 274 7.32 -18.66 -45.66
N GLU B 275 8.10 -17.80 -46.32
CA GLU B 275 8.52 -18.04 -47.71
C GLU B 275 9.24 -19.37 -47.85
N TYR B 276 10.15 -19.66 -46.92
CA TYR B 276 10.91 -20.92 -46.96
C TYR B 276 10.03 -22.14 -46.71
N THR B 277 9.16 -22.07 -45.70
CA THR B 277 8.32 -23.22 -45.35
C THR B 277 7.38 -23.59 -46.51
N ARG B 278 6.84 -22.57 -47.19
CA ARG B 278 5.93 -22.79 -48.31
C ARG B 278 6.59 -23.47 -49.51
N THR B 279 7.88 -23.21 -49.74
CA THR B 279 8.59 -23.70 -50.93
C THR B 279 9.61 -24.81 -50.65
N GLN B 280 10.45 -24.62 -49.63
CA GLN B 280 11.60 -25.50 -49.41
C GLN B 280 11.36 -26.64 -48.42
N ALA B 281 10.67 -26.36 -47.32
CA ALA B 281 10.53 -27.32 -46.22
C ALA B 281 9.95 -28.66 -46.65
N ARG B 282 10.43 -29.73 -46.02
CA ARG B 282 9.99 -31.10 -46.31
C ARG B 282 9.04 -31.59 -45.23
N PRO B 283 8.02 -32.38 -45.61
CA PRO B 283 7.07 -32.91 -44.64
C PRO B 283 7.69 -34.04 -43.82
N TRP B 284 7.42 -34.05 -42.52
CA TRP B 284 7.94 -35.09 -41.65
C TRP B 284 7.15 -36.38 -41.85
N THR B 285 7.61 -37.19 -42.81
CA THR B 285 6.89 -38.41 -43.22
C THR B 285 6.86 -39.53 -42.17
N PRO B 286 7.87 -39.60 -41.28
CA PRO B 286 7.78 -40.60 -40.20
C PRO B 286 6.53 -40.47 -39.32
N ALA B 287 5.92 -39.28 -39.28
CA ALA B 287 4.64 -39.07 -38.59
C ALA B 287 3.42 -39.14 -39.51
N GLY B 288 3.65 -39.33 -40.81
CA GLY B 288 2.58 -39.49 -41.79
C GLY B 288 2.13 -38.21 -42.47
N ILE B 289 2.94 -37.16 -42.37
CA ILE B 289 2.58 -35.85 -42.91
C ILE B 289 2.79 -35.84 -44.43
N GLN B 290 1.80 -35.32 -45.15
CA GLN B 290 1.85 -35.26 -46.61
C GLN B 290 2.51 -33.97 -47.08
N GLN B 291 2.15 -32.86 -46.45
CA GLN B 291 2.68 -31.54 -46.79
C GLN B 291 3.14 -30.78 -45.55
N ALA B 292 4.33 -30.20 -45.62
CA ALA B 292 4.89 -29.42 -44.52
C ALA B 292 4.02 -28.24 -44.10
N THR B 293 3.26 -27.70 -45.04
CA THR B 293 2.37 -26.56 -44.76
C THR B 293 1.11 -26.95 -44.00
N GLU B 294 0.84 -28.25 -43.88
CA GLU B 294 -0.33 -28.75 -43.17
C GLU B 294 0.07 -29.47 -41.87
N ASP B 295 1.35 -29.40 -41.50
CA ASP B 295 1.82 -29.99 -40.25
C ASP B 295 1.20 -29.21 -39.07
N PRO B 296 0.55 -29.92 -38.14
CA PRO B 296 -0.19 -29.21 -37.09
C PRO B 296 0.69 -28.39 -36.13
N TYR B 297 1.91 -28.85 -35.88
CA TYR B 297 2.81 -28.18 -34.95
C TYR B 297 3.50 -26.98 -35.62
N THR B 298 3.77 -27.11 -36.92
CA THR B 298 4.25 -25.99 -37.73
C THR B 298 3.21 -24.87 -37.73
N ILE B 299 1.97 -25.21 -38.02
CA ILE B 299 0.86 -24.27 -38.04
C ILE B 299 0.70 -23.60 -36.66
N ARG B 300 0.79 -24.40 -35.60
CA ARG B 300 0.75 -23.87 -34.24
C ARG B 300 1.87 -22.86 -33.99
N SER B 301 3.09 -23.23 -34.35
CA SER B 301 4.26 -22.37 -34.15
C SER B 301 4.12 -21.04 -34.88
N TYR B 302 3.65 -21.06 -36.12
CA TYR B 302 3.35 -19.82 -36.85
C TYR B 302 2.25 -19.02 -36.17
N GLY B 303 1.28 -19.73 -35.59
CA GLY B 303 0.27 -19.09 -34.76
C GLY B 303 0.90 -18.25 -33.66
N GLU B 304 1.82 -18.86 -32.90
CA GLU B 304 2.41 -18.23 -31.73
C GLU B 304 3.34 -17.06 -32.07
N PHE B 305 4.11 -17.19 -33.13
CA PHE B 305 4.98 -16.09 -33.58
C PHE B 305 4.12 -14.87 -33.94
N THR B 306 3.08 -15.11 -34.73
CA THR B 306 2.14 -14.06 -35.15
C THR B 306 1.48 -13.39 -33.95
N ILE B 307 0.97 -14.19 -33.02
CA ILE B 307 0.24 -13.68 -31.87
C ILE B 307 1.14 -12.86 -30.95
N ALA B 308 2.36 -13.34 -30.73
CA ALA B 308 3.35 -12.60 -29.94
C ALA B 308 3.59 -11.22 -30.55
N LEU B 309 3.78 -11.17 -31.86
CA LEU B 309 3.96 -9.90 -32.59
C LEU B 309 2.71 -9.04 -32.58
N GLN B 310 1.55 -9.66 -32.66
CA GLN B 310 0.28 -8.93 -32.67
C GLN B 310 0.15 -8.06 -31.42
N GLY B 311 0.50 -8.62 -30.27
CA GLY B 311 0.46 -7.86 -29.01
C GLY B 311 1.50 -6.76 -28.90
N ALA B 312 2.73 -7.06 -29.32
CA ALA B 312 3.84 -6.10 -29.20
C ALA B 312 3.65 -4.89 -30.11
N ASP B 313 3.33 -5.17 -31.38
CA ASP B 313 3.08 -4.13 -32.37
C ASP B 313 1.93 -3.22 -31.93
N ALA B 314 0.85 -3.83 -31.47
CA ALA B 314 -0.30 -3.07 -30.98
C ALA B 314 0.11 -2.14 -29.86
N ALA B 315 0.91 -2.64 -28.93
CA ALA B 315 1.39 -1.82 -27.82
C ALA B 315 2.35 -0.75 -28.34
N ALA B 316 3.16 -1.12 -29.32
CA ALA B 316 4.09 -0.18 -29.97
C ALA B 316 3.37 0.99 -30.62
N ARG B 317 2.39 0.69 -31.47
CA ARG B 317 1.64 1.75 -32.16
C ARG B 317 0.94 2.68 -31.19
N GLU B 318 0.41 2.11 -30.11
CA GLU B 318 -0.24 2.88 -29.05
C GLU B 318 0.71 3.85 -28.36
N ALA B 319 1.93 3.40 -28.05
CA ALA B 319 2.94 4.27 -27.43
C ALA B 319 3.46 5.36 -28.38
N ALA B 320 3.44 5.09 -29.68
CA ALA B 320 3.82 6.10 -30.68
C ALA B 320 2.82 7.25 -30.72
N HIS B 321 1.52 6.93 -30.68
CA HIS B 321 0.47 7.95 -30.58
C HIS B 321 0.62 8.78 -29.31
N LEU B 322 0.90 8.11 -28.19
CA LEU B 322 1.15 8.79 -26.91
C LEU B 322 2.36 9.72 -27.01
N LEU B 323 3.43 9.24 -27.64
CA LEU B 323 4.62 10.06 -27.87
C LEU B 323 4.24 11.31 -28.64
N GLN B 324 3.39 11.16 -29.65
CA GLN B 324 2.93 12.30 -30.43
C GLN B 324 2.19 13.30 -29.54
N THR B 325 1.26 12.79 -28.75
CA THR B 325 0.49 13.62 -27.82
C THR B 325 1.42 14.39 -26.88
N VAL B 326 2.35 13.69 -26.25
CA VAL B 326 3.31 14.32 -25.36
C VAL B 326 4.19 15.33 -26.12
N TRP B 327 4.64 14.94 -27.30
CA TRP B 327 5.49 15.81 -28.12
C TRP B 327 4.77 17.12 -28.47
N ASP B 328 3.51 17.01 -28.90
CA ASP B 328 2.71 18.17 -29.28
C ASP B 328 2.48 19.17 -28.14
N LYS B 329 2.61 18.73 -26.89
CA LYS B 329 2.52 19.64 -25.75
C LYS B 329 3.71 20.60 -25.64
N GLY B 330 4.85 20.25 -26.23
CA GLY B 330 6.04 21.12 -26.21
C GLY B 330 6.57 21.28 -24.79
N ASP B 331 7.00 22.50 -24.46
CA ASP B 331 7.57 22.81 -23.14
C ASP B 331 6.52 22.77 -22.01
N ALA B 332 5.25 22.67 -22.36
CA ALA B 332 4.16 22.59 -21.39
C ALA B 332 3.91 21.17 -20.88
N LEU B 333 4.68 20.19 -21.37
CA LEU B 333 4.61 18.83 -20.86
C LEU B 333 4.90 18.80 -19.36
N THR B 334 4.25 17.87 -18.65
CA THR B 334 4.42 17.72 -17.23
C THR B 334 5.31 16.51 -16.92
N PRO B 335 5.82 16.42 -15.68
CA PRO B 335 6.54 15.21 -15.25
C PRO B 335 5.67 13.95 -15.32
N GLU B 336 4.36 14.09 -15.18
CA GLU B 336 3.44 12.97 -15.28
C GLU B 336 3.30 12.50 -16.72
N ASP B 337 3.16 13.46 -17.64
CA ASP B 337 3.16 13.15 -19.08
C ASP B 337 4.35 12.27 -19.42
N ARG B 338 5.54 12.75 -19.07
CA ARG B 338 6.79 12.10 -19.41
C ARG B 338 6.96 10.77 -18.69
N GLY B 339 6.58 10.75 -17.42
CA GLY B 339 6.67 9.54 -16.60
C GLY B 339 5.81 8.41 -17.12
N GLU B 340 4.55 8.73 -17.43
CA GLU B 340 3.61 7.74 -17.97
C GLU B 340 4.06 7.26 -19.35
N LEU B 341 4.56 8.17 -20.18
CA LEU B 341 5.12 7.81 -21.49
C LEU B 341 6.29 6.83 -21.36
N MET B 342 7.23 7.15 -20.49
CA MET B 342 8.44 6.31 -20.35
C MET B 342 8.09 4.91 -19.84
N VAL B 343 7.06 4.83 -18.98
CA VAL B 343 6.55 3.54 -18.52
C VAL B 343 5.94 2.75 -19.68
N LYS B 344 5.10 3.40 -20.48
CA LYS B 344 4.49 2.75 -21.64
C LYS B 344 5.58 2.23 -22.61
N VAL B 345 6.52 3.11 -22.94
CA VAL B 345 7.63 2.75 -23.82
C VAL B 345 8.49 1.62 -23.23
N SER B 346 8.73 1.69 -21.92
CA SER B 346 9.50 0.65 -21.24
C SER B 346 8.85 -0.71 -21.42
N GLY B 347 7.52 -0.76 -21.35
CA GLY B 347 6.79 -2.00 -21.58
C GLY B 347 6.90 -2.49 -23.02
N VAL B 348 6.83 -1.55 -23.96
CA VAL B 348 7.02 -1.86 -25.38
C VAL B 348 8.43 -2.37 -25.66
N LYS B 349 9.43 -1.81 -24.98
CA LYS B 349 10.81 -2.28 -25.09
C LYS B 349 10.93 -3.76 -24.72
N ALA B 350 10.27 -4.15 -23.65
CA ALA B 350 10.32 -5.56 -23.19
C ALA B 350 9.50 -6.50 -24.07
N LEU B 351 8.33 -6.05 -24.53
CA LEU B 351 7.52 -6.85 -25.45
C LEU B 351 8.25 -7.07 -26.78
N ALA B 352 8.89 -6.02 -27.28
CA ALA B 352 9.62 -6.10 -28.53
C ALA B 352 10.83 -7.02 -28.41
N THR B 353 11.51 -6.96 -27.26
CA THR B 353 12.72 -7.75 -27.04
C THR B 353 12.40 -9.25 -27.00
N ASN B 354 11.41 -9.62 -26.21
CA ASN B 354 11.03 -11.03 -26.05
C ASN B 354 10.47 -11.61 -27.34
N ALA B 355 9.55 -10.89 -27.98
CA ALA B 355 8.95 -11.35 -29.23
C ALA B 355 9.98 -11.57 -30.33
N ALA B 356 10.88 -10.61 -30.51
CA ALA B 356 11.87 -10.67 -31.59
C ALA B 356 12.89 -11.76 -31.36
N LEU B 357 13.30 -11.95 -30.10
CA LEU B 357 14.28 -12.97 -29.75
C LEU B 357 13.66 -14.35 -29.88
N ASN B 358 12.44 -14.47 -29.36
CA ASN B 358 11.69 -15.73 -29.45
C ASN B 358 11.41 -16.13 -30.90
N ILE B 359 11.01 -15.16 -31.71
CA ILE B 359 10.63 -15.44 -33.09
C ILE B 359 11.86 -15.71 -33.96
N SER B 360 12.90 -14.90 -33.84
CA SER B 360 14.11 -15.07 -34.67
C SER B 360 14.86 -16.37 -34.38
N SER B 361 14.67 -16.94 -33.19
CA SER B 361 15.23 -18.25 -32.85
C SER B 361 14.28 -19.39 -33.20
N GLY B 362 13.05 -19.31 -32.70
CA GLY B 362 12.04 -20.37 -32.88
C GLY B 362 11.71 -20.67 -34.34
N VAL B 363 11.86 -19.67 -35.18
CA VAL B 363 11.61 -19.79 -36.61
C VAL B 363 12.43 -20.92 -37.26
N PHE B 364 13.61 -21.21 -36.74
CA PHE B 364 14.40 -22.33 -37.24
C PHE B 364 13.69 -23.69 -37.11
N GLU B 365 12.93 -23.88 -36.04
CA GLU B 365 12.24 -25.17 -35.81
C GLU B 365 11.31 -25.53 -36.97
N VAL B 366 10.70 -24.54 -37.60
CA VAL B 366 9.84 -24.79 -38.76
C VAL B 366 10.63 -24.80 -40.08
N ILE B 367 11.69 -23.99 -40.16
CA ILE B 367 12.59 -23.97 -41.33
C ILE B 367 13.21 -25.35 -41.59
N GLY B 368 13.94 -25.87 -40.62
CA GLY B 368 14.56 -27.20 -40.71
C GLY B 368 16.07 -27.15 -40.86
N ALA B 369 16.67 -28.35 -40.91
CA ALA B 369 18.14 -28.50 -40.96
C ALA B 369 18.78 -27.80 -42.14
N ARG B 370 18.23 -28.01 -43.32
CA ARG B 370 18.81 -27.48 -44.56
C ARG B 370 18.84 -25.95 -44.60
N GLY B 371 17.93 -25.33 -43.85
CA GLY B 371 17.89 -23.86 -43.75
C GLY B 371 19.01 -23.24 -42.93
N THR B 372 19.83 -24.07 -42.28
CA THR B 372 21.00 -23.57 -41.55
C THR B 372 22.22 -23.32 -42.45
N HIS B 373 22.07 -23.52 -43.76
CA HIS B 373 23.14 -23.22 -44.71
C HIS B 373 23.31 -21.70 -44.82
N PRO B 374 24.57 -21.20 -44.77
CA PRO B 374 24.81 -19.75 -44.75
C PRO B 374 24.31 -18.97 -45.96
N ARG B 375 24.03 -19.63 -47.08
CA ARG B 375 23.51 -18.94 -48.27
C ARG B 375 22.12 -18.35 -48.02
N TYR B 376 21.41 -18.88 -47.02
CA TYR B 376 20.13 -18.31 -46.58
C TYR B 376 20.35 -17.18 -45.58
N GLY B 377 21.35 -17.33 -44.72
CA GLY B 377 21.64 -16.34 -43.69
C GLY B 377 20.47 -16.10 -42.74
N PHE B 378 19.77 -17.17 -42.39
CA PHE B 378 18.56 -17.04 -41.57
C PHE B 378 18.84 -16.64 -40.12
N ASP B 379 20.07 -16.81 -39.66
CA ASP B 379 20.40 -16.45 -38.27
C ASP B 379 20.72 -14.97 -38.08
N ARG B 380 20.85 -14.21 -39.18
CA ARG B 380 21.15 -12.78 -39.09
C ARG B 380 20.09 -12.01 -38.30
N PHE B 381 18.84 -12.46 -38.39
CA PHE B 381 17.73 -11.81 -37.69
C PHE B 381 17.94 -11.88 -36.17
N TRP B 382 18.20 -13.08 -35.66
CA TRP B 382 18.46 -13.28 -34.24
C TRP B 382 19.71 -12.54 -33.77
N ARG B 383 20.79 -12.62 -34.56
CA ARG B 383 22.05 -11.97 -34.21
C ARG B 383 21.90 -10.45 -34.10
N ASN B 384 21.14 -9.87 -35.01
CA ASN B 384 20.87 -8.43 -35.00
C ASN B 384 20.09 -8.04 -33.75
N VAL B 385 19.01 -8.75 -33.46
CA VAL B 385 18.22 -8.44 -32.25
C VAL B 385 18.96 -8.82 -30.98
N ARG B 386 19.68 -9.95 -31.01
CA ARG B 386 20.45 -10.37 -29.85
C ARG B 386 21.58 -9.39 -29.53
N THR B 387 22.12 -8.75 -30.57
CA THR B 387 23.18 -7.76 -30.40
C THR B 387 22.62 -6.48 -29.76
N HIS B 388 21.70 -5.81 -30.44
CA HIS B 388 21.25 -4.50 -29.95
C HIS B 388 20.35 -4.56 -28.70
N SER B 389 19.64 -5.67 -28.47
CA SER B 389 18.80 -5.79 -27.27
C SER B 389 19.62 -5.62 -25.99
N LEU B 390 20.94 -5.82 -26.07
CA LEU B 390 21.84 -5.62 -24.94
C LEU B 390 22.27 -4.16 -24.72
N HIS B 391 21.81 -3.24 -25.56
CA HIS B 391 22.14 -1.83 -25.40
C HIS B 391 21.92 -1.38 -23.95
N ASP B 392 20.71 -1.60 -23.45
CA ASP B 392 20.42 -1.42 -22.03
C ASP B 392 19.65 -2.65 -21.55
N PRO B 393 19.83 -3.03 -20.28
CA PRO B 393 19.25 -4.27 -19.78
C PRO B 393 17.72 -4.21 -19.70
N VAL B 394 17.07 -5.16 -20.38
CA VAL B 394 15.60 -5.23 -20.39
C VAL B 394 15.00 -5.51 -19.00
N SER B 395 15.80 -6.05 -18.08
CA SER B 395 15.35 -6.28 -16.72
C SER B 395 14.95 -4.99 -15.99
N TYR B 396 15.61 -3.87 -16.29
CA TYR B 396 15.27 -2.61 -15.63
C TYR B 396 14.19 -1.81 -16.36
N LYS B 397 13.98 -2.11 -17.64
CA LYS B 397 12.75 -1.69 -18.31
C LYS B 397 11.56 -2.35 -17.60
N ILE B 398 11.66 -3.66 -17.41
CA ILE B 398 10.63 -4.43 -16.71
C ILE B 398 10.46 -3.92 -15.29
N ALA B 399 11.58 -3.68 -14.60
CA ALA B 399 11.54 -3.20 -13.22
C ALA B 399 10.88 -1.83 -13.07
N ASP B 400 11.15 -0.94 -14.02
CA ASP B 400 10.56 0.39 -14.02
C ASP B 400 9.03 0.31 -14.15
N VAL B 401 8.55 -0.60 -14.99
CA VAL B 401 7.11 -0.79 -15.13
C VAL B 401 6.52 -1.33 -13.83
N GLY B 402 7.23 -2.28 -13.21
CA GLY B 402 6.81 -2.85 -11.94
C GLY B 402 6.79 -1.87 -10.78
N LYS B 403 7.74 -0.94 -10.76
CA LYS B 403 7.77 0.10 -9.73
C LYS B 403 6.64 1.11 -9.94
N HIS B 404 6.29 1.35 -11.20
CA HIS B 404 5.13 2.19 -11.50
C HIS B 404 3.83 1.48 -11.13
N THR B 405 3.69 0.23 -11.56
CA THR B 405 2.48 -0.53 -11.28
C THR B 405 2.26 -0.62 -9.78
N LEU B 406 3.30 -1.00 -9.06
CA LEU B 406 3.18 -1.31 -7.64
C LEU B 406 3.21 -0.06 -6.74
N ASN B 407 4.16 0.82 -6.98
CA ASN B 407 4.42 1.97 -6.09
C ASN B 407 4.03 3.34 -6.63
N GLY B 408 3.57 3.40 -7.89
CA GLY B 408 3.23 4.65 -8.52
C GLY B 408 4.42 5.55 -8.83
N GLN B 409 5.62 4.97 -8.86
CA GLN B 409 6.84 5.71 -9.12
C GLN B 409 7.08 5.81 -10.62
N TYR B 410 7.66 6.94 -11.02
CA TYR B 410 8.10 7.12 -12.39
C TYR B 410 9.61 6.85 -12.48
N PRO B 411 10.09 6.43 -13.66
CA PRO B 411 11.52 6.21 -13.83
C PRO B 411 12.34 7.49 -13.59
N ILE B 412 13.56 7.32 -13.09
CA ILE B 412 14.47 8.45 -12.95
C ILE B 412 14.93 8.82 -14.36
N PRO B 413 14.62 10.04 -14.84
CA PRO B 413 14.97 10.39 -16.22
C PRO B 413 16.48 10.42 -16.47
N GLY B 414 16.90 9.76 -17.54
CA GLY B 414 18.30 9.67 -17.92
C GLY B 414 18.41 9.38 -19.40
N PHE B 415 19.53 8.80 -19.81
CA PHE B 415 19.76 8.51 -21.22
C PHE B 415 19.05 7.23 -21.67
N THR B 416 18.69 6.35 -20.73
CA THR B 416 17.98 5.11 -21.05
C THR B 416 16.68 4.89 -20.24
N SER B 417 16.25 5.90 -19.47
CA SER B 417 15.00 5.83 -18.74
C SER B 417 14.47 7.25 -18.46
N ASN C 18 -22.60 11.59 -22.64
CA ASN C 18 -23.37 10.52 -21.93
C ASN C 18 -22.56 9.22 -21.89
N ASP C 19 -21.75 9.07 -20.84
CA ASP C 19 -20.76 8.00 -20.77
C ASP C 19 -21.29 6.74 -20.05
N PRO C 20 -21.41 5.62 -20.77
CA PRO C 20 -21.82 4.35 -20.15
C PRO C 20 -20.71 3.65 -19.35
N VAL C 21 -19.46 4.05 -19.54
CA VAL C 21 -18.33 3.45 -18.82
C VAL C 21 -18.35 3.91 -17.36
N ALA C 22 -18.64 5.19 -17.13
CA ALA C 22 -18.76 5.74 -15.78
C ALA C 22 -19.96 5.18 -15.02
N VAL C 23 -21.05 4.93 -15.75
CA VAL C 23 -22.21 4.24 -15.19
C VAL C 23 -21.79 2.83 -14.76
N ALA C 24 -21.05 2.14 -15.62
CA ALA C 24 -20.54 0.81 -15.32
C ALA C 24 -19.57 0.80 -14.13
N ARG C 25 -18.73 1.83 -14.05
CA ARG C 25 -17.78 1.97 -12.94
C ARG C 25 -18.50 2.12 -11.60
N GLY C 26 -19.58 2.88 -11.58
CA GLY C 26 -20.41 3.04 -10.38
C GLY C 26 -20.97 1.72 -9.89
N LEU C 27 -21.46 0.90 -10.82
CA LEU C 27 -21.94 -0.44 -10.48
C LEU C 27 -20.81 -1.31 -9.93
N ALA C 28 -19.67 -1.29 -10.62
CA ALA C 28 -18.51 -2.08 -10.21
C ALA C 28 -18.11 -1.79 -8.77
N GLU C 29 -18.12 -0.51 -8.39
CA GLU C 29 -17.76 -0.08 -7.03
C GLU C 29 -18.77 -0.51 -5.97
N LYS C 30 -20.04 -0.63 -6.35
CA LYS C 30 -21.06 -1.18 -5.45
C LYS C 30 -20.85 -2.67 -5.23
N TRP C 31 -20.50 -3.40 -6.29
CA TRP C 31 -20.45 -4.86 -6.26
C TRP C 31 -19.22 -5.45 -5.55
N ARG C 32 -18.14 -4.69 -5.44
CA ARG C 32 -16.89 -5.20 -4.87
C ARG C 32 -16.99 -5.49 -3.37
N ALA C 33 -17.92 -4.82 -2.69
CA ALA C 33 -18.17 -5.09 -1.27
C ALA C 33 -18.64 -6.53 -1.05
N THR C 34 -19.50 -7.02 -1.95
CA THR C 34 -20.07 -8.38 -1.86
C THR C 34 -19.38 -9.42 -2.75
N ALA C 35 -18.26 -9.06 -3.38
CA ALA C 35 -17.63 -9.90 -4.41
C ALA C 35 -17.20 -11.29 -3.92
N VAL C 36 -16.59 -11.33 -2.74
CA VAL C 36 -16.13 -12.59 -2.13
C VAL C 36 -17.34 -13.48 -1.76
N GLU C 37 -18.27 -12.90 -1.01
CA GLU C 37 -19.50 -13.60 -0.61
C GLU C 37 -20.22 -14.25 -1.78
N ARG C 38 -20.39 -13.49 -2.85
CA ARG C 38 -21.18 -13.94 -3.99
C ARG C 38 -20.50 -15.07 -4.76
N ASP C 39 -19.18 -14.98 -4.92
CA ASP C 39 -18.42 -16.08 -5.52
C ASP C 39 -18.56 -17.35 -4.70
N ARG C 40 -18.38 -17.24 -3.38
CA ARG C 40 -18.42 -18.43 -2.53
C ARG C 40 -19.82 -19.00 -2.36
N ALA C 41 -20.85 -18.16 -2.40
CA ALA C 41 -22.24 -18.60 -2.27
C ALA C 41 -22.81 -19.19 -3.58
N GLY C 42 -22.36 -18.67 -4.72
CA GLY C 42 -22.85 -19.13 -6.02
C GLY C 42 -24.29 -18.69 -6.24
N GLY C 43 -25.04 -19.49 -6.99
CA GLY C 43 -26.43 -19.15 -7.31
C GLY C 43 -26.49 -17.94 -8.23
N SER C 44 -27.68 -17.35 -8.33
CA SER C 44 -27.90 -16.20 -9.21
C SER C 44 -27.57 -14.89 -8.53
N ALA C 45 -26.94 -13.98 -9.28
CA ALA C 45 -26.65 -12.64 -8.80
C ALA C 45 -27.86 -11.76 -9.05
N THR C 46 -28.94 -12.06 -8.34
CA THR C 46 -30.25 -11.46 -8.59
C THR C 46 -30.25 -9.95 -8.31
N ALA C 47 -29.71 -9.59 -7.14
CA ALA C 47 -29.55 -8.17 -6.78
C ALA C 47 -28.70 -7.41 -7.80
N GLU C 48 -27.67 -8.07 -8.34
CA GLU C 48 -26.76 -7.43 -9.31
C GLU C 48 -27.38 -7.32 -10.71
N ARG C 49 -28.17 -8.32 -11.10
CA ARG C 49 -28.90 -8.25 -12.36
C ARG C 49 -29.95 -7.14 -12.33
N GLU C 50 -30.54 -6.91 -11.15
CA GLU C 50 -31.44 -5.77 -10.93
C GLU C 50 -30.71 -4.43 -11.00
N ASP C 51 -29.46 -4.38 -10.53
CA ASP C 51 -28.63 -3.18 -10.66
C ASP C 51 -28.40 -2.85 -12.14
N LEU C 52 -28.16 -3.88 -12.95
CA LEU C 52 -27.95 -3.70 -14.40
C LEU C 52 -29.23 -3.28 -15.12
N ARG C 53 -30.36 -3.88 -14.75
CA ARG C 53 -31.66 -3.48 -15.28
C ARG C 53 -31.94 -1.99 -15.05
N ALA C 54 -31.76 -1.54 -13.82
CA ALA C 54 -32.07 -0.16 -13.44
C ALA C 54 -31.11 0.87 -14.02
N SER C 55 -29.86 0.45 -14.27
CA SER C 55 -28.85 1.36 -14.82
C SER C 55 -29.15 1.75 -16.27
N GLY C 56 -29.82 0.86 -17.00
CA GLY C 56 -30.15 1.12 -18.40
C GLY C 56 -29.13 0.58 -19.40
N LEU C 57 -28.08 -0.08 -18.89
CA LEU C 57 -26.99 -0.57 -19.74
C LEU C 57 -27.39 -1.74 -20.64
N LEU C 58 -28.52 -2.39 -20.36
CA LEU C 58 -28.95 -3.52 -21.19
C LEU C 58 -29.29 -3.14 -22.63
N SER C 59 -29.59 -1.87 -22.87
CA SER C 59 -29.85 -1.37 -24.23
C SER C 59 -28.66 -0.60 -24.80
N LEU C 60 -27.45 -0.99 -24.42
CA LEU C 60 -26.23 -0.25 -24.77
C LEU C 60 -25.92 -0.27 -26.27
N LEU C 61 -26.14 -1.42 -26.89
CA LEU C 61 -25.86 -1.59 -28.33
C LEU C 61 -27.09 -1.34 -29.19
N VAL C 62 -28.26 -1.23 -28.56
CA VAL C 62 -29.50 -0.91 -29.26
C VAL C 62 -29.45 0.55 -29.73
N PRO C 63 -29.71 0.81 -31.03
CA PRO C 63 -29.60 2.18 -31.57
C PRO C 63 -30.48 3.23 -30.87
N ARG C 64 -30.07 4.49 -30.99
CA ARG C 64 -30.76 5.61 -30.33
C ARG C 64 -32.21 5.78 -30.78
N GLU C 65 -32.49 5.49 -32.04
CA GLU C 65 -33.84 5.69 -32.58
C GLU C 65 -34.87 4.72 -32.00
N TYR C 66 -34.40 3.63 -31.41
CA TYR C 66 -35.27 2.66 -30.72
C TYR C 66 -35.19 2.75 -29.19
N GLY C 67 -34.53 3.80 -28.68
CA GLY C 67 -34.47 4.08 -27.25
C GLY C 67 -33.22 3.62 -26.52
N GLY C 68 -32.19 3.23 -27.27
CA GLY C 68 -30.94 2.74 -26.67
C GLY C 68 -29.87 3.81 -26.56
N TRP C 69 -28.65 3.37 -26.25
CA TRP C 69 -27.50 4.28 -26.06
C TRP C 69 -26.79 4.56 -27.38
N GLY C 70 -26.90 3.63 -28.32
CA GLY C 70 -26.30 3.79 -29.65
C GLY C 70 -24.79 3.79 -29.63
N ALA C 71 -24.20 3.07 -28.67
CA ALA C 71 -22.76 3.06 -28.48
C ALA C 71 -22.06 2.19 -29.52
N ASP C 72 -20.81 2.53 -29.83
CA ASP C 72 -19.99 1.74 -30.75
C ASP C 72 -19.40 0.52 -30.03
N TRP C 73 -18.75 -0.37 -30.78
CA TRP C 73 -18.22 -1.62 -30.23
C TRP C 73 -17.06 -1.44 -29.25
N PRO C 74 -16.13 -0.51 -29.53
CA PRO C 74 -15.13 -0.16 -28.52
C PRO C 74 -15.71 0.27 -27.15
N THR C 75 -16.74 1.11 -27.17
CA THR C 75 -17.36 1.60 -25.94
C THR C 75 -18.06 0.47 -25.19
N ALA C 76 -18.81 -0.34 -25.92
CA ALA C 76 -19.50 -1.49 -25.34
C ALA C 76 -18.50 -2.45 -24.68
N ILE C 77 -17.43 -2.76 -25.40
CA ILE C 77 -16.37 -3.65 -24.91
C ILE C 77 -15.74 -3.11 -23.62
N GLU C 78 -15.52 -1.79 -23.56
CA GLU C 78 -14.97 -1.16 -22.35
C GLU C 78 -15.89 -1.30 -21.14
N VAL C 79 -17.19 -1.22 -21.37
CA VAL C 79 -18.19 -1.45 -20.31
C VAL C 79 -18.09 -2.89 -19.83
N VAL C 80 -18.01 -3.81 -20.78
CA VAL C 80 -17.86 -5.24 -20.48
C VAL C 80 -16.62 -5.47 -19.63
N ARG C 81 -15.50 -4.89 -20.05
CA ARG C 81 -14.23 -5.05 -19.35
C ARG C 81 -14.34 -4.59 -17.90
N GLU C 82 -15.02 -3.46 -17.71
CA GLU C 82 -15.14 -2.84 -16.39
C GLU C 82 -15.97 -3.69 -15.44
N ILE C 83 -17.06 -4.26 -15.95
CA ILE C 83 -17.89 -5.18 -15.19
C ILE C 83 -17.13 -6.46 -14.88
N ALA C 84 -16.39 -6.97 -15.86
CA ALA C 84 -15.62 -8.20 -15.72
C ALA C 84 -14.56 -8.09 -14.62
N ALA C 85 -13.90 -6.92 -14.54
CA ALA C 85 -12.88 -6.66 -13.52
C ALA C 85 -13.45 -6.79 -12.12
N ALA C 86 -14.62 -6.19 -11.92
CA ALA C 86 -15.33 -6.28 -10.65
C ALA C 86 -15.79 -7.71 -10.37
N ASP C 87 -16.37 -8.34 -11.39
CA ASP C 87 -17.01 -9.65 -11.23
C ASP C 87 -17.03 -10.38 -12.57
N GLY C 88 -16.22 -11.42 -12.68
CA GLY C 88 -16.11 -12.22 -13.90
C GLY C 88 -17.43 -12.77 -14.41
N SER C 89 -18.29 -13.21 -13.48
CA SER C 89 -19.58 -13.78 -13.86
C SER C 89 -20.50 -12.73 -14.49
N LEU C 90 -20.55 -11.55 -13.88
CA LEU C 90 -21.38 -10.48 -14.40
C LEU C 90 -20.81 -9.91 -15.70
N GLY C 91 -19.49 -10.02 -15.87
CA GLY C 91 -18.84 -9.64 -17.12
C GLY C 91 -19.31 -10.54 -18.23
N HIS C 92 -19.28 -11.84 -17.96
CA HIS C 92 -19.74 -12.84 -18.92
C HIS C 92 -21.23 -12.69 -19.19
N LEU C 93 -21.98 -12.58 -18.11
CA LEU C 93 -23.43 -12.44 -18.19
C LEU C 93 -23.82 -11.25 -19.06
N PHE C 94 -23.27 -10.08 -18.74
CA PHE C 94 -23.56 -8.86 -19.50
C PHE C 94 -22.99 -8.92 -20.91
N GLY C 95 -21.82 -9.50 -21.06
CA GLY C 95 -21.18 -9.65 -22.37
C GLY C 95 -21.99 -10.50 -23.32
N TYR C 96 -22.44 -11.67 -22.83
CA TYR C 96 -23.24 -12.58 -23.65
C TYR C 96 -24.58 -11.95 -24.03
N HIS C 97 -25.14 -11.13 -23.13
CA HIS C 97 -26.36 -10.38 -23.41
C HIS C 97 -26.20 -9.46 -24.62
N LEU C 98 -25.04 -8.83 -24.73
CA LEU C 98 -24.73 -7.95 -25.87
C LEU C 98 -24.53 -8.71 -27.19
N THR C 99 -24.13 -9.98 -27.09
CA THR C 99 -23.93 -10.82 -28.28
C THR C 99 -25.25 -11.35 -28.84
N ASN C 100 -26.27 -11.47 -27.99
CA ASN C 100 -27.56 -12.04 -28.39
C ASN C 100 -28.39 -11.10 -29.27
N ALA C 101 -28.61 -9.88 -28.78
CA ALA C 101 -29.45 -8.90 -29.50
C ALA C 101 -29.06 -8.66 -30.97
N PRO C 102 -27.77 -8.44 -31.26
CA PRO C 102 -27.33 -8.25 -32.64
C PRO C 102 -27.83 -9.30 -33.64
N MET C 103 -28.05 -10.54 -33.17
CA MET C 103 -28.55 -11.61 -34.02
C MET C 103 -29.83 -11.22 -34.75
N ILE C 104 -30.65 -10.38 -34.12
CA ILE C 104 -31.91 -9.94 -34.72
C ILE C 104 -31.65 -9.24 -36.06
N GLU C 105 -30.81 -8.21 -36.06
CA GLU C 105 -30.53 -7.48 -37.30
C GLU C 105 -29.63 -8.30 -38.24
N LEU C 106 -28.82 -9.19 -37.65
CA LEU C 106 -27.92 -10.05 -38.43
C LEU C 106 -28.68 -10.99 -39.38
N ILE C 107 -29.70 -11.67 -38.86
CA ILE C 107 -30.46 -12.65 -39.65
C ILE C 107 -31.97 -12.38 -39.76
N GLY C 108 -32.53 -11.57 -38.86
CA GLY C 108 -33.96 -11.27 -38.86
C GLY C 108 -34.34 -10.17 -39.84
N SER C 109 -35.62 -9.81 -39.82
CA SER C 109 -36.17 -8.82 -40.76
C SER C 109 -36.15 -7.42 -40.18
N GLN C 110 -36.39 -6.43 -41.04
CA GLN C 110 -36.40 -5.02 -40.66
C GLN C 110 -37.51 -4.72 -39.64
N GLU C 111 -38.66 -5.36 -39.82
CA GLU C 111 -39.78 -5.21 -38.89
C GLU C 111 -39.43 -5.80 -37.52
N GLN C 112 -38.84 -6.99 -37.51
CA GLN C 112 -38.35 -7.62 -36.29
C GLN C 112 -37.29 -6.76 -35.61
N GLU C 113 -36.40 -6.19 -36.41
CA GLU C 113 -35.32 -5.33 -35.91
C GLU C 113 -35.90 -4.15 -35.12
N GLU C 114 -36.79 -3.40 -35.74
CA GLU C 114 -37.43 -2.25 -35.11
C GLU C 114 -38.21 -2.66 -33.85
N HIS C 115 -39.00 -3.72 -33.97
CA HIS C 115 -39.87 -4.14 -32.88
C HIS C 115 -39.09 -4.58 -31.63
N LEU C 116 -38.17 -5.52 -31.81
CA LEU C 116 -37.45 -6.11 -30.68
C LEU C 116 -36.42 -5.16 -30.05
N TYR C 117 -35.85 -4.26 -30.86
CA TYR C 117 -34.96 -3.22 -30.30
C TYR C 117 -35.76 -2.22 -29.47
N THR C 118 -36.93 -1.85 -29.95
CA THR C 118 -37.81 -0.95 -29.20
C THR C 118 -38.16 -1.58 -27.84
N GLN C 119 -38.55 -2.86 -27.87
CA GLN C 119 -39.00 -3.55 -26.66
C GLN C 119 -37.88 -3.79 -25.65
N ILE C 120 -36.71 -4.20 -26.13
CA ILE C 120 -35.54 -4.37 -25.26
C ILE C 120 -35.21 -3.05 -24.56
N ALA C 121 -35.17 -1.97 -25.34
CA ALA C 121 -34.83 -0.64 -24.81
C ALA C 121 -35.88 -0.10 -23.83
N GLN C 122 -37.15 -0.07 -24.22
CA GLN C 122 -38.18 0.54 -23.37
C GLN C 122 -38.47 -0.27 -22.11
N ASN C 123 -38.35 -1.60 -22.21
CA ASN C 123 -38.61 -2.49 -21.08
C ASN C 123 -37.35 -2.92 -20.33
N ASN C 124 -36.18 -2.54 -20.83
CA ASN C 124 -34.90 -2.94 -20.23
C ASN C 124 -34.83 -4.45 -20.05
N TRP C 125 -34.86 -5.19 -21.16
CA TRP C 125 -34.89 -6.64 -21.11
C TRP C 125 -33.50 -7.26 -21.01
N TRP C 126 -33.37 -8.22 -20.11
CA TRP C 126 -32.28 -9.19 -20.15
C TRP C 126 -32.57 -10.20 -21.26
N THR C 127 -31.53 -10.58 -21.98
CA THR C 127 -31.65 -11.64 -22.98
C THR C 127 -30.83 -12.82 -22.50
N GLY C 128 -31.24 -14.01 -22.91
CA GLY C 128 -30.49 -15.22 -22.64
C GLY C 128 -30.29 -15.96 -23.95
N ASN C 129 -29.72 -17.15 -23.88
CA ASN C 129 -29.62 -17.98 -25.06
C ASN C 129 -29.67 -19.47 -24.71
N ALA C 130 -30.01 -20.27 -25.71
CA ALA C 130 -30.01 -21.72 -25.59
C ALA C 130 -29.68 -22.30 -26.96
N SER C 131 -28.42 -22.68 -27.15
CA SER C 131 -27.91 -23.17 -28.43
C SER C 131 -27.22 -24.53 -28.30
N SER C 132 -26.18 -24.59 -27.47
CA SER C 132 -25.36 -25.80 -27.32
C SER C 132 -25.96 -26.76 -26.29
N GLU C 133 -25.60 -28.04 -26.42
CA GLU C 133 -26.16 -29.09 -25.55
C GLU C 133 -25.16 -30.23 -25.34
N ASN C 134 -25.54 -31.20 -24.51
CA ASN C 134 -24.66 -32.29 -24.10
C ASN C 134 -24.92 -33.57 -24.91
N ASN C 135 -24.17 -33.72 -26.01
CA ASN C 135 -24.24 -34.91 -26.85
C ASN C 135 -22.81 -35.34 -27.24
N SER C 136 -22.67 -36.19 -28.26
CA SER C 136 -21.36 -36.73 -28.66
C SER C 136 -20.31 -35.66 -28.96
N HIS C 137 -20.74 -34.58 -29.60
CA HIS C 137 -19.86 -33.45 -29.91
C HIS C 137 -20.66 -32.16 -30.10
N VAL C 138 -19.94 -31.04 -30.20
CA VAL C 138 -20.56 -29.70 -30.29
C VAL C 138 -21.48 -29.53 -31.50
N LEU C 139 -21.17 -30.21 -32.60
CA LEU C 139 -21.98 -30.15 -33.83
C LEU C 139 -22.98 -31.31 -33.91
N ASP C 140 -23.81 -31.45 -32.87
CA ASP C 140 -24.84 -32.48 -32.84
C ASP C 140 -25.90 -32.11 -31.81
N TRP C 141 -27.09 -31.75 -32.29
CA TRP C 141 -28.18 -31.29 -31.43
C TRP C 141 -29.37 -32.24 -31.43
N LYS C 142 -29.96 -32.42 -30.26
CA LYS C 142 -31.19 -33.21 -30.10
C LYS C 142 -32.45 -32.35 -29.92
N VAL C 143 -32.28 -31.05 -29.60
CA VAL C 143 -33.41 -30.15 -29.42
C VAL C 143 -34.12 -29.94 -30.78
N ARG C 144 -35.26 -30.59 -30.95
CA ARG C 144 -35.94 -30.63 -32.25
C ARG C 144 -37.08 -29.62 -32.33
N ALA C 145 -37.47 -29.30 -33.56
CA ALA C 145 -38.52 -28.33 -33.84
C ALA C 145 -39.54 -28.88 -34.85
N THR C 146 -40.81 -28.95 -34.44
CA THR C 146 -41.88 -29.47 -35.27
C THR C 146 -42.66 -28.32 -35.91
N PRO C 147 -42.66 -28.23 -37.27
CA PRO C 147 -43.41 -27.16 -37.93
C PRO C 147 -44.91 -27.21 -37.65
N THR C 148 -45.55 -26.05 -37.71
CA THR C 148 -46.99 -25.94 -37.44
C THR C 148 -47.75 -25.50 -38.70
N GLU C 149 -49.06 -25.39 -38.58
CA GLU C 149 -49.92 -25.01 -39.71
C GLU C 149 -49.71 -23.56 -40.13
N ASP C 150 -49.67 -22.65 -39.14
CA ASP C 150 -49.56 -21.20 -39.42
C ASP C 150 -48.15 -20.72 -39.80
N GLY C 151 -47.17 -21.61 -39.78
CA GLY C 151 -45.80 -21.27 -40.18
C GLY C 151 -44.80 -21.30 -39.05
N GLY C 152 -45.29 -21.36 -37.81
CA GLY C 152 -44.42 -21.40 -36.63
C GLY C 152 -43.77 -22.76 -36.41
N TYR C 153 -43.28 -22.97 -35.19
CA TYR C 153 -42.63 -24.24 -34.82
C TYR C 153 -42.89 -24.59 -33.36
N VAL C 154 -42.90 -25.89 -33.06
CA VAL C 154 -43.02 -26.39 -31.70
C VAL C 154 -41.69 -26.99 -31.26
N LEU C 155 -41.07 -26.38 -30.25
CA LEU C 155 -39.78 -26.83 -29.74
C LEU C 155 -39.94 -27.91 -28.68
N ASN C 156 -39.09 -28.93 -28.76
CA ASN C 156 -39.01 -29.99 -27.75
C ASN C 156 -37.57 -30.41 -27.51
N GLY C 157 -37.28 -30.83 -26.28
CA GLY C 157 -35.96 -31.32 -25.91
C GLY C 157 -35.33 -30.53 -24.78
N THR C 158 -34.08 -30.87 -24.47
CA THR C 158 -33.34 -30.23 -23.40
C THR C 158 -32.08 -29.58 -23.94
N LYS C 159 -31.83 -28.35 -23.54
CA LYS C 159 -30.60 -27.64 -23.88
C LYS C 159 -29.77 -27.48 -22.62
N HIS C 160 -28.53 -27.95 -22.66
CA HIS C 160 -27.71 -28.12 -21.45
C HIS C 160 -26.86 -26.89 -21.09
N PHE C 161 -26.32 -26.21 -22.10
CA PHE C 161 -25.55 -24.98 -21.88
C PHE C 161 -26.35 -23.77 -22.31
N CYS C 162 -26.73 -22.92 -21.33
CA CYS C 162 -27.62 -21.79 -21.57
C CYS C 162 -27.29 -20.61 -20.67
N SER C 163 -26.36 -19.76 -21.09
CA SER C 163 -25.96 -18.62 -20.26
C SER C 163 -27.06 -17.57 -20.19
N GLY C 164 -27.55 -17.34 -18.98
CA GLY C 164 -28.52 -16.28 -18.72
C GLY C 164 -29.96 -16.59 -19.03
N ALA C 165 -30.23 -17.80 -19.53
CA ALA C 165 -31.61 -18.22 -19.85
C ALA C 165 -32.53 -17.98 -18.66
N LYS C 166 -32.09 -18.44 -17.49
CA LYS C 166 -32.80 -18.21 -16.23
C LYS C 166 -32.82 -16.72 -15.89
N GLY C 167 -34.03 -16.16 -15.83
CA GLY C 167 -34.21 -14.75 -15.49
C GLY C 167 -34.00 -13.78 -16.64
N SER C 168 -33.99 -14.30 -17.88
CA SER C 168 -34.04 -13.43 -19.06
C SER C 168 -35.50 -13.12 -19.36
N ASP C 169 -35.72 -12.04 -20.11
CA ASP C 169 -37.03 -11.68 -20.61
C ASP C 169 -37.23 -12.20 -22.05
N LEU C 170 -36.16 -12.17 -22.83
CA LEU C 170 -36.18 -12.64 -24.22
C LEU C 170 -35.15 -13.74 -24.39
N LEU C 171 -35.59 -14.92 -24.82
CA LEU C 171 -34.71 -16.06 -25.00
C LEU C 171 -34.45 -16.34 -26.48
N PHE C 172 -33.17 -16.45 -26.83
CA PHE C 172 -32.76 -16.82 -28.18
C PHE C 172 -32.50 -18.32 -28.24
N VAL C 173 -33.35 -19.04 -28.96
CA VAL C 173 -33.32 -20.49 -28.99
C VAL C 173 -33.09 -21.01 -30.40
N PHE C 174 -32.45 -22.17 -30.49
CA PHE C 174 -32.20 -22.85 -31.75
C PHE C 174 -32.71 -24.28 -31.68
N GLY C 175 -33.60 -24.64 -32.60
CA GLY C 175 -34.07 -26.01 -32.75
C GLY C 175 -33.60 -26.58 -34.08
N VAL C 176 -33.91 -27.85 -34.32
CA VAL C 176 -33.56 -28.52 -35.57
C VAL C 176 -34.77 -29.27 -36.11
N VAL C 177 -35.05 -29.09 -37.40
CA VAL C 177 -36.13 -29.84 -38.07
C VAL C 177 -35.68 -31.28 -38.26
N GLN C 178 -36.22 -32.17 -37.43
CA GLN C 178 -35.90 -33.59 -37.48
C GLN C 178 -37.14 -34.38 -37.88
N ASP C 179 -37.72 -34.02 -39.02
CA ASP C 179 -38.90 -34.70 -39.57
C ASP C 179 -38.90 -34.67 -41.10
N ASP C 180 -39.77 -35.47 -41.70
CA ASP C 180 -39.87 -35.58 -43.15
C ASP C 180 -40.29 -34.24 -43.76
N SER C 181 -39.32 -33.53 -44.33
CA SER C 181 -39.56 -32.23 -44.96
C SER C 181 -38.38 -31.82 -45.83
N PRO C 182 -38.59 -30.84 -46.73
CA PRO C 182 -37.48 -30.25 -47.48
C PRO C 182 -36.46 -29.54 -46.57
N GLN C 183 -36.93 -29.04 -45.42
CA GLN C 183 -36.08 -28.36 -44.44
C GLN C 183 -35.52 -29.31 -43.38
N GLN C 184 -35.40 -30.60 -43.71
CA GLN C 184 -34.79 -31.59 -42.80
C GLN C 184 -33.37 -31.16 -42.41
N GLY C 185 -33.14 -31.01 -41.11
CA GLY C 185 -31.83 -30.63 -40.59
C GLY C 185 -31.56 -29.13 -40.61
N ALA C 186 -32.59 -28.32 -40.81
CA ALA C 186 -32.46 -26.87 -40.85
C ALA C 186 -32.45 -26.29 -39.45
N ILE C 187 -31.48 -25.43 -39.16
CA ILE C 187 -31.38 -24.75 -37.87
C ILE C 187 -32.36 -23.58 -37.85
N ILE C 188 -33.36 -23.66 -36.99
CA ILE C 188 -34.36 -22.60 -36.88
C ILE C 188 -33.99 -21.66 -35.74
N ALA C 189 -33.68 -20.41 -36.07
CA ALA C 189 -33.35 -19.39 -35.08
C ALA C 189 -34.62 -18.67 -34.64
N ALA C 190 -34.88 -18.66 -33.34
CA ALA C 190 -36.11 -18.07 -32.80
C ALA C 190 -35.82 -17.17 -31.59
N ALA C 191 -36.51 -16.04 -31.55
CA ALA C 191 -36.44 -15.13 -30.40
C ALA C 191 -37.80 -15.12 -29.72
N ILE C 192 -37.91 -15.83 -28.60
CA ILE C 192 -39.18 -15.98 -27.89
C ILE C 192 -39.08 -15.44 -26.47
N PRO C 193 -40.23 -15.07 -25.88
CA PRO C 193 -40.21 -14.65 -24.47
C PRO C 193 -39.90 -15.83 -23.56
N THR C 194 -39.14 -15.56 -22.49
CA THR C 194 -38.71 -16.60 -21.56
C THR C 194 -39.85 -17.11 -20.69
N SER C 195 -40.91 -16.31 -20.58
CA SER C 195 -42.10 -16.70 -19.84
C SER C 195 -42.99 -17.69 -20.59
N ARG C 196 -42.78 -17.80 -21.91
CA ARG C 196 -43.58 -18.71 -22.75
C ARG C 196 -43.81 -20.07 -22.07
N ALA C 197 -45.06 -20.52 -22.10
CA ALA C 197 -45.44 -21.79 -21.48
C ALA C 197 -44.62 -22.95 -22.03
N GLY C 198 -44.10 -23.78 -21.14
CA GLY C 198 -43.27 -24.92 -21.51
C GLY C 198 -41.78 -24.65 -21.50
N VAL C 199 -41.38 -23.43 -21.12
CA VAL C 199 -39.98 -23.05 -21.03
C VAL C 199 -39.55 -23.02 -19.56
N THR C 200 -38.75 -24.00 -19.15
CA THR C 200 -38.28 -24.09 -17.77
C THR C 200 -36.74 -24.03 -17.71
N PRO C 201 -36.18 -22.82 -17.53
CA PRO C 201 -34.74 -22.67 -17.23
C PRO C 201 -34.44 -23.24 -15.85
N ASN C 202 -33.59 -24.27 -15.79
CA ASN C 202 -33.30 -24.93 -14.52
C ASN C 202 -32.20 -24.21 -13.74
N ASP C 203 -32.19 -24.43 -12.42
CA ASP C 203 -31.18 -23.86 -11.53
C ASP C 203 -30.23 -24.99 -11.13
N ASP C 204 -29.52 -25.49 -12.14
CA ASP C 204 -28.61 -26.63 -11.99
C ASP C 204 -27.17 -26.31 -12.40
N TRP C 205 -26.85 -25.03 -12.54
CA TRP C 205 -25.49 -24.61 -12.90
C TRP C 205 -24.56 -24.76 -11.71
N ALA C 206 -23.44 -25.43 -11.95
CA ALA C 206 -22.37 -25.56 -10.97
C ALA C 206 -21.04 -25.62 -11.70
N ALA C 207 -20.04 -24.97 -11.14
CA ALA C 207 -18.72 -24.92 -11.75
C ALA C 207 -17.72 -24.36 -10.73
N ILE C 208 -16.44 -24.66 -10.91
CA ILE C 208 -15.40 -24.13 -10.02
C ILE C 208 -15.39 -22.60 -10.08
N GLY C 209 -15.68 -22.06 -11.26
CA GLY C 209 -15.76 -20.61 -11.48
C GLY C 209 -16.97 -20.24 -12.33
N MET C 210 -17.07 -18.95 -12.67
CA MET C 210 -18.24 -18.41 -13.36
C MET C 210 -19.53 -18.89 -12.68
N ARG C 211 -19.53 -18.81 -11.35
CA ARG C 211 -20.55 -19.46 -10.53
C ARG C 211 -21.91 -18.77 -10.60
N GLN C 212 -21.92 -17.50 -10.97
CA GLN C 212 -23.17 -16.74 -11.05
C GLN C 212 -23.54 -16.37 -12.48
N THR C 213 -23.19 -17.22 -13.44
CA THR C 213 -23.50 -16.98 -14.85
C THR C 213 -24.77 -17.69 -15.32
N ASP C 214 -25.37 -18.51 -14.45
CA ASP C 214 -26.59 -19.25 -14.77
C ASP C 214 -26.50 -19.99 -16.09
N SER C 215 -25.41 -20.74 -16.28
CA SER C 215 -25.19 -21.49 -17.52
C SER C 215 -25.71 -22.93 -17.42
N GLY C 216 -26.87 -23.09 -16.78
CA GLY C 216 -27.47 -24.41 -16.57
C GLY C 216 -28.28 -24.86 -17.77
N SER C 217 -29.07 -25.92 -17.58
CA SER C 217 -29.90 -26.48 -18.64
C SER C 217 -31.28 -25.83 -18.65
N THR C 218 -31.87 -25.74 -19.84
CA THR C 218 -33.21 -25.23 -20.03
C THR C 218 -34.02 -26.29 -20.78
N ASP C 219 -35.14 -26.70 -20.18
CA ASP C 219 -36.00 -27.71 -20.75
C ASP C 219 -37.15 -27.08 -21.54
N PHE C 220 -37.48 -27.68 -22.69
CA PHE C 220 -38.56 -27.21 -23.55
C PHE C 220 -39.61 -28.32 -23.70
N HIS C 221 -40.86 -28.00 -23.37
CA HIS C 221 -41.97 -28.97 -23.44
C HIS C 221 -43.13 -28.38 -24.27
N ASN C 222 -43.20 -28.78 -25.54
CA ASN C 222 -44.22 -28.29 -26.49
C ASN C 222 -44.30 -26.76 -26.50
N VAL C 223 -43.14 -26.13 -26.68
CA VAL C 223 -43.03 -24.67 -26.69
C VAL C 223 -43.30 -24.14 -28.09
N LYS C 224 -44.33 -23.30 -28.20
CA LYS C 224 -44.69 -22.69 -29.48
C LYS C 224 -43.72 -21.56 -29.84
N VAL C 225 -43.43 -21.44 -31.13
CA VAL C 225 -42.65 -20.34 -31.67
C VAL C 225 -43.49 -19.67 -32.75
N GLU C 226 -43.97 -18.46 -32.45
CA GLU C 226 -44.86 -17.73 -33.36
C GLU C 226 -44.17 -17.47 -34.70
N PRO C 227 -44.93 -17.44 -35.81
CA PRO C 227 -44.33 -17.20 -37.13
C PRO C 227 -43.35 -16.03 -37.19
N ASP C 228 -43.75 -14.88 -36.65
CA ASP C 228 -42.91 -13.67 -36.71
C ASP C 228 -41.84 -13.59 -35.60
N GLU C 229 -41.73 -14.63 -34.78
CA GLU C 229 -40.62 -14.77 -33.83
C GLU C 229 -39.43 -15.52 -34.44
N VAL C 230 -39.63 -16.10 -35.63
CA VAL C 230 -38.58 -16.83 -36.33
C VAL C 230 -37.64 -15.84 -37.03
N LEU C 231 -36.35 -15.96 -36.75
CA LEU C 231 -35.33 -15.04 -37.26
C LEU C 231 -34.80 -15.50 -38.61
N GLY C 232 -35.32 -14.92 -39.68
CA GLY C 232 -34.88 -15.25 -41.04
C GLY C 232 -35.46 -16.56 -41.53
N ALA C 233 -34.90 -17.06 -42.63
CA ALA C 233 -35.36 -18.31 -43.23
C ALA C 233 -34.82 -19.50 -42.43
N PRO C 234 -35.35 -20.71 -42.71
CA PRO C 234 -34.78 -21.90 -42.07
C PRO C 234 -33.31 -22.09 -42.44
N ASN C 235 -32.49 -22.39 -41.43
CA ASN C 235 -31.06 -22.63 -41.64
C ASN C 235 -30.30 -21.34 -41.99
N ALA C 236 -30.87 -20.20 -41.62
CA ALA C 236 -30.33 -18.89 -42.02
C ALA C 236 -28.91 -18.64 -41.50
N PHE C 237 -28.63 -19.12 -40.28
CA PHE C 237 -27.29 -18.98 -39.70
C PHE C 237 -26.25 -19.82 -40.44
N VAL C 238 -26.65 -20.98 -40.95
CA VAL C 238 -25.76 -21.83 -41.73
C VAL C 238 -25.45 -21.18 -43.07
N LEU C 239 -26.50 -20.76 -43.79
CA LEU C 239 -26.33 -20.08 -45.09
C LEU C 239 -25.45 -18.84 -44.98
N ALA C 240 -25.60 -18.09 -43.89
CA ALA C 240 -24.77 -16.90 -43.65
C ALA C 240 -23.31 -17.27 -43.40
N PHE C 241 -23.06 -18.34 -42.65
CA PHE C 241 -21.70 -18.82 -42.39
C PHE C 241 -21.01 -19.30 -43.65
N ILE C 242 -21.73 -20.05 -44.48
CA ILE C 242 -21.18 -20.60 -45.72
C ILE C 242 -20.72 -19.48 -46.66
N GLN C 243 -21.46 -18.37 -46.70
CA GLN C 243 -21.16 -17.26 -47.61
C GLN C 243 -20.29 -16.16 -47.00
N SER C 244 -20.00 -16.28 -45.71
CA SER C 244 -19.34 -15.20 -44.95
C SER C 244 -20.12 -13.88 -45.04
N GLU C 245 -21.45 -13.99 -44.99
CA GLU C 245 -22.34 -12.83 -44.98
C GLU C 245 -22.46 -12.25 -43.57
N ARG C 246 -23.23 -11.18 -43.42
CA ARG C 246 -23.29 -10.45 -42.15
C ARG C 246 -23.49 -11.34 -40.94
N GLY C 247 -24.39 -12.32 -41.06
CA GLY C 247 -24.67 -13.29 -39.98
C GLY C 247 -23.43 -13.96 -39.39
N SER C 248 -22.41 -14.16 -40.22
CA SER C 248 -21.16 -14.79 -39.79
C SER C 248 -20.24 -13.90 -38.93
N LEU C 249 -20.70 -12.71 -38.56
CA LEU C 249 -19.96 -11.88 -37.61
C LEU C 249 -20.25 -12.26 -36.16
N PHE C 250 -21.06 -13.29 -35.94
CA PHE C 250 -21.38 -13.77 -34.60
C PHE C 250 -20.12 -14.18 -33.83
N ALA C 251 -19.35 -15.08 -34.42
CA ALA C 251 -18.13 -15.62 -33.81
C ALA C 251 -17.11 -14.54 -33.41
N PRO C 252 -16.74 -13.63 -34.34
CA PRO C 252 -15.80 -12.57 -33.95
C PRO C 252 -16.34 -11.61 -32.87
N ILE C 253 -17.65 -11.34 -32.88
CA ILE C 253 -18.30 -10.56 -31.84
C ILE C 253 -18.16 -11.28 -30.50
N ALA C 254 -18.72 -12.47 -30.44
CA ALA C 254 -18.71 -13.28 -29.21
C ALA C 254 -17.29 -13.46 -28.67
N GLN C 255 -16.40 -13.96 -29.53
CA GLN C 255 -15.02 -14.28 -29.12
C GLN C 255 -14.25 -13.07 -28.61
N LEU C 256 -14.44 -11.93 -29.27
CA LEU C 256 -13.80 -10.69 -28.82
C LEU C 256 -14.33 -10.21 -27.47
N ILE C 257 -15.63 -10.38 -27.23
CA ILE C 257 -16.19 -10.06 -25.91
C ILE C 257 -15.63 -11.00 -24.85
N PHE C 258 -15.57 -12.30 -25.16
CA PHE C 258 -14.97 -13.28 -24.24
C PHE C 258 -13.54 -12.89 -23.83
N ALA C 259 -12.72 -12.54 -24.81
CA ALA C 259 -11.33 -12.18 -24.54
C ALA C 259 -11.24 -10.98 -23.59
N ASN C 260 -12.13 -10.02 -23.78
CA ASN C 260 -12.15 -8.81 -22.95
C ASN C 260 -12.67 -9.07 -21.54
N VAL C 261 -13.44 -10.14 -21.38
CA VAL C 261 -13.83 -10.60 -20.04
C VAL C 261 -12.61 -11.15 -19.33
N TYR C 262 -11.81 -11.97 -20.02
CA TYR C 262 -10.59 -12.49 -19.41
C TYR C 262 -9.66 -11.34 -19.03
N LEU C 263 -9.49 -10.39 -19.93
CA LEU C 263 -8.63 -9.24 -19.69
C LEU C 263 -9.11 -8.40 -18.51
N GLY C 264 -10.42 -8.20 -18.39
CA GLY C 264 -11.00 -7.50 -17.24
C GLY C 264 -10.69 -8.22 -15.93
N ILE C 265 -10.93 -9.53 -15.93
CA ILE C 265 -10.63 -10.39 -14.77
C ILE C 265 -9.15 -10.34 -14.36
N ALA C 266 -8.25 -10.34 -15.36
CA ALA C 266 -6.82 -10.21 -15.07
C ALA C 266 -6.49 -8.87 -14.40
N HIS C 267 -7.15 -7.80 -14.83
CA HIS C 267 -7.01 -6.49 -14.18
C HIS C 267 -7.57 -6.54 -12.77
N GLY C 268 -8.66 -7.29 -12.58
CA GLY C 268 -9.19 -7.54 -11.24
C GLY C 268 -8.17 -8.24 -10.37
N ALA C 269 -7.60 -9.31 -10.90
CA ALA C 269 -6.56 -10.06 -10.19
C ALA C 269 -5.38 -9.19 -9.80
N LEU C 270 -4.84 -8.45 -10.76
CA LEU C 270 -3.66 -7.61 -10.53
C LEU C 270 -3.94 -6.47 -9.54
N ASP C 271 -5.09 -5.82 -9.71
CA ASP C 271 -5.47 -4.70 -8.84
C ASP C 271 -5.70 -5.16 -7.40
N ALA C 272 -6.34 -6.32 -7.24
CA ALA C 272 -6.55 -6.90 -5.91
C ALA C 272 -5.23 -7.33 -5.29
N ALA C 273 -4.35 -7.95 -6.09
CA ALA C 273 -3.00 -8.30 -5.63
C ALA C 273 -2.23 -7.06 -5.18
N ARG C 274 -2.25 -6.02 -6.03
CA ARG C 274 -1.54 -4.78 -5.75
C ARG C 274 -1.94 -4.20 -4.40
N GLU C 275 -3.24 -4.02 -4.20
CA GLU C 275 -3.79 -3.53 -2.93
C GLU C 275 -3.26 -4.34 -1.74
N TYR C 276 -3.29 -5.67 -1.85
CA TYR C 276 -2.82 -6.55 -0.77
C TYR C 276 -1.33 -6.38 -0.48
N THR C 277 -0.52 -6.29 -1.53
CA THR C 277 0.92 -6.07 -1.38
C THR C 277 1.23 -4.77 -0.62
N ARG C 278 0.41 -3.76 -0.81
CA ARG C 278 0.60 -2.44 -0.18
C ARG C 278 0.18 -2.39 1.28
N THR C 279 -0.70 -3.32 1.68
CA THR C 279 -1.34 -3.27 2.99
C THR C 279 -0.99 -4.47 3.88
N GLN C 280 -1.13 -5.68 3.34
CA GLN C 280 -1.04 -6.91 4.13
C GLN C 280 0.27 -7.69 3.94
N ALA C 281 0.81 -7.69 2.73
CA ALA C 281 2.02 -8.47 2.46
C ALA C 281 3.16 -8.04 3.36
N ARG C 282 4.05 -8.99 3.63
CA ARG C 282 5.20 -8.75 4.49
C ARG C 282 6.47 -9.11 3.74
N PRO C 283 7.58 -8.44 4.09
CA PRO C 283 8.83 -8.70 3.40
C PRO C 283 9.44 -10.02 3.87
N TRP C 284 10.36 -10.54 3.07
CA TRP C 284 11.12 -11.72 3.45
C TRP C 284 12.35 -11.27 4.24
N THR C 285 12.25 -11.31 5.57
CA THR C 285 13.31 -10.82 6.45
C THR C 285 14.65 -11.58 6.33
N PRO C 286 14.62 -12.90 6.05
CA PRO C 286 15.93 -13.57 5.86
C PRO C 286 16.75 -12.98 4.71
N ALA C 287 16.09 -12.53 3.64
CA ALA C 287 16.78 -11.91 2.51
C ALA C 287 17.15 -10.44 2.76
N GLY C 288 16.78 -9.92 3.92
CA GLY C 288 17.12 -8.55 4.32
C GLY C 288 16.24 -7.48 3.71
N ILE C 289 15.03 -7.85 3.29
CA ILE C 289 14.12 -6.91 2.62
C ILE C 289 13.34 -6.14 3.68
N GLN C 290 13.36 -4.81 3.58
CA GLN C 290 12.73 -3.94 4.58
C GLN C 290 11.21 -3.94 4.47
N GLN C 291 10.70 -3.70 3.27
CA GLN C 291 9.27 -3.61 3.02
C GLN C 291 8.86 -4.45 1.83
N ALA C 292 7.61 -4.94 1.86
CA ALA C 292 7.11 -5.86 0.84
C ALA C 292 7.17 -5.25 -0.56
N THR C 293 6.95 -3.94 -0.65
CA THR C 293 6.94 -3.23 -1.92
C THR C 293 8.33 -2.87 -2.48
N GLU C 294 9.40 -3.11 -1.72
CA GLU C 294 10.77 -2.85 -2.20
C GLU C 294 11.47 -4.12 -2.70
N ASP C 295 10.83 -5.27 -2.57
CA ASP C 295 11.42 -6.53 -3.02
C ASP C 295 11.61 -6.46 -4.54
N PRO C 296 12.84 -6.73 -5.03
CA PRO C 296 13.09 -6.61 -6.46
C PRO C 296 12.38 -7.67 -7.29
N TYR C 297 12.10 -8.83 -6.71
CA TYR C 297 11.43 -9.90 -7.44
C TYR C 297 9.92 -9.70 -7.46
N THR C 298 9.37 -9.15 -6.39
CA THR C 298 7.98 -8.69 -6.41
C THR C 298 7.79 -7.61 -7.47
N ILE C 299 8.72 -6.65 -7.50
CA ILE C 299 8.70 -5.57 -8.49
C ILE C 299 8.79 -6.10 -9.93
N ARG C 300 9.69 -7.05 -10.16
CA ARG C 300 9.81 -7.70 -11.47
C ARG C 300 8.49 -8.36 -11.87
N SER C 301 7.92 -9.13 -10.95
CA SER C 301 6.66 -9.84 -11.21
C SER C 301 5.54 -8.91 -11.61
N TYR C 302 5.36 -7.80 -10.89
CA TYR C 302 4.31 -6.83 -11.22
C TYR C 302 4.55 -6.19 -12.58
N GLY C 303 5.81 -5.98 -12.92
CA GLY C 303 6.16 -5.46 -14.24
C GLY C 303 5.75 -6.41 -15.33
N GLU C 304 6.07 -7.69 -15.17
CA GLU C 304 5.68 -8.73 -16.13
C GLU C 304 4.17 -8.83 -16.29
N PHE C 305 3.45 -8.85 -15.17
CA PHE C 305 1.98 -8.90 -15.23
C PHE C 305 1.47 -7.72 -16.05
N THR C 306 1.93 -6.52 -15.70
CA THR C 306 1.55 -5.30 -16.41
C THR C 306 1.85 -5.42 -17.91
N ILE C 307 3.07 -5.81 -18.23
CA ILE C 307 3.56 -5.83 -19.62
C ILE C 307 2.77 -6.81 -20.48
N ALA C 308 2.51 -7.99 -19.93
CA ALA C 308 1.71 -9.00 -20.61
C ALA C 308 0.32 -8.46 -20.95
N LEU C 309 -0.27 -7.70 -20.02
CA LEU C 309 -1.59 -7.09 -20.25
C LEU C 309 -1.51 -5.91 -21.21
N GLN C 310 -0.43 -5.14 -21.13
CA GLN C 310 -0.20 -4.01 -22.03
C GLN C 310 -0.36 -4.47 -23.48
N GLY C 311 0.34 -5.53 -23.85
CA GLY C 311 0.28 -6.08 -25.19
C GLY C 311 -1.06 -6.69 -25.57
N ALA C 312 -1.64 -7.45 -24.65
CA ALA C 312 -2.94 -8.10 -24.89
C ALA C 312 -4.09 -7.11 -25.03
N ASP C 313 -4.10 -6.08 -24.18
CA ASP C 313 -5.13 -5.04 -24.22
C ASP C 313 -5.06 -4.23 -25.50
N ALA C 314 -3.84 -3.90 -25.93
CA ALA C 314 -3.63 -3.16 -27.17
C ALA C 314 -4.21 -3.92 -28.36
N ALA C 315 -3.93 -5.21 -28.43
CA ALA C 315 -4.46 -6.06 -29.50
C ALA C 315 -5.99 -6.09 -29.48
N ALA C 316 -6.56 -6.28 -28.30
CA ALA C 316 -8.01 -6.24 -28.12
C ALA C 316 -8.57 -4.93 -28.63
N ARG C 317 -7.99 -3.82 -28.17
CA ARG C 317 -8.42 -2.49 -28.61
C ARG C 317 -8.37 -2.29 -30.12
N GLU C 318 -7.32 -2.77 -30.78
CA GLU C 318 -7.24 -2.70 -32.25
C GLU C 318 -8.37 -3.50 -32.90
N ALA C 319 -8.59 -4.72 -32.41
CA ALA C 319 -9.61 -5.61 -32.97
C ALA C 319 -11.05 -5.14 -32.72
N ALA C 320 -11.23 -4.29 -31.72
CA ALA C 320 -12.53 -3.65 -31.49
C ALA C 320 -12.79 -2.59 -32.56
N HIS C 321 -11.74 -1.88 -32.97
CA HIS C 321 -11.85 -0.90 -34.05
C HIS C 321 -12.08 -1.59 -35.40
N LEU C 322 -11.40 -2.72 -35.61
CA LEU C 322 -11.59 -3.48 -36.84
C LEU C 322 -12.99 -4.10 -36.92
N LEU C 323 -13.55 -4.49 -35.77
CA LEU C 323 -14.93 -4.96 -35.70
C LEU C 323 -15.91 -3.86 -36.14
N GLN C 324 -15.64 -2.62 -35.73
CA GLN C 324 -16.52 -1.50 -36.06
C GLN C 324 -16.51 -1.15 -37.55
N THR C 325 -15.32 -1.18 -38.17
CA THR C 325 -15.21 -0.89 -39.60
C THR C 325 -15.97 -1.95 -40.41
N VAL C 326 -15.80 -3.21 -40.03
CA VAL C 326 -16.49 -4.32 -40.68
C VAL C 326 -18.00 -4.23 -40.43
N TRP C 327 -18.36 -3.82 -39.23
CA TRP C 327 -19.77 -3.64 -38.87
C TRP C 327 -20.42 -2.53 -39.71
N ASP C 328 -19.72 -1.41 -39.86
CA ASP C 328 -20.25 -0.28 -40.63
C ASP C 328 -20.36 -0.55 -42.13
N LYS C 329 -19.59 -1.50 -42.65
CA LYS C 329 -19.72 -1.93 -44.05
C LYS C 329 -21.11 -2.50 -44.36
N GLY C 330 -21.75 -3.11 -43.38
CA GLY C 330 -23.11 -3.64 -43.55
C GLY C 330 -23.14 -4.90 -44.38
N ASP C 331 -24.08 -4.98 -45.32
CA ASP C 331 -24.21 -6.14 -46.20
C ASP C 331 -23.05 -6.28 -47.19
N ALA C 332 -22.31 -5.20 -47.41
CA ALA C 332 -21.20 -5.17 -48.37
C ALA C 332 -19.87 -5.69 -47.83
N LEU C 333 -19.88 -6.35 -46.67
CA LEU C 333 -18.66 -6.96 -46.13
C LEU C 333 -18.29 -8.20 -46.95
N THR C 334 -17.00 -8.33 -47.26
CA THR C 334 -16.50 -9.42 -48.08
C THR C 334 -16.06 -10.59 -47.22
N PRO C 335 -15.88 -11.79 -47.81
CA PRO C 335 -15.30 -12.90 -47.06
C PRO C 335 -13.87 -12.60 -46.57
N GLU C 336 -13.15 -11.76 -47.30
CA GLU C 336 -11.82 -11.32 -46.87
C GLU C 336 -11.94 -10.46 -45.62
N ASP C 337 -12.90 -9.55 -45.59
CA ASP C 337 -13.10 -8.67 -44.43
C ASP C 337 -13.38 -9.50 -43.18
N ARG C 338 -14.29 -10.45 -43.32
CA ARG C 338 -14.69 -11.32 -42.21
C ARG C 338 -13.56 -12.23 -41.78
N GLY C 339 -12.82 -12.75 -42.75
CA GLY C 339 -11.70 -13.65 -42.49
C GLY C 339 -10.59 -13.01 -41.69
N GLU C 340 -10.13 -11.84 -42.15
CA GLU C 340 -9.08 -11.07 -41.47
C GLU C 340 -9.51 -10.68 -40.05
N LEU C 341 -10.77 -10.24 -39.91
CA LEU C 341 -11.32 -9.86 -38.60
C LEU C 341 -11.26 -11.04 -37.63
N MET C 342 -11.71 -12.21 -38.09
CA MET C 342 -11.73 -13.40 -37.25
C MET C 342 -10.32 -13.84 -36.88
N VAL C 343 -9.39 -13.74 -37.84
CA VAL C 343 -7.99 -14.04 -37.56
C VAL C 343 -7.45 -13.16 -36.43
N LYS C 344 -7.76 -11.86 -36.47
CA LYS C 344 -7.32 -10.92 -35.43
C LYS C 344 -7.93 -11.24 -34.06
N VAL C 345 -9.22 -11.53 -34.04
CA VAL C 345 -9.92 -11.86 -32.79
C VAL C 345 -9.40 -13.18 -32.20
N SER C 346 -9.06 -14.12 -33.07
CA SER C 346 -8.52 -15.41 -32.63
C SER C 346 -7.17 -15.25 -31.95
N GLY C 347 -6.38 -14.29 -32.40
CA GLY C 347 -5.13 -13.94 -31.74
C GLY C 347 -5.37 -13.29 -30.39
N VAL C 348 -6.34 -12.37 -30.36
CA VAL C 348 -6.70 -11.68 -29.13
C VAL C 348 -7.21 -12.68 -28.09
N LYS C 349 -8.07 -13.61 -28.52
CA LYS C 349 -8.59 -14.64 -27.62
C LYS C 349 -7.45 -15.42 -26.96
N ALA C 350 -6.43 -15.74 -27.75
CA ALA C 350 -5.23 -16.44 -27.25
C ALA C 350 -4.43 -15.61 -26.25
N LEU C 351 -4.05 -14.39 -26.62
CA LEU C 351 -3.32 -13.48 -25.73
C LEU C 351 -4.02 -13.33 -24.38
N ALA C 352 -5.31 -13.01 -24.44
CA ALA C 352 -6.10 -12.79 -23.24
C ALA C 352 -6.17 -14.04 -22.36
N THR C 353 -6.35 -15.20 -22.98
CA THR C 353 -6.43 -16.47 -22.27
C THR C 353 -5.14 -16.76 -21.50
N ASN C 354 -4.01 -16.68 -22.20
CA ASN C 354 -2.70 -16.88 -21.57
C ASN C 354 -2.38 -15.83 -20.51
N ALA C 355 -2.61 -14.57 -20.84
CA ALA C 355 -2.31 -13.48 -19.93
C ALA C 355 -3.19 -13.54 -18.68
N ALA C 356 -4.44 -13.98 -18.83
CA ALA C 356 -5.35 -14.09 -17.70
C ALA C 356 -4.99 -15.25 -16.77
N LEU C 357 -4.74 -16.43 -17.35
CA LEU C 357 -4.29 -17.61 -16.58
C LEU C 357 -2.96 -17.35 -15.86
N ASN C 358 -2.01 -16.72 -16.55
CA ASN C 358 -0.70 -16.42 -15.97
C ASN C 358 -0.81 -15.46 -14.79
N ILE C 359 -1.58 -14.38 -14.97
CA ILE C 359 -1.68 -13.33 -13.97
C ILE C 359 -2.57 -13.72 -12.78
N SER C 360 -3.64 -14.47 -13.03
CA SER C 360 -4.54 -14.86 -11.95
C SER C 360 -3.92 -15.90 -11.01
N SER C 361 -3.02 -16.74 -11.52
CA SER C 361 -2.22 -17.64 -10.67
C SER C 361 -0.95 -16.97 -10.13
N GLY C 362 -0.17 -16.36 -11.02
CA GLY C 362 1.12 -15.76 -10.64
C GLY C 362 1.02 -14.72 -9.56
N VAL C 363 -0.08 -13.98 -9.55
CA VAL C 363 -0.39 -13.00 -8.51
C VAL C 363 -0.22 -13.54 -7.09
N PHE C 364 -0.48 -14.83 -6.89
CA PHE C 364 -0.31 -15.45 -5.56
C PHE C 364 1.14 -15.40 -5.07
N GLU C 365 2.10 -15.56 -5.97
CA GLU C 365 3.51 -15.49 -5.59
C GLU C 365 3.83 -14.20 -4.83
N VAL C 366 3.22 -13.09 -5.25
CA VAL C 366 3.47 -11.80 -4.58
C VAL C 366 2.45 -11.47 -3.49
N ILE C 367 1.36 -12.23 -3.41
CA ILE C 367 0.40 -12.08 -2.32
C ILE C 367 0.92 -12.77 -1.06
N GLY C 368 1.20 -14.07 -1.16
CA GLY C 368 1.82 -14.81 -0.05
C GLY C 368 0.87 -15.70 0.73
N ALA C 369 1.40 -16.35 1.76
CA ALA C 369 0.70 -17.41 2.49
C ALA C 369 -0.62 -16.97 3.10
N ARG C 370 -0.61 -15.88 3.87
CA ARG C 370 -1.82 -15.40 4.54
C ARG C 370 -2.95 -15.06 3.56
N GLY C 371 -2.59 -14.68 2.34
CA GLY C 371 -3.58 -14.36 1.31
C GLY C 371 -4.34 -15.54 0.72
N THR C 372 -3.99 -16.76 1.13
CA THR C 372 -4.77 -17.93 0.73
C THR C 372 -6.05 -18.13 1.57
N HIS C 373 -6.28 -17.29 2.57
CA HIS C 373 -7.46 -17.40 3.44
C HIS C 373 -8.76 -17.08 2.66
N PRO C 374 -9.82 -17.90 2.84
CA PRO C 374 -11.08 -17.74 2.07
C PRO C 374 -11.76 -16.38 2.12
N ARG C 375 -11.44 -15.55 3.10
CA ARG C 375 -12.07 -14.23 3.25
C ARG C 375 -11.62 -13.24 2.17
N TYR C 376 -10.47 -13.50 1.53
CA TYR C 376 -10.01 -12.67 0.42
C TYR C 376 -10.58 -13.16 -0.90
N GLY C 377 -10.85 -14.46 -0.99
CA GLY C 377 -11.36 -15.07 -2.21
C GLY C 377 -10.49 -14.76 -3.41
N PHE C 378 -9.18 -14.75 -3.22
CA PHE C 378 -8.27 -14.33 -4.29
C PHE C 378 -8.24 -15.29 -5.47
N ASP C 379 -8.49 -16.58 -5.23
CA ASP C 379 -8.50 -17.57 -6.32
C ASP C 379 -9.73 -17.47 -7.26
N ARG C 380 -10.72 -16.65 -6.91
CA ARG C 380 -11.89 -16.49 -7.79
C ARG C 380 -11.51 -16.08 -9.22
N PHE C 381 -10.54 -15.18 -9.36
CA PHE C 381 -10.11 -14.69 -10.69
C PHE C 381 -9.62 -15.82 -11.59
N TRP C 382 -8.78 -16.68 -11.03
CA TRP C 382 -8.25 -17.84 -11.76
C TRP C 382 -9.36 -18.83 -12.09
N ARG C 383 -10.18 -19.18 -11.09
CA ARG C 383 -11.29 -20.11 -11.31
C ARG C 383 -12.22 -19.62 -12.41
N ASN C 384 -12.54 -18.32 -12.39
CA ASN C 384 -13.42 -17.72 -13.39
C ASN C 384 -12.84 -17.82 -14.80
N VAL C 385 -11.57 -17.43 -14.95
CA VAL C 385 -10.88 -17.54 -16.23
C VAL C 385 -10.70 -19.00 -16.63
N ARG C 386 -10.27 -19.82 -15.67
CA ARG C 386 -9.98 -21.23 -15.95
C ARG C 386 -11.22 -21.97 -16.42
N THR C 387 -12.39 -21.59 -15.89
CA THR C 387 -13.64 -22.21 -16.27
C THR C 387 -14.03 -21.80 -17.69
N HIS C 388 -14.10 -20.50 -17.96
CA HIS C 388 -14.64 -20.05 -19.24
C HIS C 388 -13.67 -20.23 -20.42
N SER C 389 -12.37 -20.22 -20.17
CA SER C 389 -11.38 -20.43 -21.23
C SER C 389 -11.50 -21.81 -21.89
N LEU C 390 -12.28 -22.70 -21.31
CA LEU C 390 -12.59 -24.00 -21.90
C LEU C 390 -13.84 -23.97 -22.78
N HIS C 391 -14.48 -22.80 -22.91
CA HIS C 391 -15.66 -22.67 -23.78
C HIS C 391 -15.38 -23.27 -25.15
N ASP C 392 -14.29 -22.83 -25.77
CA ASP C 392 -13.81 -23.42 -27.00
C ASP C 392 -12.28 -23.45 -26.95
N PRO C 393 -11.66 -24.51 -27.50
CA PRO C 393 -10.23 -24.74 -27.27
C PRO C 393 -9.34 -23.66 -27.86
N VAL C 394 -8.47 -23.09 -27.03
CA VAL C 394 -7.54 -22.03 -27.46
C VAL C 394 -6.55 -22.52 -28.51
N SER C 395 -6.27 -23.83 -28.52
CA SER C 395 -5.36 -24.44 -29.49
C SER C 395 -5.75 -24.17 -30.94
N TYR C 396 -7.05 -24.13 -31.22
CA TYR C 396 -7.53 -23.92 -32.60
C TYR C 396 -7.81 -22.45 -32.91
N LYS C 397 -7.84 -21.62 -31.88
CA LYS C 397 -7.72 -20.18 -32.08
C LYS C 397 -6.31 -19.88 -32.56
N ILE C 398 -5.33 -20.53 -31.95
CA ILE C 398 -3.93 -20.36 -32.35
C ILE C 398 -3.66 -20.98 -33.72
N ALA C 399 -4.20 -22.17 -33.96
CA ALA C 399 -4.02 -22.86 -35.24
C ALA C 399 -4.70 -22.13 -36.41
N ASP C 400 -5.80 -21.45 -36.13
CA ASP C 400 -6.48 -20.65 -37.16
C ASP C 400 -5.61 -19.47 -37.60
N VAL C 401 -4.92 -18.86 -36.64
CA VAL C 401 -4.00 -17.76 -36.93
C VAL C 401 -2.78 -18.27 -37.70
N GLY C 402 -2.31 -19.45 -37.32
CA GLY C 402 -1.17 -20.07 -37.99
C GLY C 402 -1.44 -20.39 -39.45
N LYS C 403 -2.61 -20.97 -39.72
CA LYS C 403 -3.04 -21.28 -41.09
C LYS C 403 -3.11 -20.03 -41.96
N HIS C 404 -3.58 -18.93 -41.38
CA HIS C 404 -3.66 -17.65 -42.09
C HIS C 404 -2.26 -17.07 -42.31
N THR C 405 -1.44 -17.14 -41.27
CA THR C 405 -0.06 -16.67 -41.36
C THR C 405 0.69 -17.41 -42.46
N LEU C 406 0.70 -18.74 -42.39
CA LEU C 406 1.50 -19.57 -43.28
C LEU C 406 0.86 -19.73 -44.66
N ASN C 407 -0.39 -20.18 -44.69
CA ASN C 407 -1.08 -20.56 -45.94
C ASN C 407 -2.03 -19.51 -46.49
N GLY C 408 -2.33 -18.48 -45.72
CA GLY C 408 -3.31 -17.47 -46.12
C GLY C 408 -4.76 -17.94 -46.01
N GLN C 409 -4.98 -19.09 -45.37
CA GLN C 409 -6.33 -19.63 -45.20
C GLN C 409 -7.10 -18.85 -44.15
N TYR C 410 -8.38 -18.64 -44.38
CA TYR C 410 -9.27 -18.06 -43.37
C TYR C 410 -9.97 -19.18 -42.60
N PRO C 411 -10.44 -18.88 -41.37
CA PRO C 411 -11.08 -19.93 -40.59
C PRO C 411 -12.46 -20.32 -41.15
N ILE C 412 -12.88 -21.54 -40.87
CA ILE C 412 -14.22 -22.00 -41.27
C ILE C 412 -15.23 -21.24 -40.42
N PRO C 413 -16.15 -20.49 -41.07
CA PRO C 413 -17.13 -19.76 -40.27
C PRO C 413 -18.10 -20.68 -39.54
N GLY C 414 -18.27 -20.43 -38.24
CA GLY C 414 -19.15 -21.22 -37.39
C GLY C 414 -19.50 -20.44 -36.15
N PHE C 415 -19.90 -21.13 -35.09
CA PHE C 415 -20.23 -20.47 -33.82
C PHE C 415 -18.98 -19.99 -33.07
N THR C 416 -17.85 -20.69 -33.25
CA THR C 416 -16.61 -20.37 -32.53
C THR C 416 -15.44 -19.95 -33.44
N SER C 417 -15.63 -19.96 -34.76
CA SER C 417 -14.59 -19.53 -35.68
C SER C 417 -15.20 -18.90 -36.94
N ALA D 16 43.56 -47.17 -21.88
CA ALA D 16 42.61 -48.20 -21.35
C ALA D 16 42.57 -48.22 -19.83
N ASP D 17 43.75 -48.10 -19.21
CA ASP D 17 43.86 -48.11 -17.74
C ASP D 17 43.52 -46.75 -17.12
N ASN D 18 43.74 -45.66 -17.86
CA ASN D 18 43.45 -44.32 -17.38
C ASN D 18 41.95 -44.03 -17.27
N ASP D 19 41.62 -42.95 -16.55
CA ASP D 19 40.26 -42.45 -16.47
C ASP D 19 39.91 -41.79 -17.80
N PRO D 20 38.92 -42.33 -18.52
CA PRO D 20 38.60 -41.75 -19.84
C PRO D 20 38.10 -40.31 -19.77
N VAL D 21 37.44 -39.95 -18.67
CA VAL D 21 36.95 -38.59 -18.46
C VAL D 21 38.11 -37.63 -18.19
N ALA D 22 39.15 -38.11 -17.52
CA ALA D 22 40.35 -37.33 -17.24
C ALA D 22 41.09 -36.98 -18.53
N VAL D 23 41.15 -37.92 -19.47
CA VAL D 23 41.79 -37.68 -20.77
C VAL D 23 40.99 -36.67 -21.58
N ALA D 24 39.67 -36.79 -21.52
CA ALA D 24 38.78 -35.84 -22.19
C ALA D 24 38.96 -34.42 -21.66
N ARG D 25 39.10 -34.28 -20.34
CA ARG D 25 39.31 -32.98 -19.72
C ARG D 25 40.61 -32.33 -20.15
N GLY D 26 41.66 -33.13 -20.33
CA GLY D 26 42.94 -32.65 -20.83
C GLY D 26 42.85 -32.12 -22.25
N LEU D 27 42.19 -32.87 -23.12
CA LEU D 27 41.96 -32.46 -24.50
C LEU D 27 41.08 -31.21 -24.56
N ALA D 28 40.09 -31.16 -23.66
CA ALA D 28 39.17 -30.01 -23.59
C ALA D 28 39.93 -28.73 -23.30
N GLU D 29 40.83 -28.76 -22.32
CA GLU D 29 41.63 -27.58 -21.96
C GLU D 29 42.50 -27.16 -23.15
N LYS D 30 43.09 -28.14 -23.83
CA LYS D 30 43.86 -27.88 -25.05
C LYS D 30 43.00 -27.19 -26.11
N TRP D 31 41.77 -27.68 -26.29
CA TRP D 31 40.88 -27.15 -27.32
C TRP D 31 40.25 -25.78 -27.00
N ARG D 32 40.13 -25.43 -25.73
CA ARG D 32 39.52 -24.15 -25.34
C ARG D 32 40.39 -22.94 -25.68
N ALA D 33 41.69 -23.15 -25.92
CA ALA D 33 42.54 -22.08 -26.44
C ALA D 33 42.26 -21.75 -27.92
N THR D 34 41.74 -22.71 -28.67
CA THR D 34 41.51 -22.56 -30.12
C THR D 34 40.02 -22.56 -30.53
N ALA D 35 39.13 -22.64 -29.55
CA ALA D 35 37.69 -22.81 -29.80
C ALA D 35 37.10 -21.72 -30.70
N VAL D 36 37.38 -20.47 -30.35
CA VAL D 36 36.86 -19.32 -31.10
C VAL D 36 37.42 -19.30 -32.53
N GLU D 37 38.73 -19.51 -32.65
CA GLU D 37 39.40 -19.53 -33.94
C GLU D 37 38.81 -20.58 -34.88
N ARG D 38 38.57 -21.77 -34.36
CA ARG D 38 38.12 -22.89 -35.20
C ARG D 38 36.63 -22.82 -35.57
N ASP D 39 35.82 -22.19 -34.71
CA ASP D 39 34.43 -21.92 -35.07
C ASP D 39 34.40 -20.86 -36.19
N ARG D 40 35.24 -19.84 -36.04
CA ARG D 40 35.39 -18.78 -37.03
C ARG D 40 35.92 -19.29 -38.38
N ALA D 41 36.83 -20.26 -38.35
CA ALA D 41 37.44 -20.77 -39.57
C ALA D 41 36.52 -21.75 -40.30
N GLY D 42 35.82 -22.60 -39.54
CA GLY D 42 34.99 -23.64 -40.12
C GLY D 42 35.84 -24.76 -40.70
N GLY D 43 35.22 -25.61 -41.52
CA GLY D 43 35.96 -26.67 -42.21
C GLY D 43 36.27 -27.83 -41.29
N SER D 44 37.35 -28.54 -41.57
CA SER D 44 37.73 -29.73 -40.79
C SER D 44 38.60 -29.40 -39.59
N ALA D 45 38.30 -30.04 -38.46
CA ALA D 45 39.12 -29.97 -37.25
C ALA D 45 40.19 -31.06 -37.31
N THR D 46 41.09 -30.94 -38.28
CA THR D 46 42.05 -32.01 -38.58
C THR D 46 42.97 -32.30 -37.41
N ALA D 47 43.50 -31.24 -36.80
CA ALA D 47 44.39 -31.38 -35.64
C ALA D 47 43.68 -31.88 -34.38
N GLU D 48 42.41 -31.50 -34.19
CA GLU D 48 41.67 -31.92 -32.99
C GLU D 48 41.22 -33.38 -33.10
N ARG D 49 40.95 -33.83 -34.32
CA ARG D 49 40.68 -35.24 -34.58
C ARG D 49 41.96 -36.09 -34.45
N GLU D 50 43.11 -35.50 -34.73
CA GLU D 50 44.41 -36.18 -34.48
C GLU D 50 44.63 -36.38 -32.99
N ASP D 51 44.38 -35.34 -32.20
CA ASP D 51 44.44 -35.45 -30.74
C ASP D 51 43.51 -36.56 -30.24
N LEU D 52 42.32 -36.66 -30.84
CA LEU D 52 41.34 -37.69 -30.49
C LEU D 52 41.83 -39.09 -30.82
N ARG D 53 42.45 -39.24 -31.99
CA ARG D 53 43.09 -40.49 -32.37
C ARG D 53 44.20 -40.83 -31.37
N ALA D 54 45.08 -39.87 -31.14
CA ALA D 54 46.25 -40.07 -30.25
C ALA D 54 45.90 -40.33 -28.78
N SER D 55 44.71 -39.91 -28.35
CA SER D 55 44.26 -40.12 -26.98
C SER D 55 43.83 -41.57 -26.69
N GLY D 56 43.49 -42.30 -27.75
CA GLY D 56 42.97 -43.65 -27.62
C GLY D 56 41.47 -43.74 -27.32
N LEU D 57 40.80 -42.60 -27.19
CA LEU D 57 39.38 -42.56 -26.78
C LEU D 57 38.40 -43.06 -27.84
N LEU D 58 38.86 -43.24 -29.07
CA LEU D 58 38.00 -43.74 -30.15
C LEU D 58 37.49 -45.16 -29.89
N SER D 59 38.21 -45.92 -29.07
CA SER D 59 37.79 -47.26 -28.68
C SER D 59 37.17 -47.30 -27.27
N LEU D 60 36.50 -46.21 -26.88
CA LEU D 60 35.92 -46.10 -25.54
C LEU D 60 34.87 -47.19 -25.26
N LEU D 61 33.98 -47.43 -26.23
CA LEU D 61 32.89 -48.40 -26.07
C LEU D 61 33.24 -49.78 -26.60
N VAL D 62 34.45 -49.95 -27.12
CA VAL D 62 34.92 -51.27 -27.51
C VAL D 62 35.33 -52.02 -26.25
N PRO D 63 34.77 -53.24 -26.04
CA PRO D 63 35.15 -54.05 -24.87
C PRO D 63 36.65 -54.28 -24.75
N ARG D 64 37.11 -54.54 -23.53
CA ARG D 64 38.54 -54.75 -23.25
C ARG D 64 39.13 -55.96 -23.96
N GLU D 65 38.33 -56.99 -24.19
CA GLU D 65 38.83 -58.23 -24.82
C GLU D 65 39.35 -58.00 -26.23
N TYR D 66 38.80 -57.00 -26.92
CA TYR D 66 39.28 -56.62 -28.25
C TYR D 66 40.31 -55.49 -28.20
N GLY D 67 40.72 -55.11 -26.99
CA GLY D 67 41.73 -54.07 -26.80
C GLY D 67 41.17 -52.67 -26.56
N GLY D 68 39.93 -52.59 -26.08
CA GLY D 68 39.27 -51.31 -25.86
C GLY D 68 39.27 -50.88 -24.40
N TRP D 69 38.48 -49.86 -24.09
CA TRP D 69 38.36 -49.34 -22.72
C TRP D 69 37.27 -50.10 -21.96
N GLY D 70 36.23 -50.52 -22.67
CA GLY D 70 35.15 -51.32 -22.07
C GLY D 70 34.31 -50.55 -21.07
N ALA D 71 34.12 -49.27 -21.31
CA ALA D 71 33.35 -48.41 -20.41
C ALA D 71 31.86 -48.58 -20.64
N ASP D 72 31.08 -48.33 -19.60
CA ASP D 72 29.62 -48.38 -19.68
C ASP D 72 29.09 -47.12 -20.37
N TRP D 73 27.79 -47.10 -20.65
CA TRP D 73 27.18 -45.98 -21.37
C TRP D 73 27.21 -44.65 -20.61
N PRO D 74 26.96 -44.67 -19.30
CA PRO D 74 27.08 -43.43 -18.52
C PRO D 74 28.46 -42.75 -18.60
N THR D 75 29.53 -43.55 -18.56
CA THR D 75 30.88 -42.99 -18.60
C THR D 75 31.22 -42.47 -20.01
N ALA D 76 30.82 -43.21 -21.05
CA ALA D 76 31.02 -42.79 -22.43
C ALA D 76 30.26 -41.49 -22.71
N ILE D 77 29.05 -41.40 -22.18
CA ILE D 77 28.23 -40.20 -22.29
C ILE D 77 28.89 -39.03 -21.57
N GLU D 78 29.46 -39.28 -20.39
CA GLU D 78 30.17 -38.22 -19.64
C GLU D 78 31.37 -37.67 -20.42
N VAL D 79 32.04 -38.53 -21.18
CA VAL D 79 33.13 -38.10 -22.06
C VAL D 79 32.60 -37.25 -23.21
N VAL D 80 31.45 -37.63 -23.76
CA VAL D 80 30.77 -36.85 -24.79
C VAL D 80 30.42 -35.46 -24.27
N ARG D 81 29.88 -35.40 -23.04
CA ARG D 81 29.52 -34.13 -22.42
C ARG D 81 30.71 -33.19 -22.28
N GLU D 82 31.80 -33.70 -21.71
CA GLU D 82 33.01 -32.89 -21.48
C GLU D 82 33.55 -32.27 -22.77
N ILE D 83 33.60 -33.08 -23.83
CA ILE D 83 34.08 -32.64 -25.13
C ILE D 83 33.14 -31.59 -25.72
N ALA D 84 31.85 -31.89 -25.69
CA ALA D 84 30.82 -30.99 -26.21
C ALA D 84 30.89 -29.61 -25.57
N ALA D 85 31.16 -29.56 -24.27
CA ALA D 85 31.32 -28.30 -23.55
C ALA D 85 32.51 -27.48 -24.05
N ALA D 86 33.60 -28.17 -24.40
CA ALA D 86 34.77 -27.49 -24.98
C ALA D 86 34.49 -27.04 -26.41
N ASP D 87 33.90 -27.95 -27.20
CA ASP D 87 33.69 -27.72 -28.62
C ASP D 87 32.51 -28.55 -29.13
N GLY D 88 31.42 -27.86 -29.49
CA GLY D 88 30.19 -28.51 -29.93
C GLY D 88 30.35 -29.43 -31.13
N SER D 89 31.15 -29.00 -32.11
CA SER D 89 31.41 -29.82 -33.30
C SER D 89 32.16 -31.11 -32.96
N LEU D 90 33.17 -31.00 -32.10
CA LEU D 90 33.92 -32.18 -31.66
C LEU D 90 33.07 -33.11 -30.80
N GLY D 91 32.16 -32.54 -30.02
CA GLY D 91 31.22 -33.33 -29.22
C GLY D 91 30.31 -34.16 -30.10
N HIS D 92 29.74 -33.51 -31.11
CA HIS D 92 28.90 -34.19 -32.10
C HIS D 92 29.69 -35.21 -32.90
N LEU D 93 30.88 -34.81 -33.36
CA LEU D 93 31.70 -35.68 -34.20
C LEU D 93 32.10 -36.95 -33.45
N PHE D 94 32.55 -36.80 -32.22
CA PHE D 94 32.90 -37.93 -31.38
C PHE D 94 31.67 -38.70 -30.93
N GLY D 95 30.60 -37.96 -30.64
CA GLY D 95 29.33 -38.55 -30.20
C GLY D 95 28.76 -39.50 -31.24
N TYR D 96 28.73 -39.05 -32.50
CA TYR D 96 28.20 -39.85 -33.60
C TYR D 96 29.11 -41.05 -33.88
N HIS D 97 30.42 -40.85 -33.73
CA HIS D 97 31.38 -41.96 -33.86
C HIS D 97 31.03 -43.14 -32.94
N LEU D 98 30.61 -42.83 -31.72
CA LEU D 98 30.25 -43.86 -30.74
C LEU D 98 28.94 -44.58 -31.03
N THR D 99 28.08 -43.99 -31.87
CA THR D 99 26.82 -44.63 -32.28
C THR D 99 27.06 -45.61 -33.44
N ASN D 100 28.04 -45.28 -34.27
CA ASN D 100 28.33 -46.04 -35.49
C ASN D 100 28.80 -47.47 -35.25
N ALA D 101 29.71 -47.66 -34.30
CA ALA D 101 30.33 -48.96 -34.06
C ALA D 101 29.36 -50.03 -33.53
N PRO D 102 28.49 -49.67 -32.56
CA PRO D 102 27.45 -50.57 -32.08
C PRO D 102 26.68 -51.32 -33.18
N MET D 103 26.45 -50.68 -34.33
CA MET D 103 25.80 -51.33 -35.47
C MET D 103 26.44 -52.67 -35.81
N ILE D 104 27.74 -52.78 -35.58
CA ILE D 104 28.49 -54.01 -35.83
C ILE D 104 27.89 -55.16 -35.01
N GLU D 105 27.66 -54.94 -33.72
CA GLU D 105 27.08 -55.98 -32.88
C GLU D 105 25.55 -55.95 -32.87
N LEU D 106 24.96 -54.80 -33.16
CA LEU D 106 23.49 -54.66 -33.18
C LEU D 106 22.85 -55.47 -34.29
N ILE D 107 23.38 -55.37 -35.51
CA ILE D 107 22.80 -56.06 -36.67
C ILE D 107 23.73 -57.03 -37.40
N GLY D 108 25.04 -56.90 -37.18
CA GLY D 108 26.02 -57.79 -37.82
C GLY D 108 26.10 -59.14 -37.14
N SER D 109 27.05 -59.96 -37.59
CA SER D 109 27.27 -61.27 -37.00
C SER D 109 28.33 -61.20 -35.91
N GLN D 110 28.58 -62.32 -35.24
CA GLN D 110 29.64 -62.42 -34.23
C GLN D 110 31.01 -62.39 -34.90
N GLU D 111 31.11 -62.95 -36.10
CA GLU D 111 32.35 -62.98 -36.87
C GLU D 111 32.85 -61.56 -37.12
N GLN D 112 31.94 -60.70 -37.58
CA GLN D 112 32.22 -59.29 -37.80
C GLN D 112 32.48 -58.53 -36.49
N GLU D 113 31.76 -58.93 -35.43
CA GLU D 113 31.93 -58.30 -34.11
C GLU D 113 33.37 -58.33 -33.63
N GLU D 114 33.96 -59.52 -33.49
CA GLU D 114 35.35 -59.63 -33.03
C GLU D 114 36.34 -58.94 -33.97
N HIS D 115 36.15 -59.14 -35.27
CA HIS D 115 37.06 -58.60 -36.27
C HIS D 115 37.08 -57.07 -36.28
N LEU D 116 35.94 -56.47 -36.56
CA LEU D 116 35.84 -55.01 -36.73
C LEU D 116 36.18 -54.25 -35.44
N TYR D 117 35.70 -54.74 -34.30
CA TYR D 117 36.01 -54.11 -33.02
C TYR D 117 37.52 -54.10 -32.78
N THR D 118 38.14 -55.26 -32.95
CA THR D 118 39.58 -55.40 -32.73
C THR D 118 40.38 -54.44 -33.61
N GLN D 119 39.99 -54.31 -34.87
CA GLN D 119 40.68 -53.40 -35.81
C GLN D 119 40.51 -51.94 -35.37
N ILE D 120 39.30 -51.58 -34.99
CA ILE D 120 39.02 -50.23 -34.50
C ILE D 120 39.86 -49.89 -33.26
N ALA D 121 40.00 -50.84 -32.34
CA ALA D 121 40.78 -50.64 -31.12
C ALA D 121 42.28 -50.67 -31.41
N GLN D 122 42.70 -51.60 -32.25
CA GLN D 122 44.09 -51.76 -32.65
C GLN D 122 44.59 -50.56 -33.45
N ASN D 123 43.81 -50.15 -34.44
CA ASN D 123 44.18 -49.07 -35.36
C ASN D 123 43.69 -47.69 -34.95
N ASN D 124 42.92 -47.60 -33.87
CA ASN D 124 42.34 -46.34 -33.40
C ASN D 124 41.65 -45.63 -34.56
N TRP D 125 40.71 -46.35 -35.17
CA TRP D 125 39.98 -45.86 -36.33
C TRP D 125 38.88 -44.88 -35.98
N TRP D 126 38.79 -43.82 -36.78
CA TRP D 126 37.58 -43.01 -36.84
C TRP D 126 36.55 -43.77 -37.66
N THR D 127 35.29 -43.63 -37.29
CA THR D 127 34.18 -44.17 -38.06
C THR D 127 33.30 -43.02 -38.51
N GLY D 128 32.63 -43.21 -39.64
CA GLY D 128 31.70 -42.22 -40.17
C GLY D 128 30.44 -42.92 -40.60
N ASN D 129 29.47 -42.15 -41.08
CA ASN D 129 28.23 -42.71 -41.59
C ASN D 129 27.77 -42.02 -42.86
N ALA D 130 27.01 -42.75 -43.65
CA ALA D 130 26.29 -42.19 -44.80
C ALA D 130 24.95 -42.90 -44.86
N SER D 131 23.93 -42.29 -44.24
CA SER D 131 22.63 -42.95 -44.02
C SER D 131 21.42 -42.18 -44.60
N SER D 132 21.32 -40.88 -44.31
CA SER D 132 20.22 -40.06 -44.80
C SER D 132 20.60 -39.33 -46.10
N GLU D 133 19.58 -38.95 -46.88
CA GLU D 133 19.77 -38.28 -48.17
C GLU D 133 18.96 -36.99 -48.27
N ASN D 134 19.14 -36.27 -49.38
CA ASN D 134 18.38 -35.05 -49.65
C ASN D 134 17.35 -35.27 -50.76
N ASN D 135 16.19 -35.79 -50.36
CA ASN D 135 15.10 -36.08 -51.29
C ASN D 135 13.78 -35.48 -50.76
N SER D 136 12.65 -35.83 -51.37
CA SER D 136 11.34 -35.28 -50.98
C SER D 136 11.01 -35.47 -49.49
N HIS D 137 11.54 -36.53 -48.88
CA HIS D 137 11.39 -36.76 -47.44
C HIS D 137 12.46 -37.71 -46.89
N VAL D 138 12.62 -37.74 -45.57
CA VAL D 138 13.68 -38.54 -44.93
C VAL D 138 13.59 -40.04 -45.22
N LEU D 139 12.37 -40.53 -45.46
CA LEU D 139 12.16 -41.94 -45.80
C LEU D 139 12.13 -42.19 -47.31
N ASP D 140 12.57 -41.21 -48.11
CA ASP D 140 12.72 -41.38 -49.55
C ASP D 140 14.20 -41.57 -49.88
N TRP D 141 14.53 -42.76 -50.39
CA TRP D 141 15.90 -43.15 -50.67
C TRP D 141 16.14 -43.26 -52.17
N LYS D 142 17.40 -43.22 -52.59
CA LYS D 142 17.76 -43.23 -54.02
C LYS D 142 19.06 -43.96 -54.32
N VAL D 143 20.13 -43.68 -53.57
CA VAL D 143 21.43 -44.34 -53.76
C VAL D 143 21.27 -45.86 -53.85
N ARG D 144 21.49 -46.40 -55.05
CA ARG D 144 21.20 -47.80 -55.34
C ARG D 144 22.32 -48.74 -54.90
N ALA D 145 21.95 -49.98 -54.60
CA ALA D 145 22.89 -51.03 -54.22
C ALA D 145 22.62 -52.28 -55.05
N THR D 146 23.31 -52.37 -56.19
CA THR D 146 23.13 -53.49 -57.12
C THR D 146 23.85 -54.74 -56.63
N PRO D 147 23.12 -55.84 -56.39
CA PRO D 147 23.79 -57.07 -55.94
C PRO D 147 24.72 -57.68 -56.98
N THR D 148 25.65 -58.52 -56.51
CA THR D 148 26.59 -59.23 -57.38
C THR D 148 26.51 -60.73 -57.16
N GLU D 149 26.98 -61.49 -58.15
CA GLU D 149 26.90 -62.96 -58.12
C GLU D 149 27.78 -63.59 -57.04
N ASP D 150 28.83 -62.88 -56.61
CA ASP D 150 29.67 -63.34 -55.51
C ASP D 150 28.99 -63.22 -54.13
N GLY D 151 27.85 -62.53 -54.07
CA GLY D 151 27.09 -62.37 -52.83
C GLY D 151 27.32 -61.02 -52.16
N GLY D 152 27.62 -60.00 -52.95
CA GLY D 152 27.90 -58.66 -52.45
C GLY D 152 27.02 -57.64 -53.13
N TYR D 153 27.41 -56.37 -53.06
CA TYR D 153 26.63 -55.27 -53.63
C TYR D 153 27.53 -54.17 -54.20
N VAL D 154 26.95 -53.34 -55.07
CA VAL D 154 27.65 -52.25 -55.74
C VAL D 154 26.87 -50.95 -55.57
N LEU D 155 27.53 -49.94 -55.00
CA LEU D 155 26.87 -48.69 -54.59
C LEU D 155 26.98 -47.60 -55.65
N ASN D 156 25.91 -46.83 -55.81
CA ASN D 156 25.85 -45.73 -56.78
C ASN D 156 24.86 -44.64 -56.35
N GLY D 157 25.36 -43.40 -56.24
CA GLY D 157 24.56 -42.24 -55.87
C GLY D 157 25.29 -41.33 -54.90
N THR D 158 24.63 -40.24 -54.51
CA THR D 158 25.19 -39.29 -53.55
C THR D 158 24.35 -39.24 -52.28
N LYS D 159 25.04 -39.31 -51.15
CA LYS D 159 24.42 -39.20 -49.83
C LYS D 159 24.77 -37.82 -49.29
N HIS D 160 23.79 -37.09 -48.79
CA HIS D 160 23.96 -35.65 -48.49
C HIS D 160 24.38 -35.30 -47.07
N PHE D 161 23.88 -36.04 -46.08
CA PHE D 161 24.26 -35.83 -44.68
C PHE D 161 25.14 -37.00 -44.24
N CYS D 162 26.43 -36.74 -44.05
CA CYS D 162 27.40 -37.78 -43.72
C CYS D 162 28.40 -37.29 -42.68
N SER D 163 27.93 -37.09 -41.46
CA SER D 163 28.78 -36.65 -40.36
C SER D 163 30.00 -37.55 -40.19
N GLY D 164 31.18 -36.93 -40.14
CA GLY D 164 32.42 -37.66 -39.91
C GLY D 164 32.86 -38.62 -41.02
N ALA D 165 32.27 -38.52 -42.20
CA ALA D 165 32.70 -39.36 -43.33
C ALA D 165 34.09 -38.94 -43.76
N LYS D 166 34.25 -37.64 -43.99
CA LYS D 166 35.54 -37.06 -44.37
C LYS D 166 36.59 -37.29 -43.28
N GLY D 167 37.63 -38.06 -43.63
CA GLY D 167 38.75 -38.31 -42.73
C GLY D 167 38.60 -39.56 -41.87
N SER D 168 37.51 -40.29 -42.05
CA SER D 168 37.30 -41.54 -41.29
C SER D 168 38.06 -42.70 -41.91
N ASP D 169 38.17 -43.78 -41.14
CA ASP D 169 38.80 -45.01 -41.59
C ASP D 169 37.75 -46.03 -42.03
N LEU D 170 36.71 -46.19 -41.21
CA LEU D 170 35.60 -47.11 -41.50
C LEU D 170 34.32 -46.32 -41.75
N LEU D 171 33.65 -46.62 -42.86
CA LEU D 171 32.42 -45.91 -43.24
C LEU D 171 31.23 -46.85 -43.16
N PHE D 172 30.23 -46.46 -42.36
CA PHE D 172 28.98 -47.20 -42.25
C PHE D 172 27.97 -46.65 -43.25
N VAL D 173 27.68 -47.43 -44.29
CA VAL D 173 26.91 -46.95 -45.43
C VAL D 173 25.62 -47.77 -45.60
N PHE D 174 24.54 -47.07 -45.91
CA PHE D 174 23.24 -47.69 -46.16
C PHE D 174 22.95 -47.58 -47.66
N GLY D 175 22.28 -48.59 -48.21
CA GLY D 175 21.95 -48.60 -49.64
C GLY D 175 20.67 -49.35 -49.94
N VAL D 176 19.97 -48.94 -50.99
CA VAL D 176 18.70 -49.56 -51.36
C VAL D 176 18.85 -50.42 -52.62
N VAL D 177 18.24 -51.60 -52.60
CA VAL D 177 18.23 -52.48 -53.77
C VAL D 177 17.16 -51.96 -54.74
N GLN D 178 17.55 -51.77 -56.01
CA GLN D 178 16.64 -51.23 -57.02
C GLN D 178 16.73 -52.04 -58.32
N ASP D 179 16.03 -53.18 -58.33
CA ASP D 179 16.01 -54.07 -59.49
C ASP D 179 14.83 -55.05 -59.40
N ASP D 180 14.76 -56.00 -60.33
CA ASP D 180 13.68 -57.00 -60.36
C ASP D 180 13.85 -58.14 -59.33
N SER D 181 14.98 -58.14 -58.60
CA SER D 181 15.26 -59.15 -57.57
C SER D 181 14.15 -59.24 -56.52
N PRO D 182 14.08 -60.39 -55.81
CA PRO D 182 13.09 -60.52 -54.73
C PRO D 182 13.39 -59.64 -53.51
N GLN D 183 14.62 -59.16 -53.40
CA GLN D 183 15.03 -58.27 -52.31
C GLN D 183 14.79 -56.78 -52.63
N GLN D 184 14.02 -56.48 -53.67
CA GLN D 184 13.77 -55.09 -54.08
C GLN D 184 13.20 -54.27 -52.93
N GLY D 185 13.74 -53.06 -52.75
CA GLY D 185 13.32 -52.17 -51.67
C GLY D 185 13.99 -52.46 -50.33
N ALA D 186 14.96 -53.37 -50.32
CA ALA D 186 15.67 -53.73 -49.09
C ALA D 186 16.79 -52.74 -48.81
N ILE D 187 16.85 -52.24 -47.58
CA ILE D 187 17.97 -51.40 -47.14
C ILE D 187 19.14 -52.31 -46.76
N ILE D 188 20.33 -51.97 -47.23
CA ILE D 188 21.53 -52.79 -47.01
C ILE D 188 22.54 -52.02 -46.17
N ALA D 189 22.83 -52.53 -44.98
CA ALA D 189 23.82 -51.92 -44.09
C ALA D 189 25.18 -52.58 -44.30
N ALA D 190 26.22 -51.75 -44.46
CA ALA D 190 27.58 -52.25 -44.65
C ALA D 190 28.62 -51.34 -44.01
N ALA D 191 29.73 -51.93 -43.57
CA ALA D 191 30.84 -51.21 -42.94
C ALA D 191 32.09 -51.38 -43.79
N ILE D 192 32.29 -50.46 -44.72
CA ILE D 192 33.41 -50.53 -45.68
C ILE D 192 34.47 -49.46 -45.40
N PRO D 193 35.71 -49.67 -45.85
CA PRO D 193 36.75 -48.64 -45.66
C PRO D 193 36.45 -47.36 -46.43
N THR D 194 36.76 -46.22 -45.83
CA THR D 194 36.54 -44.92 -46.47
C THR D 194 37.50 -44.72 -47.64
N SER D 195 38.62 -45.43 -47.62
CA SER D 195 39.60 -45.41 -48.71
C SER D 195 39.23 -46.31 -49.90
N ARG D 196 38.09 -47.01 -49.79
CA ARG D 196 37.58 -47.85 -50.88
C ARG D 196 37.44 -47.01 -52.15
N ALA D 197 37.81 -47.61 -53.28
CA ALA D 197 37.81 -46.91 -54.57
C ALA D 197 36.39 -46.60 -55.02
N GLY D 198 36.15 -45.34 -55.37
CA GLY D 198 34.81 -44.85 -55.75
C GLY D 198 34.15 -44.00 -54.69
N VAL D 199 34.70 -44.01 -53.48
CA VAL D 199 34.18 -43.26 -52.35
C VAL D 199 34.86 -41.90 -52.26
N THR D 200 34.09 -40.83 -52.47
CA THR D 200 34.59 -39.46 -52.36
C THR D 200 33.78 -38.66 -51.35
N PRO D 201 34.27 -38.56 -50.09
CA PRO D 201 33.67 -37.64 -49.13
C PRO D 201 34.06 -36.19 -49.45
N ASN D 202 33.07 -35.35 -49.69
CA ASN D 202 33.30 -33.99 -50.18
C ASN D 202 33.53 -32.96 -49.07
N ASP D 203 34.06 -31.80 -49.45
CA ASP D 203 34.34 -30.72 -48.52
C ASP D 203 33.33 -29.58 -48.77
N ASP D 204 32.04 -29.92 -48.67
CA ASP D 204 30.96 -28.98 -48.99
C ASP D 204 30.01 -28.72 -47.82
N TRP D 205 30.41 -29.14 -46.62
CA TRP D 205 29.62 -28.88 -45.44
C TRP D 205 29.70 -27.42 -45.06
N ALA D 206 28.54 -26.77 -44.96
CA ALA D 206 28.45 -25.40 -44.50
C ALA D 206 27.18 -25.21 -43.67
N ALA D 207 27.32 -24.53 -42.53
CA ALA D 207 26.18 -24.22 -41.67
C ALA D 207 26.52 -23.10 -40.69
N ILE D 208 25.49 -22.52 -40.06
CA ILE D 208 25.71 -21.44 -39.10
C ILE D 208 26.44 -21.96 -37.86
N GLY D 209 26.18 -23.22 -37.50
CA GLY D 209 26.86 -23.89 -36.40
C GLY D 209 27.25 -25.30 -36.78
N MET D 210 27.86 -26.02 -35.84
CA MET D 210 28.40 -27.36 -36.10
C MET D 210 29.28 -27.32 -37.34
N ARG D 211 30.10 -26.28 -37.44
CA ARG D 211 30.85 -25.98 -38.65
C ARG D 211 31.95 -27.00 -38.93
N GLN D 212 32.44 -27.67 -37.89
CA GLN D 212 33.51 -28.64 -38.03
C GLN D 212 33.07 -30.10 -37.87
N THR D 213 31.81 -30.39 -38.22
CA THR D 213 31.29 -31.75 -38.11
C THR D 213 31.49 -32.58 -39.38
N ASP D 214 31.95 -31.95 -40.46
CA ASP D 214 32.08 -32.63 -41.77
C ASP D 214 30.80 -33.37 -42.15
N SER D 215 29.66 -32.69 -42.04
CA SER D 215 28.36 -33.27 -42.37
C SER D 215 27.99 -32.98 -43.83
N GLY D 216 28.95 -33.17 -44.73
CA GLY D 216 28.74 -32.89 -46.15
C GLY D 216 28.26 -34.10 -46.90
N SER D 217 28.33 -34.05 -48.23
CA SER D 217 27.89 -35.14 -49.08
C SER D 217 29.03 -36.10 -49.41
N THR D 218 28.67 -37.36 -49.66
CA THR D 218 29.63 -38.40 -50.01
C THR D 218 29.20 -39.08 -51.30
N ASP D 219 30.04 -38.98 -52.34
CA ASP D 219 29.78 -39.60 -53.63
C ASP D 219 30.09 -41.08 -53.61
N PHE D 220 29.30 -41.86 -54.33
CA PHE D 220 29.58 -43.28 -54.54
C PHE D 220 29.52 -43.59 -56.03
N HIS D 221 30.67 -43.97 -56.59
CA HIS D 221 30.77 -44.32 -58.01
C HIS D 221 31.33 -45.74 -58.14
N ASN D 222 30.44 -46.70 -58.31
CA ASN D 222 30.80 -48.12 -58.45
C ASN D 222 31.65 -48.66 -57.30
N VAL D 223 31.22 -48.32 -56.08
CA VAL D 223 31.90 -48.76 -54.87
C VAL D 223 31.51 -50.22 -54.57
N LYS D 224 32.52 -51.08 -54.51
CA LYS D 224 32.31 -52.50 -54.25
C LYS D 224 32.05 -52.76 -52.77
N VAL D 225 31.15 -53.69 -52.47
CA VAL D 225 30.94 -54.18 -51.12
C VAL D 225 31.16 -55.70 -51.12
N GLU D 226 32.05 -56.16 -50.24
CA GLU D 226 32.34 -57.59 -50.14
C GLU D 226 31.24 -58.28 -49.32
N PRO D 227 31.04 -59.59 -49.54
CA PRO D 227 30.02 -60.32 -48.77
C PRO D 227 30.24 -60.26 -47.27
N ASP D 228 31.51 -60.28 -46.84
CA ASP D 228 31.84 -60.22 -45.41
C ASP D 228 31.67 -58.83 -44.79
N GLU D 229 31.46 -57.80 -45.63
CA GLU D 229 31.24 -56.43 -45.15
C GLU D 229 29.76 -56.05 -45.09
N VAL D 230 28.87 -57.00 -45.39
CA VAL D 230 27.43 -56.76 -45.34
C VAL D 230 26.91 -57.08 -43.94
N LEU D 231 26.52 -56.05 -43.21
CA LEU D 231 26.07 -56.22 -41.82
C LEU D 231 24.65 -56.82 -41.79
N GLY D 232 24.57 -58.10 -41.44
CA GLY D 232 23.29 -58.80 -41.33
C GLY D 232 22.68 -59.09 -42.68
N ALA D 233 21.49 -59.68 -42.67
CA ALA D 233 20.77 -60.01 -43.89
C ALA D 233 20.33 -58.72 -44.61
N PRO D 234 19.84 -58.84 -45.85
CA PRO D 234 19.22 -57.69 -46.53
C PRO D 234 17.98 -57.20 -45.77
N ASN D 235 17.88 -55.88 -45.59
CA ASN D 235 16.79 -55.25 -44.85
C ASN D 235 16.79 -55.60 -43.34
N ALA D 236 17.96 -55.93 -42.81
CA ALA D 236 18.09 -56.36 -41.41
C ALA D 236 17.77 -55.25 -40.40
N PHE D 237 17.96 -53.99 -40.80
CA PHE D 237 17.69 -52.86 -39.91
C PHE D 237 16.20 -52.58 -39.82
N VAL D 238 15.52 -52.55 -40.96
CA VAL D 238 14.08 -52.29 -41.00
C VAL D 238 13.29 -53.41 -40.33
N LEU D 239 13.69 -54.66 -40.57
CA LEU D 239 13.08 -55.81 -39.91
C LEU D 239 13.27 -55.72 -38.38
N ALA D 240 14.46 -55.29 -37.97
CA ALA D 240 14.76 -55.12 -36.54
C ALA D 240 13.92 -54.02 -35.89
N PHE D 241 13.64 -52.95 -36.63
CA PHE D 241 12.77 -51.87 -36.14
C PHE D 241 11.36 -52.39 -35.86
N ILE D 242 10.82 -53.15 -36.80
CA ILE D 242 9.45 -53.66 -36.69
C ILE D 242 9.31 -54.62 -35.50
N GLN D 243 10.32 -55.47 -35.30
CA GLN D 243 10.31 -56.45 -34.20
C GLN D 243 10.68 -55.85 -32.85
N SER D 244 11.33 -54.68 -32.87
CA SER D 244 11.90 -54.05 -31.66
C SER D 244 13.00 -54.95 -31.05
N GLU D 245 13.86 -55.48 -31.91
CA GLU D 245 15.01 -56.28 -31.49
C GLU D 245 16.20 -55.37 -31.25
N ARG D 246 17.34 -55.96 -30.86
CA ARG D 246 18.52 -55.19 -30.48
C ARG D 246 18.91 -54.11 -31.48
N GLY D 247 18.74 -54.39 -32.77
CA GLY D 247 19.02 -53.43 -33.83
C GLY D 247 18.34 -52.08 -33.64
N SER D 248 17.12 -52.12 -33.11
CA SER D 248 16.32 -50.91 -32.93
C SER D 248 16.81 -49.99 -31.81
N LEU D 249 17.86 -50.38 -31.09
CA LEU D 249 18.46 -49.51 -30.07
C LEU D 249 19.24 -48.31 -30.65
N PHE D 250 19.33 -48.21 -31.98
CA PHE D 250 20.03 -47.10 -32.62
C PHE D 250 19.47 -45.74 -32.21
N ALA D 251 18.15 -45.59 -32.33
CA ALA D 251 17.51 -44.32 -32.03
C ALA D 251 17.74 -43.84 -30.59
N PRO D 252 17.44 -44.69 -29.58
CA PRO D 252 17.67 -44.22 -28.21
C PRO D 252 19.13 -43.90 -27.89
N ILE D 253 20.06 -44.69 -28.43
CA ILE D 253 21.50 -44.42 -28.24
C ILE D 253 21.87 -43.08 -28.85
N ALA D 254 21.65 -42.94 -30.15
CA ALA D 254 22.01 -41.71 -30.87
C ALA D 254 21.32 -40.49 -30.28
N GLN D 255 20.02 -40.61 -30.01
CA GLN D 255 19.23 -39.47 -29.52
C GLN D 255 19.69 -38.99 -28.15
N LEU D 256 19.96 -39.92 -27.25
CA LEU D 256 20.49 -39.59 -25.93
C LEU D 256 21.84 -38.90 -26.04
N ILE D 257 22.69 -39.35 -26.97
CA ILE D 257 23.99 -38.72 -27.18
C ILE D 257 23.82 -37.28 -27.70
N PHE D 258 22.85 -37.06 -28.58
CA PHE D 258 22.56 -35.70 -29.05
C PHE D 258 22.14 -34.81 -27.89
N ALA D 259 21.28 -35.32 -27.02
CA ALA D 259 20.83 -34.57 -25.85
C ALA D 259 22.00 -34.16 -24.96
N ASN D 260 22.95 -35.08 -24.79
CA ASN D 260 24.12 -34.83 -23.95
C ASN D 260 25.14 -33.91 -24.62
N VAL D 261 25.11 -33.83 -25.95
CA VAL D 261 25.89 -32.83 -26.67
C VAL D 261 25.28 -31.46 -26.40
N TYR D 262 23.95 -31.36 -26.47
CA TYR D 262 23.28 -30.08 -26.26
C TYR D 262 23.50 -29.56 -24.86
N LEU D 263 23.33 -30.43 -23.87
CA LEU D 263 23.57 -30.07 -22.48
C LEU D 263 25.03 -29.68 -22.28
N GLY D 264 25.95 -30.42 -22.91
CA GLY D 264 27.37 -30.08 -22.90
C GLY D 264 27.62 -28.66 -23.38
N ILE D 265 27.04 -28.34 -24.52
CA ILE D 265 27.07 -26.98 -25.07
C ILE D 265 26.46 -25.97 -24.11
N ALA D 266 25.35 -26.33 -23.48
CA ALA D 266 24.68 -25.44 -22.52
C ALA D 266 25.57 -25.10 -21.33
N HIS D 267 26.30 -26.10 -20.81
CA HIS D 267 27.27 -25.88 -19.73
C HIS D 267 28.44 -25.01 -20.19
N GLY D 268 28.85 -25.17 -21.43
CA GLY D 268 29.91 -24.33 -22.02
C GLY D 268 29.50 -22.87 -22.04
N ALA D 269 28.28 -22.62 -22.51
CA ALA D 269 27.72 -21.27 -22.48
C ALA D 269 27.65 -20.73 -21.06
N LEU D 270 27.13 -21.55 -20.14
CA LEU D 270 26.98 -21.12 -18.74
C LEU D 270 28.31 -20.82 -18.06
N ASP D 271 29.30 -21.68 -18.26
CA ASP D 271 30.65 -21.45 -17.73
C ASP D 271 31.29 -20.19 -18.33
N ALA D 272 31.16 -20.03 -19.65
CA ALA D 272 31.67 -18.84 -20.34
C ALA D 272 31.06 -17.56 -19.81
N ALA D 273 29.74 -17.57 -19.64
CA ALA D 273 29.01 -16.41 -19.12
C ALA D 273 29.50 -16.05 -17.72
N ARG D 274 29.54 -17.05 -16.84
CA ARG D 274 29.93 -16.90 -15.44
C ARG D 274 31.26 -16.20 -15.29
N GLU D 275 32.28 -16.70 -16.01
CA GLU D 275 33.62 -16.11 -15.98
C GLU D 275 33.58 -14.65 -16.42
N TYR D 276 32.84 -14.37 -17.49
CA TYR D 276 32.68 -13.01 -17.99
C TYR D 276 31.95 -12.12 -16.96
N THR D 277 30.88 -12.62 -16.36
CA THR D 277 30.14 -11.86 -15.35
C THR D 277 31.04 -11.53 -14.16
N ARG D 278 31.79 -12.53 -13.70
CA ARG D 278 32.70 -12.35 -12.56
C ARG D 278 33.81 -11.34 -12.84
N THR D 279 34.34 -11.35 -14.05
CA THR D 279 35.52 -10.57 -14.41
C THR D 279 35.22 -9.27 -15.16
N GLN D 280 34.38 -9.36 -16.20
CA GLN D 280 34.25 -8.28 -17.17
C GLN D 280 32.93 -7.51 -17.14
N ALA D 281 31.86 -8.12 -16.64
CA ALA D 281 30.56 -7.45 -16.62
C ALA D 281 30.60 -6.21 -15.73
N ARG D 282 29.92 -5.16 -16.19
CA ARG D 282 29.81 -3.93 -15.42
C ARG D 282 28.42 -3.87 -14.79
N PRO D 283 28.30 -3.18 -13.65
CA PRO D 283 26.99 -3.01 -13.01
C PRO D 283 26.21 -1.87 -13.68
N TRP D 284 24.90 -2.04 -13.80
CA TRP D 284 24.05 -0.99 -14.37
C TRP D 284 23.88 0.16 -13.37
N THR D 285 24.56 1.28 -13.63
CA THR D 285 24.61 2.41 -12.68
C THR D 285 23.30 3.20 -12.52
N PRO D 286 22.50 3.33 -13.60
CA PRO D 286 21.19 3.98 -13.40
C PRO D 286 20.30 3.25 -12.39
N ALA D 287 20.45 1.94 -12.29
CA ALA D 287 19.72 1.15 -11.29
C ALA D 287 20.28 1.32 -9.89
N GLY D 288 21.52 1.81 -9.78
CA GLY D 288 22.19 2.02 -8.50
C GLY D 288 22.95 0.81 -8.02
N ILE D 289 23.33 -0.07 -8.96
CA ILE D 289 24.04 -1.30 -8.63
C ILE D 289 25.53 -1.02 -8.54
N GLN D 290 26.19 -1.66 -7.57
CA GLN D 290 27.61 -1.44 -7.30
C GLN D 290 28.48 -2.56 -7.89
N GLN D 291 28.03 -3.79 -7.68
CA GLN D 291 28.75 -4.99 -8.12
C GLN D 291 27.90 -5.75 -9.11
N ALA D 292 28.49 -6.12 -10.25
CA ALA D 292 27.77 -6.86 -11.28
C ALA D 292 27.26 -8.22 -10.76
N THR D 293 28.02 -8.84 -9.85
CA THR D 293 27.68 -10.15 -9.32
C THR D 293 26.60 -10.12 -8.23
N GLU D 294 26.26 -8.92 -7.75
CA GLU D 294 25.22 -8.75 -6.73
C GLU D 294 23.94 -8.13 -7.30
N ASP D 295 23.85 -8.03 -8.63
CA ASP D 295 22.62 -7.59 -9.28
C ASP D 295 21.58 -8.70 -9.13
N PRO D 296 20.41 -8.39 -8.54
CA PRO D 296 19.44 -9.44 -8.22
C PRO D 296 18.85 -10.15 -9.43
N TYR D 297 18.71 -9.42 -10.55
CA TYR D 297 18.16 -10.02 -11.75
C TYR D 297 19.20 -10.87 -12.47
N THR D 298 20.47 -10.45 -12.42
CA THR D 298 21.56 -11.27 -12.90
C THR D 298 21.59 -12.56 -12.12
N ILE D 299 21.53 -12.44 -10.79
CA ILE D 299 21.53 -13.60 -9.90
C ILE D 299 20.35 -14.51 -10.22
N ARG D 300 19.17 -13.94 -10.42
CA ARG D 300 17.99 -14.74 -10.76
C ARG D 300 18.19 -15.50 -12.08
N SER D 301 18.68 -14.80 -13.11
CA SER D 301 18.92 -15.41 -14.43
C SER D 301 19.88 -16.60 -14.33
N TYR D 302 20.97 -16.45 -13.59
CA TYR D 302 21.91 -17.56 -13.36
C TYR D 302 21.26 -18.70 -12.58
N GLY D 303 20.42 -18.35 -11.63
CA GLY D 303 19.62 -19.35 -10.93
C GLY D 303 18.73 -20.11 -11.90
N GLU D 304 18.08 -19.39 -12.81
CA GLU D 304 17.21 -20.01 -13.80
C GLU D 304 17.95 -20.93 -14.75
N PHE D 305 19.10 -20.50 -15.25
CA PHE D 305 19.90 -21.33 -16.15
C PHE D 305 20.34 -22.62 -15.46
N THR D 306 20.83 -22.49 -14.23
CA THR D 306 21.29 -23.64 -13.44
C THR D 306 20.17 -24.65 -13.22
N ILE D 307 19.00 -24.15 -12.81
CA ILE D 307 17.87 -25.01 -12.49
C ILE D 307 17.37 -25.77 -13.72
N ALA D 308 17.32 -25.10 -14.87
CA ALA D 308 16.89 -25.75 -16.11
C ALA D 308 17.79 -26.92 -16.48
N LEU D 309 19.09 -26.79 -16.21
CA LEU D 309 20.05 -27.87 -16.47
C LEU D 309 19.98 -28.96 -15.40
N GLN D 310 19.75 -28.58 -14.14
CA GLN D 310 19.61 -29.54 -13.04
C GLN D 310 18.56 -30.61 -13.37
N GLY D 311 17.44 -30.17 -13.94
CA GLY D 311 16.38 -31.09 -14.33
C GLY D 311 16.75 -31.92 -15.53
N ALA D 312 17.24 -31.24 -16.58
CA ALA D 312 17.58 -31.90 -17.82
C ALA D 312 18.75 -32.86 -17.66
N ASP D 313 19.76 -32.46 -16.91
CA ASP D 313 20.91 -33.34 -16.63
C ASP D 313 20.48 -34.58 -15.85
N ALA D 314 19.74 -34.36 -14.76
CA ALA D 314 19.24 -35.46 -13.92
C ALA D 314 18.35 -36.42 -14.71
N ALA D 315 17.57 -35.87 -15.64
CA ALA D 315 16.77 -36.70 -16.54
C ALA D 315 17.69 -37.50 -17.47
N ALA D 316 18.68 -36.83 -18.06
CA ALA D 316 19.62 -37.50 -18.97
C ALA D 316 20.31 -38.67 -18.31
N ARG D 317 20.89 -38.43 -17.13
CA ARG D 317 21.60 -39.48 -16.38
C ARG D 317 20.70 -40.69 -16.10
N GLU D 318 19.45 -40.43 -15.77
CA GLU D 318 18.49 -41.50 -15.49
C GLU D 318 18.22 -42.36 -16.72
N ALA D 319 18.18 -41.72 -17.89
CA ALA D 319 17.95 -42.42 -19.16
C ALA D 319 19.17 -43.23 -19.59
N ALA D 320 20.37 -42.74 -19.29
CA ALA D 320 21.61 -43.46 -19.59
C ALA D 320 21.75 -44.72 -18.73
N HIS D 321 21.30 -44.67 -17.49
CA HIS D 321 21.25 -45.86 -16.63
C HIS D 321 20.22 -46.86 -17.16
N LEU D 322 19.10 -46.35 -17.67
CA LEU D 322 18.09 -47.22 -18.29
C LEU D 322 18.55 -47.76 -19.63
N LEU D 323 19.39 -47.00 -20.33
CA LEU D 323 20.02 -47.48 -21.57
C LEU D 323 20.99 -48.63 -21.25
N GLN D 324 21.72 -48.51 -20.16
CA GLN D 324 22.69 -49.53 -19.75
C GLN D 324 21.97 -50.83 -19.41
N THR D 325 20.95 -50.72 -18.54
CA THR D 325 20.13 -51.87 -18.14
C THR D 325 19.58 -52.60 -19.36
N VAL D 326 18.99 -51.85 -20.27
CA VAL D 326 18.44 -52.41 -21.51
C VAL D 326 19.53 -53.01 -22.41
N TRP D 327 20.69 -52.34 -22.48
CA TRP D 327 21.81 -52.83 -23.29
C TRP D 327 22.39 -54.14 -22.72
N ASP D 328 22.49 -54.24 -21.40
CA ASP D 328 23.02 -55.43 -20.75
C ASP D 328 22.08 -56.64 -20.81
N LYS D 329 20.81 -56.42 -21.15
CA LYS D 329 19.88 -57.53 -21.41
C LYS D 329 20.21 -58.26 -22.72
N GLY D 330 20.86 -57.57 -23.65
CA GLY D 330 21.22 -58.18 -24.92
C GLY D 330 20.00 -58.44 -25.78
N ASP D 331 19.99 -59.57 -26.48
CA ASP D 331 18.88 -59.91 -27.38
C ASP D 331 17.58 -60.25 -26.65
N ALA D 332 17.64 -60.40 -25.32
CA ALA D 332 16.46 -60.65 -24.49
C ALA D 332 15.58 -59.41 -24.25
N LEU D 333 15.92 -58.27 -24.86
CA LEU D 333 15.10 -57.07 -24.76
C LEU D 333 13.70 -57.28 -25.34
N THR D 334 12.71 -56.69 -24.70
CA THR D 334 11.32 -56.73 -25.17
C THR D 334 10.94 -55.43 -25.88
N PRO D 335 9.88 -55.47 -26.72
CA PRO D 335 9.30 -54.25 -27.29
C PRO D 335 8.95 -53.21 -26.23
N GLU D 336 8.45 -53.69 -25.08
CA GLU D 336 8.11 -52.82 -23.96
C GLU D 336 9.36 -52.08 -23.45
N ASP D 337 10.41 -52.83 -23.16
CA ASP D 337 11.68 -52.24 -22.69
C ASP D 337 12.21 -51.21 -23.67
N ARG D 338 12.18 -51.55 -24.95
CA ARG D 338 12.66 -50.66 -26.01
C ARG D 338 11.82 -49.40 -26.05
N GLY D 339 10.50 -49.58 -26.13
CA GLY D 339 9.56 -48.47 -26.17
C GLY D 339 9.62 -47.54 -24.98
N GLU D 340 9.79 -48.12 -23.79
CA GLU D 340 9.86 -47.33 -22.56
C GLU D 340 11.13 -46.48 -22.50
N LEU D 341 12.28 -47.11 -22.73
CA LEU D 341 13.55 -46.38 -22.83
C LEU D 341 13.43 -45.23 -23.82
N MET D 342 12.90 -45.53 -25.00
CA MET D 342 12.73 -44.55 -26.07
C MET D 342 11.90 -43.35 -25.63
N VAL D 343 10.84 -43.60 -24.86
CA VAL D 343 10.00 -42.53 -24.32
C VAL D 343 10.81 -41.63 -23.38
N LYS D 344 11.56 -42.23 -22.47
CA LYS D 344 12.37 -41.47 -21.52
C LYS D 344 13.42 -40.65 -22.25
N VAL D 345 14.07 -41.27 -23.23
CA VAL D 345 15.07 -40.62 -24.06
C VAL D 345 14.47 -39.46 -24.83
N SER D 346 13.32 -39.69 -25.45
CA SER D 346 12.58 -38.66 -26.18
C SER D 346 12.31 -37.44 -25.30
N GLY D 347 12.03 -37.68 -24.02
CA GLY D 347 11.83 -36.60 -23.06
C GLY D 347 13.11 -35.85 -22.74
N VAL D 348 14.22 -36.57 -22.61
CA VAL D 348 15.52 -35.93 -22.39
C VAL D 348 15.92 -35.07 -23.60
N LYS D 349 15.64 -35.56 -24.80
CA LYS D 349 15.90 -34.81 -26.04
C LYS D 349 15.21 -33.45 -26.04
N ALA D 350 13.97 -33.41 -25.54
CA ALA D 350 13.21 -32.15 -25.49
C ALA D 350 13.73 -31.21 -24.41
N LEU D 351 13.99 -31.75 -23.23
CA LEU D 351 14.53 -30.97 -22.10
C LEU D 351 15.90 -30.39 -22.45
N ALA D 352 16.74 -31.19 -23.10
CA ALA D 352 18.05 -30.73 -23.53
C ALA D 352 17.95 -29.63 -24.59
N THR D 353 17.06 -29.84 -25.55
CA THR D 353 16.88 -28.87 -26.64
C THR D 353 16.45 -27.51 -26.13
N ASN D 354 15.37 -27.48 -25.36
N ASN D 354 15.36 -27.51 -25.37
CA ASN D 354 14.85 -26.20 -24.86
CA ASN D 354 14.79 -26.28 -24.79
C ASN D 354 15.75 -25.55 -23.81
C ASN D 354 15.77 -25.57 -23.85
N ALA D 355 16.39 -26.34 -22.95
CA ALA D 355 17.33 -25.78 -21.98
C ALA D 355 18.54 -25.17 -22.68
N ALA D 356 19.11 -25.90 -23.65
CA ALA D 356 20.30 -25.46 -24.36
C ALA D 356 20.05 -24.20 -25.21
N LEU D 357 18.92 -24.18 -25.94
CA LEU D 357 18.53 -23.00 -26.69
C LEU D 357 18.30 -21.79 -25.78
N ASN D 358 17.57 -22.01 -24.70
CA ASN D 358 17.25 -20.95 -23.74
C ASN D 358 18.49 -20.39 -23.06
N ILE D 359 19.38 -21.28 -22.62
CA ILE D 359 20.60 -20.85 -21.95
C ILE D 359 21.62 -20.26 -22.95
N SER D 360 21.73 -20.84 -24.14
CA SER D 360 22.72 -20.34 -25.12
C SER D 360 22.41 -18.90 -25.56
N SER D 361 21.12 -18.57 -25.64
CA SER D 361 20.69 -17.20 -25.97
C SER D 361 20.55 -16.31 -24.73
N GLY D 362 19.90 -16.83 -23.69
CA GLY D 362 19.66 -16.07 -22.46
C GLY D 362 20.94 -15.57 -21.80
N VAL D 363 22.00 -16.37 -21.91
CA VAL D 363 23.31 -16.02 -21.34
C VAL D 363 23.80 -14.64 -21.78
N PHE D 364 23.47 -14.21 -23.00
CA PHE D 364 23.84 -12.88 -23.46
C PHE D 364 23.29 -11.74 -22.60
N GLU D 365 22.09 -11.91 -22.04
CA GLU D 365 21.47 -10.87 -21.21
C GLU D 365 22.36 -10.44 -20.04
N VAL D 366 23.02 -11.40 -19.41
CA VAL D 366 23.92 -11.11 -18.29
C VAL D 366 25.37 -10.83 -18.74
N ILE D 367 25.71 -11.16 -19.98
CA ILE D 367 27.03 -10.80 -20.52
C ILE D 367 27.12 -9.30 -20.84
N GLY D 368 26.16 -8.80 -21.62
CA GLY D 368 26.10 -7.37 -21.98
C GLY D 368 26.60 -7.07 -23.38
N ALA D 369 26.51 -5.80 -23.78
CA ALA D 369 26.83 -5.36 -25.15
C ALA D 369 28.25 -5.69 -25.61
N ARG D 370 29.23 -5.49 -24.73
CA ARG D 370 30.63 -5.69 -25.08
C ARG D 370 30.95 -7.13 -25.45
N GLY D 371 30.15 -8.08 -24.97
CA GLY D 371 30.34 -9.49 -25.30
C GLY D 371 29.83 -9.93 -26.67
N THR D 372 29.28 -9.01 -27.44
CA THR D 372 28.82 -9.31 -28.80
C THR D 372 29.97 -9.26 -29.81
N HIS D 373 31.16 -8.89 -29.35
CA HIS D 373 32.35 -8.82 -30.19
C HIS D 373 32.82 -10.24 -30.58
N PRO D 374 33.22 -10.45 -31.86
CA PRO D 374 33.64 -11.76 -32.38
C PRO D 374 34.84 -12.45 -31.68
N ARG D 375 35.70 -11.69 -31.01
CA ARG D 375 36.85 -12.27 -30.32
C ARG D 375 36.42 -13.20 -29.21
N TYR D 376 35.28 -12.89 -28.59
CA TYR D 376 34.66 -13.75 -27.58
C TYR D 376 33.94 -14.93 -28.22
N GLY D 377 33.35 -14.68 -29.39
CA GLY D 377 32.60 -15.71 -30.10
C GLY D 377 31.52 -16.36 -29.25
N PHE D 378 30.88 -15.57 -28.38
CA PHE D 378 29.92 -16.11 -27.42
C PHE D 378 28.66 -16.67 -28.07
N ASP D 379 28.41 -16.36 -29.34
CA ASP D 379 27.22 -16.87 -30.04
C ASP D 379 27.41 -18.27 -30.65
N ARG D 380 28.60 -18.85 -30.51
CA ARG D 380 28.87 -20.16 -31.10
C ARG D 380 28.06 -21.27 -30.43
N PHE D 381 27.82 -21.15 -29.13
CA PHE D 381 27.07 -22.14 -28.37
C PHE D 381 25.65 -22.27 -28.93
N TRP D 382 24.96 -21.14 -29.06
CA TRP D 382 23.60 -21.10 -29.61
C TRP D 382 23.56 -21.62 -31.04
N ARG D 383 24.49 -21.15 -31.87
CA ARG D 383 24.56 -21.58 -33.27
C ARG D 383 24.75 -23.09 -33.39
N ASN D 384 25.63 -23.66 -32.58
CA ASN D 384 25.81 -25.12 -32.58
C ASN D 384 24.52 -25.86 -32.19
N VAL D 385 23.87 -25.44 -31.11
CA VAL D 385 22.61 -26.06 -30.65
C VAL D 385 21.49 -25.82 -31.66
N ARG D 386 21.34 -24.56 -32.06
CA ARG D 386 20.30 -24.18 -33.02
C ARG D 386 20.41 -24.94 -34.33
N THR D 387 21.64 -25.28 -34.74
CA THR D 387 21.85 -26.04 -35.96
C THR D 387 21.42 -27.49 -35.79
N HIS D 388 22.08 -28.20 -34.88
CA HIS D 388 21.87 -29.65 -34.76
C HIS D 388 20.51 -30.06 -34.17
N SER D 389 19.89 -29.18 -33.38
CA SER D 389 18.55 -29.45 -32.83
C SER D 389 17.46 -29.56 -33.91
N LEU D 390 17.80 -29.19 -35.14
CA LEU D 390 16.90 -29.35 -36.28
C LEU D 390 17.13 -30.68 -37.03
N HIS D 391 18.08 -31.50 -36.55
CA HIS D 391 18.31 -32.83 -37.12
C HIS D 391 16.96 -33.54 -37.32
N ASP D 392 16.20 -33.67 -36.24
CA ASP D 392 14.85 -34.18 -36.31
C ASP D 392 13.93 -33.34 -35.42
N PRO D 393 12.64 -33.26 -35.79
CA PRO D 393 11.78 -32.28 -35.14
C PRO D 393 11.50 -32.64 -33.68
N VAL D 394 11.80 -31.71 -32.78
CA VAL D 394 11.56 -31.92 -31.35
C VAL D 394 10.08 -32.00 -31.03
N SER D 395 9.25 -31.38 -31.87
CA SER D 395 7.79 -31.48 -31.75
C SER D 395 7.32 -32.93 -31.70
N TYR D 396 7.91 -33.80 -32.53
CA TYR D 396 7.50 -35.21 -32.55
C TYR D 396 8.14 -36.06 -31.48
N LYS D 397 9.28 -35.62 -30.93
CA LYS D 397 9.80 -36.19 -29.68
C LYS D 397 8.77 -35.97 -28.57
N ILE D 398 8.31 -34.73 -28.45
CA ILE D 398 7.31 -34.36 -27.44
C ILE D 398 6.01 -35.13 -27.68
N ALA D 399 5.56 -35.16 -28.93
CA ALA D 399 4.35 -35.89 -29.30
C ALA D 399 4.47 -37.38 -28.94
N ASP D 400 5.62 -37.99 -29.25
CA ASP D 400 5.85 -39.40 -28.91
C ASP D 400 5.66 -39.65 -27.40
N VAL D 401 6.19 -38.75 -26.58
CA VAL D 401 6.04 -38.84 -25.12
C VAL D 401 4.56 -38.67 -24.73
N GLY D 402 3.87 -37.76 -25.42
CA GLY D 402 2.45 -37.50 -25.16
C GLY D 402 1.53 -38.66 -25.52
N LYS D 403 1.85 -39.34 -26.63
CA LYS D 403 1.11 -40.53 -27.03
C LYS D 403 1.24 -41.64 -25.99
N HIS D 404 2.45 -41.81 -25.45
CA HIS D 404 2.69 -42.81 -24.43
C HIS D 404 1.94 -42.49 -23.13
N THR D 405 2.10 -41.26 -22.65
CA THR D 405 1.40 -40.82 -21.43
C THR D 405 -0.11 -41.00 -21.54
N LEU D 406 -0.66 -40.68 -22.71
CA LEU D 406 -2.12 -40.69 -22.90
C LEU D 406 -2.67 -42.09 -23.17
N ASN D 407 -2.06 -42.80 -24.12
CA ASN D 407 -2.59 -44.09 -24.61
C ASN D 407 -1.74 -45.32 -24.27
N GLY D 408 -0.52 -45.11 -23.78
CA GLY D 408 0.43 -46.21 -23.62
C GLY D 408 1.06 -46.65 -24.94
N GLN D 409 0.89 -45.84 -25.99
CA GLN D 409 1.42 -46.17 -27.31
C GLN D 409 2.92 -45.87 -27.35
N TYR D 410 3.70 -46.85 -27.78
CA TYR D 410 5.13 -46.65 -27.99
C TYR D 410 5.33 -46.11 -29.40
N PRO D 411 6.42 -45.36 -29.62
CA PRO D 411 6.66 -44.79 -30.94
C PRO D 411 7.07 -45.87 -31.95
N ILE D 412 6.82 -45.62 -33.23
CA ILE D 412 7.16 -46.57 -34.28
C ILE D 412 8.68 -46.55 -34.45
N PRO D 413 9.35 -47.69 -34.15
CA PRO D 413 10.81 -47.67 -34.21
C PRO D 413 11.35 -47.33 -35.59
N GLY D 414 12.44 -46.58 -35.60
CA GLY D 414 13.09 -46.15 -36.83
C GLY D 414 14.42 -45.50 -36.50
N PHE D 415 14.85 -44.57 -37.35
CA PHE D 415 16.12 -43.89 -37.15
C PHE D 415 16.04 -42.83 -36.05
N THR D 416 14.92 -42.12 -35.97
CA THR D 416 14.71 -41.08 -34.97
C THR D 416 13.72 -41.49 -33.85
N SER D 417 12.77 -42.35 -34.17
CA SER D 417 11.78 -42.80 -33.18
C SER D 417 11.96 -44.29 -32.86
N ASP E 17 11.30 -57.72 6.61
CA ASP E 17 11.23 -56.50 5.76
C ASP E 17 9.89 -56.40 5.03
N ASN E 18 9.54 -55.18 4.63
CA ASN E 18 8.29 -54.93 3.89
C ASN E 18 8.32 -53.55 3.20
N ASP E 19 7.72 -53.47 2.02
CA ASP E 19 7.72 -52.24 1.23
C ASP E 19 6.64 -51.27 1.72
N PRO E 20 7.05 -50.12 2.30
CA PRO E 20 6.08 -49.16 2.81
C PRO E 20 5.30 -48.43 1.70
N VAL E 21 5.86 -48.40 0.49
CA VAL E 21 5.20 -47.75 -0.65
C VAL E 21 3.92 -48.50 -1.02
N ALA E 22 3.98 -49.83 -0.96
CA ALA E 22 2.81 -50.67 -1.24
C ALA E 22 1.68 -50.41 -0.25
N VAL E 23 2.05 -50.19 1.02
CA VAL E 23 1.08 -49.86 2.07
C VAL E 23 0.41 -48.52 1.77
N ALA E 24 1.19 -47.56 1.31
CA ALA E 24 0.68 -46.25 0.91
C ALA E 24 -0.24 -46.34 -0.31
N ARG E 25 0.10 -47.21 -1.26
CA ARG E 25 -0.74 -47.44 -2.44
C ARG E 25 -2.09 -48.05 -2.10
N GLY E 26 -2.13 -48.90 -1.08
CA GLY E 26 -3.38 -49.48 -0.59
C GLY E 26 -4.32 -48.41 -0.05
N LEU E 27 -3.77 -47.50 0.74
CA LEU E 27 -4.54 -46.39 1.33
C LEU E 27 -4.93 -45.33 0.30
N ALA E 28 -4.09 -45.15 -0.72
CA ALA E 28 -4.33 -44.16 -1.77
C ALA E 28 -5.63 -44.39 -2.52
N GLU E 29 -5.98 -45.66 -2.74
CA GLU E 29 -7.22 -46.02 -3.43
C GLU E 29 -8.45 -45.74 -2.59
N LYS E 30 -8.30 -45.82 -1.28
CA LYS E 30 -9.37 -45.48 -0.34
C LYS E 30 -9.58 -43.96 -0.35
N TRP E 31 -8.49 -43.21 -0.24
CA TRP E 31 -8.55 -41.75 -0.09
C TRP E 31 -8.96 -41.01 -1.36
N ARG E 32 -8.65 -41.58 -2.52
CA ARG E 32 -9.04 -40.98 -3.80
C ARG E 32 -10.56 -40.91 -3.99
N ALA E 33 -11.30 -41.82 -3.37
CA ALA E 33 -12.77 -41.84 -3.48
C ALA E 33 -13.45 -40.86 -2.53
N THR E 34 -12.74 -40.43 -1.48
CA THR E 34 -13.24 -39.40 -0.57
C THR E 34 -12.56 -38.04 -0.76
N ALA E 35 -11.60 -37.97 -1.68
CA ALA E 35 -10.78 -36.76 -1.89
C ALA E 35 -11.59 -35.51 -2.21
N VAL E 36 -12.67 -35.68 -2.97
CA VAL E 36 -13.47 -34.54 -3.43
C VAL E 36 -14.32 -33.98 -2.30
N GLU E 37 -15.01 -34.85 -1.56
CA GLU E 37 -15.85 -34.43 -0.45
C GLU E 37 -14.98 -33.78 0.62
N ARG E 38 -13.91 -34.48 1.00
CA ARG E 38 -13.03 -34.01 2.06
C ARG E 38 -12.34 -32.69 1.72
N ASP E 39 -12.08 -32.46 0.43
CA ASP E 39 -11.62 -31.15 -0.02
C ASP E 39 -12.72 -30.10 0.09
N ARG E 40 -13.91 -30.42 -0.41
CA ARG E 40 -15.05 -29.51 -0.32
C ARG E 40 -15.38 -29.15 1.13
N ALA E 41 -15.43 -30.16 2.00
CA ALA E 41 -15.79 -29.97 3.40
C ALA E 41 -14.66 -29.32 4.20
N GLY E 42 -13.42 -29.69 3.90
CA GLY E 42 -12.26 -29.19 4.62
C GLY E 42 -12.16 -29.83 5.99
N GLY E 43 -11.67 -29.07 6.96
CA GLY E 43 -11.59 -29.55 8.34
C GLY E 43 -10.51 -30.59 8.54
N SER E 44 -10.62 -31.36 9.62
CA SER E 44 -9.63 -32.39 9.93
C SER E 44 -10.00 -33.71 9.23
N ALA E 45 -8.97 -34.43 8.78
CA ALA E 45 -9.15 -35.71 8.12
C ALA E 45 -8.91 -36.84 9.12
N THR E 46 -9.69 -36.82 10.20
CA THR E 46 -9.47 -37.70 11.35
C THR E 46 -9.52 -39.18 10.95
N ALA E 47 -10.53 -39.56 10.17
CA ALA E 47 -10.65 -40.92 9.67
C ALA E 47 -9.38 -41.35 8.93
N GLU E 48 -8.85 -40.46 8.10
CA GLU E 48 -7.68 -40.74 7.28
C GLU E 48 -6.38 -40.69 8.11
N ARG E 49 -6.34 -39.82 9.11
CA ARG E 49 -5.21 -39.78 10.05
C ARG E 49 -5.09 -41.11 10.78
N GLU E 50 -6.22 -41.69 11.16
CA GLU E 50 -6.25 -43.01 11.80
C GLU E 50 -5.80 -44.12 10.87
N ASP E 51 -6.16 -44.02 9.59
CA ASP E 51 -5.73 -45.01 8.59
C ASP E 51 -4.20 -45.12 8.56
N LEU E 52 -3.51 -43.99 8.67
CA LEU E 52 -2.03 -43.97 8.68
C LEU E 52 -1.45 -44.54 9.97
N ARG E 53 -2.10 -44.28 11.10
CA ARG E 53 -1.69 -44.90 12.36
C ARG E 53 -1.82 -46.41 12.26
N ALA E 54 -3.03 -46.87 11.93
CA ALA E 54 -3.34 -48.30 11.79
C ALA E 54 -2.47 -49.02 10.75
N SER E 55 -1.99 -48.29 9.75
CA SER E 55 -1.11 -48.86 8.74
C SER E 55 0.30 -49.11 9.28
N GLY E 56 0.73 -48.27 10.21
CA GLY E 56 2.06 -48.39 10.82
C GLY E 56 3.15 -47.54 10.15
N LEU E 57 2.76 -46.70 9.20
CA LEU E 57 3.74 -45.87 8.46
C LEU E 57 4.26 -44.67 9.25
N LEU E 58 3.70 -44.40 10.42
CA LEU E 58 4.12 -43.27 11.25
C LEU E 58 5.54 -43.37 11.78
N SER E 59 6.03 -44.60 11.98
CA SER E 59 7.40 -44.82 12.45
C SER E 59 8.35 -45.19 11.31
N LEU E 60 8.08 -44.68 10.11
CA LEU E 60 8.83 -45.04 8.91
C LEU E 60 10.32 -44.68 9.00
N LEU E 61 10.61 -43.46 9.43
CA LEU E 61 11.99 -42.98 9.59
C LEU E 61 12.59 -43.32 10.96
N VAL E 62 11.79 -43.85 11.89
CA VAL E 62 12.30 -44.28 13.19
C VAL E 62 13.15 -45.55 12.98
N PRO E 63 14.36 -45.59 13.57
CA PRO E 63 15.25 -46.75 13.35
C PRO E 63 14.68 -48.08 13.82
N ARG E 64 15.21 -49.17 13.29
CA ARG E 64 14.78 -50.52 13.64
C ARG E 64 14.92 -50.78 15.13
N GLU E 65 16.03 -50.32 15.72
CA GLU E 65 16.32 -50.53 17.13
C GLU E 65 15.15 -50.17 18.05
N TYR E 66 14.47 -49.08 17.75
CA TYR E 66 13.39 -48.55 18.60
C TYR E 66 11.99 -48.91 18.12
N GLY E 67 11.89 -49.81 17.14
CA GLY E 67 10.59 -50.34 16.69
C GLY E 67 10.10 -49.85 15.34
N GLY E 68 10.75 -48.83 14.77
CA GLY E 68 10.35 -48.28 13.48
C GLY E 68 10.77 -49.12 12.30
N TRP E 69 10.59 -48.58 11.10
CA TRP E 69 10.90 -49.29 9.85
C TRP E 69 12.37 -49.18 9.50
N GLY E 70 12.99 -48.05 9.87
CA GLY E 70 14.38 -47.79 9.52
C GLY E 70 14.57 -47.53 8.04
N ALA E 71 13.61 -46.86 7.42
CA ALA E 71 13.65 -46.58 5.99
C ALA E 71 14.61 -45.45 5.68
N ASP E 72 15.27 -45.52 4.52
CA ASP E 72 16.13 -44.44 4.05
C ASP E 72 15.29 -43.25 3.59
N TRP E 73 15.95 -42.14 3.27
CA TRP E 73 15.25 -40.94 2.83
C TRP E 73 14.53 -41.11 1.49
N PRO E 74 15.20 -41.72 0.49
CA PRO E 74 14.51 -41.95 -0.78
C PRO E 74 13.18 -42.69 -0.60
N THR E 75 13.22 -43.85 0.06
CA THR E 75 12.04 -44.66 0.32
C THR E 75 10.95 -43.86 1.03
N ALA E 76 11.35 -43.11 2.05
CA ALA E 76 10.44 -42.24 2.80
C ALA E 76 9.77 -41.22 1.90
N ILE E 77 10.56 -40.60 1.03
CA ILE E 77 10.06 -39.62 0.08
C ILE E 77 9.05 -40.24 -0.90
N GLU E 78 9.34 -41.44 -1.39
CA GLU E 78 8.45 -42.13 -2.34
C GLU E 78 7.07 -42.39 -1.73
N VAL E 79 7.03 -42.66 -0.43
CA VAL E 79 5.77 -42.87 0.29
C VAL E 79 5.00 -41.55 0.39
N VAL E 80 5.70 -40.49 0.78
CA VAL E 80 5.13 -39.15 0.85
C VAL E 80 4.52 -38.76 -0.50
N ARG E 81 5.23 -39.07 -1.58
CA ARG E 81 4.76 -38.79 -2.94
C ARG E 81 3.51 -39.58 -3.30
N GLU E 82 3.51 -40.86 -2.94
CA GLU E 82 2.37 -41.72 -3.25
C GLU E 82 1.13 -41.20 -2.51
N ILE E 83 1.29 -40.78 -1.26
CA ILE E 83 0.18 -40.22 -0.48
C ILE E 83 -0.25 -38.85 -1.03
N ALA E 84 0.74 -38.01 -1.36
CA ALA E 84 0.47 -36.68 -1.89
C ALA E 84 -0.26 -36.74 -3.24
N ALA E 85 0.00 -37.79 -4.00
CA ALA E 85 -0.69 -38.00 -5.28
C ALA E 85 -2.19 -38.22 -5.10
N ALA E 86 -2.57 -38.93 -4.05
CA ALA E 86 -3.98 -39.18 -3.75
C ALA E 86 -4.61 -37.99 -3.02
N ASP E 87 -3.87 -37.41 -2.08
CA ASP E 87 -4.37 -36.29 -1.30
C ASP E 87 -3.18 -35.44 -0.83
N GLY E 88 -3.11 -34.21 -1.33
CA GLY E 88 -2.00 -33.32 -1.03
C GLY E 88 -1.91 -32.92 0.43
N SER E 89 -3.07 -32.70 1.05
CA SER E 89 -3.12 -32.39 2.48
C SER E 89 -2.57 -33.54 3.33
N LEU E 90 -2.99 -34.77 3.01
CA LEU E 90 -2.46 -35.95 3.68
C LEU E 90 -0.96 -36.10 3.40
N GLY E 91 -0.56 -35.79 2.17
CA GLY E 91 0.86 -35.78 1.79
C GLY E 91 1.67 -34.79 2.63
N HIS E 92 1.13 -33.59 2.81
CA HIS E 92 1.79 -32.56 3.62
C HIS E 92 1.74 -32.90 5.12
N LEU E 93 0.64 -33.48 5.58
CA LEU E 93 0.49 -33.85 6.98
C LEU E 93 1.46 -34.95 7.36
N PHE E 94 1.46 -36.03 6.58
CA PHE E 94 2.39 -37.14 6.76
C PHE E 94 3.84 -36.70 6.54
N GLY E 95 4.04 -35.79 5.59
CA GLY E 95 5.37 -35.27 5.28
C GLY E 95 5.99 -34.46 6.40
N TYR E 96 5.24 -33.52 6.95
CA TYR E 96 5.74 -32.66 8.03
C TYR E 96 5.91 -33.45 9.32
N HIS E 97 5.03 -34.42 9.54
CA HIS E 97 5.17 -35.37 10.63
C HIS E 97 6.57 -36.01 10.64
N LEU E 98 6.97 -36.54 9.48
CA LEU E 98 8.26 -37.21 9.33
C LEU E 98 9.47 -36.31 9.58
N THR E 99 9.30 -35.00 9.45
CA THR E 99 10.40 -34.06 9.67
C THR E 99 10.58 -33.71 11.16
N ASN E 100 9.55 -33.99 11.96
CA ASN E 100 9.57 -33.64 13.38
C ASN E 100 10.52 -34.52 14.17
N ALA E 101 10.27 -35.82 14.18
CA ALA E 101 11.07 -36.76 14.98
C ALA E 101 12.60 -36.63 14.78
N PRO E 102 13.07 -36.58 13.52
CA PRO E 102 14.49 -36.35 13.24
C PRO E 102 15.13 -35.24 14.10
N MET E 103 14.35 -34.20 14.40
CA MET E 103 14.77 -33.12 15.31
C MET E 103 15.42 -33.60 16.61
N ILE E 104 15.06 -34.80 17.06
CA ILE E 104 15.62 -35.36 18.29
C ILE E 104 17.10 -35.72 18.12
N GLU E 105 17.44 -36.39 17.01
CA GLU E 105 18.83 -36.79 16.79
C GLU E 105 19.67 -35.72 16.08
N LEU E 106 19.06 -34.59 15.71
CA LEU E 106 19.79 -33.46 15.14
C LEU E 106 20.42 -32.60 16.24
N ILE E 107 19.63 -32.27 17.26
CA ILE E 107 20.11 -31.44 18.39
C ILE E 107 19.96 -32.08 19.78
N GLY E 108 19.04 -33.03 19.93
CA GLY E 108 18.82 -33.67 21.23
C GLY E 108 19.88 -34.71 21.59
N SER E 109 19.85 -35.14 22.85
CA SER E 109 20.84 -36.08 23.39
C SER E 109 20.53 -37.54 23.03
N GLN E 110 21.42 -38.45 23.43
CA GLN E 110 21.24 -39.89 23.20
C GLN E 110 20.08 -40.49 23.99
N GLU E 111 19.91 -40.08 25.24
CA GLU E 111 18.82 -40.60 26.07
C GLU E 111 17.45 -40.08 25.61
N GLN E 112 17.44 -38.92 24.95
CA GLN E 112 16.21 -38.39 24.36
C GLN E 112 15.84 -39.15 23.09
N GLU E 113 16.82 -39.46 22.25
CA GLU E 113 16.60 -40.30 21.07
C GLU E 113 15.99 -41.63 21.48
N GLU E 114 16.72 -42.37 22.32
CA GLU E 114 16.29 -43.67 22.81
C GLU E 114 14.84 -43.64 23.32
N HIS E 115 14.56 -42.71 24.22
CA HIS E 115 13.25 -42.62 24.86
C HIS E 115 12.12 -42.22 23.90
N LEU E 116 12.35 -41.15 23.14
CA LEU E 116 11.29 -40.59 22.29
C LEU E 116 11.02 -41.42 21.03
N TYR E 117 12.08 -41.90 20.38
CA TYR E 117 11.91 -42.74 19.19
C TYR E 117 11.13 -44.02 19.54
N THR E 118 11.49 -44.64 20.66
CA THR E 118 10.80 -45.85 21.14
C THR E 118 9.32 -45.58 21.38
N GLN E 119 9.01 -44.48 22.07
CA GLN E 119 7.62 -44.10 22.32
C GLN E 119 6.81 -43.94 21.03
N ILE E 120 7.40 -43.29 20.04
CA ILE E 120 6.73 -43.05 18.76
C ILE E 120 6.34 -44.36 18.08
N ALA E 121 7.29 -45.29 17.98
CA ALA E 121 7.05 -46.58 17.33
C ALA E 121 6.15 -47.49 18.16
N GLN E 122 6.40 -47.57 19.47
CA GLN E 122 5.62 -48.42 20.36
C GLN E 122 4.18 -47.93 20.47
N ASN E 123 4.02 -46.62 20.70
CA ASN E 123 2.70 -46.02 20.89
C ASN E 123 2.04 -45.54 19.59
N ASN E 124 2.74 -45.70 18.45
CA ASN E 124 2.21 -45.30 17.15
C ASN E 124 1.77 -43.83 17.12
N TRP E 125 2.59 -42.97 17.69
CA TRP E 125 2.22 -41.57 17.86
C TRP E 125 2.25 -40.77 16.55
N TRP E 126 1.35 -39.80 16.47
CA TRP E 126 1.37 -38.77 15.45
C TRP E 126 2.14 -37.58 16.00
N THR E 127 3.25 -37.23 15.38
CA THR E 127 3.96 -35.99 15.73
C THR E 127 3.35 -34.80 14.99
N GLY E 128 3.46 -33.62 15.61
CA GLY E 128 3.04 -32.36 15.01
C GLY E 128 3.93 -31.27 15.57
N ASN E 129 3.91 -30.09 14.96
CA ASN E 129 4.74 -28.99 15.44
C ASN E 129 4.04 -27.64 15.55
N ALA E 130 4.58 -26.83 16.45
CA ALA E 130 4.27 -25.41 16.56
C ALA E 130 5.61 -24.74 16.76
N SER E 131 6.50 -24.96 15.79
CA SER E 131 7.92 -24.69 15.94
C SER E 131 8.32 -23.28 15.50
N SER E 132 8.76 -23.14 14.25
CA SER E 132 9.38 -21.91 13.79
C SER E 132 8.38 -20.91 13.24
N GLU E 133 8.64 -19.64 13.49
CA GLU E 133 8.08 -18.55 12.71
C GLU E 133 9.17 -18.14 11.72
N ASN E 134 8.97 -18.49 10.45
CA ASN E 134 10.03 -18.40 9.43
C ASN E 134 10.30 -16.97 8.94
N ASN E 135 9.38 -16.06 9.23
CA ASN E 135 9.45 -14.68 8.75
C ASN E 135 9.21 -13.69 9.88
N SER E 136 9.76 -13.98 11.06
CA SER E 136 9.53 -13.17 12.24
C SER E 136 10.81 -13.05 13.05
N HIS E 137 11.14 -11.82 13.45
CA HIS E 137 12.34 -11.59 14.26
C HIS E 137 12.14 -12.29 15.59
N VAL E 138 13.21 -12.93 16.08
CA VAL E 138 13.11 -13.82 17.24
C VAL E 138 12.30 -13.26 18.41
N LEU E 139 12.47 -11.97 18.70
CA LEU E 139 11.78 -11.33 19.83
C LEU E 139 10.30 -11.07 19.59
N ASP E 140 9.87 -11.08 18.32
CA ASP E 140 8.46 -10.92 17.97
C ASP E 140 7.67 -12.22 18.08
N TRP E 141 8.37 -13.36 18.16
CA TRP E 141 7.72 -14.67 18.20
C TRP E 141 6.66 -14.70 19.30
N LYS E 142 5.50 -15.28 18.98
CA LYS E 142 4.35 -15.27 19.87
C LYS E 142 4.53 -16.17 21.10
N VAL E 143 5.14 -17.34 20.90
CA VAL E 143 5.39 -18.28 22.00
C VAL E 143 6.66 -17.89 22.73
N ARG E 144 6.51 -17.27 23.90
CA ARG E 144 7.65 -16.95 24.75
C ARG E 144 7.92 -18.09 25.73
N ALA E 145 9.12 -18.11 26.29
CA ALA E 145 9.55 -19.19 27.19
C ALA E 145 10.21 -18.62 28.43
N THR E 146 9.53 -18.75 29.56
CA THR E 146 10.04 -18.28 30.85
C THR E 146 10.81 -19.41 31.53
N PRO E 147 12.12 -19.21 31.79
CA PRO E 147 12.92 -20.26 32.42
C PRO E 147 12.59 -20.49 33.89
N THR E 148 12.56 -21.75 34.31
CA THR E 148 12.25 -22.12 35.69
C THR E 148 13.54 -22.37 36.48
N GLU E 149 13.39 -22.50 37.80
CA GLU E 149 14.52 -22.77 38.70
C GLU E 149 15.09 -24.17 38.49
N ASP E 150 14.23 -25.14 38.17
CA ASP E 150 14.65 -26.54 38.00
C ASP E 150 15.21 -26.86 36.61
N GLY E 151 15.31 -25.87 35.73
CA GLY E 151 15.91 -26.05 34.41
C GLY E 151 14.94 -26.22 33.27
N GLY E 152 13.64 -26.19 33.57
CA GLY E 152 12.60 -26.29 32.55
C GLY E 152 12.18 -24.91 32.07
N TYR E 153 11.02 -24.85 31.41
CA TYR E 153 10.48 -23.61 30.88
C TYR E 153 8.95 -23.58 30.96
N VAL E 154 8.40 -22.38 31.06
CA VAL E 154 6.95 -22.18 31.05
C VAL E 154 6.60 -21.39 29.81
N LEU E 155 5.81 -21.99 28.92
CA LEU E 155 5.48 -21.37 27.63
C LEU E 155 4.16 -20.62 27.68
N ASN E 156 4.15 -19.43 27.10
CA ASN E 156 2.94 -18.61 26.99
C ASN E 156 2.86 -17.96 25.60
N GLY E 157 1.69 -18.04 24.98
CA GLY E 157 1.45 -17.41 23.69
C GLY E 157 0.74 -18.32 22.70
N THR E 158 0.20 -17.71 21.65
CA THR E 158 -0.52 -18.44 20.60
C THR E 158 0.25 -18.32 19.28
N LYS E 159 0.78 -19.45 18.80
CA LYS E 159 1.45 -19.47 17.49
C LYS E 159 0.42 -19.65 16.38
N HIS E 160 0.55 -18.87 15.32
CA HIS E 160 -0.44 -18.85 14.24
C HIS E 160 -0.42 -20.09 13.36
N PHE E 161 0.74 -20.41 12.76
CA PHE E 161 0.89 -21.56 11.87
C PHE E 161 1.48 -22.77 12.60
N CYS E 162 0.76 -23.89 12.62
CA CYS E 162 1.18 -25.10 13.35
C CYS E 162 0.90 -26.39 12.56
N SER E 163 1.93 -26.97 11.98
CA SER E 163 1.77 -28.13 11.10
C SER E 163 1.34 -29.38 11.88
N GLY E 164 0.03 -29.64 11.87
CA GLY E 164 -0.53 -30.89 12.39
C GLY E 164 -0.49 -31.05 13.90
N ALA E 165 -0.59 -29.93 14.63
CA ALA E 165 -0.64 -29.98 16.09
C ALA E 165 -1.92 -30.64 16.57
N LYS E 166 -3.05 -30.25 15.97
CA LYS E 166 -4.36 -30.81 16.32
C LYS E 166 -4.41 -32.31 16.09
N GLY E 167 -4.69 -33.06 17.16
CA GLY E 167 -4.80 -34.51 17.08
C GLY E 167 -3.46 -35.25 17.11
N SER E 168 -2.37 -34.51 17.35
CA SER E 168 -1.06 -35.12 17.53
C SER E 168 -0.91 -35.68 18.94
N ASP E 169 0.13 -36.46 19.14
CA ASP E 169 0.44 -37.06 20.44
C ASP E 169 1.68 -36.43 21.05
N LEU E 170 2.76 -36.37 20.27
CA LEU E 170 4.00 -35.70 20.68
C LEU E 170 4.16 -34.39 19.92
N LEU E 171 4.15 -33.27 20.65
CA LEU E 171 4.19 -31.94 20.06
C LEU E 171 5.59 -31.34 20.13
N PHE E 172 6.07 -30.87 18.98
CA PHE E 172 7.37 -30.20 18.88
C PHE E 172 7.17 -28.70 18.81
N VAL E 173 7.63 -28.00 19.86
CA VAL E 173 7.34 -26.59 20.05
C VAL E 173 8.62 -25.79 20.26
N PHE E 174 8.68 -24.59 19.67
CA PHE E 174 9.78 -23.66 19.92
C PHE E 174 9.28 -22.48 20.73
N GLY E 175 10.11 -22.01 21.66
CA GLY E 175 9.81 -20.83 22.46
C GLY E 175 11.00 -19.89 22.47
N VAL E 176 10.72 -18.62 22.70
CA VAL E 176 11.78 -17.60 22.77
C VAL E 176 11.80 -16.97 24.16
N VAL E 177 12.99 -16.86 24.73
CA VAL E 177 13.16 -16.27 26.06
C VAL E 177 13.16 -14.75 25.93
N GLN E 178 12.08 -14.14 26.42
CA GLN E 178 11.86 -12.69 26.29
C GLN E 178 12.06 -11.92 27.60
N ASP E 179 12.38 -12.63 28.68
CA ASP E 179 12.49 -12.02 30.01
C ASP E 179 13.80 -11.22 30.18
N ASP E 180 13.95 -10.60 31.35
CA ASP E 180 15.12 -9.77 31.67
C ASP E 180 16.44 -10.55 31.75
N SER E 181 16.35 -11.86 31.99
CA SER E 181 17.54 -12.72 32.14
C SER E 181 18.40 -12.78 30.87
N PRO E 182 19.73 -12.94 31.01
CA PRO E 182 20.69 -13.09 29.90
C PRO E 182 20.37 -14.14 28.83
N GLN E 183 19.47 -15.07 29.12
CA GLN E 183 19.01 -16.05 28.15
C GLN E 183 18.20 -15.40 27.00
N GLN E 184 17.84 -14.13 27.19
CA GLN E 184 17.27 -13.26 26.15
C GLN E 184 17.57 -13.70 24.71
N GLY E 185 16.51 -13.92 23.93
CA GLY E 185 16.63 -14.19 22.50
C GLY E 185 16.92 -15.63 22.12
N ALA E 186 16.99 -16.52 23.10
CA ALA E 186 17.30 -17.92 22.84
C ALA E 186 16.06 -18.66 22.36
N ILE E 187 16.20 -19.44 21.30
CA ILE E 187 15.12 -20.30 20.81
C ILE E 187 15.20 -21.65 21.49
N ILE E 188 14.22 -21.90 22.36
CA ILE E 188 14.15 -23.15 23.12
C ILE E 188 13.33 -24.18 22.34
N ALA E 189 13.93 -25.33 22.04
CA ALA E 189 13.23 -26.42 21.37
C ALA E 189 12.84 -27.50 22.36
N ALA E 190 11.60 -27.97 22.28
CA ALA E 190 11.06 -28.96 23.22
C ALA E 190 10.15 -29.95 22.53
N ALA E 191 10.09 -31.16 23.08
CA ALA E 191 9.16 -32.20 22.64
C ALA E 191 8.32 -32.61 23.83
N ILE E 192 7.04 -32.23 23.81
CA ILE E 192 6.12 -32.50 24.92
C ILE E 192 4.86 -33.20 24.43
N PRO E 193 4.13 -33.88 25.34
CA PRO E 193 2.83 -34.44 24.97
C PRO E 193 1.82 -33.35 24.61
N THR E 194 0.99 -33.62 23.60
CA THR E 194 -0.06 -32.68 23.20
C THR E 194 -1.12 -32.57 24.29
N SER E 195 -1.26 -33.62 25.10
CA SER E 195 -2.17 -33.63 26.25
C SER E 195 -1.73 -32.71 27.39
N ARG E 196 -0.42 -32.43 27.49
CA ARG E 196 0.14 -31.53 28.49
C ARG E 196 -0.80 -30.34 28.78
N ALA E 197 -1.11 -30.15 30.06
CA ALA E 197 -2.05 -29.11 30.48
C ALA E 197 -1.63 -27.73 29.98
N GLY E 198 -2.62 -26.97 29.50
CA GLY E 198 -2.38 -25.64 28.93
C GLY E 198 -2.23 -25.61 27.42
N VAL E 199 -2.11 -26.78 26.79
CA VAL E 199 -1.94 -26.87 25.34
C VAL E 199 -3.30 -27.04 24.67
N THR E 200 -3.67 -26.06 23.85
CA THR E 200 -4.96 -26.06 23.16
C THR E 200 -4.80 -25.73 21.66
N PRO E 201 -4.52 -26.77 20.83
CA PRO E 201 -4.47 -26.59 19.38
C PRO E 201 -5.85 -26.41 18.76
N ASN E 202 -6.07 -25.26 18.12
CA ASN E 202 -7.39 -24.89 17.62
C ASN E 202 -7.73 -25.53 16.27
N ASP E 203 -9.02 -25.50 15.93
CA ASP E 203 -9.54 -25.97 14.65
C ASP E 203 -9.92 -24.73 13.83
N ASP E 204 -8.98 -23.80 13.68
CA ASP E 204 -9.24 -22.53 13.01
C ASP E 204 -8.47 -22.40 11.69
N TRP E 205 -7.99 -23.52 11.15
CA TRP E 205 -7.31 -23.51 9.87
C TRP E 205 -8.32 -23.29 8.74
N ALA E 206 -7.93 -22.48 7.76
CA ALA E 206 -8.81 -22.16 6.63
C ALA E 206 -7.97 -21.61 5.48
N ALA E 207 -8.22 -22.12 4.28
CA ALA E 207 -7.42 -21.79 3.11
C ALA E 207 -8.06 -22.36 1.86
N ILE E 208 -7.77 -21.77 0.71
CA ILE E 208 -8.34 -22.24 -0.56
C ILE E 208 -7.85 -23.64 -0.94
N GLY E 209 -6.66 -24.01 -0.46
CA GLY E 209 -6.11 -25.34 -0.68
C GLY E 209 -5.45 -25.84 0.58
N MET E 210 -4.89 -27.05 0.51
CA MET E 210 -4.34 -27.71 1.69
C MET E 210 -5.32 -27.57 2.85
N ARG E 211 -6.59 -27.86 2.56
CA ARG E 211 -7.68 -27.54 3.49
C ARG E 211 -7.70 -28.44 4.72
N GLN E 212 -7.17 -29.66 4.59
CA GLN E 212 -7.16 -30.61 5.71
C GLN E 212 -5.77 -30.87 6.28
N THR E 213 -4.95 -29.84 6.34
CA THR E 213 -3.57 -29.97 6.85
C THR E 213 -3.45 -29.61 8.32
N ASP E 214 -4.51 -29.08 8.90
CA ASP E 214 -4.53 -28.68 10.32
C ASP E 214 -3.35 -27.77 10.64
N SER E 215 -3.22 -26.70 9.86
CA SER E 215 -2.14 -25.73 10.04
C SER E 215 -2.63 -24.48 10.78
N GLY E 216 -3.58 -24.67 11.71
CA GLY E 216 -4.17 -23.57 12.46
C GLY E 216 -3.34 -23.16 13.65
N SER E 217 -3.92 -22.37 14.54
CA SER E 217 -3.20 -21.85 15.69
C SER E 217 -3.14 -22.85 16.83
N THR E 218 -2.22 -22.62 17.76
CA THR E 218 -2.11 -23.41 18.98
C THR E 218 -1.80 -22.50 20.16
N ASP E 219 -2.70 -22.48 21.13
CA ASP E 219 -2.51 -21.68 22.33
C ASP E 219 -1.67 -22.45 23.36
N PHE E 220 -0.71 -21.75 23.97
CA PHE E 220 0.06 -22.28 25.08
C PHE E 220 -0.18 -21.38 26.28
N HIS E 221 -0.79 -21.94 27.32
CA HIS E 221 -1.13 -21.20 28.53
C HIS E 221 -0.46 -21.84 29.75
N ASN E 222 0.60 -21.20 30.24
CA ASN E 222 1.39 -21.70 31.36
C ASN E 222 1.75 -23.18 31.20
N VAL E 223 2.31 -23.51 30.03
CA VAL E 223 2.65 -24.88 29.70
C VAL E 223 4.07 -25.20 30.19
N LYS E 224 4.16 -26.16 31.10
CA LYS E 224 5.43 -26.59 31.65
C LYS E 224 6.10 -27.59 30.73
N VAL E 225 7.37 -27.37 30.43
CA VAL E 225 8.19 -28.39 29.77
C VAL E 225 9.29 -28.77 30.74
N GLU E 226 9.47 -30.08 30.93
CA GLU E 226 10.42 -30.59 31.92
C GLU E 226 11.84 -30.41 31.38
N PRO E 227 12.85 -30.36 32.27
CA PRO E 227 14.25 -30.22 31.84
C PRO E 227 14.71 -31.31 30.85
N ASP E 228 14.23 -32.53 31.04
CA ASP E 228 14.60 -33.66 30.17
C ASP E 228 13.97 -33.59 28.77
N GLU E 229 12.86 -32.87 28.66
CA GLU E 229 12.16 -32.69 27.39
C GLU E 229 12.73 -31.55 26.53
N VAL E 230 13.56 -30.69 27.14
CA VAL E 230 14.21 -29.61 26.41
C VAL E 230 15.29 -30.19 25.48
N LEU E 231 14.99 -30.20 24.19
CA LEU E 231 15.88 -30.79 23.19
C LEU E 231 17.13 -29.93 23.00
N GLY E 232 18.25 -30.39 23.58
CA GLY E 232 19.52 -29.71 23.43
C GLY E 232 19.62 -28.43 24.24
N ALA E 233 20.73 -27.72 24.06
CA ALA E 233 21.00 -26.48 24.80
C ALA E 233 20.03 -25.36 24.40
N PRO E 234 19.91 -24.32 25.25
CA PRO E 234 19.14 -23.14 24.87
C PRO E 234 19.73 -22.45 23.64
N ASN E 235 18.92 -22.27 22.61
CA ASN E 235 19.35 -21.66 21.33
C ASN E 235 20.22 -22.62 20.50
N ALA E 236 19.90 -23.91 20.56
CA ALA E 236 20.70 -24.94 19.88
C ALA E 236 20.64 -24.84 18.36
N PHE E 237 19.43 -24.67 17.83
CA PHE E 237 19.24 -24.57 16.37
C PHE E 237 19.99 -23.38 15.76
N VAL E 238 19.95 -22.24 16.45
CA VAL E 238 20.58 -21.02 15.96
C VAL E 238 22.09 -21.17 15.87
N LEU E 239 22.69 -21.77 16.90
CA LEU E 239 24.13 -22.02 16.91
C LEU E 239 24.52 -23.08 15.88
N ALA E 240 23.69 -24.11 15.75
CA ALA E 240 23.92 -25.17 14.77
C ALA E 240 23.79 -24.69 13.32
N PHE E 241 22.97 -23.66 13.10
CA PHE E 241 22.86 -23.03 11.78
C PHE E 241 24.14 -22.26 11.44
N ILE E 242 24.67 -21.51 12.40
CA ILE E 242 25.85 -20.67 12.17
C ILE E 242 27.06 -21.52 11.78
N GLN E 243 27.22 -22.67 12.43
CA GLN E 243 28.36 -23.56 12.18
C GLN E 243 28.09 -24.61 11.09
N SER E 244 26.88 -24.63 10.54
CA SER E 244 26.45 -25.64 9.57
C SER E 244 26.64 -27.06 10.12
N GLU E 245 26.27 -27.25 11.38
CA GLU E 245 26.33 -28.55 12.03
C GLU E 245 25.08 -29.34 11.67
N ARG E 246 24.94 -30.55 12.21
CA ARG E 246 23.86 -31.46 11.82
C ARG E 246 22.46 -30.85 11.97
N GLY E 247 22.30 -29.96 12.95
CA GLY E 247 21.05 -29.23 13.14
C GLY E 247 20.56 -28.50 11.89
N SER E 248 21.50 -28.03 11.07
CA SER E 248 21.14 -27.28 9.86
C SER E 248 20.62 -28.15 8.71
N LEU E 249 20.41 -29.44 8.94
CA LEU E 249 19.76 -30.31 7.96
C LEU E 249 18.23 -30.15 7.93
N PHE E 250 17.67 -29.48 8.93
CA PHE E 250 16.22 -29.23 9.00
C PHE E 250 15.64 -28.69 7.69
N ALA E 251 16.25 -27.64 7.17
CA ALA E 251 15.75 -26.96 5.96
C ALA E 251 15.77 -27.85 4.70
N PRO E 252 16.93 -28.44 4.36
CA PRO E 252 16.95 -29.34 3.19
C PRO E 252 16.02 -30.53 3.32
N ILE E 253 15.90 -31.09 4.53
CA ILE E 253 14.97 -32.18 4.80
C ILE E 253 13.54 -31.75 4.49
N ALA E 254 13.10 -30.65 5.09
CA ALA E 254 11.72 -30.19 4.95
C ALA E 254 11.40 -29.70 3.54
N GLN E 255 12.28 -28.86 3.01
CA GLN E 255 12.12 -28.33 1.65
C GLN E 255 11.98 -29.43 0.61
N LEU E 256 12.80 -30.47 0.74
CA LEU E 256 12.78 -31.58 -0.21
C LEU E 256 11.49 -32.39 -0.12
N ILE E 257 10.93 -32.48 1.07
CA ILE E 257 9.62 -33.11 1.25
C ILE E 257 8.51 -32.22 0.68
N PHE E 258 8.64 -30.90 0.85
CA PHE E 258 7.68 -29.98 0.24
C PHE E 258 7.67 -30.14 -1.27
N ALA E 259 8.86 -30.18 -1.86
CA ALA E 259 9.01 -30.37 -3.30
C ALA E 259 8.32 -31.64 -3.79
N ASN E 260 8.52 -32.74 -3.06
CA ASN E 260 7.95 -34.03 -3.46
C ASN E 260 6.45 -34.15 -3.21
N VAL E 261 5.90 -33.29 -2.36
CA VAL E 261 4.45 -33.17 -2.21
C VAL E 261 3.89 -32.52 -3.49
N TYR E 262 4.54 -31.47 -3.98
CA TYR E 262 4.09 -30.78 -5.18
C TYR E 262 4.13 -31.73 -6.38
N LEU E 263 5.24 -32.44 -6.53
CA LEU E 263 5.41 -33.42 -7.61
C LEU E 263 4.35 -34.51 -7.49
N GLY E 264 4.06 -34.94 -6.25
CA GLY E 264 3.01 -35.92 -5.99
C GLY E 264 1.65 -35.42 -6.47
N ILE E 265 1.30 -34.20 -6.07
CA ILE E 265 0.04 -33.58 -6.48
C ILE E 265 0.00 -33.35 -8.00
N ALA E 266 1.16 -33.07 -8.58
CA ALA E 266 1.26 -32.90 -10.03
C ALA E 266 0.93 -34.21 -10.76
N HIS E 267 1.47 -35.32 -10.26
CA HIS E 267 1.16 -36.64 -10.80
C HIS E 267 -0.33 -36.96 -10.67
N GLY E 268 -0.89 -36.71 -9.49
CA GLY E 268 -2.33 -36.88 -9.27
C GLY E 268 -3.16 -36.11 -10.27
N ALA E 269 -2.79 -34.85 -10.51
CA ALA E 269 -3.48 -34.02 -11.49
C ALA E 269 -3.41 -34.59 -12.91
N LEU E 270 -2.24 -35.13 -13.27
CA LEU E 270 -2.01 -35.64 -14.62
C LEU E 270 -2.73 -36.96 -14.87
N ASP E 271 -2.81 -37.80 -13.83
CA ASP E 271 -3.53 -39.08 -13.91
C ASP E 271 -5.04 -38.87 -13.92
N ALA E 272 -5.53 -37.91 -13.13
CA ALA E 272 -6.94 -37.55 -13.11
C ALA E 272 -7.37 -37.01 -14.48
N ALA E 273 -6.51 -36.17 -15.07
CA ALA E 273 -6.73 -35.66 -16.43
C ALA E 273 -6.69 -36.77 -17.48
N ARG E 274 -5.69 -37.64 -17.35
CA ARG E 274 -5.52 -38.78 -18.25
C ARG E 274 -6.79 -39.63 -18.34
N GLU E 275 -7.37 -39.94 -17.18
CA GLU E 275 -8.61 -40.73 -17.13
C GLU E 275 -9.82 -40.03 -17.77
N TYR E 276 -9.95 -38.73 -17.55
CA TYR E 276 -11.06 -37.97 -18.13
C TYR E 276 -10.92 -37.82 -19.65
N THR E 277 -9.71 -37.53 -20.12
CA THR E 277 -9.47 -37.37 -21.56
C THR E 277 -9.86 -38.62 -22.35
N ARG E 278 -9.54 -39.79 -21.80
CA ARG E 278 -9.83 -41.06 -22.48
C ARG E 278 -11.31 -41.45 -22.43
N THR E 279 -11.97 -41.21 -21.30
CA THR E 279 -13.36 -41.66 -21.11
C THR E 279 -14.42 -40.60 -21.40
N GLN E 280 -14.14 -39.33 -21.09
CA GLN E 280 -15.16 -38.27 -21.12
C GLN E 280 -14.95 -37.14 -22.12
N ALA E 281 -13.70 -36.78 -22.40
CA ALA E 281 -13.43 -35.65 -23.30
C ALA E 281 -13.99 -35.88 -24.69
N ARG E 282 -14.56 -34.83 -25.28
CA ARG E 282 -15.18 -34.90 -26.59
C ARG E 282 -14.23 -34.39 -27.69
N PRO E 283 -14.31 -34.99 -28.89
CA PRO E 283 -13.51 -34.52 -30.02
C PRO E 283 -14.01 -33.18 -30.58
N TRP E 284 -13.08 -32.29 -30.91
CA TRP E 284 -13.43 -30.97 -31.46
C TRP E 284 -13.75 -31.10 -32.96
N THR E 285 -15.03 -31.29 -33.26
CA THR E 285 -15.46 -31.56 -34.64
C THR E 285 -15.43 -30.35 -35.60
N PRO E 286 -15.39 -29.11 -35.07
CA PRO E 286 -15.20 -27.98 -35.99
C PRO E 286 -13.88 -28.02 -36.79
N ALA E 287 -12.82 -28.60 -36.20
CA ALA E 287 -11.55 -28.76 -36.89
C ALA E 287 -11.39 -30.17 -37.49
N GLY E 288 -12.43 -30.99 -37.39
CA GLY E 288 -12.45 -32.31 -38.03
C GLY E 288 -11.79 -33.42 -37.24
N ILE E 289 -11.80 -33.31 -35.91
CA ILE E 289 -11.18 -34.31 -35.04
C ILE E 289 -12.24 -35.31 -34.63
N GLN E 290 -11.97 -36.59 -34.86
CA GLN E 290 -12.93 -37.66 -34.55
C GLN E 290 -12.72 -38.32 -33.19
N GLN E 291 -11.52 -38.21 -32.63
CA GLN E 291 -11.21 -38.80 -31.33
C GLN E 291 -10.43 -37.82 -30.45
N ALA E 292 -10.82 -37.73 -29.19
CA ALA E 292 -10.15 -36.82 -28.25
C ALA E 292 -8.69 -37.23 -28.01
N THR E 293 -8.44 -38.54 -28.03
CA THR E 293 -7.11 -39.08 -27.78
C THR E 293 -6.15 -38.91 -28.97
N GLU E 294 -6.69 -38.69 -30.16
CA GLU E 294 -5.87 -38.50 -31.37
C GLU E 294 -5.57 -37.03 -31.67
N ASP E 295 -6.20 -36.11 -30.94
CA ASP E 295 -5.98 -34.69 -31.18
C ASP E 295 -4.51 -34.33 -31.01
N PRO E 296 -3.88 -33.74 -32.04
CA PRO E 296 -2.44 -33.47 -31.96
C PRO E 296 -2.06 -32.56 -30.80
N TYR E 297 -2.86 -31.53 -30.57
CA TYR E 297 -2.55 -30.54 -29.55
C TYR E 297 -2.84 -31.04 -28.12
N THR E 298 -3.77 -31.98 -27.98
CA THR E 298 -3.98 -32.66 -26.71
C THR E 298 -2.76 -33.52 -26.40
N ILE E 299 -2.33 -34.29 -27.40
CA ILE E 299 -1.16 -35.17 -27.27
C ILE E 299 0.10 -34.37 -26.92
N ARG E 300 0.32 -33.23 -27.57
CA ARG E 300 1.47 -32.37 -27.28
C ARG E 300 1.44 -31.91 -25.82
N SER E 301 0.28 -31.47 -25.36
CA SER E 301 0.12 -31.01 -23.98
C SER E 301 0.50 -32.07 -22.95
N TYR E 302 0.05 -33.31 -23.16
CA TYR E 302 0.40 -34.42 -22.26
C TYR E 302 1.89 -34.72 -22.29
N GLY E 303 2.49 -34.63 -23.46
CA GLY E 303 3.94 -34.74 -23.59
C GLY E 303 4.65 -33.65 -22.82
N GLU E 304 4.16 -32.42 -22.94
CA GLU E 304 4.76 -31.28 -22.25
C GLU E 304 4.63 -31.40 -20.74
N PHE E 305 3.48 -31.86 -20.25
CA PHE E 305 3.29 -32.09 -18.81
C PHE E 305 4.22 -33.21 -18.33
N THR E 306 4.28 -34.29 -19.10
CA THR E 306 5.11 -35.43 -18.73
C THR E 306 6.58 -35.04 -18.69
N ILE E 307 7.02 -34.31 -19.71
CA ILE E 307 8.42 -33.92 -19.85
C ILE E 307 8.92 -33.03 -18.71
N ALA E 308 8.12 -32.02 -18.33
CA ALA E 308 8.49 -31.15 -17.21
C ALA E 308 8.61 -31.95 -15.90
N LEU E 309 7.67 -32.88 -15.69
CA LEU E 309 7.70 -33.78 -14.52
C LEU E 309 8.93 -34.68 -14.52
N GLN E 310 9.25 -35.24 -15.69
CA GLN E 310 10.42 -36.09 -15.85
C GLN E 310 11.68 -35.42 -15.27
N GLY E 311 11.93 -34.18 -15.69
CA GLY E 311 13.08 -33.42 -15.22
C GLY E 311 13.04 -33.10 -13.74
N ALA E 312 11.87 -32.69 -13.24
CA ALA E 312 11.71 -32.36 -11.84
C ALA E 312 11.87 -33.59 -10.95
N ASP E 313 11.18 -34.67 -11.31
CA ASP E 313 11.27 -35.94 -10.58
C ASP E 313 12.70 -36.46 -10.55
N ALA E 314 13.39 -36.40 -11.68
CA ALA E 314 14.75 -36.91 -11.77
C ALA E 314 15.68 -36.13 -10.86
N ALA E 315 15.49 -34.81 -10.79
CA ALA E 315 16.30 -33.95 -9.92
C ALA E 315 16.01 -34.21 -8.45
N ALA E 316 14.73 -34.47 -8.13
CA ALA E 316 14.32 -34.70 -6.74
C ALA E 316 14.97 -35.97 -6.19
N ARG E 317 14.90 -37.05 -6.95
CA ARG E 317 15.51 -38.32 -6.55
C ARG E 317 17.03 -38.20 -6.35
N GLU E 318 17.68 -37.38 -7.17
CA GLU E 318 19.11 -37.09 -7.02
C GLU E 318 19.39 -36.37 -5.71
N ALA E 319 18.51 -35.43 -5.34
CA ALA E 319 18.67 -34.68 -4.10
C ALA E 319 18.45 -35.54 -2.87
N ALA E 320 17.57 -36.53 -2.97
CA ALA E 320 17.31 -37.47 -1.87
C ALA E 320 18.51 -38.35 -1.56
N HIS E 321 19.17 -38.84 -2.61
CA HIS E 321 20.40 -39.64 -2.45
C HIS E 321 21.52 -38.79 -1.85
N LEU E 322 21.58 -37.52 -2.23
CA LEU E 322 22.53 -36.58 -1.66
C LEU E 322 22.17 -36.27 -0.21
N LEU E 323 20.88 -36.18 0.09
CA LEU E 323 20.43 -36.01 1.49
C LEU E 323 20.89 -37.18 2.34
N GLN E 324 20.73 -38.40 1.85
CA GLN E 324 21.12 -39.60 2.60
C GLN E 324 22.63 -39.64 2.83
N THR E 325 23.41 -39.25 1.83
CA THR E 325 24.86 -39.19 1.94
C THR E 325 25.30 -38.25 3.06
N VAL E 326 24.76 -37.04 3.07
CA VAL E 326 25.14 -36.02 4.06
C VAL E 326 24.62 -36.43 5.44
N TRP E 327 23.39 -36.94 5.48
CA TRP E 327 22.78 -37.47 6.69
C TRP E 327 23.61 -38.58 7.33
N ASP E 328 24.10 -39.51 6.50
CA ASP E 328 24.89 -40.65 6.98
C ASP E 328 26.28 -40.25 7.49
N LYS E 329 26.80 -39.13 6.99
CA LYS E 329 28.09 -38.62 7.46
C LYS E 329 28.05 -38.17 8.94
N GLY E 330 26.86 -37.94 9.47
CA GLY E 330 26.69 -37.60 10.88
C GLY E 330 27.30 -36.24 11.17
N ASP E 331 28.00 -36.14 12.30
CA ASP E 331 28.64 -34.88 12.70
C ASP E 331 29.88 -34.56 11.85
N ALA E 332 30.30 -35.51 11.01
CA ALA E 332 31.44 -35.31 10.12
C ALA E 332 31.14 -34.42 8.91
N LEU E 333 29.88 -34.06 8.71
CA LEU E 333 29.51 -33.16 7.61
C LEU E 333 30.16 -31.79 7.76
N THR E 334 30.51 -31.19 6.63
CA THR E 334 31.16 -29.89 6.60
C THR E 334 30.16 -28.82 6.18
N PRO E 335 30.52 -27.54 6.38
CA PRO E 335 29.70 -26.46 5.82
C PRO E 335 29.46 -26.63 4.30
N GLU E 336 30.49 -27.08 3.60
CA GLU E 336 30.41 -27.34 2.15
C GLU E 336 29.37 -28.39 1.79
N ASP E 337 29.36 -29.52 2.52
CA ASP E 337 28.36 -30.57 2.29
C ASP E 337 26.95 -30.01 2.40
N ARG E 338 26.67 -29.34 3.51
CA ARG E 338 25.34 -28.82 3.81
C ARG E 338 24.92 -27.78 2.77
N GLY E 339 25.86 -26.90 2.42
CA GLY E 339 25.60 -25.88 1.41
C GLY E 339 25.21 -26.49 0.09
N GLU E 340 26.05 -27.41 -0.40
CA GLU E 340 25.80 -28.10 -1.68
C GLU E 340 24.43 -28.78 -1.69
N LEU E 341 24.10 -29.48 -0.60
CA LEU E 341 22.78 -30.12 -0.44
C LEU E 341 21.64 -29.09 -0.55
N MET E 342 21.77 -27.98 0.16
CA MET E 342 20.75 -26.94 0.18
C MET E 342 20.60 -26.29 -1.18
N VAL E 343 21.70 -26.12 -1.91
CA VAL E 343 21.65 -25.56 -3.25
C VAL E 343 20.87 -26.47 -4.19
N LYS E 344 21.13 -27.77 -4.13
CA LYS E 344 20.40 -28.76 -4.95
C LYS E 344 18.93 -28.82 -4.58
N VAL E 345 18.64 -28.91 -3.28
CA VAL E 345 17.27 -28.95 -2.79
C VAL E 345 16.51 -27.68 -3.20
N SER E 346 17.16 -26.53 -3.06
CA SER E 346 16.59 -25.25 -3.50
C SER E 346 16.18 -25.28 -4.98
N GLY E 347 17.06 -25.82 -5.81
CA GLY E 347 16.77 -26.00 -7.24
C GLY E 347 15.59 -26.92 -7.50
N VAL E 348 15.51 -28.02 -6.73
CA VAL E 348 14.40 -28.96 -6.83
C VAL E 348 13.08 -28.31 -6.45
N LYS E 349 13.11 -27.49 -5.40
CA LYS E 349 11.93 -26.74 -4.93
C LYS E 349 11.35 -25.85 -6.02
N ALA E 350 12.23 -25.27 -6.83
CA ALA E 350 11.83 -24.41 -7.94
C ALA E 350 11.21 -25.25 -9.05
N LEU E 351 11.85 -26.37 -9.36
CA LEU E 351 11.37 -27.27 -10.42
C LEU E 351 10.00 -27.85 -10.07
N ALA E 352 9.84 -28.25 -8.81
CA ALA E 352 8.59 -28.82 -8.34
C ALA E 352 7.47 -27.78 -8.36
N THR E 353 7.76 -26.60 -7.81
CA THR E 353 6.78 -25.52 -7.75
C THR E 353 6.26 -25.19 -9.17
N ASN E 354 7.19 -24.94 -10.09
CA ASN E 354 6.82 -24.59 -11.45
C ASN E 354 6.05 -25.69 -12.17
N ALA E 355 6.59 -26.91 -12.12
CA ALA E 355 5.99 -28.04 -12.84
C ALA E 355 4.58 -28.32 -12.33
N ALA E 356 4.41 -28.31 -11.01
CA ALA E 356 3.11 -28.60 -10.38
C ALA E 356 2.06 -27.54 -10.70
N LEU E 357 2.42 -26.27 -10.55
CA LEU E 357 1.51 -25.17 -10.90
C LEU E 357 1.11 -25.22 -12.38
N ASN E 358 2.09 -25.51 -13.23
CA ASN E 358 1.90 -25.62 -14.68
C ASN E 358 0.93 -26.75 -15.05
N ILE E 359 1.15 -27.92 -14.48
CA ILE E 359 0.37 -29.10 -14.82
C ILE E 359 -1.05 -29.04 -14.22
N SER E 360 -1.17 -28.60 -12.97
CA SER E 360 -2.48 -28.58 -12.29
C SER E 360 -3.46 -27.57 -12.90
N SER E 361 -2.95 -26.49 -13.51
CA SER E 361 -3.80 -25.56 -14.23
C SER E 361 -3.97 -25.97 -15.70
N GLY E 362 -2.84 -26.24 -16.36
CA GLY E 362 -2.85 -26.61 -17.78
C GLY E 362 -3.71 -27.82 -18.13
N VAL E 363 -3.75 -28.79 -17.22
CA VAL E 363 -4.58 -29.98 -17.35
C VAL E 363 -6.03 -29.66 -17.81
N PHE E 364 -6.58 -28.54 -17.37
CA PHE E 364 -7.94 -28.16 -17.75
C PHE E 364 -8.13 -28.00 -19.26
N GLU E 365 -7.09 -27.57 -19.97
CA GLU E 365 -7.16 -27.38 -21.42
C GLU E 365 -7.61 -28.64 -22.15
N VAL E 366 -7.15 -29.80 -21.69
CA VAL E 366 -7.45 -31.08 -22.34
C VAL E 366 -8.70 -31.75 -21.75
N ILE E 367 -9.07 -31.38 -20.53
CA ILE E 367 -10.26 -31.92 -19.90
C ILE E 367 -11.52 -31.32 -20.54
N GLY E 368 -11.65 -29.99 -20.49
CA GLY E 368 -12.75 -29.30 -21.16
C GLY E 368 -13.78 -28.69 -20.22
N ALA E 369 -14.74 -27.98 -20.82
CA ALA E 369 -15.74 -27.22 -20.08
C ALA E 369 -16.50 -28.03 -19.03
N ARG E 370 -17.03 -29.19 -19.43
CA ARG E 370 -17.86 -30.01 -18.53
C ARG E 370 -17.07 -30.64 -17.38
N GLY E 371 -15.73 -30.61 -17.46
CA GLY E 371 -14.89 -31.05 -16.36
C GLY E 371 -14.72 -30.05 -15.23
N THR E 372 -15.30 -28.85 -15.38
CA THR E 372 -15.23 -27.83 -14.33
C THR E 372 -16.30 -27.99 -13.24
N HIS E 373 -17.21 -28.96 -13.40
CA HIS E 373 -18.26 -29.22 -12.42
C HIS E 373 -17.60 -29.64 -11.10
N PRO E 374 -18.04 -29.08 -9.96
CA PRO E 374 -17.34 -29.31 -8.68
C PRO E 374 -17.39 -30.75 -8.13
N ARG E 375 -18.17 -31.61 -8.75
CA ARG E 375 -18.18 -33.04 -8.45
C ARG E 375 -16.86 -33.73 -8.83
N TYR E 376 -16.22 -33.23 -9.88
CA TYR E 376 -14.91 -33.76 -10.28
C TYR E 376 -13.79 -33.23 -9.38
N GLY E 377 -13.99 -32.03 -8.86
CA GLY E 377 -12.98 -31.37 -8.02
C GLY E 377 -11.62 -31.29 -8.66
N PHE E 378 -11.57 -31.06 -9.96
CA PHE E 378 -10.27 -31.05 -10.67
C PHE E 378 -9.38 -29.89 -10.26
N ASP E 379 -9.96 -28.80 -9.77
CA ASP E 379 -9.17 -27.65 -9.31
C ASP E 379 -8.45 -27.86 -7.96
N ARG E 380 -8.72 -28.98 -7.28
CA ARG E 380 -8.07 -29.24 -5.98
C ARG E 380 -6.55 -29.32 -6.08
N PHE E 381 -6.04 -29.90 -7.16
CA PHE E 381 -4.60 -30.10 -7.32
C PHE E 381 -3.87 -28.76 -7.36
N TRP E 382 -4.35 -27.87 -8.22
CA TRP E 382 -3.79 -26.52 -8.34
C TRP E 382 -3.95 -25.73 -7.05
N ARG E 383 -5.14 -25.77 -6.45
CA ARG E 383 -5.37 -25.08 -5.19
C ARG E 383 -4.43 -25.57 -4.09
N ASN E 384 -4.23 -26.88 -4.03
CA ASN E 384 -3.29 -27.45 -3.07
C ASN E 384 -1.88 -26.95 -3.32
N VAL E 385 -1.41 -27.07 -4.56
CA VAL E 385 -0.09 -26.59 -4.94
C VAL E 385 -0.02 -25.07 -4.76
N ARG E 386 -1.04 -24.36 -5.23
CA ARG E 386 -1.01 -22.90 -5.19
C ARG E 386 -0.88 -22.39 -3.76
N THR E 387 -1.49 -23.09 -2.81
CA THR E 387 -1.45 -22.69 -1.41
C THR E 387 -0.07 -22.91 -0.80
N HIS E 388 0.39 -24.15 -0.73
CA HIS E 388 1.62 -24.43 0.01
C HIS E 388 2.90 -23.92 -0.67
N SER E 389 2.85 -23.67 -1.97
CA SER E 389 3.99 -23.07 -2.68
C SER E 389 4.30 -21.64 -2.23
N LEU E 390 3.50 -21.11 -1.31
CA LEU E 390 3.73 -19.80 -0.70
C LEU E 390 4.32 -19.90 0.71
N HIS E 391 4.64 -21.12 1.16
CA HIS E 391 5.24 -21.34 2.47
C HIS E 391 6.48 -20.44 2.61
N ASP E 392 7.37 -20.54 1.63
CA ASP E 392 8.52 -19.64 1.54
C ASP E 392 8.68 -19.24 0.09
N PRO E 393 9.23 -18.03 -0.18
CA PRO E 393 9.21 -17.51 -1.54
C PRO E 393 10.17 -18.26 -2.46
N VAL E 394 9.63 -18.80 -3.55
CA VAL E 394 10.41 -19.55 -4.53
C VAL E 394 11.43 -18.65 -5.23
N SER E 395 11.14 -17.36 -5.30
CA SER E 395 12.09 -16.38 -5.83
C SER E 395 13.44 -16.43 -5.13
N TYR E 396 13.47 -16.75 -3.83
CA TYR E 396 14.73 -16.79 -3.09
C TYR E 396 15.42 -18.15 -3.06
N LYS E 397 14.68 -19.21 -3.38
CA LYS E 397 15.29 -20.51 -3.69
C LYS E 397 16.04 -20.36 -5.01
N ILE E 398 15.39 -19.73 -5.97
CA ILE E 398 16.02 -19.45 -7.27
C ILE E 398 17.27 -18.60 -7.09
N ALA E 399 17.20 -17.57 -6.24
CA ALA E 399 18.32 -16.66 -6.02
C ALA E 399 19.49 -17.31 -5.25
N ASP E 400 19.18 -18.27 -4.37
CA ASP E 400 20.23 -19.01 -3.67
C ASP E 400 21.03 -19.90 -4.62
N VAL E 401 20.35 -20.51 -5.57
CA VAL E 401 21.01 -21.30 -6.61
C VAL E 401 21.92 -20.39 -7.43
N GLY E 402 21.36 -19.28 -7.92
CA GLY E 402 22.10 -18.31 -8.71
C GLY E 402 23.32 -17.76 -8.00
N LYS E 403 23.18 -17.44 -6.72
CA LYS E 403 24.31 -16.96 -5.90
C LYS E 403 25.43 -17.99 -5.85
N HIS E 404 25.06 -19.27 -5.73
CA HIS E 404 26.03 -20.35 -5.70
C HIS E 404 26.68 -20.54 -7.07
N THR E 405 25.86 -20.66 -8.12
CA THR E 405 26.38 -20.80 -9.49
C THR E 405 27.38 -19.70 -9.83
N LEU E 406 27.01 -18.46 -9.54
CA LEU E 406 27.75 -17.29 -9.99
C LEU E 406 28.95 -16.95 -9.13
N ASN E 407 28.77 -17.06 -7.81
CA ASN E 407 29.80 -16.61 -6.85
C ASN E 407 30.30 -17.70 -5.91
N GLY E 408 29.73 -18.89 -5.99
CA GLY E 408 30.11 -19.99 -5.09
C GLY E 408 29.64 -19.80 -3.66
N GLN E 409 28.74 -18.83 -3.45
CA GLN E 409 28.23 -18.50 -2.12
C GLN E 409 27.18 -19.52 -1.73
N TYR E 410 27.20 -19.93 -0.47
CA TYR E 410 26.18 -20.84 0.06
C TYR E 410 25.09 -20.06 0.79
N PRO E 411 23.85 -20.59 0.80
CA PRO E 411 22.76 -19.87 1.45
C PRO E 411 22.95 -19.75 2.96
N ILE E 412 22.38 -18.71 3.55
CA ILE E 412 22.44 -18.51 5.00
C ILE E 412 21.62 -19.63 5.64
N PRO E 413 22.24 -20.47 6.48
CA PRO E 413 21.46 -21.51 7.14
C PRO E 413 20.37 -20.96 8.05
N GLY E 414 19.14 -21.44 7.86
CA GLY E 414 17.97 -21.00 8.62
C GLY E 414 16.88 -22.04 8.54
N PHE E 415 15.65 -21.68 8.92
CA PHE E 415 14.53 -22.63 8.90
C PHE E 415 13.96 -22.92 7.51
N THR E 416 14.30 -22.09 6.52
CA THR E 416 13.84 -22.29 5.14
C THR E 416 14.96 -22.29 4.10
N SER E 417 16.22 -22.15 4.54
CA SER E 417 17.35 -22.12 3.61
C SER E 417 18.65 -22.52 4.29
N ASN F 18 29.63 43.40 18.07
CA ASN F 18 29.68 42.98 19.51
C ASN F 18 28.48 42.12 19.88
N ASP F 19 27.28 42.65 19.65
CA ASP F 19 26.04 41.97 19.97
C ASP F 19 25.52 41.23 18.74
N PRO F 20 25.57 39.87 18.76
CA PRO F 20 25.18 39.10 17.57
C PRO F 20 23.67 39.10 17.31
N VAL F 21 22.88 39.31 18.36
CA VAL F 21 21.42 39.40 18.23
C VAL F 21 21.02 40.69 17.51
N ALA F 22 21.74 41.78 17.80
CA ALA F 22 21.49 43.07 17.16
C ALA F 22 21.87 43.04 15.69
N VAL F 23 22.96 42.33 15.39
CA VAL F 23 23.41 42.13 14.01
C VAL F 23 22.33 41.35 13.23
N ALA F 24 21.73 40.36 13.89
CA ALA F 24 20.67 39.55 13.28
C ALA F 24 19.41 40.37 13.01
N ARG F 25 19.02 41.19 13.98
CA ARG F 25 17.90 42.13 13.81
C ARG F 25 18.10 43.02 12.59
N GLY F 26 19.34 43.45 12.37
CA GLY F 26 19.71 44.24 11.20
C GLY F 26 19.56 43.47 9.90
N LEU F 27 19.96 42.20 9.91
CA LEU F 27 19.80 41.33 8.74
C LEU F 27 18.32 41.04 8.47
N ALA F 28 17.58 40.71 9.51
CA ALA F 28 16.14 40.50 9.39
C ALA F 28 15.45 41.73 8.81
N GLU F 29 15.79 42.89 9.37
CA GLU F 29 15.31 44.19 8.88
C GLU F 29 15.49 44.30 7.37
N LYS F 30 16.69 44.00 6.88
CA LYS F 30 17.03 44.11 5.46
C LYS F 30 16.29 43.09 4.59
N TRP F 31 16.14 41.87 5.11
CA TRP F 31 15.55 40.76 4.36
C TRP F 31 14.03 40.81 4.25
N ARG F 32 13.38 41.47 5.21
CA ARG F 32 11.91 41.45 5.29
C ARG F 32 11.22 42.20 4.15
N ALA F 33 11.97 43.03 3.43
CA ALA F 33 11.47 43.68 2.22
C ALA F 33 11.28 42.69 1.07
N THR F 34 12.13 41.66 1.01
CA THR F 34 12.09 40.66 -0.07
C THR F 34 11.67 39.26 0.40
N ALA F 35 11.17 39.14 1.63
CA ALA F 35 10.80 37.83 2.19
C ALA F 35 9.78 37.11 1.32
N VAL F 36 8.74 37.82 0.91
CA VAL F 36 7.66 37.25 0.09
C VAL F 36 8.20 36.76 -1.25
N GLU F 37 9.00 37.57 -1.92
CA GLU F 37 9.52 37.23 -3.25
C GLU F 37 10.45 36.01 -3.24
N ARG F 38 11.35 35.96 -2.27
CA ARG F 38 12.35 34.89 -2.23
C ARG F 38 11.74 33.51 -1.91
N ASP F 39 10.66 33.51 -1.14
CA ASP F 39 9.90 32.29 -0.92
C ASP F 39 9.27 31.81 -2.22
N ARG F 40 8.64 32.73 -2.94
CA ARG F 40 7.97 32.41 -4.20
C ARG F 40 8.94 31.88 -5.26
N ALA F 41 10.13 32.46 -5.31
CA ALA F 41 11.12 32.14 -6.33
C ALA F 41 11.81 30.80 -6.09
N GLY F 42 12.00 30.44 -4.83
CA GLY F 42 12.75 29.23 -4.48
C GLY F 42 14.23 29.45 -4.78
N GLY F 43 14.92 28.37 -5.16
CA GLY F 43 16.34 28.45 -5.51
C GLY F 43 17.20 28.80 -4.32
N SER F 44 18.42 29.27 -4.58
CA SER F 44 19.35 29.65 -3.52
C SER F 44 19.13 31.09 -3.07
N ALA F 45 19.17 31.30 -1.75
CA ALA F 45 19.18 32.65 -1.19
C ALA F 45 20.64 33.12 -1.14
N THR F 46 21.21 33.36 -2.32
CA THR F 46 22.64 33.58 -2.46
C THR F 46 23.07 34.95 -1.94
N ALA F 47 22.30 35.99 -2.27
CA ALA F 47 22.59 37.33 -1.77
C ALA F 47 22.48 37.39 -0.25
N GLU F 48 21.49 36.69 0.30
CA GLU F 48 21.25 36.67 1.74
C GLU F 48 22.28 35.80 2.44
N ARG F 49 22.74 34.76 1.76
CA ARG F 49 23.85 33.94 2.26
C ARG F 49 25.16 34.72 2.37
N GLU F 50 25.38 35.68 1.47
CA GLU F 50 26.55 36.57 1.54
C GLU F 50 26.39 37.72 2.53
N ASP F 51 25.15 38.09 2.86
CA ASP F 51 24.90 39.01 3.97
C ASP F 51 25.26 38.35 5.30
N LEU F 52 25.07 37.04 5.37
CA LEU F 52 25.30 36.29 6.60
C LEU F 52 26.80 36.14 6.87
N ARG F 53 27.57 35.84 5.82
CA ARG F 53 29.02 35.75 5.93
C ARG F 53 29.60 37.11 6.32
N ALA F 54 29.32 38.12 5.51
CA ALA F 54 29.83 39.47 5.73
C ALA F 54 29.49 40.06 7.11
N SER F 55 28.43 39.56 7.74
CA SER F 55 28.08 39.97 9.11
C SER F 55 29.04 39.38 10.16
N GLY F 56 29.64 38.23 9.84
CA GLY F 56 30.55 37.53 10.74
C GLY F 56 29.89 36.47 11.59
N LEU F 57 28.57 36.31 11.47
CA LEU F 57 27.82 35.37 12.31
C LEU F 57 28.16 33.89 12.08
N LEU F 58 28.78 33.56 10.94
CA LEU F 58 29.10 32.18 10.61
C LEU F 58 30.04 31.49 11.62
N SER F 59 30.93 32.25 12.24
CA SER F 59 31.83 31.69 13.26
C SER F 59 31.37 32.04 14.67
N LEU F 60 30.06 31.96 14.90
CA LEU F 60 29.45 32.34 16.16
C LEU F 60 29.81 31.37 17.30
N LEU F 61 29.75 30.08 17.01
CA LEU F 61 30.03 29.04 18.01
C LEU F 61 31.43 28.44 17.91
N VAL F 62 32.39 29.25 17.45
CA VAL F 62 33.80 28.91 17.52
C VAL F 62 34.44 29.78 18.60
N PRO F 63 35.24 29.17 19.51
CA PRO F 63 35.86 29.93 20.60
C PRO F 63 36.70 31.14 20.14
N ARG F 64 36.72 32.19 20.97
CA ARG F 64 37.53 33.38 20.72
C ARG F 64 38.96 33.07 20.29
N GLU F 65 39.60 32.16 21.03
CA GLU F 65 41.01 31.82 20.80
C GLU F 65 41.33 31.28 19.40
N TYR F 66 40.32 30.72 18.73
CA TYR F 66 40.49 30.21 17.37
C TYR F 66 39.91 31.13 16.29
N GLY F 67 39.51 32.35 16.67
CA GLY F 67 39.06 33.37 15.72
C GLY F 67 37.57 33.69 15.70
N GLY F 68 36.77 32.95 16.47
CA GLY F 68 35.32 33.10 16.45
C GLY F 68 34.76 34.07 17.47
N TRP F 69 33.44 34.08 17.59
CA TRP F 69 32.75 34.93 18.58
C TRP F 69 32.78 34.32 19.97
N GLY F 70 33.03 33.01 20.05
CA GLY F 70 33.05 32.29 21.31
C GLY F 70 31.72 32.34 22.05
N ALA F 71 30.62 32.39 21.30
CA ALA F 71 29.29 32.55 21.89
C ALA F 71 28.81 31.27 22.56
N ASP F 72 27.98 31.42 23.59
CA ASP F 72 27.40 30.28 24.29
C ASP F 72 26.08 29.86 23.62
N TRP F 73 25.53 28.72 24.04
CA TRP F 73 24.38 28.12 23.36
C TRP F 73 23.09 28.95 23.39
N PRO F 74 22.71 29.49 24.56
CA PRO F 74 21.54 30.37 24.56
C PRO F 74 21.66 31.54 23.57
N THR F 75 22.79 32.24 23.57
CA THR F 75 23.01 33.37 22.66
C THR F 75 22.88 32.92 21.21
N ALA F 76 23.58 31.85 20.84
CA ALA F 76 23.56 31.32 19.48
C ALA F 76 22.16 30.92 19.05
N ILE F 77 21.38 30.40 20.00
CA ILE F 77 20.00 30.03 19.76
C ILE F 77 19.13 31.26 19.47
N GLU F 78 19.33 32.33 20.22
CA GLU F 78 18.56 33.56 20.01
C GLU F 78 18.87 34.21 18.67
N VAL F 79 20.07 33.99 18.14
CA VAL F 79 20.43 34.43 16.80
C VAL F 79 19.68 33.61 15.76
N VAL F 80 19.60 32.30 15.98
CA VAL F 80 18.85 31.39 15.11
C VAL F 80 17.38 31.82 15.06
N ARG F 81 16.83 32.11 16.23
CA ARG F 81 15.42 32.52 16.35
C ARG F 81 15.15 33.82 15.60
N GLU F 82 15.99 34.83 15.81
CA GLU F 82 15.80 36.12 15.14
C GLU F 82 15.86 35.98 13.62
N ILE F 83 16.74 35.12 13.12
CA ILE F 83 16.85 34.83 11.69
C ILE F 83 15.65 34.01 11.19
N ALA F 84 15.32 32.95 11.92
CA ALA F 84 14.22 32.07 11.55
C ALA F 84 12.88 32.83 11.47
N ALA F 85 12.72 33.85 12.31
CA ALA F 85 11.53 34.68 12.33
C ALA F 85 11.30 35.40 11.01
N ALA F 86 12.37 35.98 10.46
CA ALA F 86 12.30 36.71 9.20
C ALA F 86 12.18 35.78 8.00
N ASP F 87 12.87 34.65 8.06
CA ASP F 87 12.93 33.71 6.95
C ASP F 87 13.26 32.30 7.47
N GLY F 88 12.32 31.38 7.25
CA GLY F 88 12.46 30.01 7.75
C GLY F 88 13.62 29.23 7.14
N SER F 89 13.86 29.43 5.85
CA SER F 89 14.98 28.79 5.16
C SER F 89 16.32 29.26 5.71
N LEU F 90 16.45 30.57 5.90
CA LEU F 90 17.67 31.16 6.45
C LEU F 90 17.91 30.77 7.90
N GLY F 91 16.83 30.52 8.65
CA GLY F 91 16.93 30.05 10.03
C GLY F 91 17.50 28.64 10.08
N HIS F 92 16.94 27.76 9.25
CA HIS F 92 17.40 26.37 9.14
C HIS F 92 18.85 26.30 8.70
N LEU F 93 19.15 26.91 7.56
CA LEU F 93 20.46 26.84 6.93
C LEU F 93 21.57 27.33 7.86
N PHE F 94 21.32 28.44 8.56
CA PHE F 94 22.26 28.94 9.56
C PHE F 94 22.29 28.04 10.79
N GLY F 95 21.12 27.55 11.19
CA GLY F 95 21.01 26.65 12.34
C GLY F 95 21.82 25.38 12.16
N TYR F 96 21.72 24.77 10.99
CA TYR F 96 22.38 23.49 10.72
C TYR F 96 23.88 23.69 10.59
N HIS F 97 24.28 24.75 9.89
CA HIS F 97 25.70 25.14 9.79
C HIS F 97 26.36 25.24 11.17
N LEU F 98 25.65 25.79 12.14
CA LEU F 98 26.15 25.91 13.51
C LEU F 98 26.35 24.57 14.22
N THR F 99 25.65 23.51 13.79
CA THR F 99 25.81 22.17 14.39
C THR F 99 26.98 21.39 13.77
N ASN F 100 27.44 21.84 12.60
CA ASN F 100 28.48 21.13 11.86
C ASN F 100 29.87 21.27 12.51
N ALA F 101 30.26 22.50 12.82
CA ALA F 101 31.61 22.76 13.35
C ALA F 101 31.88 22.09 14.71
N PRO F 102 30.90 22.12 15.64
CA PRO F 102 31.05 21.41 16.92
C PRO F 102 31.46 19.94 16.78
N MET F 103 31.01 19.31 15.70
CA MET F 103 31.40 17.92 15.36
C MET F 103 32.89 17.64 15.50
N ILE F 104 33.71 18.65 15.17
CA ILE F 104 35.18 18.52 15.25
C ILE F 104 35.63 18.28 16.69
N GLU F 105 35.23 19.17 17.59
CA GLU F 105 35.63 19.05 19.00
C GLU F 105 34.83 17.99 19.75
N LEU F 106 33.74 17.50 19.15
CA LEU F 106 33.01 16.37 19.68
C LEU F 106 33.80 15.08 19.54
N ILE F 107 34.06 14.65 18.30
CA ILE F 107 34.74 13.38 18.03
C ILE F 107 36.19 13.49 17.53
N GLY F 108 36.55 14.64 16.96
CA GLY F 108 37.90 14.84 16.41
C GLY F 108 38.95 15.11 17.48
N SER F 109 40.19 15.29 17.04
CA SER F 109 41.33 15.49 17.93
C SER F 109 41.54 16.96 18.26
N GLN F 110 42.58 17.24 19.04
CA GLN F 110 42.95 18.62 19.38
C GLN F 110 43.59 19.33 18.20
N GLU F 111 44.46 18.62 17.48
CA GLU F 111 45.17 19.18 16.33
C GLU F 111 44.22 19.62 15.22
N GLN F 112 43.22 18.78 14.94
CA GLN F 112 42.19 19.09 13.95
C GLN F 112 41.27 20.19 14.44
N GLU F 113 40.98 20.19 15.74
CA GLU F 113 40.20 21.26 16.35
C GLU F 113 40.90 22.60 16.17
N GLU F 114 42.21 22.62 16.39
CA GLU F 114 43.01 23.83 16.16
C GLU F 114 43.05 24.22 14.69
N HIS F 115 43.28 23.24 13.82
CA HIS F 115 43.45 23.49 12.39
C HIS F 115 42.15 23.92 11.70
N LEU F 116 41.09 23.15 11.92
CA LEU F 116 39.83 23.38 11.22
C LEU F 116 39.10 24.64 11.70
N TYR F 117 39.03 24.84 13.01
CA TYR F 117 38.31 26.00 13.55
C TYR F 117 38.91 27.32 13.09
N THR F 118 40.24 27.42 13.11
CA THR F 118 40.93 28.61 12.64
C THR F 118 40.61 28.89 11.18
N GLN F 119 40.69 27.84 10.36
CA GLN F 119 40.34 27.94 8.94
C GLN F 119 38.94 28.49 8.76
N ILE F 120 37.97 27.91 9.46
CA ILE F 120 36.57 28.35 9.39
C ILE F 120 36.43 29.80 9.82
N ALA F 121 37.12 30.17 10.90
CA ALA F 121 37.05 31.52 11.46
C ALA F 121 37.61 32.60 10.53
N GLN F 122 38.93 32.57 10.28
CA GLN F 122 39.59 33.65 9.55
C GLN F 122 39.13 33.78 8.08
N ASN F 123 38.66 32.67 7.50
CA ASN F 123 38.07 32.67 6.16
C ASN F 123 36.57 32.99 6.14
N ASN F 124 35.94 32.96 7.31
CA ASN F 124 34.47 33.02 7.41
C ASN F 124 33.80 32.07 6.43
N TRP F 125 33.96 30.78 6.72
CA TRP F 125 33.46 29.73 5.85
C TRP F 125 32.01 29.38 6.15
N TRP F 126 31.26 29.08 5.10
CA TRP F 126 30.02 28.34 5.21
C TRP F 126 30.36 26.87 5.33
N THR F 127 29.56 26.12 6.09
CA THR F 127 29.66 24.67 6.11
C THR F 127 28.31 24.07 5.72
N GLY F 128 28.36 22.93 5.05
CA GLY F 128 27.18 22.14 4.73
C GLY F 128 27.36 20.78 5.36
N ASN F 129 26.47 19.85 5.02
CA ASN F 129 26.61 18.48 5.49
C ASN F 129 26.07 17.46 4.49
N ALA F 130 26.85 16.41 4.25
CA ALA F 130 26.38 15.22 3.54
C ALA F 130 26.65 14.07 4.50
N SER F 131 26.08 14.22 5.71
CA SER F 131 26.46 13.40 6.85
C SER F 131 25.62 12.13 6.98
N SER F 132 24.76 12.08 8.00
CA SER F 132 24.07 10.86 8.37
C SER F 132 22.88 10.59 7.45
N GLU F 133 22.50 9.32 7.39
CA GLU F 133 21.21 8.92 6.83
C GLU F 133 20.41 8.41 8.02
N ASN F 134 19.40 9.17 8.43
CA ASN F 134 18.70 8.93 9.70
C ASN F 134 17.76 7.74 9.64
N ASN F 135 17.32 7.37 8.44
CA ASN F 135 16.41 6.25 8.27
C ASN F 135 16.98 5.21 7.31
N SER F 136 18.22 4.79 7.58
CA SER F 136 18.93 3.83 6.74
C SER F 136 19.84 2.95 7.59
N HIS F 137 19.82 1.65 7.32
CA HIS F 137 20.69 0.71 8.00
C HIS F 137 22.12 0.90 7.51
N VAL F 138 23.09 0.76 8.42
CA VAL F 138 24.49 1.08 8.12
C VAL F 138 25.00 0.51 6.80
N LEU F 139 24.58 -0.72 6.45
CA LEU F 139 24.98 -1.36 5.19
C LEU F 139 24.01 -1.07 4.03
N ASP F 140 23.31 0.06 4.08
CA ASP F 140 22.50 0.54 2.95
C ASP F 140 22.81 2.00 2.57
N TRP F 141 23.73 2.65 3.27
CA TRP F 141 24.04 4.06 3.01
C TRP F 141 24.67 4.20 1.63
N LYS F 142 24.32 5.27 0.93
CA LYS F 142 24.76 5.48 -0.45
C LYS F 142 26.25 5.78 -0.53
N VAL F 143 26.72 6.72 0.29
CA VAL F 143 28.12 7.14 0.29
C VAL F 143 28.98 6.09 1.01
N ARG F 144 29.85 5.44 0.26
CA ARG F 144 30.73 4.41 0.82
C ARG F 144 32.19 4.86 0.77
N ALA F 145 32.98 4.37 1.72
CA ALA F 145 34.38 4.79 1.89
C ALA F 145 35.34 3.60 1.81
N THR F 146 36.22 3.62 0.82
CA THR F 146 37.27 2.62 0.67
C THR F 146 38.49 3.05 1.48
N PRO F 147 39.00 2.17 2.37
CA PRO F 147 40.24 2.49 3.09
C PRO F 147 41.45 2.53 2.17
N THR F 148 42.24 3.60 2.24
CA THR F 148 43.46 3.73 1.45
C THR F 148 44.70 3.35 2.26
N GLU F 149 45.81 3.10 1.57
CA GLU F 149 47.05 2.66 2.21
C GLU F 149 47.69 3.73 3.10
N ASP F 150 47.53 5.00 2.73
CA ASP F 150 48.09 6.12 3.51
C ASP F 150 47.35 6.40 4.83
N GLY F 151 46.19 5.77 5.02
CA GLY F 151 45.37 5.96 6.22
C GLY F 151 44.09 6.76 5.98
N GLY F 152 43.90 7.22 4.74
CA GLY F 152 42.72 8.00 4.38
C GLY F 152 41.60 7.15 3.80
N TYR F 153 40.65 7.82 3.15
CA TYR F 153 39.50 7.13 2.55
C TYR F 153 39.09 7.79 1.24
N VAL F 154 38.46 7.02 0.36
CA VAL F 154 37.95 7.52 -0.91
C VAL F 154 36.44 7.24 -0.99
N LEU F 155 35.66 8.29 -1.18
CA LEU F 155 34.19 8.20 -1.13
C LEU F 155 33.56 8.01 -2.51
N ASN F 156 32.46 7.26 -2.55
CA ASN F 156 31.68 7.05 -3.77
C ASN F 156 30.20 6.86 -3.44
N GLY F 157 29.35 7.62 -4.13
CA GLY F 157 27.89 7.52 -3.96
C GLY F 157 27.20 8.87 -4.03
N THR F 158 25.88 8.84 -3.84
CA THR F 158 25.07 10.05 -3.87
C THR F 158 24.13 10.09 -2.66
N LYS F 159 24.40 11.01 -1.73
CA LYS F 159 23.47 11.29 -0.63
C LYS F 159 22.45 12.31 -1.09
N HIS F 160 21.18 12.10 -0.73
CA HIS F 160 20.07 12.87 -1.31
C HIS F 160 19.62 14.09 -0.50
N PHE F 161 19.85 14.07 0.82
CA PHE F 161 19.55 15.21 1.68
C PHE F 161 20.86 15.80 2.21
N CYS F 162 21.28 16.94 1.67
CA CYS F 162 22.54 17.57 2.04
C CYS F 162 22.38 19.08 2.23
N SER F 163 21.94 19.49 3.42
CA SER F 163 21.68 20.92 3.69
C SER F 163 22.96 21.75 3.68
N GLY F 164 22.99 22.73 2.78
CA GLY F 164 24.09 23.70 2.72
C GLY F 164 25.31 23.26 1.92
N ALA F 165 25.29 22.05 1.38
CA ALA F 165 26.42 21.54 0.59
C ALA F 165 26.73 22.46 -0.57
N LYS F 166 25.71 22.80 -1.34
CA LYS F 166 25.83 23.76 -2.43
C LYS F 166 26.26 25.13 -1.88
N GLY F 167 27.42 25.61 -2.32
CA GLY F 167 27.93 26.93 -1.94
C GLY F 167 28.72 26.94 -0.64
N SER F 168 28.88 25.80 0.01
CA SER F 168 29.68 25.72 1.24
C SER F 168 31.16 25.66 0.92
N ASP F 169 31.97 25.96 1.92
CA ASP F 169 33.42 25.92 1.83
C ASP F 169 33.97 24.63 2.41
N LEU F 170 33.46 24.22 3.58
CA LEU F 170 33.89 22.98 4.25
C LEU F 170 32.70 22.05 4.43
N LEU F 171 32.82 20.85 3.86
CA LEU F 171 31.72 19.89 3.83
C LEU F 171 31.95 18.78 4.85
N PHE F 172 30.92 18.48 5.64
CA PHE F 172 30.98 17.37 6.58
C PHE F 172 30.31 16.15 5.97
N VAL F 173 31.11 15.13 5.69
CA VAL F 173 30.63 13.96 4.95
C VAL F 173 30.83 12.69 5.77
N PHE F 174 29.81 11.84 5.76
CA PHE F 174 29.88 10.53 6.40
C PHE F 174 29.96 9.47 5.31
N GLY F 175 30.73 8.42 5.57
CA GLY F 175 30.86 7.30 4.65
C GLY F 175 30.95 5.99 5.41
N VAL F 176 30.43 4.92 4.81
CA VAL F 176 30.47 3.59 5.41
C VAL F 176 31.40 2.69 4.62
N VAL F 177 32.20 1.89 5.33
CA VAL F 177 33.09 0.92 4.71
C VAL F 177 32.31 -0.38 4.49
N GLN F 178 32.09 -0.74 3.22
CA GLN F 178 31.20 -1.85 2.86
C GLN F 178 31.92 -2.90 2.00
N ASP F 179 32.73 -3.72 2.65
CA ASP F 179 33.51 -4.76 1.96
C ASP F 179 33.95 -5.88 2.93
N ASP F 180 34.77 -6.82 2.44
CA ASP F 180 35.23 -7.96 3.26
C ASP F 180 36.22 -7.59 4.38
N SER F 181 36.62 -6.32 4.46
CA SER F 181 37.55 -5.85 5.50
C SER F 181 37.04 -6.17 6.91
N PRO F 182 37.96 -6.28 7.89
CA PRO F 182 37.56 -6.37 9.29
C PRO F 182 36.88 -5.09 9.80
N GLN F 183 37.08 -3.98 9.09
CA GLN F 183 36.41 -2.71 9.40
C GLN F 183 35.08 -2.58 8.63
N GLN F 184 34.33 -3.67 8.55
CA GLN F 184 33.07 -3.71 7.79
C GLN F 184 31.98 -2.89 8.48
N GLY F 185 31.23 -2.13 7.69
CA GLY F 185 30.10 -1.34 8.18
C GLY F 185 30.45 -0.23 9.18
N ALA F 186 31.68 0.27 9.10
CA ALA F 186 32.15 1.30 10.01
C ALA F 186 31.89 2.68 9.43
N ILE F 187 31.34 3.58 10.24
CA ILE F 187 31.01 4.93 9.79
C ILE F 187 32.22 5.86 9.92
N ILE F 188 32.70 6.35 8.78
CA ILE F 188 33.78 7.33 8.74
C ILE F 188 33.20 8.72 8.67
N ALA F 189 33.55 9.56 9.65
CA ALA F 189 33.16 10.98 9.64
C ALA F 189 34.35 11.82 9.20
N ALA F 190 34.14 12.70 8.22
CA ALA F 190 35.22 13.48 7.63
C ALA F 190 34.81 14.93 7.40
N ALA F 191 35.83 15.80 7.34
CA ALA F 191 35.64 17.20 7.00
C ALA F 191 36.57 17.54 5.84
N ILE F 192 36.00 17.75 4.66
CA ILE F 192 36.77 18.06 3.46
C ILE F 192 36.30 19.34 2.82
N PRO F 193 37.16 20.02 2.04
CA PRO F 193 36.69 21.18 1.29
C PRO F 193 35.66 20.78 0.25
N THR F 194 34.66 21.63 0.03
CA THR F 194 33.59 21.34 -0.92
C THR F 194 34.10 21.31 -2.36
N SER F 195 35.21 22.00 -2.63
CA SER F 195 35.82 22.03 -3.96
C SER F 195 36.70 20.81 -4.27
N ARG F 196 36.84 19.89 -3.31
CA ARG F 196 37.61 18.65 -3.51
C ARG F 196 37.13 17.89 -4.75
N ALA F 197 38.08 17.33 -5.50
CA ALA F 197 37.78 16.59 -6.74
C ALA F 197 36.75 15.49 -6.54
N GLY F 198 35.70 15.53 -7.35
CA GLY F 198 34.62 14.54 -7.29
C GLY F 198 33.44 14.93 -6.42
N VAL F 199 33.54 16.08 -5.74
CA VAL F 199 32.46 16.60 -4.91
C VAL F 199 31.59 17.51 -5.77
N THR F 200 30.33 17.10 -5.97
CA THR F 200 29.41 17.84 -6.84
C THR F 200 28.04 17.98 -6.18
N PRO F 201 27.85 19.03 -5.36
CA PRO F 201 26.53 19.30 -4.76
C PRO F 201 25.52 19.81 -5.79
N ASN F 202 24.50 19.00 -6.07
CA ASN F 202 23.55 19.30 -7.14
C ASN F 202 22.57 20.42 -6.78
N ASP F 203 21.87 20.90 -7.80
CA ASP F 203 20.93 21.99 -7.68
C ASP F 203 19.54 21.42 -7.93
N ASP F 204 19.12 20.49 -7.08
CA ASP F 204 17.92 19.69 -7.31
C ASP F 204 16.90 19.66 -6.16
N TRP F 205 17.06 20.55 -5.18
CA TRP F 205 16.13 20.67 -4.05
C TRP F 205 14.83 21.36 -4.47
N ALA F 206 13.71 20.85 -3.97
CA ALA F 206 12.40 21.45 -4.19
C ALA F 206 11.42 20.93 -3.16
N ALA F 207 10.62 21.83 -2.59
CA ALA F 207 9.64 21.46 -1.58
C ALA F 207 8.58 22.55 -1.41
N ILE F 208 7.47 22.21 -0.77
CA ILE F 208 6.41 23.18 -0.51
C ILE F 208 6.92 24.38 0.31
N GLY F 209 7.81 24.09 1.26
CA GLY F 209 8.41 25.10 2.12
C GLY F 209 9.87 24.79 2.36
N MET F 210 10.53 25.66 3.14
CA MET F 210 11.99 25.61 3.29
C MET F 210 12.65 25.53 1.91
N ARG F 211 12.14 26.36 1.00
CA ARG F 211 12.53 26.28 -0.42
C ARG F 211 13.98 26.68 -0.70
N GLN F 212 14.55 27.54 0.15
CA GLN F 212 15.90 28.05 -0.06
C GLN F 212 16.93 27.47 0.92
N THR F 213 16.70 26.25 1.41
CA THR F 213 17.62 25.60 2.33
C THR F 213 18.73 24.79 1.63
N ASP F 214 18.69 24.74 0.30
CA ASP F 214 19.70 24.02 -0.49
C ASP F 214 19.97 22.62 0.08
N SER F 215 18.89 21.88 0.34
CA SER F 215 18.98 20.55 0.92
C SER F 215 18.88 19.47 -0.16
N GLY F 216 19.46 19.74 -1.32
CA GLY F 216 19.45 18.81 -2.44
C GLY F 216 20.46 17.71 -2.26
N SER F 217 20.55 16.85 -3.27
CA SER F 217 21.51 15.74 -3.28
C SER F 217 22.92 16.24 -3.54
N THR F 218 23.91 15.42 -3.17
CA THR F 218 25.31 15.70 -3.45
C THR F 218 26.01 14.41 -3.86
N ASP F 219 26.74 14.47 -4.98
CA ASP F 219 27.42 13.30 -5.52
C ASP F 219 28.89 13.26 -5.12
N PHE F 220 29.39 12.07 -4.82
CA PHE F 220 30.80 11.83 -4.54
C PHE F 220 31.31 10.78 -5.51
N HIS F 221 32.34 11.13 -6.27
CA HIS F 221 32.93 10.23 -7.25
C HIS F 221 34.45 10.15 -7.05
N ASN F 222 34.89 9.13 -6.33
CA ASN F 222 36.30 8.90 -6.01
C ASN F 222 36.92 10.11 -5.30
N VAL F 223 36.23 10.58 -4.26
CA VAL F 223 36.64 11.77 -3.52
C VAL F 223 37.66 11.37 -2.45
N LYS F 224 38.85 11.93 -2.53
CA LYS F 224 39.91 11.61 -1.59
C LYS F 224 39.71 12.36 -0.28
N VAL F 225 39.81 11.63 0.82
CA VAL F 225 39.83 12.22 2.16
C VAL F 225 41.20 11.90 2.76
N GLU F 226 41.97 12.94 3.06
CA GLU F 226 43.34 12.80 3.55
C GLU F 226 43.33 12.30 5.00
N PRO F 227 44.41 11.65 5.46
CA PRO F 227 44.45 11.10 6.82
C PRO F 227 44.04 12.09 7.92
N ASP F 228 44.56 13.31 7.84
CA ASP F 228 44.28 14.35 8.86
C ASP F 228 42.88 14.99 8.75
N GLU F 229 42.17 14.71 7.65
CA GLU F 229 40.81 15.22 7.47
C GLU F 229 39.75 14.31 8.11
N VAL F 230 40.12 13.09 8.47
CA VAL F 230 39.21 12.15 9.12
C VAL F 230 39.04 12.53 10.59
N LEU F 231 37.79 12.56 11.05
CA LEU F 231 37.47 12.96 12.42
C LEU F 231 37.38 11.73 13.33
N GLY F 232 38.41 11.55 14.16
CA GLY F 232 38.44 10.46 15.12
C GLY F 232 38.68 9.09 14.50
N ALA F 233 38.43 8.05 15.28
CA ALA F 233 38.63 6.68 14.83
C ALA F 233 37.50 6.25 13.89
N PRO F 234 37.72 5.16 13.14
CA PRO F 234 36.60 4.64 12.35
C PRO F 234 35.45 4.21 13.24
N ASN F 235 34.22 4.56 12.85
CA ASN F 235 33.03 4.26 13.63
C ASN F 235 32.98 5.05 14.95
N ALA F 236 33.65 6.21 14.99
CA ALA F 236 33.80 6.98 16.22
C ALA F 236 32.50 7.58 16.74
N PHE F 237 31.56 7.88 15.84
CA PHE F 237 30.26 8.38 16.26
C PHE F 237 29.41 7.27 16.86
N VAL F 238 29.38 6.12 16.20
CA VAL F 238 28.58 4.99 16.66
C VAL F 238 29.04 4.54 18.06
N LEU F 239 30.35 4.49 18.26
CA LEU F 239 30.92 4.17 19.58
C LEU F 239 30.50 5.22 20.61
N ALA F 240 30.73 6.49 20.29
CA ALA F 240 30.35 7.59 21.17
C ALA F 240 28.87 7.51 21.57
N PHE F 241 28.02 7.10 20.63
CA PHE F 241 26.59 6.96 20.90
C PHE F 241 26.32 5.86 21.94
N ILE F 242 26.81 4.66 21.69
CA ILE F 242 26.57 3.53 22.60
C ILE F 242 27.04 3.86 24.02
N GLN F 243 28.22 4.46 24.15
CA GLN F 243 28.79 4.83 25.44
C GLN F 243 28.21 6.13 26.01
N SER F 244 27.45 6.85 25.20
CA SER F 244 26.93 8.19 25.54
C SER F 244 28.08 9.17 25.87
N GLU F 245 29.11 9.13 25.03
CA GLU F 245 30.28 10.01 25.16
C GLU F 245 29.87 11.44 24.78
N ARG F 246 30.83 12.36 24.72
CA ARG F 246 30.55 13.73 24.33
C ARG F 246 30.07 13.84 22.87
N GLY F 247 30.41 12.83 22.05
CA GLY F 247 29.91 12.74 20.68
C GLY F 247 28.39 12.69 20.58
N SER F 248 27.74 12.10 21.58
CA SER F 248 26.28 11.93 21.60
C SER F 248 25.51 13.23 21.89
N LEU F 249 26.20 14.36 22.01
CA LEU F 249 25.55 15.66 22.12
C LEU F 249 24.99 16.19 20.79
N PHE F 250 25.39 15.57 19.68
CA PHE F 250 24.91 15.98 18.36
C PHE F 250 23.39 16.11 18.30
N ALA F 251 22.69 15.04 18.69
CA ALA F 251 21.23 14.98 18.60
C ALA F 251 20.55 16.09 19.40
N PRO F 252 20.85 16.19 20.72
CA PRO F 252 20.20 17.27 21.47
C PRO F 252 20.51 18.68 20.95
N ILE F 253 21.73 18.90 20.48
CA ILE F 253 22.11 20.17 19.87
C ILE F 253 21.29 20.42 18.61
N ALA F 254 21.37 19.50 17.65
CA ALA F 254 20.66 19.63 16.38
C ALA F 254 19.16 19.83 16.58
N GLN F 255 18.56 18.95 17.37
CA GLN F 255 17.12 18.98 17.65
C GLN F 255 16.65 20.27 18.31
N LEU F 256 17.42 20.78 19.27
CA LEU F 256 17.05 21.99 19.99
C LEU F 256 17.06 23.21 19.07
N ILE F 257 17.97 23.20 18.12
CA ILE F 257 18.06 24.28 17.14
C ILE F 257 16.87 24.24 16.19
N PHE F 258 16.49 23.03 15.77
CA PHE F 258 15.31 22.86 14.93
C PHE F 258 14.05 23.35 15.65
N ALA F 259 13.98 23.06 16.94
CA ALA F 259 12.85 23.47 17.77
C ALA F 259 12.74 25.00 17.85
N ASN F 260 13.88 25.68 17.96
CA ASN F 260 13.89 27.13 18.02
C ASN F 260 13.67 27.79 16.66
N VAL F 261 14.00 27.09 15.59
CA VAL F 261 13.63 27.53 14.25
C VAL F 261 12.11 27.57 14.11
N TYR F 262 11.42 26.52 14.57
CA TYR F 262 9.96 26.45 14.42
C TYR F 262 9.27 27.57 15.20
N LEU F 263 9.76 27.83 16.42
CA LEU F 263 9.22 28.88 17.26
C LEU F 263 9.47 30.26 16.65
N GLY F 264 10.67 30.46 16.12
CA GLY F 264 10.98 31.67 15.35
C GLY F 264 9.96 31.93 14.26
N ILE F 265 9.70 30.90 13.45
CA ILE F 265 8.69 31.00 12.38
C ILE F 265 7.29 31.27 12.94
N ALA F 266 6.98 30.68 14.09
CA ALA F 266 5.71 30.94 14.77
C ALA F 266 5.57 32.40 15.19
N HIS F 267 6.63 32.95 15.77
CA HIS F 267 6.68 34.37 16.13
C HIS F 267 6.57 35.25 14.88
N GLY F 268 7.16 34.82 13.78
CA GLY F 268 7.06 35.53 12.52
C GLY F 268 5.62 35.68 12.06
N ALA F 269 4.95 34.54 11.89
CA ALA F 269 3.54 34.51 11.47
C ALA F 269 2.65 35.34 12.39
N LEU F 270 2.86 35.20 13.70
CA LEU F 270 2.05 35.89 14.70
C LEU F 270 2.22 37.41 14.62
N ASP F 271 3.46 37.86 14.45
CA ASP F 271 3.74 39.29 14.30
C ASP F 271 3.17 39.84 12.99
N ALA F 272 3.21 39.02 11.94
CA ALA F 272 2.66 39.38 10.63
C ALA F 272 1.14 39.41 10.67
N ALA F 273 0.55 38.45 11.40
CA ALA F 273 -0.89 38.42 11.61
C ALA F 273 -1.36 39.66 12.35
N ARG F 274 -0.66 39.95 13.44
CA ARG F 274 -0.96 41.11 14.29
C ARG F 274 -0.99 42.41 13.51
N GLU F 275 -0.01 42.58 12.63
CA GLU F 275 0.08 43.79 11.80
C GLU F 275 -1.14 43.88 10.87
N TYR F 276 -1.50 42.77 10.24
CA TYR F 276 -2.67 42.73 9.35
C TYR F 276 -3.98 42.99 10.11
N THR F 277 -4.12 42.39 11.30
CA THR F 277 -5.36 42.53 12.07
C THR F 277 -5.63 43.98 12.46
N ARG F 278 -4.57 44.70 12.80
CA ARG F 278 -4.68 46.11 13.20
C ARG F 278 -4.86 47.07 12.02
N THR F 279 -4.33 46.71 10.86
CA THR F 279 -4.30 47.61 9.70
C THR F 279 -5.33 47.30 8.60
N GLN F 280 -5.49 46.02 8.25
CA GLN F 280 -6.32 45.61 7.11
C GLN F 280 -7.63 44.91 7.47
N ALA F 281 -7.62 44.08 8.51
CA ALA F 281 -8.78 43.23 8.82
C ALA F 281 -10.06 44.06 9.01
N ARG F 282 -11.18 43.50 8.56
CA ARG F 282 -12.46 44.18 8.64
C ARG F 282 -13.34 43.54 9.70
N PRO F 283 -14.20 44.34 10.35
CA PRO F 283 -15.05 43.83 11.41
C PRO F 283 -16.25 43.07 10.83
N TRP F 284 -16.64 42.00 11.52
CA TRP F 284 -17.84 41.24 11.14
C TRP F 284 -19.08 41.96 11.66
N THR F 285 -19.62 42.84 10.82
CA THR F 285 -20.79 43.67 11.18
C THR F 285 -22.13 42.92 11.23
N PRO F 286 -22.25 41.76 10.55
CA PRO F 286 -23.48 40.98 10.77
C PRO F 286 -23.71 40.58 12.23
N ALA F 287 -22.63 40.47 13.02
CA ALA F 287 -22.72 40.21 14.45
C ALA F 287 -22.85 41.49 15.28
N GLY F 288 -22.62 42.64 14.66
CA GLY F 288 -22.67 43.95 15.34
C GLY F 288 -21.33 44.47 15.81
N ILE F 289 -20.24 43.87 15.33
CA ILE F 289 -18.89 44.27 15.72
C ILE F 289 -18.47 45.51 14.91
N GLN F 290 -17.86 46.49 15.59
CA GLN F 290 -17.49 47.77 14.97
C GLN F 290 -16.02 47.82 14.56
N GLN F 291 -15.15 47.15 15.31
CA GLN F 291 -13.72 47.11 15.01
C GLN F 291 -13.23 45.66 15.08
N ALA F 292 -12.35 45.29 14.17
CA ALA F 292 -11.80 43.93 14.14
C ALA F 292 -10.90 43.64 15.34
N THR F 293 -10.32 44.68 15.93
CA THR F 293 -9.52 44.54 17.13
C THR F 293 -10.36 44.31 18.39
N GLU F 294 -11.63 44.72 18.35
CA GLU F 294 -12.57 44.55 19.47
C GLU F 294 -13.40 43.25 19.37
N ASP F 295 -13.12 42.42 18.37
CA ASP F 295 -13.81 41.15 18.20
C ASP F 295 -13.37 40.18 19.30
N PRO F 296 -14.33 39.65 20.09
CA PRO F 296 -13.97 38.82 21.24
C PRO F 296 -13.22 37.55 20.84
N TYR F 297 -13.56 36.98 19.70
CA TYR F 297 -13.01 35.69 19.27
C TYR F 297 -11.65 35.87 18.62
N THR F 298 -11.44 36.99 17.94
CA THR F 298 -10.10 37.37 17.47
C THR F 298 -9.17 37.58 18.68
N ILE F 299 -9.68 38.30 19.69
CA ILE F 299 -8.96 38.48 20.95
C ILE F 299 -8.63 37.14 21.62
N ARG F 300 -9.61 36.23 21.64
CA ARG F 300 -9.38 34.89 22.19
C ARG F 300 -8.30 34.16 21.39
N SER F 301 -8.45 34.15 20.07
CA SER F 301 -7.47 33.54 19.17
C SER F 301 -6.06 34.04 19.45
N TYR F 302 -5.90 35.35 19.58
CA TYR F 302 -4.57 35.92 19.85
C TYR F 302 -4.02 35.52 21.22
N GLY F 303 -4.89 35.38 22.21
CA GLY F 303 -4.50 34.88 23.52
C GLY F 303 -3.95 33.47 23.45
N GLU F 304 -4.65 32.59 22.73
CA GLU F 304 -4.25 31.19 22.63
C GLU F 304 -2.94 31.00 21.87
N PHE F 305 -2.70 31.80 20.85
CA PHE F 305 -1.44 31.73 20.10
C PHE F 305 -0.27 32.13 21.01
N THR F 306 -0.42 33.27 21.66
CA THR F 306 0.62 33.80 22.55
C THR F 306 0.88 32.86 23.73
N ILE F 307 -0.19 32.30 24.28
CA ILE F 307 -0.11 31.36 25.40
C ILE F 307 0.62 30.07 25.01
N ALA F 308 0.35 29.58 23.80
CA ALA F 308 1.04 28.41 23.28
C ALA F 308 2.53 28.69 23.11
N LEU F 309 2.86 29.88 22.61
CA LEU F 309 4.26 30.30 22.47
C LEU F 309 4.94 30.47 23.81
N GLN F 310 4.21 31.05 24.77
CA GLN F 310 4.75 31.29 26.10
C GLN F 310 5.33 30.00 26.67
N GLY F 311 4.50 28.96 26.72
CA GLY F 311 4.91 27.67 27.28
C GLY F 311 6.05 27.03 26.50
N ALA F 312 5.95 27.05 25.17
CA ALA F 312 6.97 26.45 24.31
C ALA F 312 8.31 27.20 24.41
N ASP F 313 8.25 28.53 24.47
CA ASP F 313 9.48 29.33 24.57
C ASP F 313 10.18 29.17 25.92
N ALA F 314 9.42 29.24 27.01
CA ALA F 314 9.97 29.05 28.34
C ALA F 314 10.67 27.69 28.45
N ALA F 315 10.02 26.65 27.93
CA ALA F 315 10.57 25.30 27.93
C ALA F 315 11.86 25.23 27.10
N ALA F 316 11.84 25.88 25.94
CA ALA F 316 13.00 25.92 25.06
C ALA F 316 14.19 26.56 25.78
N ARG F 317 13.96 27.72 26.39
CA ARG F 317 15.02 28.45 27.08
C ARG F 317 15.66 27.63 28.21
N GLU F 318 14.83 26.97 29.02
CA GLU F 318 15.33 26.09 30.08
C GLU F 318 16.29 25.01 29.53
N ALA F 319 15.95 24.47 28.37
CA ALA F 319 16.75 23.42 27.74
C ALA F 319 18.11 23.92 27.22
N ALA F 320 18.18 25.19 26.81
CA ALA F 320 19.44 25.78 26.39
C ALA F 320 20.41 25.93 27.56
N HIS F 321 19.88 26.24 28.73
CA HIS F 321 20.69 26.34 29.95
C HIS F 321 21.17 24.97 30.41
N LEU F 322 20.34 23.94 30.19
CA LEU F 322 20.72 22.55 30.49
C LEU F 322 21.73 22.05 29.46
N LEU F 323 21.58 22.47 28.21
CA LEU F 323 22.56 22.15 27.16
C LEU F 323 23.92 22.73 27.51
N GLN F 324 23.93 24.00 27.90
CA GLN F 324 25.16 24.69 28.29
C GLN F 324 25.86 23.98 29.45
N THR F 325 25.09 23.62 30.47
CA THR F 325 25.60 22.91 31.63
C THR F 325 26.30 21.59 31.25
N VAL F 326 25.63 20.77 30.43
CA VAL F 326 26.19 19.48 30.02
C VAL F 326 27.32 19.65 28.99
N TRP F 327 27.27 20.73 28.23
CA TRP F 327 28.37 21.09 27.32
C TRP F 327 29.63 21.47 28.09
N ASP F 328 29.46 22.32 29.11
CA ASP F 328 30.59 22.77 29.93
C ASP F 328 31.22 21.67 30.79
N LYS F 329 30.48 20.58 31.05
CA LYS F 329 31.01 19.43 31.80
C LYS F 329 32.13 18.70 31.06
N GLY F 330 32.16 18.81 29.74
CA GLY F 330 33.19 18.16 28.93
C GLY F 330 32.99 16.66 28.83
N ASP F 331 34.08 15.91 28.94
CA ASP F 331 34.03 14.45 28.89
C ASP F 331 33.53 13.83 30.21
N ALA F 332 33.51 14.63 31.27
CA ALA F 332 32.94 14.19 32.55
C ALA F 332 31.42 14.01 32.51
N LEU F 333 30.77 14.41 31.42
CA LEU F 333 29.34 14.16 31.25
C LEU F 333 29.05 12.67 31.33
N THR F 334 28.02 12.30 32.08
CA THR F 334 27.64 10.90 32.23
C THR F 334 26.46 10.58 31.29
N PRO F 335 26.22 9.28 31.01
CA PRO F 335 25.01 8.87 30.29
C PRO F 335 23.72 9.49 30.83
N GLU F 336 23.65 9.70 32.14
CA GLU F 336 22.47 10.28 32.79
C GLU F 336 22.21 11.71 32.33
N ASP F 337 23.25 12.53 32.36
CA ASP F 337 23.16 13.94 31.96
C ASP F 337 22.64 14.03 30.54
N ARG F 338 23.29 13.29 29.65
CA ARG F 338 22.91 13.24 28.24
C ARG F 338 21.47 12.76 28.09
N GLY F 339 21.11 11.72 28.84
CA GLY F 339 19.77 11.16 28.82
C GLY F 339 18.71 12.16 29.24
N GLU F 340 18.92 12.80 30.39
CA GLU F 340 18.00 13.82 30.90
C GLU F 340 17.86 15.01 29.95
N LEU F 341 18.98 15.43 29.35
CA LEU F 341 18.96 16.53 28.39
C LEU F 341 18.16 16.17 27.13
N MET F 342 18.38 14.97 26.61
CA MET F 342 17.70 14.54 25.39
C MET F 342 16.19 14.44 25.58
N VAL F 343 15.76 13.98 26.76
CA VAL F 343 14.33 13.92 27.08
C VAL F 343 13.72 15.31 27.14
N LYS F 344 14.44 16.26 27.74
CA LYS F 344 13.99 17.65 27.81
C LYS F 344 13.86 18.27 26.41
N VAL F 345 14.90 18.10 25.59
CA VAL F 345 14.90 18.64 24.23
C VAL F 345 13.88 17.90 23.35
N SER F 346 13.66 16.63 23.63
CA SER F 346 12.62 15.86 22.94
C SER F 346 11.22 16.42 23.25
N GLY F 347 11.02 16.90 24.46
CA GLY F 347 9.78 17.60 24.81
C GLY F 347 9.69 18.94 24.11
N VAL F 348 10.78 19.70 24.15
CA VAL F 348 10.85 21.01 23.50
C VAL F 348 10.54 20.91 22.00
N LYS F 349 11.11 19.90 21.34
CA LYS F 349 10.89 19.67 19.92
C LYS F 349 9.40 19.50 19.61
N ALA F 350 8.68 18.77 20.48
CA ALA F 350 7.26 18.54 20.30
C ALA F 350 6.42 19.80 20.51
N LEU F 351 6.73 20.58 21.55
CA LEU F 351 6.02 21.82 21.84
C LEU F 351 6.18 22.83 20.71
N ALA F 352 7.41 22.98 20.21
CA ALA F 352 7.69 23.86 19.08
C ALA F 352 6.93 23.45 17.81
N THR F 353 6.90 22.15 17.54
CA THR F 353 6.19 21.61 16.37
C THR F 353 4.69 21.88 16.43
N ASN F 354 4.06 21.51 17.55
CA ASN F 354 2.61 21.65 17.74
C ASN F 354 2.16 23.12 17.79
N ALA F 355 2.98 23.97 18.40
CA ALA F 355 2.66 25.40 18.51
C ALA F 355 2.79 26.11 17.17
N ALA F 356 3.88 25.85 16.46
CA ALA F 356 4.15 26.49 15.16
C ALA F 356 3.10 26.15 14.11
N LEU F 357 2.76 24.86 13.99
CA LEU F 357 1.72 24.42 13.06
C LEU F 357 0.34 24.96 13.42
N ASN F 358 0.04 25.03 14.71
CA ASN F 358 -1.23 25.58 15.20
C ASN F 358 -1.35 27.06 14.86
N ILE F 359 -0.33 27.84 15.19
CA ILE F 359 -0.39 29.29 15.04
C ILE F 359 -0.31 29.72 13.56
N SER F 360 0.65 29.16 12.83
CA SER F 360 0.87 29.55 11.43
C SER F 360 -0.32 29.19 10.53
N SER F 361 -1.14 28.24 10.97
CA SER F 361 -2.39 27.92 10.29
C SER F 361 -3.55 28.72 10.86
N GLY F 362 -3.70 28.73 12.19
CA GLY F 362 -4.80 29.43 12.84
C GLY F 362 -4.80 30.94 12.65
N VAL F 363 -3.61 31.49 12.44
CA VAL F 363 -3.45 32.92 12.17
C VAL F 363 -4.31 33.41 10.99
N PHE F 364 -4.57 32.53 10.03
CA PHE F 364 -5.46 32.87 8.91
C PHE F 364 -6.88 33.20 9.37
N GLU F 365 -7.32 32.56 10.46
CA GLU F 365 -8.66 32.76 10.99
C GLU F 365 -8.93 34.23 11.29
N VAL F 366 -7.96 34.91 11.91
CA VAL F 366 -8.11 36.33 12.25
C VAL F 366 -7.68 37.27 11.10
N ILE F 367 -6.87 36.78 10.17
CA ILE F 367 -6.43 37.56 9.01
C ILE F 367 -7.58 37.78 8.02
N GLY F 368 -8.16 36.69 7.52
CA GLY F 368 -9.32 36.78 6.61
C GLY F 368 -9.01 36.47 5.15
N ALA F 369 -10.08 36.39 4.36
CA ALA F 369 -10.01 35.94 2.96
C ALA F 369 -9.03 36.70 2.07
N ARG F 370 -9.03 38.03 2.18
CA ARG F 370 -8.15 38.86 1.33
C ARG F 370 -6.68 38.64 1.65
N GLY F 371 -6.39 38.24 2.88
CA GLY F 371 -5.02 37.90 3.28
C GLY F 371 -4.44 36.67 2.62
N THR F 372 -5.25 35.93 1.87
CA THR F 372 -4.76 34.77 1.11
C THR F 372 -4.10 35.16 -0.23
N HIS F 373 -4.04 36.45 -0.55
CA HIS F 373 -3.37 36.91 -1.76
C HIS F 373 -1.87 36.63 -1.66
N PRO F 374 -1.25 36.07 -2.72
CA PRO F 374 0.20 35.78 -2.76
C PRO F 374 1.15 36.93 -2.35
N ARG F 375 0.69 38.19 -2.43
CA ARG F 375 1.56 39.33 -2.14
C ARG F 375 1.86 39.48 -0.64
N TYR F 376 1.00 38.91 0.20
CA TYR F 376 1.28 38.81 1.64
C TYR F 376 2.14 37.58 1.91
N GLY F 377 1.95 36.54 1.09
CA GLY F 377 2.68 35.28 1.25
C GLY F 377 2.51 34.65 2.62
N PHE F 378 1.35 34.87 3.24
CA PHE F 378 1.16 34.47 4.64
C PHE F 378 1.28 32.97 4.88
N ASP F 379 1.00 32.16 3.86
CA ASP F 379 1.13 30.71 3.98
C ASP F 379 2.57 30.19 4.07
N ARG F 380 3.57 31.04 3.84
CA ARG F 380 4.97 30.59 3.85
C ARG F 380 5.43 30.10 5.23
N PHE F 381 4.91 30.71 6.28
CA PHE F 381 5.29 30.33 7.64
C PHE F 381 4.88 28.88 7.90
N TRP F 382 3.63 28.55 7.59
CA TRP F 382 3.15 27.18 7.74
C TRP F 382 3.89 26.21 6.83
N ARG F 383 4.08 26.58 5.56
CA ARG F 383 4.76 25.70 4.61
C ARG F 383 6.17 25.33 5.06
N ASN F 384 6.90 26.31 5.61
CA ASN F 384 8.26 26.07 6.12
C ASN F 384 8.30 25.10 7.29
N VAL F 385 7.41 25.28 8.27
CA VAL F 385 7.43 24.42 9.44
C VAL F 385 6.74 23.09 9.16
N ARG F 386 5.79 23.07 8.23
CA ARG F 386 5.18 21.81 7.78
C ARG F 386 6.23 20.93 7.11
N THR F 387 7.15 21.55 6.37
CA THR F 387 8.20 20.80 5.68
C THR F 387 9.25 20.23 6.65
N HIS F 388 9.93 21.09 7.41
CA HIS F 388 11.01 20.60 8.27
C HIS F 388 10.55 19.82 9.50
N SER F 389 9.31 20.00 9.96
CA SER F 389 8.82 19.21 11.09
C SER F 389 8.84 17.71 10.78
N LEU F 390 8.94 17.36 9.50
CA LEU F 390 9.01 15.97 9.05
C LEU F 390 10.44 15.43 8.97
N HIS F 391 11.43 16.23 9.37
CA HIS F 391 12.82 15.80 9.39
C HIS F 391 12.97 14.49 10.16
N ASP F 392 12.38 14.44 11.35
CA ASP F 392 12.23 13.18 12.08
C ASP F 392 10.86 13.21 12.75
N PRO F 393 10.29 12.03 13.05
CA PRO F 393 8.88 11.99 13.48
C PRO F 393 8.66 12.44 14.92
N VAL F 394 7.83 13.48 15.08
CA VAL F 394 7.53 14.04 16.39
C VAL F 394 6.79 13.03 17.29
N SER F 395 6.12 12.06 16.69
CA SER F 395 5.51 10.97 17.44
C SER F 395 6.55 10.25 18.33
N TYR F 396 7.76 10.05 17.82
CA TYR F 396 8.79 9.34 18.57
C TYR F 396 9.63 10.25 19.45
N LYS F 397 9.58 11.56 19.20
CA LYS F 397 10.02 12.53 20.20
C LYS F 397 9.15 12.40 21.43
N ILE F 398 7.84 12.34 21.21
CA ILE F 398 6.85 12.24 22.29
C ILE F 398 7.02 10.93 23.08
N ALA F 399 7.19 9.82 22.36
CA ALA F 399 7.33 8.51 22.98
C ALA F 399 8.59 8.38 23.84
N ASP F 400 9.68 9.00 23.41
CA ASP F 400 10.92 9.01 24.21
C ASP F 400 10.75 9.73 25.55
N VAL F 401 9.99 10.81 25.56
CA VAL F 401 9.65 11.51 26.80
C VAL F 401 8.76 10.60 27.65
N GLY F 402 7.79 9.97 26.99
CA GLY F 402 6.89 9.02 27.65
C GLY F 402 7.57 7.81 28.25
N LYS F 403 8.61 7.31 27.58
CA LYS F 403 9.39 6.17 28.06
C LYS F 403 10.24 6.54 29.28
N HIS F 404 10.76 7.76 29.28
CA HIS F 404 11.55 8.25 30.41
C HIS F 404 10.68 8.47 31.65
N THR F 405 9.57 9.20 31.45
CA THR F 405 8.61 9.46 32.51
C THR F 405 8.15 8.18 33.20
N LEU F 406 7.72 7.22 32.40
CA LEU F 406 7.08 6.01 32.91
C LEU F 406 8.06 4.96 33.41
N ASN F 407 9.13 4.74 32.65
CA ASN F 407 10.05 3.62 32.91
C ASN F 407 11.50 4.00 33.19
N GLY F 408 11.78 5.30 33.33
CA GLY F 408 13.15 5.77 33.55
C GLY F 408 14.13 5.44 32.44
N GLN F 409 13.64 5.08 31.26
CA GLN F 409 14.49 4.72 30.14
C GLN F 409 14.95 5.99 29.44
N TYR F 410 16.24 6.07 29.13
CA TYR F 410 16.77 7.18 28.36
C TYR F 410 16.77 6.82 26.87
N PRO F 411 16.60 7.82 25.99
CA PRO F 411 16.53 7.56 24.54
C PRO F 411 17.73 6.79 23.99
N ILE F 412 17.50 6.08 22.88
CA ILE F 412 18.56 5.30 22.23
C ILE F 412 19.49 6.25 21.47
N PRO F 413 20.75 6.38 21.92
CA PRO F 413 21.64 7.37 21.31
C PRO F 413 21.85 7.18 19.81
N GLY F 414 21.54 8.22 19.04
CA GLY F 414 21.66 8.21 17.58
C GLY F 414 21.64 9.62 17.05
N PHE F 415 21.50 9.76 15.73
CA PHE F 415 21.57 11.08 15.10
C PHE F 415 20.36 11.97 15.37
N THR F 416 19.19 11.36 15.62
CA THR F 416 17.96 12.12 15.92
C THR F 416 17.52 12.04 17.38
N SER F 417 18.13 11.16 18.16
CA SER F 417 17.74 10.96 19.55
C SER F 417 18.90 10.41 20.38
N ASP G 17 -49.51 0.77 18.74
CA ASP G 17 -48.57 1.87 18.33
C ASP G 17 -48.16 2.74 19.53
N ASN G 18 -47.94 2.11 20.68
CA ASN G 18 -47.50 2.81 21.89
C ASN G 18 -46.06 3.30 21.77
N ASP G 19 -45.82 4.49 22.32
CA ASP G 19 -44.57 5.22 22.11
C ASP G 19 -43.51 4.87 23.16
N PRO G 20 -42.47 4.11 22.77
CA PRO G 20 -41.47 3.70 23.76
C PRO G 20 -40.65 4.86 24.30
N VAL G 21 -40.42 5.88 23.49
CA VAL G 21 -39.61 7.03 23.88
C VAL G 21 -40.34 7.91 24.88
N ALA G 22 -41.60 8.23 24.59
CA ALA G 22 -42.42 9.07 25.48
C ALA G 22 -42.52 8.50 26.89
N VAL G 23 -42.56 7.18 27.00
CA VAL G 23 -42.60 6.50 28.30
C VAL G 23 -41.30 6.74 29.06
N ALA G 24 -40.17 6.72 28.35
CA ALA G 24 -38.87 7.02 28.95
C ALA G 24 -38.78 8.47 29.44
N ARG G 25 -39.35 9.39 28.67
CA ARG G 25 -39.38 10.82 29.05
C ARG G 25 -40.17 11.06 30.33
N GLY G 26 -41.18 10.23 30.60
CA GLY G 26 -41.96 10.32 31.82
C GLY G 26 -41.20 9.87 33.06
N LEU G 27 -40.35 8.86 32.90
CA LEU G 27 -39.55 8.34 34.02
C LEU G 27 -38.41 9.30 34.36
N ALA G 28 -37.71 9.77 33.33
CA ALA G 28 -36.61 10.72 33.48
C ALA G 28 -37.00 11.88 34.39
N GLU G 29 -38.13 12.52 34.07
CA GLU G 29 -38.57 13.71 34.81
C GLU G 29 -38.92 13.38 36.26
N LYS G 30 -39.49 12.20 36.48
CA LYS G 30 -39.75 11.71 37.84
C LYS G 30 -38.44 11.48 38.60
N TRP G 31 -37.44 10.95 37.92
CA TRP G 31 -36.14 10.67 38.51
C TRP G 31 -35.30 11.94 38.69
N ARG G 32 -35.52 12.94 37.83
CA ARG G 32 -34.77 14.20 37.88
C ARG G 32 -34.82 14.88 39.26
N ALA G 33 -35.95 14.74 39.96
CA ALA G 33 -36.10 15.28 41.31
C ALA G 33 -35.16 14.59 42.32
N THR G 34 -35.02 13.27 42.20
CA THR G 34 -34.19 12.48 43.11
C THR G 34 -32.83 12.07 42.53
N ALA G 35 -32.42 12.70 41.42
CA ALA G 35 -31.20 12.30 40.71
C ALA G 35 -29.92 12.48 41.53
N VAL G 36 -29.82 13.63 42.19
CA VAL G 36 -28.61 13.99 42.95
C VAL G 36 -28.43 13.12 44.20
N GLU G 37 -29.53 12.86 44.89
CA GLU G 37 -29.50 12.06 46.13
C GLU G 37 -29.06 10.63 45.86
N ARG G 38 -29.60 10.02 44.80
CA ARG G 38 -29.24 8.65 44.43
C ARG G 38 -27.75 8.52 44.14
N ASP G 39 -27.20 9.48 43.41
CA ASP G 39 -25.79 9.49 43.05
C ASP G 39 -24.87 9.52 44.28
N ARG G 40 -25.20 10.36 45.25
CA ARG G 40 -24.38 10.48 46.48
C ARG G 40 -24.55 9.27 47.40
N ALA G 41 -25.76 8.75 47.49
CA ALA G 41 -26.05 7.59 48.35
C ALA G 41 -25.36 6.33 47.83
N GLY G 42 -25.44 6.09 46.53
CA GLY G 42 -24.84 4.91 45.92
C GLY G 42 -25.69 3.68 46.17
N GLY G 43 -25.04 2.52 46.23
CA GLY G 43 -25.73 1.25 46.43
C GLY G 43 -26.58 0.87 45.24
N SER G 44 -27.68 0.17 45.50
CA SER G 44 -28.60 -0.29 44.46
C SER G 44 -29.84 0.61 44.40
N ALA G 45 -30.37 0.79 43.20
CA ALA G 45 -31.51 1.68 42.98
C ALA G 45 -32.77 0.88 42.70
N THR G 46 -33.17 0.07 43.68
CA THR G 46 -34.32 -0.83 43.52
C THR G 46 -35.62 -0.10 43.15
N ALA G 47 -35.81 1.12 43.67
CA ALA G 47 -37.02 1.89 43.39
C ALA G 47 -37.10 2.29 41.91
N GLU G 48 -35.95 2.62 41.33
CA GLU G 48 -35.88 3.01 39.93
C GLU G 48 -36.00 1.79 39.00
N ARG G 49 -35.43 0.67 39.44
CA ARG G 49 -35.55 -0.59 38.71
C ARG G 49 -37.00 -1.06 38.61
N GLU G 50 -37.78 -0.83 39.67
CA GLU G 50 -39.21 -1.20 39.68
C GLU G 50 -40.05 -0.32 38.76
N ASP G 51 -39.73 0.98 38.70
CA ASP G 51 -40.40 1.90 37.79
C ASP G 51 -40.26 1.44 36.33
N LEU G 52 -39.08 0.96 35.97
CA LEU G 52 -38.82 0.44 34.62
C LEU G 52 -39.53 -0.89 34.38
N ARG G 53 -39.62 -1.72 35.42
CA ARG G 53 -40.42 -2.95 35.33
C ARG G 53 -41.87 -2.60 35.05
N ALA G 54 -42.44 -1.70 35.85
CA ALA G 54 -43.85 -1.30 35.73
C ALA G 54 -44.17 -0.60 34.41
N SER G 55 -43.19 0.07 33.81
CA SER G 55 -43.36 0.72 32.52
C SER G 55 -43.48 -0.28 31.36
N GLY G 56 -42.91 -1.47 31.55
CA GLY G 56 -42.94 -2.52 30.53
C GLY G 56 -41.83 -2.45 29.50
N LEU G 57 -40.96 -1.44 29.60
CA LEU G 57 -39.88 -1.24 28.64
C LEU G 57 -38.79 -2.32 28.70
N LEU G 58 -38.82 -3.17 29.73
CA LEU G 58 -37.88 -4.28 29.82
C LEU G 58 -38.04 -5.29 28.68
N SER G 59 -39.23 -5.34 28.06
CA SER G 59 -39.46 -6.20 26.91
C SER G 59 -39.34 -5.44 25.57
N LEU G 60 -38.58 -4.34 25.57
CA LEU G 60 -38.47 -3.45 24.41
C LEU G 60 -38.01 -4.19 23.15
N LEU G 61 -36.96 -5.00 23.29
CA LEU G 61 -36.37 -5.72 22.16
C LEU G 61 -36.94 -7.14 21.94
N VAL G 62 -37.92 -7.54 22.75
CA VAL G 62 -38.57 -8.83 22.58
C VAL G 62 -39.55 -8.75 21.40
N PRO G 63 -39.54 -9.76 20.51
CA PRO G 63 -40.51 -9.76 19.40
C PRO G 63 -41.97 -9.72 19.84
N ARG G 64 -42.81 -9.04 19.07
CA ARG G 64 -44.23 -8.87 19.41
C ARG G 64 -44.99 -10.19 19.51
N GLU G 65 -44.58 -11.18 18.71
CA GLU G 65 -45.22 -12.50 18.74
C GLU G 65 -45.09 -13.21 20.10
N TYR G 66 -44.08 -12.82 20.88
CA TYR G 66 -43.88 -13.38 22.21
C TYR G 66 -44.43 -12.50 23.34
N GLY G 67 -44.95 -11.32 22.99
CA GLY G 67 -45.51 -10.37 23.97
C GLY G 67 -44.69 -9.11 24.17
N GLY G 68 -43.62 -8.94 23.41
CA GLY G 68 -42.75 -7.76 23.54
C GLY G 68 -43.22 -6.56 22.75
N TRP G 69 -42.38 -5.52 22.70
CA TRP G 69 -42.67 -4.32 21.94
C TRP G 69 -42.35 -4.50 20.45
N GLY G 70 -41.40 -5.39 20.14
CA GLY G 70 -41.03 -5.66 18.75
C GLY G 70 -40.29 -4.51 18.09
N ALA G 71 -39.63 -3.69 18.91
CA ALA G 71 -38.98 -2.48 18.43
C ALA G 71 -37.65 -2.80 17.76
N ASP G 72 -37.20 -1.88 16.91
CA ASP G 72 -35.94 -2.03 16.18
C ASP G 72 -34.78 -1.43 16.98
N TRP G 73 -33.56 -1.70 16.55
CA TRP G 73 -32.37 -1.23 17.28
C TRP G 73 -32.30 0.29 17.43
N PRO G 74 -32.63 1.06 16.37
CA PRO G 74 -32.63 2.52 16.48
C PRO G 74 -33.61 3.06 17.52
N THR G 75 -34.87 2.62 17.47
CA THR G 75 -35.86 3.05 18.46
C THR G 75 -35.42 2.62 19.87
N ALA G 76 -34.90 1.40 19.98
CA ALA G 76 -34.41 0.89 21.27
C ALA G 76 -33.30 1.76 21.85
N ILE G 77 -32.36 2.16 20.99
CA ILE G 77 -31.26 3.03 21.40
C ILE G 77 -31.73 4.42 21.85
N GLU G 78 -32.77 4.94 21.20
CA GLU G 78 -33.33 6.23 21.60
C GLU G 78 -33.93 6.21 23.01
N VAL G 79 -34.52 5.07 23.37
CA VAL G 79 -35.04 4.88 24.73
C VAL G 79 -33.89 4.79 25.73
N VAL G 80 -32.80 4.13 25.33
CA VAL G 80 -31.61 4.02 26.17
C VAL G 80 -31.00 5.40 26.40
N ARG G 81 -30.78 6.14 25.32
CA ARG G 81 -30.21 7.49 25.38
C ARG G 81 -30.99 8.38 26.35
N GLU G 82 -32.31 8.40 26.18
CA GLU G 82 -33.20 9.19 27.03
C GLU G 82 -33.05 8.85 28.52
N ILE G 83 -32.94 7.56 28.82
CA ILE G 83 -32.77 7.11 30.21
C ILE G 83 -31.38 7.45 30.74
N ALA G 84 -30.37 7.34 29.88
CA ALA G 84 -29.00 7.64 30.27
C ALA G 84 -28.78 9.11 30.58
N ALA G 85 -29.57 9.98 29.95
CA ALA G 85 -29.46 11.43 30.17
C ALA G 85 -29.92 11.80 31.57
N ALA G 86 -30.97 11.15 32.04
CA ALA G 86 -31.48 11.38 33.39
C ALA G 86 -30.51 10.81 34.43
N ASP G 87 -29.99 9.60 34.16
CA ASP G 87 -29.17 8.88 35.12
C ASP G 87 -28.22 7.89 34.43
N GLY G 88 -26.93 8.16 34.52
CA GLY G 88 -25.90 7.33 33.89
C GLY G 88 -25.94 5.86 34.28
N SER G 89 -26.15 5.60 35.57
CA SER G 89 -26.20 4.22 36.08
C SER G 89 -27.39 3.45 35.52
N LEU G 90 -28.56 4.06 35.58
CA LEU G 90 -29.79 3.44 35.11
C LEU G 90 -29.78 3.24 33.58
N GLY G 91 -29.21 4.19 32.85
CA GLY G 91 -29.04 4.06 31.41
C GLY G 91 -28.19 2.87 31.04
N HIS G 92 -27.08 2.69 31.75
CA HIS G 92 -26.21 1.53 31.55
C HIS G 92 -26.89 0.23 31.96
N LEU G 93 -27.53 0.23 33.12
CA LEU G 93 -28.20 -0.96 33.65
C LEU G 93 -29.30 -1.48 32.71
N PHE G 94 -30.12 -0.55 32.23
CA PHE G 94 -31.14 -0.86 31.24
C PHE G 94 -30.51 -1.21 29.90
N GLY G 95 -29.52 -0.42 29.49
CA GLY G 95 -28.80 -0.67 28.26
C GLY G 95 -28.21 -2.08 28.18
N TYR G 96 -27.55 -2.50 29.26
CA TYR G 96 -26.88 -3.80 29.30
C TYR G 96 -27.92 -4.93 29.33
N HIS G 97 -29.04 -4.68 30.01
CA HIS G 97 -30.15 -5.64 30.07
C HIS G 97 -30.69 -5.99 28.69
N LEU G 98 -30.77 -4.99 27.82
CA LEU G 98 -31.32 -5.17 26.47
C LEU G 98 -30.47 -6.10 25.58
N THR G 99 -29.17 -6.17 25.85
CA THR G 99 -28.26 -6.98 25.04
C THR G 99 -28.22 -8.45 25.46
N ASN G 100 -28.75 -8.75 26.65
CA ASN G 100 -28.71 -10.10 27.21
C ASN G 100 -29.55 -11.11 26.45
N ALA G 101 -30.82 -10.77 26.21
CA ALA G 101 -31.77 -11.67 25.53
C ALA G 101 -31.41 -11.97 24.07
N PRO G 102 -31.02 -10.94 23.29
CA PRO G 102 -30.55 -11.18 21.91
C PRO G 102 -29.53 -12.32 21.77
N MET G 103 -28.68 -12.51 22.77
CA MET G 103 -27.76 -13.66 22.83
C MET G 103 -28.44 -14.97 22.43
N ILE G 104 -29.69 -15.14 22.86
CA ILE G 104 -30.48 -16.33 22.55
C ILE G 104 -30.66 -16.48 21.04
N GLU G 105 -31.00 -15.38 20.36
CA GLU G 105 -31.09 -15.38 18.89
C GLU G 105 -29.75 -15.67 18.23
N LEU G 106 -28.68 -15.14 18.81
CA LEU G 106 -27.33 -15.27 18.23
C LEU G 106 -26.83 -16.70 18.20
N ILE G 107 -26.91 -17.40 19.33
CA ILE G 107 -26.39 -18.78 19.45
C ILE G 107 -27.41 -19.83 19.91
N GLY G 108 -28.47 -19.40 20.59
CA GLY G 108 -29.47 -20.35 21.11
C GLY G 108 -30.37 -20.94 20.03
N SER G 109 -31.21 -21.89 20.44
CA SER G 109 -32.10 -22.60 19.52
C SER G 109 -33.40 -21.84 19.32
N GLN G 110 -34.21 -22.33 18.38
CA GLN G 110 -35.52 -21.73 18.11
C GLN G 110 -36.48 -22.06 19.26
N GLU G 111 -36.38 -23.28 19.78
CA GLU G 111 -37.14 -23.69 20.97
C GLU G 111 -36.90 -22.72 22.13
N GLN G 112 -35.63 -22.58 22.51
CA GLN G 112 -35.23 -21.74 23.63
C GLN G 112 -35.63 -20.29 23.41
N GLU G 113 -35.58 -19.85 22.16
CA GLU G 113 -35.93 -18.48 21.81
C GLU G 113 -37.40 -18.19 22.11
N GLU G 114 -38.27 -19.05 21.60
CA GLU G 114 -39.72 -18.91 21.84
C GLU G 114 -40.06 -19.00 23.33
N HIS G 115 -39.37 -19.89 24.05
CA HIS G 115 -39.61 -20.11 25.47
C HIS G 115 -39.14 -18.93 26.32
N LEU G 116 -37.85 -18.63 26.24
CA LEU G 116 -37.24 -17.62 27.12
C LEU G 116 -37.70 -16.19 26.82
N TYR G 117 -38.02 -15.89 25.56
CA TYR G 117 -38.55 -14.56 25.23
C TYR G 117 -39.92 -14.35 25.87
N THR G 118 -40.79 -15.34 25.76
CA THR G 118 -42.12 -15.29 26.34
C THR G 118 -42.07 -15.05 27.85
N GLN G 119 -41.20 -15.79 28.54
CA GLN G 119 -41.06 -15.65 29.98
C GLN G 119 -40.56 -14.28 30.41
N ILE G 120 -39.64 -13.70 29.63
CA ILE G 120 -39.14 -12.35 29.91
C ILE G 120 -40.24 -11.30 29.73
N ALA G 121 -40.93 -11.36 28.60
CA ALA G 121 -42.00 -10.40 28.28
C ALA G 121 -43.17 -10.52 29.24
N GLN G 122 -43.80 -11.70 29.28
CA GLN G 122 -45.03 -11.88 30.04
C GLN G 122 -44.84 -11.74 31.56
N ASN G 123 -43.62 -12.01 32.04
CA ASN G 123 -43.31 -11.85 33.46
C ASN G 123 -42.52 -10.59 33.81
N ASN G 124 -42.23 -9.74 32.82
CA ASN G 124 -41.52 -8.48 33.04
C ASN G 124 -40.20 -8.67 33.79
N TRP G 125 -39.33 -9.50 33.24
CA TRP G 125 -38.07 -9.86 33.90
C TRP G 125 -36.92 -8.90 33.61
N TRP G 126 -36.19 -8.54 34.67
CA TRP G 126 -34.86 -7.96 34.53
C TRP G 126 -33.89 -9.08 34.18
N THR G 127 -32.84 -8.73 33.43
CA THR G 127 -31.80 -9.69 33.08
C THR G 127 -30.46 -9.12 33.49
N GLY G 128 -29.55 -10.01 33.87
CA GLY G 128 -28.18 -9.65 34.18
C GLY G 128 -27.26 -10.67 33.56
N ASN G 129 -25.95 -10.45 33.68
CA ASN G 129 -24.99 -11.41 33.16
C ASN G 129 -23.72 -11.53 34.00
N ALA G 130 -23.23 -12.75 34.07
CA ALA G 130 -21.93 -13.06 34.63
C ALA G 130 -21.18 -13.76 33.51
N SER G 131 -20.97 -13.01 32.43
CA SER G 131 -20.56 -13.58 31.15
C SER G 131 -19.04 -13.58 30.97
N SER G 132 -18.52 -12.63 30.20
CA SER G 132 -17.15 -12.66 29.73
C SER G 132 -16.17 -11.97 30.68
N GLU G 133 -14.98 -12.54 30.80
CA GLU G 133 -13.82 -11.82 31.32
C GLU G 133 -12.96 -11.44 30.11
N ASN G 134 -13.22 -10.25 29.58
CA ASN G 134 -12.72 -9.87 28.27
C ASN G 134 -11.19 -9.65 28.17
N ASN G 135 -10.52 -9.43 29.30
CA ASN G 135 -9.06 -9.30 29.31
C ASN G 135 -8.41 -10.36 30.20
N SER G 136 -9.01 -11.55 30.25
CA SER G 136 -8.45 -12.68 30.95
C SER G 136 -8.41 -13.88 30.04
N HIS G 137 -7.34 -14.66 30.12
CA HIS G 137 -7.26 -15.89 29.35
C HIS G 137 -8.32 -16.89 29.84
N VAL G 138 -8.89 -17.63 28.91
CA VAL G 138 -10.08 -18.46 29.17
C VAL G 138 -9.88 -19.48 30.29
N LEU G 139 -8.66 -19.99 30.45
CA LEU G 139 -8.32 -20.92 31.52
C LEU G 139 -8.10 -20.24 32.88
N ASP G 140 -8.16 -18.92 32.92
CA ASP G 140 -8.06 -18.15 34.16
C ASP G 140 -9.39 -17.51 34.54
N TRP G 141 -10.45 -17.87 33.83
CA TRP G 141 -11.79 -17.41 34.19
C TRP G 141 -12.18 -18.10 35.50
N LYS G 142 -12.82 -17.36 36.41
CA LYS G 142 -13.13 -17.89 37.74
C LYS G 142 -14.24 -18.93 37.71
N VAL G 143 -15.23 -18.75 36.83
CA VAL G 143 -16.35 -19.67 36.76
C VAL G 143 -15.98 -20.95 36.00
N ARG G 144 -15.74 -22.02 36.75
CA ARG G 144 -15.50 -23.35 36.17
C ARG G 144 -16.83 -24.04 35.89
N ALA G 145 -16.86 -24.87 34.85
CA ALA G 145 -18.09 -25.56 34.44
C ALA G 145 -17.84 -27.05 34.23
N THR G 146 -18.32 -27.86 35.17
CA THR G 146 -18.20 -29.32 35.09
C THR G 146 -19.38 -29.90 34.32
N PRO G 147 -19.12 -30.73 33.30
CA PRO G 147 -20.23 -31.35 32.56
C PRO G 147 -20.90 -32.51 33.31
N THR G 148 -22.09 -32.89 32.85
CA THR G 148 -22.84 -34.03 33.40
C THR G 148 -23.36 -34.93 32.26
N GLU G 149 -23.79 -36.14 32.60
CA GLU G 149 -24.21 -37.13 31.59
C GLU G 149 -25.51 -36.75 30.88
N ASP G 150 -26.42 -36.10 31.60
CA ASP G 150 -27.69 -35.62 31.01
C ASP G 150 -27.51 -34.48 29.99
N GLY G 151 -26.36 -33.82 30.03
CA GLY G 151 -26.02 -32.76 29.09
C GLY G 151 -25.77 -31.42 29.75
N GLY G 152 -26.20 -31.29 31.01
CA GLY G 152 -26.07 -30.05 31.75
C GLY G 152 -24.68 -29.81 32.31
N TYR G 153 -24.57 -28.78 33.17
CA TYR G 153 -23.31 -28.39 33.76
C TYR G 153 -23.48 -27.94 35.20
N VAL G 154 -22.40 -28.02 35.98
CA VAL G 154 -22.37 -27.52 37.36
C VAL G 154 -21.31 -26.42 37.47
N LEU G 155 -21.75 -25.20 37.78
CA LEU G 155 -20.86 -24.04 37.81
C LEU G 155 -20.31 -23.80 39.21
N ASN G 156 -18.98 -23.64 39.29
CA ASN G 156 -18.30 -23.27 40.52
C ASN G 156 -17.34 -22.10 40.27
N GLY G 157 -17.34 -21.12 41.17
CA GLY G 157 -16.42 -19.98 41.09
C GLY G 157 -17.09 -18.66 41.41
N THR G 158 -16.27 -17.64 41.63
CA THR G 158 -16.76 -16.29 41.92
C THR G 158 -16.30 -15.31 40.82
N LYS G 159 -17.24 -14.86 40.00
CA LYS G 159 -16.93 -13.85 38.98
C LYS G 159 -16.74 -12.50 39.66
N HIS G 160 -15.64 -11.84 39.34
CA HIS G 160 -15.26 -10.60 40.02
C HIS G 160 -16.11 -9.41 39.60
N PHE G 161 -16.50 -9.37 38.33
CA PHE G 161 -17.27 -8.24 37.79
C PHE G 161 -18.46 -8.76 36.98
N CYS G 162 -19.67 -8.46 37.46
CA CYS G 162 -20.89 -8.81 36.74
C CYS G 162 -21.61 -7.55 36.28
N SER G 163 -22.71 -7.71 35.56
CA SER G 163 -23.52 -6.59 35.09
C SER G 163 -25.00 -6.84 35.37
N GLY G 164 -25.53 -6.18 36.38
CA GLY G 164 -26.94 -6.29 36.75
C GLY G 164 -27.34 -7.65 37.29
N ALA G 165 -26.39 -8.39 37.85
CA ALA G 165 -26.67 -9.71 38.42
C ALA G 165 -27.61 -9.56 39.61
N LYS G 166 -27.33 -8.58 40.45
CA LYS G 166 -28.13 -8.30 41.63
C LYS G 166 -29.52 -7.76 41.28
N GLY G 167 -30.56 -8.50 41.70
CA GLY G 167 -31.94 -8.10 41.47
C GLY G 167 -32.55 -8.60 40.17
N SER G 168 -31.75 -9.30 39.36
CA SER G 168 -32.23 -9.86 38.09
C SER G 168 -33.10 -11.09 38.29
N ASP G 169 -33.91 -11.38 37.29
CA ASP G 169 -34.74 -12.57 37.27
C ASP G 169 -34.03 -13.69 36.51
N LEU G 170 -33.52 -13.36 35.32
CA LEU G 170 -32.81 -14.31 34.48
C LEU G 170 -31.35 -13.88 34.32
N LEU G 171 -30.43 -14.80 34.56
CA LEU G 171 -29.00 -14.50 34.56
C LEU G 171 -28.29 -15.28 33.45
N PHE G 172 -27.65 -14.54 32.54
CA PHE G 172 -26.86 -15.13 31.45
C PHE G 172 -25.39 -15.28 31.87
N VAL G 173 -24.95 -16.52 32.04
CA VAL G 173 -23.66 -16.81 32.66
C VAL G 173 -22.75 -17.57 31.71
N PHE G 174 -21.46 -17.23 31.72
CA PHE G 174 -20.46 -17.99 30.99
C PHE G 174 -19.60 -18.76 31.97
N GLY G 175 -19.35 -20.03 31.66
CA GLY G 175 -18.44 -20.86 32.44
C GLY G 175 -17.45 -21.50 31.50
N VAL G 176 -16.30 -21.92 32.04
CA VAL G 176 -15.27 -22.56 31.25
C VAL G 176 -15.05 -23.99 31.73
N VAL G 177 -15.09 -24.94 30.80
CA VAL G 177 -14.79 -26.33 31.11
C VAL G 177 -13.28 -26.42 31.35
N GLN G 178 -12.87 -26.44 32.61
CA GLN G 178 -11.46 -26.56 32.98
C GLN G 178 -11.18 -27.93 33.61
N ASP G 179 -11.46 -28.98 32.84
CA ASP G 179 -11.19 -30.36 33.24
C ASP G 179 -10.82 -31.20 32.03
N ASP G 180 -9.97 -32.21 32.24
CA ASP G 180 -9.45 -33.02 31.12
C ASP G 180 -10.57 -33.71 30.33
N SER G 181 -10.81 -33.20 29.13
CA SER G 181 -11.89 -33.65 28.24
C SER G 181 -11.67 -32.98 26.88
N PRO G 182 -12.42 -33.43 25.84
CA PRO G 182 -12.42 -32.66 24.59
C PRO G 182 -12.97 -31.23 24.76
N GLN G 183 -13.88 -31.05 25.71
CA GLN G 183 -14.44 -29.73 26.03
C GLN G 183 -13.42 -28.78 26.69
N GLN G 184 -12.39 -29.34 27.32
CA GLN G 184 -11.35 -28.54 27.99
C GLN G 184 -11.11 -27.20 27.30
N GLY G 185 -11.44 -26.11 27.99
CA GLY G 185 -11.22 -24.75 27.50
C GLY G 185 -12.42 -24.11 26.83
N ALA G 186 -13.50 -24.86 26.68
CA ALA G 186 -14.69 -24.37 25.98
C ALA G 186 -15.50 -23.42 26.86
N ILE G 187 -16.07 -22.39 26.24
CA ILE G 187 -16.95 -21.45 26.93
C ILE G 187 -18.40 -21.92 26.80
N ILE G 188 -19.08 -22.07 27.93
CA ILE G 188 -20.48 -22.47 27.97
C ILE G 188 -21.34 -21.25 28.22
N ALA G 189 -22.38 -21.07 27.41
CA ALA G 189 -23.35 -19.98 27.58
C ALA G 189 -24.65 -20.55 28.14
N ALA G 190 -25.13 -19.98 29.25
CA ALA G 190 -26.32 -20.48 29.92
C ALA G 190 -27.23 -19.34 30.36
N ALA G 191 -28.53 -19.59 30.31
CA ALA G 191 -29.53 -18.67 30.86
C ALA G 191 -30.30 -19.41 31.96
N ILE G 192 -30.11 -18.96 33.20
CA ILE G 192 -30.71 -19.62 34.36
C ILE G 192 -31.46 -18.62 35.22
N PRO G 193 -32.39 -19.09 36.07
CA PRO G 193 -32.98 -18.20 37.06
C PRO G 193 -31.92 -17.67 38.01
N THR G 194 -32.02 -16.40 38.39
CA THR G 194 -31.09 -15.80 39.34
C THR G 194 -31.28 -16.39 40.74
N SER G 195 -32.45 -16.95 40.99
CA SER G 195 -32.77 -17.61 42.26
C SER G 195 -32.44 -19.12 42.25
N ARG G 196 -31.67 -19.57 41.27
CA ARG G 196 -31.17 -20.94 41.22
C ARG G 196 -30.24 -21.17 42.42
N ALA G 197 -30.33 -22.35 43.03
CA ALA G 197 -29.53 -22.68 44.21
C ALA G 197 -28.04 -22.58 43.93
N GLY G 198 -27.34 -21.77 44.72
CA GLY G 198 -25.90 -21.57 44.58
C GLY G 198 -25.52 -20.21 44.03
N VAL G 199 -26.47 -19.52 43.40
CA VAL G 199 -26.24 -18.20 42.81
C VAL G 199 -26.45 -17.11 43.85
N THR G 200 -25.36 -16.42 44.20
CA THR G 200 -25.41 -15.35 45.19
C THR G 200 -24.81 -14.07 44.59
N PRO G 201 -25.65 -13.17 44.05
CA PRO G 201 -25.16 -11.87 43.60
C PRO G 201 -24.84 -10.97 44.78
N ASN G 202 -23.57 -10.57 44.89
CA ASN G 202 -23.14 -9.72 45.99
C ASN G 202 -23.30 -8.23 45.66
N ASP G 203 -23.58 -7.43 46.68
CA ASP G 203 -23.66 -5.98 46.55
C ASP G 203 -22.34 -5.38 47.05
N ASP G 204 -21.28 -5.62 46.28
CA ASP G 204 -19.93 -5.16 46.64
C ASP G 204 -19.33 -4.25 45.57
N TRP G 205 -20.18 -3.70 44.71
CA TRP G 205 -19.73 -2.75 43.70
C TRP G 205 -19.38 -1.41 44.36
N ALA G 206 -18.27 -0.82 43.94
CA ALA G 206 -17.84 0.47 44.47
C ALA G 206 -16.95 1.20 43.45
N ALA G 207 -17.35 2.40 43.06
CA ALA G 207 -16.61 3.21 42.09
C ALA G 207 -16.99 4.68 42.21
N ILE G 208 -16.17 5.55 41.62
CA ILE G 208 -16.43 6.98 41.65
C ILE G 208 -17.70 7.32 40.86
N GLY G 209 -17.96 6.53 39.81
CA GLY G 209 -19.17 6.69 39.01
C GLY G 209 -19.81 5.34 38.73
N MET G 210 -20.95 5.38 38.02
CA MET G 210 -21.75 4.20 37.74
C MET G 210 -22.03 3.44 39.04
N ARG G 211 -22.39 4.19 40.08
CA ARG G 211 -22.50 3.66 41.43
C ARG G 211 -23.72 2.75 41.63
N GLN G 212 -24.79 3.02 40.88
CA GLN G 212 -26.02 2.23 40.96
C GLN G 212 -26.19 1.28 39.77
N THR G 213 -25.08 0.81 39.20
CA THR G 213 -25.10 -0.15 38.09
C THR G 213 -25.11 -1.61 38.57
N ASP G 214 -24.95 -1.81 39.88
CA ASP G 214 -24.92 -3.15 40.47
C ASP G 214 -23.97 -4.05 39.70
N SER G 215 -22.73 -3.60 39.57
CA SER G 215 -21.71 -4.30 38.81
C SER G 215 -20.73 -5.02 39.73
N GLY G 216 -21.25 -5.64 40.78
CA GLY G 216 -20.44 -6.36 41.75
C GLY G 216 -20.20 -7.79 41.34
N SER G 217 -19.67 -8.58 42.28
CA SER G 217 -19.40 -9.99 42.06
C SER G 217 -20.68 -10.83 42.17
N THR G 218 -20.56 -12.10 41.79
CA THR G 218 -21.64 -13.06 41.94
C THR G 218 -21.04 -14.45 42.11
N ASP G 219 -21.35 -15.08 43.24
CA ASP G 219 -20.74 -16.36 43.62
C ASP G 219 -21.59 -17.52 43.11
N PHE G 220 -20.90 -18.56 42.62
CA PHE G 220 -21.56 -19.75 42.11
C PHE G 220 -21.04 -20.94 42.89
N HIS G 221 -21.95 -21.62 43.59
CA HIS G 221 -21.63 -22.80 44.38
C HIS G 221 -22.51 -23.95 43.93
N ASN G 222 -21.92 -24.87 43.17
CA ASN G 222 -22.63 -26.04 42.63
C ASN G 222 -23.96 -25.68 41.97
N VAL G 223 -23.93 -24.64 41.15
CA VAL G 223 -25.11 -24.19 40.41
C VAL G 223 -25.32 -25.08 39.20
N LYS G 224 -26.40 -25.84 39.21
CA LYS G 224 -26.75 -26.72 38.10
C LYS G 224 -27.38 -25.93 36.95
N VAL G 225 -26.93 -26.23 35.74
CA VAL G 225 -27.52 -25.73 34.52
C VAL G 225 -28.13 -26.92 33.80
N GLU G 226 -29.41 -26.83 33.45
CA GLU G 226 -30.12 -27.93 32.81
C GLU G 226 -29.82 -27.94 31.30
N PRO G 227 -30.02 -29.08 30.62
CA PRO G 227 -29.76 -29.19 29.18
C PRO G 227 -30.43 -28.12 28.30
N ASP G 228 -31.72 -27.84 28.55
CA ASP G 228 -32.46 -26.85 27.77
C ASP G 228 -32.13 -25.40 28.15
N GLU G 229 -31.30 -25.20 29.16
CA GLU G 229 -30.82 -23.86 29.55
C GLU G 229 -29.45 -23.53 28.94
N VAL G 230 -28.80 -24.52 28.31
CA VAL G 230 -27.51 -24.32 27.67
C VAL G 230 -27.68 -23.74 26.26
N LEU G 231 -27.10 -22.56 26.04
CA LEU G 231 -27.24 -21.86 24.76
C LEU G 231 -26.20 -22.34 23.74
N GLY G 232 -26.66 -23.14 22.77
CA GLY G 232 -25.80 -23.62 21.69
C GLY G 232 -24.85 -24.71 22.15
N ALA G 233 -23.91 -25.06 21.28
CA ALA G 233 -22.90 -26.07 21.61
C ALA G 233 -21.84 -25.49 22.55
N PRO G 234 -20.95 -26.35 23.08
CA PRO G 234 -19.84 -25.83 23.88
C PRO G 234 -18.86 -25.03 23.03
N ASN G 235 -18.50 -23.85 23.51
CA ASN G 235 -17.61 -22.93 22.80
C ASN G 235 -18.27 -22.30 21.57
N ALA G 236 -19.61 -22.21 21.59
CA ALA G 236 -20.36 -21.67 20.47
C ALA G 236 -20.04 -20.20 20.17
N PHE G 237 -19.74 -19.43 21.23
CA PHE G 237 -19.38 -18.03 21.05
C PHE G 237 -18.04 -17.87 20.36
N VAL G 238 -17.05 -18.65 20.81
CA VAL G 238 -15.70 -18.55 20.26
C VAL G 238 -15.68 -19.04 18.81
N LEU G 239 -16.48 -20.07 18.52
CA LEU G 239 -16.61 -20.58 17.16
C LEU G 239 -17.27 -19.55 16.25
N ALA G 240 -18.26 -18.83 16.78
CA ALA G 240 -18.94 -17.77 16.05
C ALA G 240 -18.04 -16.54 15.80
N PHE G 241 -17.15 -16.23 16.75
CA PHE G 241 -16.20 -15.13 16.58
C PHE G 241 -15.20 -15.42 15.46
N ILE G 242 -14.67 -16.65 15.45
CA ILE G 242 -13.74 -17.08 14.41
C ILE G 242 -14.36 -16.99 13.01
N GLN G 243 -15.64 -17.35 12.89
CA GLN G 243 -16.30 -17.43 11.59
C GLN G 243 -17.09 -16.16 11.23
N SER G 244 -17.07 -15.16 12.10
CA SER G 244 -17.88 -13.95 11.94
C SER G 244 -19.36 -14.25 11.65
N GLU G 245 -19.89 -15.30 12.28
CA GLU G 245 -21.29 -15.66 12.17
C GLU G 245 -22.10 -14.82 13.16
N ARG G 246 -23.40 -15.09 13.29
CA ARG G 246 -24.32 -14.19 14.00
C ARG G 246 -23.90 -13.89 15.45
N GLY G 247 -23.25 -14.85 16.10
CA GLY G 247 -22.70 -14.64 17.44
C GLY G 247 -21.73 -13.47 17.56
N SER G 248 -21.00 -13.17 16.48
CA SER G 248 -20.01 -12.09 16.48
C SER G 248 -20.61 -10.69 16.48
N LEU G 249 -21.95 -10.57 16.49
CA LEU G 249 -22.61 -9.29 16.71
C LEU G 249 -22.58 -8.86 18.19
N PHE G 250 -22.13 -9.74 19.07
CA PHE G 250 -21.99 -9.45 20.51
C PHE G 250 -21.27 -8.10 20.74
N ALA G 251 -20.05 -7.98 20.23
CA ALA G 251 -19.25 -6.78 20.46
C ALA G 251 -19.86 -5.53 19.83
N PRO G 252 -20.31 -5.61 18.56
CA PRO G 252 -20.99 -4.45 17.98
C PRO G 252 -22.18 -3.96 18.80
N ILE G 253 -23.04 -4.87 19.24
CA ILE G 253 -24.25 -4.50 19.98
C ILE G 253 -23.84 -3.80 21.27
N ALA G 254 -23.04 -4.49 22.09
CA ALA G 254 -22.61 -3.95 23.38
C ALA G 254 -21.90 -2.61 23.26
N GLN G 255 -20.88 -2.55 22.39
CA GLN G 255 -20.09 -1.34 22.20
C GLN G 255 -20.92 -0.13 21.75
N LEU G 256 -21.96 -0.39 20.97
CA LEU G 256 -22.84 0.68 20.50
C LEU G 256 -23.72 1.21 21.63
N ILE G 257 -24.28 0.31 22.44
CA ILE G 257 -25.07 0.70 23.62
C ILE G 257 -24.23 1.63 24.50
N PHE G 258 -23.00 1.21 24.81
CA PHE G 258 -22.11 2.00 25.66
C PHE G 258 -21.92 3.40 25.10
N ALA G 259 -21.69 3.48 23.79
CA ALA G 259 -21.47 4.76 23.13
C ALA G 259 -22.65 5.68 23.37
N ASN G 260 -23.86 5.17 23.15
CA ASN G 260 -25.08 5.96 23.35
C ASN G 260 -25.38 6.27 24.82
N VAL G 261 -24.94 5.39 25.73
CA VAL G 261 -25.01 5.70 27.16
C VAL G 261 -24.13 6.92 27.46
N TYR G 262 -22.96 6.99 26.84
CA TYR G 262 -22.07 8.15 27.00
C TYR G 262 -22.69 9.41 26.41
N LEU G 263 -23.31 9.27 25.25
CA LEU G 263 -23.92 10.43 24.57
C LEU G 263 -25.13 10.94 25.35
N GLY G 264 -25.90 10.01 25.92
CA GLY G 264 -27.03 10.36 26.78
C GLY G 264 -26.58 11.22 27.95
N ILE G 265 -25.55 10.76 28.64
CA ILE G 265 -25.02 11.46 29.81
C ILE G 265 -24.58 12.88 29.47
N ALA G 266 -23.94 13.05 28.32
CA ALA G 266 -23.48 14.36 27.86
C ALA G 266 -24.64 15.32 27.58
N HIS G 267 -25.71 14.81 26.98
CA HIS G 267 -26.94 15.59 26.82
C HIS G 267 -27.50 16.01 28.18
N GLY G 268 -27.50 15.08 29.13
CA GLY G 268 -27.92 15.37 30.50
C GLY G 268 -27.08 16.49 31.10
N ALA G 269 -25.77 16.35 30.96
CA ALA G 269 -24.83 17.36 31.46
C ALA G 269 -25.04 18.70 30.76
N LEU G 270 -25.28 18.66 29.45
CA LEU G 270 -25.51 19.88 28.67
C LEU G 270 -26.85 20.54 29.01
N ASP G 271 -27.89 19.72 29.16
CA ASP G 271 -29.21 20.19 29.61
C ASP G 271 -29.14 20.88 30.97
N ALA G 272 -28.51 20.21 31.93
CA ALA G 272 -28.36 20.75 33.28
C ALA G 272 -27.48 22.00 33.31
N ALA G 273 -26.44 22.02 32.48
CA ALA G 273 -25.58 23.20 32.37
C ALA G 273 -26.39 24.39 31.88
N ARG G 274 -27.10 24.18 30.77
CA ARG G 274 -27.94 25.21 30.16
C ARG G 274 -28.87 25.86 31.19
N GLU G 275 -29.64 25.04 31.89
CA GLU G 275 -30.66 25.51 32.85
C GLU G 275 -30.04 26.32 33.99
N TYR G 276 -28.84 25.92 34.42
CA TYR G 276 -28.13 26.67 35.45
C TYR G 276 -27.70 28.04 34.93
N THR G 277 -27.16 28.08 33.72
CA THR G 277 -26.69 29.34 33.13
C THR G 277 -27.83 30.36 33.01
N ARG G 278 -29.02 29.89 32.62
CA ARG G 278 -30.15 30.79 32.38
C ARG G 278 -30.72 31.36 33.67
N THR G 279 -30.82 30.53 34.70
CA THR G 279 -31.44 30.93 35.97
C THR G 279 -30.47 31.40 37.04
N GLN G 280 -29.32 30.73 37.16
CA GLN G 280 -28.43 30.93 38.31
C GLN G 280 -27.14 31.68 38.01
N ALA G 281 -26.51 31.42 36.86
CA ALA G 281 -25.18 31.98 36.58
C ALA G 281 -25.15 33.50 36.60
N ARG G 282 -24.11 34.06 37.23
CA ARG G 282 -23.91 35.50 37.29
C ARG G 282 -22.94 35.96 36.21
N PRO G 283 -23.09 37.20 35.73
CA PRO G 283 -22.21 37.74 34.70
C PRO G 283 -20.89 38.26 35.26
N TRP G 284 -19.78 37.93 34.61
CA TRP G 284 -18.47 38.43 35.01
C TRP G 284 -18.40 39.95 34.77
N THR G 285 -18.79 40.69 35.79
CA THR G 285 -18.89 42.16 35.69
C THR G 285 -17.56 42.90 35.60
N PRO G 286 -16.44 42.29 36.02
CA PRO G 286 -15.16 42.94 35.75
C PRO G 286 -14.88 43.16 34.25
N ALA G 287 -15.45 42.31 33.41
CA ALA G 287 -15.35 42.47 31.95
C ALA G 287 -16.58 43.17 31.35
N GLY G 288 -17.22 44.05 32.13
CA GLY G 288 -18.34 44.86 31.65
C GLY G 288 -19.56 44.08 31.16
N ILE G 289 -19.74 42.86 31.66
CA ILE G 289 -20.79 41.97 31.17
C ILE G 289 -22.08 42.15 31.98
N GLN G 290 -23.19 42.36 31.28
CA GLN G 290 -24.49 42.63 31.91
C GLN G 290 -25.28 41.35 32.21
N GLN G 291 -25.23 40.38 31.29
CA GLN G 291 -26.00 39.14 31.42
C GLN G 291 -25.12 37.92 31.22
N ALA G 292 -25.38 36.87 31.98
CA ALA G 292 -24.66 35.61 31.85
C ALA G 292 -24.94 34.93 30.51
N THR G 293 -26.18 35.06 30.03
CA THR G 293 -26.60 34.46 28.77
C THR G 293 -26.05 35.17 27.52
N GLU G 294 -25.47 36.35 27.69
CA GLU G 294 -24.92 37.13 26.57
C GLU G 294 -23.40 37.17 26.53
N ASP G 295 -22.73 36.37 27.37
CA ASP G 295 -21.27 36.33 27.39
C ASP G 295 -20.74 35.64 26.12
N PRO G 296 -19.88 36.33 25.34
CA PRO G 296 -19.38 35.76 24.08
C PRO G 296 -18.71 34.39 24.24
N TYR G 297 -17.93 34.22 25.30
CA TYR G 297 -17.15 33.01 25.51
C TYR G 297 -17.98 31.86 26.05
N THR G 298 -18.98 32.18 26.88
CA THR G 298 -19.96 31.20 27.34
C THR G 298 -20.73 30.65 26.14
N ILE G 299 -21.16 31.56 25.27
CA ILE G 299 -21.92 31.19 24.07
C ILE G 299 -21.08 30.32 23.14
N ARG G 300 -19.79 30.62 23.04
CA ARG G 300 -18.86 29.83 22.22
C ARG G 300 -18.77 28.39 22.75
N SER G 301 -18.59 28.25 24.05
CA SER G 301 -18.50 26.94 24.69
C SER G 301 -19.74 26.09 24.42
N TYR G 302 -20.92 26.66 24.59
CA TYR G 302 -22.17 25.94 24.29
C TYR G 302 -22.24 25.53 22.82
N GLY G 303 -21.81 26.41 21.94
CA GLY G 303 -21.69 26.08 20.53
C GLY G 303 -20.81 24.85 20.34
N GLU G 304 -19.62 24.88 20.94
CA GLU G 304 -18.65 23.79 20.80
C GLU G 304 -19.18 22.47 21.37
N PHE G 305 -19.82 22.52 22.53
CA PHE G 305 -20.39 21.32 23.14
C PHE G 305 -21.45 20.72 22.23
N THR G 306 -22.33 21.57 21.70
CA THR G 306 -23.40 21.13 20.81
C THR G 306 -22.83 20.57 19.52
N ILE G 307 -21.90 21.30 18.91
CA ILE G 307 -21.27 20.87 17.67
C ILE G 307 -20.58 19.51 17.80
N ALA G 308 -19.85 19.31 18.90
CA ALA G 308 -19.20 18.01 19.13
C ALA G 308 -20.22 16.88 19.26
N LEU G 309 -21.33 17.13 19.94
CA LEU G 309 -22.40 16.13 20.09
C LEU G 309 -23.17 15.90 18.81
N GLN G 310 -23.40 16.98 18.06
CA GLN G 310 -24.05 16.88 16.76
C GLN G 310 -23.37 15.82 15.91
N GLY G 311 -22.04 15.87 15.85
CA GLY G 311 -21.26 14.94 15.04
C GLY G 311 -21.27 13.52 15.55
N ALA G 312 -21.15 13.35 16.86
CA ALA G 312 -21.15 12.03 17.49
C ALA G 312 -22.52 11.36 17.39
N ASP G 313 -23.57 12.11 17.66
CA ASP G 313 -24.94 11.61 17.57
C ASP G 313 -25.29 11.14 16.17
N ALA G 314 -25.01 11.98 15.17
CA ALA G 314 -25.32 11.65 13.79
C ALA G 314 -24.63 10.36 13.35
N ALA G 315 -23.39 10.18 13.79
CA ALA G 315 -22.64 8.95 13.52
C ALA G 315 -23.26 7.77 14.25
N ALA G 316 -23.63 7.98 15.51
CA ALA G 316 -24.29 6.95 16.29
C ALA G 316 -25.54 6.46 15.56
N ARG G 317 -26.41 7.40 15.20
CA ARG G 317 -27.68 7.07 14.54
C ARG G 317 -27.46 6.31 13.22
N GLU G 318 -26.45 6.71 12.45
CA GLU G 318 -26.06 5.96 11.25
C GLU G 318 -25.65 4.53 11.57
N ALA G 319 -24.89 4.36 12.65
CA ALA G 319 -24.45 3.04 13.08
C ALA G 319 -25.61 2.14 13.52
N ALA G 320 -26.64 2.70 14.13
CA ALA G 320 -27.82 1.92 14.55
C ALA G 320 -28.58 1.37 13.34
N HIS G 321 -28.72 2.19 12.30
CA HIS G 321 -29.34 1.73 11.06
C HIS G 321 -28.50 0.62 10.41
N LEU G 322 -27.18 0.79 10.42
CA LEU G 322 -26.28 -0.25 9.92
C LEU G 322 -26.39 -1.54 10.74
N LEU G 323 -26.46 -1.39 12.08
CA LEU G 323 -26.66 -2.52 12.97
C LEU G 323 -27.94 -3.26 12.62
N GLN G 324 -29.02 -2.50 12.40
CA GLN G 324 -30.31 -3.07 12.02
C GLN G 324 -30.21 -3.80 10.68
N THR G 325 -29.55 -3.18 9.71
CA THR G 325 -29.38 -3.80 8.39
C THR G 325 -28.68 -5.16 8.48
N VAL G 326 -27.62 -5.22 9.29
CA VAL G 326 -26.90 -6.47 9.50
C VAL G 326 -27.72 -7.45 10.34
N TRP G 327 -28.47 -6.93 11.31
CA TRP G 327 -29.37 -7.77 12.12
C TRP G 327 -30.42 -8.45 11.23
N ASP G 328 -31.03 -7.65 10.36
CA ASP G 328 -32.04 -8.14 9.41
C ASP G 328 -31.54 -9.23 8.44
N LYS G 329 -30.24 -9.26 8.16
CA LYS G 329 -29.67 -10.30 7.29
C LYS G 329 -29.62 -11.69 7.92
N GLY G 330 -29.80 -11.77 9.24
CA GLY G 330 -29.84 -13.06 9.93
C GLY G 330 -28.52 -13.79 9.86
N ASP G 331 -28.59 -15.12 9.76
CA ASP G 331 -27.39 -15.97 9.68
C ASP G 331 -26.60 -15.82 8.39
N ALA G 332 -27.23 -15.25 7.36
CA ALA G 332 -26.57 -15.01 6.08
C ALA G 332 -25.69 -13.76 6.05
N LEU G 333 -25.49 -13.13 7.21
CA LEU G 333 -24.53 -12.03 7.31
C LEU G 333 -23.14 -12.53 6.95
N THR G 334 -22.32 -11.64 6.40
CA THR G 334 -20.97 -11.99 5.95
C THR G 334 -19.91 -11.39 6.87
N PRO G 335 -18.68 -11.94 6.82
CA PRO G 335 -17.55 -11.34 7.52
C PRO G 335 -17.32 -9.86 7.14
N GLU G 336 -17.71 -9.48 5.92
CA GLU G 336 -17.60 -8.09 5.47
C GLU G 336 -18.63 -7.21 6.17
N ASP G 337 -19.88 -7.63 6.20
CA ASP G 337 -20.93 -6.90 6.93
C ASP G 337 -20.52 -6.63 8.37
N ARG G 338 -20.18 -7.69 9.09
CA ARG G 338 -19.81 -7.60 10.50
C ARG G 338 -18.55 -6.76 10.69
N GLY G 339 -17.56 -6.98 9.82
CA GLY G 339 -16.31 -6.24 9.87
C GLY G 339 -16.50 -4.74 9.72
N GLU G 340 -17.25 -4.34 8.69
CA GLU G 340 -17.54 -2.92 8.44
C GLU G 340 -18.39 -2.32 9.57
N LEU G 341 -19.33 -3.11 10.09
CA LEU G 341 -20.19 -2.66 11.19
C LEU G 341 -19.35 -2.32 12.42
N MET G 342 -18.48 -3.24 12.80
CA MET G 342 -17.62 -3.05 13.96
C MET G 342 -16.67 -1.85 13.83
N VAL G 343 -16.26 -1.55 12.60
CA VAL G 343 -15.43 -0.37 12.32
C VAL G 343 -16.19 0.92 12.60
N LYS G 344 -17.43 1.01 12.11
CA LYS G 344 -18.29 2.16 12.37
C LYS G 344 -18.57 2.33 13.87
N VAL G 345 -18.95 1.24 14.53
CA VAL G 345 -19.21 1.24 15.96
C VAL G 345 -17.96 1.67 16.74
N SER G 346 -16.80 1.15 16.35
CA SER G 346 -15.53 1.55 16.97
C SER G 346 -15.36 3.06 16.87
N GLY G 347 -15.66 3.62 15.71
CA GLY G 347 -15.60 5.06 15.51
C GLY G 347 -16.56 5.86 16.38
N VAL G 348 -17.79 5.37 16.50
CA VAL G 348 -18.80 6.02 17.33
C VAL G 348 -18.39 5.95 18.80
N LYS G 349 -17.87 4.80 19.22
CA LYS G 349 -17.38 4.63 20.58
C LYS G 349 -16.36 5.72 20.92
N ALA G 350 -15.46 6.01 19.98
CA ALA G 350 -14.43 7.02 20.17
C ALA G 350 -15.03 8.43 20.19
N LEU G 351 -15.88 8.72 19.21
CA LEU G 351 -16.59 10.00 19.18
C LEU G 351 -17.37 10.24 20.47
N ALA G 352 -18.04 9.20 20.97
CA ALA G 352 -18.87 9.34 22.17
C ALA G 352 -18.03 9.58 23.43
N THR G 353 -17.00 8.76 23.60
CA THR G 353 -16.08 8.88 24.74
C THR G 353 -15.44 10.27 24.82
N ASN G 354 -14.91 10.74 23.69
CA ASN G 354 -14.22 12.02 23.65
C ASN G 354 -15.20 13.18 23.92
N ALA G 355 -16.33 13.18 23.24
CA ALA G 355 -17.33 14.24 23.41
C ALA G 355 -17.89 14.27 24.84
N ALA G 356 -18.23 13.09 25.36
CA ALA G 356 -18.83 12.99 26.69
C ALA G 356 -17.87 13.47 27.78
N LEU G 357 -16.61 13.04 27.70
CA LEU G 357 -15.58 13.50 28.64
C LEU G 357 -15.37 15.01 28.56
N ASN G 358 -15.29 15.53 27.33
CA ASN G 358 -15.15 16.97 27.11
C ASN G 358 -16.32 17.76 27.69
N ILE G 359 -17.53 17.38 27.32
CA ILE G 359 -18.72 18.15 27.72
C ILE G 359 -19.00 18.02 29.22
N SER G 360 -18.87 16.82 29.77
CA SER G 360 -19.16 16.61 31.19
C SER G 360 -18.17 17.34 32.10
N SER G 361 -16.93 17.51 31.63
CA SER G 361 -15.93 18.31 32.35
C SER G 361 -16.05 19.80 32.00
N GLY G 362 -16.12 20.10 30.71
CA GLY G 362 -16.14 21.48 30.22
C GLY G 362 -17.34 22.31 30.67
N VAL G 363 -18.46 21.64 30.93
CA VAL G 363 -19.68 22.30 31.39
C VAL G 363 -19.45 23.17 32.63
N PHE G 364 -18.54 22.74 33.50
CA PHE G 364 -18.21 23.51 34.70
C PHE G 364 -17.71 24.93 34.42
N GLU G 365 -17.03 25.14 33.29
CA GLU G 365 -16.52 26.46 32.92
C GLU G 365 -17.62 27.53 32.77
N VAL G 366 -18.81 27.12 32.34
CA VAL G 366 -19.93 28.06 32.15
C VAL G 366 -20.90 28.11 33.33
N ILE G 367 -20.83 27.11 34.21
CA ILE G 367 -21.69 27.06 35.40
C ILE G 367 -21.23 28.08 36.44
N GLY G 368 -19.99 27.93 36.91
CA GLY G 368 -19.41 28.85 37.89
C GLY G 368 -18.97 28.12 39.15
N ALA G 369 -18.36 28.88 40.07
CA ALA G 369 -17.81 28.32 41.31
C ALA G 369 -18.87 27.79 42.27
N ARG G 370 -20.06 28.39 42.26
CA ARG G 370 -21.16 27.95 43.13
C ARG G 370 -21.76 26.61 42.68
N GLY G 371 -21.60 26.29 41.41
CA GLY G 371 -22.12 25.04 40.86
C GLY G 371 -21.41 23.78 41.33
N THR G 372 -20.27 23.95 42.00
CA THR G 372 -19.54 22.82 42.59
C THR G 372 -20.17 22.29 43.89
N HIS G 373 -21.30 22.87 44.32
CA HIS G 373 -21.96 22.45 45.56
C HIS G 373 -22.68 21.10 45.36
N PRO G 374 -22.53 20.16 46.32
CA PRO G 374 -23.14 18.82 46.25
C PRO G 374 -24.63 18.75 45.89
N ARG G 375 -25.43 19.75 46.29
CA ARG G 375 -26.88 19.72 46.05
C ARG G 375 -27.25 19.78 44.57
N TYR G 376 -26.36 20.35 43.74
CA TYR G 376 -26.51 20.34 42.30
C TYR G 376 -25.98 19.02 41.73
N GLY G 377 -24.85 18.56 42.27
CA GLY G 377 -24.25 17.28 41.87
C GLY G 377 -23.86 17.23 40.41
N PHE G 378 -23.26 18.31 39.91
CA PHE G 378 -22.95 18.43 38.47
C PHE G 378 -21.79 17.55 38.01
N ASP G 379 -20.99 17.01 38.92
CA ASP G 379 -19.87 16.15 38.56
C ASP G 379 -20.24 14.68 38.36
N ARG G 380 -21.50 14.31 38.61
CA ARG G 380 -21.94 12.93 38.42
C ARG G 380 -21.83 12.51 36.96
N PHE G 381 -22.13 13.43 36.05
CA PHE G 381 -22.09 13.14 34.62
C PHE G 381 -20.68 12.74 34.19
N TRP G 382 -19.68 13.46 34.67
CA TRP G 382 -18.29 13.14 34.37
C TRP G 382 -17.87 11.84 35.06
N ARG G 383 -18.14 11.72 36.35
CA ARG G 383 -17.80 10.51 37.11
C ARG G 383 -18.40 9.26 36.45
N ASN G 384 -19.66 9.34 36.02
CA ASN G 384 -20.27 8.23 35.28
C ASN G 384 -19.56 7.90 33.96
N VAL G 385 -19.22 8.93 33.17
CA VAL G 385 -18.55 8.70 31.89
C VAL G 385 -17.09 8.26 32.07
N ARG G 386 -16.37 8.98 32.93
CA ARG G 386 -14.97 8.68 33.20
C ARG G 386 -14.79 7.25 33.68
N THR G 387 -15.76 6.76 34.46
CA THR G 387 -15.70 5.40 34.98
C THR G 387 -15.89 4.36 33.87
N HIS G 388 -17.04 4.38 33.20
CA HIS G 388 -17.35 3.32 32.25
C HIS G 388 -16.57 3.42 30.93
N SER G 389 -16.07 4.61 30.62
CA SER G 389 -15.21 4.77 29.44
C SER G 389 -13.94 3.90 29.53
N LEU G 390 -13.59 3.46 30.74
CA LEU G 390 -12.44 2.58 30.94
C LEU G 390 -12.78 1.09 30.80
N HIS G 391 -14.03 0.78 30.49
CA HIS G 391 -14.45 -0.61 30.26
C HIS G 391 -13.50 -1.34 29.29
N ASP G 392 -13.21 -0.70 28.17
CA ASP G 392 -12.20 -1.19 27.23
C ASP G 392 -11.47 0.01 26.60
N PRO G 393 -10.17 -0.14 26.34
CA PRO G 393 -9.32 1.01 25.98
C PRO G 393 -9.72 1.69 24.67
N VAL G 394 -10.12 2.95 24.75
CA VAL G 394 -10.56 3.68 23.57
C VAL G 394 -9.44 3.77 22.52
N SER G 395 -8.19 3.78 22.99
CA SER G 395 -7.02 3.80 22.11
C SER G 395 -7.07 2.69 21.05
N TYR G 396 -7.58 1.52 21.42
CA TYR G 396 -7.60 0.40 20.48
C TYR G 396 -8.82 0.38 19.57
N LYS G 397 -9.94 0.97 20.03
CA LYS G 397 -11.06 1.27 19.15
C LYS G 397 -10.59 2.17 18.00
N ILE G 398 -9.79 3.18 18.36
CA ILE G 398 -9.25 4.13 17.38
C ILE G 398 -8.27 3.43 16.44
N ALA G 399 -7.39 2.60 17.01
CA ALA G 399 -6.41 1.84 16.22
C ALA G 399 -7.07 0.86 15.25
N ASP G 400 -8.17 0.22 15.66
CA ASP G 400 -8.87 -0.71 14.78
C ASP G 400 -9.45 0.01 13.55
N VAL G 401 -9.90 1.25 13.72
CA VAL G 401 -10.39 2.07 12.61
C VAL G 401 -9.25 2.40 11.67
N GLY G 402 -8.15 2.88 12.23
CA GLY G 402 -6.96 3.20 11.46
C GLY G 402 -6.38 2.01 10.71
N LYS G 403 -6.43 0.83 11.33
CA LYS G 403 -6.03 -0.42 10.66
C LYS G 403 -6.97 -0.73 9.50
N HIS G 404 -8.27 -0.48 9.67
CA HIS G 404 -9.20 -0.64 8.55
C HIS G 404 -8.94 0.39 7.45
N THR G 405 -8.82 1.67 7.84
CA THR G 405 -8.60 2.74 6.88
C THR G 405 -7.31 2.52 6.09
N LEU G 406 -6.22 2.25 6.79
CA LEU G 406 -4.90 2.13 6.16
C LEU G 406 -4.68 0.77 5.48
N ASN G 407 -4.98 -0.32 6.19
CA ASN G 407 -4.62 -1.67 5.73
C ASN G 407 -5.78 -2.58 5.30
N GLY G 408 -7.01 -2.07 5.34
CA GLY G 408 -8.19 -2.90 5.04
C GLY G 408 -8.48 -4.02 6.03
N GLN G 409 -7.79 -4.01 7.17
CA GLN G 409 -7.98 -5.05 8.18
C GLN G 409 -9.31 -4.83 8.89
N TYR G 410 -10.01 -5.92 9.14
CA TYR G 410 -11.16 -5.90 10.04
C TYR G 410 -10.70 -6.33 11.43
N PRO G 411 -11.38 -5.85 12.48
CA PRO G 411 -11.02 -6.28 13.84
C PRO G 411 -11.13 -7.79 14.02
N ILE G 412 -10.30 -8.35 14.89
CA ILE G 412 -10.43 -9.74 15.26
C ILE G 412 -11.68 -9.86 16.13
N PRO G 413 -12.67 -10.67 15.71
CA PRO G 413 -13.88 -10.74 16.50
C PRO G 413 -13.64 -11.31 17.89
N GLY G 414 -14.26 -10.69 18.90
CA GLY G 414 -14.13 -11.12 20.28
C GLY G 414 -15.22 -10.45 21.11
N PHE G 415 -14.99 -10.35 22.41
CA PHE G 415 -15.97 -9.77 23.31
C PHE G 415 -16.02 -8.24 23.33
N THR G 416 -14.94 -7.57 22.89
CA THR G 416 -14.90 -6.10 22.84
C THR G 416 -14.43 -5.53 21.49
N SER G 417 -14.38 -6.36 20.45
CA SER G 417 -14.07 -5.90 19.10
C SER G 417 -14.52 -6.94 18.08
N ASN H 18 18.84 24.73 56.68
CA ASN H 18 17.50 24.06 56.61
C ASN H 18 16.54 24.85 55.71
N ASP H 19 16.38 24.38 54.48
CA ASP H 19 15.50 25.04 53.50
C ASP H 19 14.04 24.59 53.66
N PRO H 20 13.09 25.48 53.35
CA PRO H 20 11.66 25.18 53.55
C PRO H 20 11.06 24.18 52.55
N VAL H 21 11.75 23.94 51.44
CA VAL H 21 11.29 22.94 50.45
C VAL H 21 11.50 21.54 51.00
N ALA H 22 12.62 21.33 51.69
CA ALA H 22 12.91 20.05 52.36
C ALA H 22 11.88 19.72 53.43
N VAL H 23 11.45 20.75 54.17
CA VAL H 23 10.41 20.60 55.18
C VAL H 23 9.07 20.29 54.52
N ALA H 24 8.78 20.98 53.41
CA ALA H 24 7.55 20.74 52.64
C ALA H 24 7.45 19.30 52.15
N ARG H 25 8.58 18.76 51.67
CA ARG H 25 8.64 17.37 51.20
C ARG H 25 8.35 16.36 52.31
N GLY H 26 8.83 16.64 53.51
CA GLY H 26 8.59 15.77 54.66
C GLY H 26 7.12 15.67 55.03
N LEU H 27 6.43 16.81 55.02
CA LEU H 27 4.99 16.86 55.32
C LEU H 27 4.17 16.15 54.25
N ALA H 28 4.61 16.26 53.00
CA ALA H 28 3.93 15.63 51.87
C ALA H 28 3.92 14.11 51.99
N GLU H 29 5.08 13.54 52.35
CA GLU H 29 5.22 12.08 52.49
C GLU H 29 4.15 11.52 53.43
N LYS H 30 3.93 12.19 54.56
CA LYS H 30 2.98 11.75 55.57
C LYS H 30 1.52 11.94 55.15
N TRP H 31 1.24 13.04 54.46
CA TRP H 31 -0.14 13.35 54.05
C TRP H 31 -0.67 12.51 52.89
N ARG H 32 0.23 11.85 52.16
CA ARG H 32 -0.19 10.97 51.05
C ARG H 32 -0.87 9.70 51.55
N ALA H 33 -0.47 9.23 52.74
CA ALA H 33 -1.09 8.05 53.35
C ALA H 33 -2.57 8.27 53.64
N THR H 34 -2.91 9.45 54.17
CA THR H 34 -4.28 9.78 54.56
C THR H 34 -5.04 10.59 53.51
N ALA H 35 -4.41 10.87 52.37
CA ALA H 35 -5.03 11.67 51.32
C ALA H 35 -6.38 11.13 50.88
N VAL H 36 -6.47 9.83 50.68
CA VAL H 36 -7.71 9.19 50.25
C VAL H 36 -8.75 9.24 51.38
N GLU H 37 -8.34 8.87 52.59
CA GLU H 37 -9.20 8.94 53.77
C GLU H 37 -9.84 10.33 53.91
N ARG H 38 -8.99 11.35 54.01
CA ARG H 38 -9.45 12.71 54.31
C ARG H 38 -10.26 13.34 53.18
N ASP H 39 -9.93 13.03 51.94
CA ASP H 39 -10.64 13.57 50.78
C ASP H 39 -12.11 13.14 50.76
N ARG H 40 -12.36 11.84 50.93
CA ARG H 40 -13.72 11.32 50.98
C ARG H 40 -14.50 11.86 52.17
N ALA H 41 -13.83 11.93 53.32
CA ALA H 41 -14.46 12.40 54.57
C ALA H 41 -14.95 13.85 54.51
N GLY H 42 -14.20 14.70 53.81
CA GLY H 42 -14.53 16.12 53.74
C GLY H 42 -14.27 16.81 55.07
N GLY H 43 -14.97 17.92 55.31
CA GLY H 43 -14.85 18.66 56.55
C GLY H 43 -13.48 19.31 56.71
N SER H 44 -13.23 19.83 57.92
CA SER H 44 -11.96 20.50 58.22
C SER H 44 -10.84 19.48 58.40
N ALA H 45 -9.61 19.88 58.08
CA ALA H 45 -8.42 19.04 58.25
C ALA H 45 -7.55 19.66 59.34
N THR H 46 -8.03 19.60 60.58
CA THR H 46 -7.36 20.24 61.71
C THR H 46 -5.98 19.63 61.98
N ALA H 47 -5.90 18.30 61.93
CA ALA H 47 -4.67 17.58 62.21
C ALA H 47 -3.54 18.01 61.28
N GLU H 48 -3.87 18.18 60.00
CA GLU H 48 -2.88 18.53 58.97
C GLU H 48 -2.48 20.00 59.10
N ARG H 49 -3.47 20.85 59.36
CA ARG H 49 -3.22 22.27 59.63
C ARG H 49 -2.31 22.46 60.84
N GLU H 50 -2.47 21.62 61.86
CA GLU H 50 -1.61 21.66 63.04
C GLU H 50 -0.17 21.23 62.72
N ASP H 51 -0.02 20.22 61.85
CA ASP H 51 1.29 19.75 61.42
C ASP H 51 2.03 20.83 60.62
N LEU H 52 1.28 21.66 59.90
CA LEU H 52 1.85 22.75 59.11
C LEU H 52 2.30 23.89 60.02
N ARG H 53 1.53 24.17 61.06
CA ARG H 53 1.93 25.16 62.07
C ARG H 53 3.26 24.75 62.71
N ALA H 54 3.33 23.50 63.19
CA ALA H 54 4.51 22.97 63.87
C ALA H 54 5.77 22.97 63.00
N SER H 55 5.60 22.88 61.68
CA SER H 55 6.73 22.97 60.75
C SER H 55 7.35 24.36 60.73
N GLY H 56 6.49 25.37 60.87
CA GLY H 56 6.92 26.77 60.91
C GLY H 56 6.86 27.49 59.57
N LEU H 57 6.25 26.85 58.57
CA LEU H 57 6.17 27.42 57.22
C LEU H 57 5.15 28.56 57.10
N LEU H 58 4.35 28.78 58.14
CA LEU H 58 3.33 29.82 58.11
C LEU H 58 3.92 31.25 58.06
N SER H 59 5.18 31.40 58.46
CA SER H 59 5.89 32.68 58.34
C SER H 59 6.96 32.60 57.25
N LEU H 60 6.67 31.90 56.17
CA LEU H 60 7.64 31.67 55.10
C LEU H 60 8.02 32.96 54.36
N LEU H 61 7.04 33.81 54.10
CA LEU H 61 7.29 35.07 53.38
C LEU H 61 7.57 36.25 54.31
N VAL H 62 7.60 36.00 55.62
CA VAL H 62 7.98 37.01 56.61
C VAL H 62 9.51 37.14 56.59
N PRO H 63 10.04 38.38 56.60
CA PRO H 63 11.50 38.54 56.65
C PRO H 63 12.12 38.03 57.95
N ARG H 64 13.43 37.79 57.93
CA ARG H 64 14.15 37.27 59.09
C ARG H 64 14.19 38.23 60.28
N GLU H 65 14.07 39.53 60.00
CA GLU H 65 14.05 40.54 61.05
C GLU H 65 12.90 40.31 62.04
N TYR H 66 11.75 39.88 61.52
CA TYR H 66 10.58 39.59 62.36
C TYR H 66 10.41 38.09 62.63
N GLY H 67 11.52 37.37 62.72
CA GLY H 67 11.49 35.94 63.03
C GLY H 67 10.85 35.08 61.96
N GLY H 68 11.03 35.48 60.70
CA GLY H 68 10.49 34.73 59.57
C GLY H 68 11.58 34.02 58.79
N TRP H 69 11.18 33.30 57.73
CA TRP H 69 12.12 32.59 56.88
C TRP H 69 12.79 33.55 55.90
N GLY H 70 12.05 34.56 55.46
CA GLY H 70 12.56 35.56 54.52
C GLY H 70 12.86 34.96 53.16
N ALA H 71 11.98 34.07 52.69
CA ALA H 71 12.17 33.39 51.42
C ALA H 71 11.64 34.24 50.26
N ASP H 72 12.30 34.14 49.11
CA ASP H 72 11.84 34.81 47.89
C ASP H 72 10.63 34.07 47.30
N TRP H 73 9.90 34.73 46.41
CA TRP H 73 8.67 34.16 45.84
C TRP H 73 8.88 32.81 45.13
N PRO H 74 9.91 32.69 44.27
CA PRO H 74 10.19 31.39 43.62
C PRO H 74 10.39 30.25 44.61
N THR H 75 11.19 30.50 45.66
CA THR H 75 11.43 29.51 46.70
C THR H 75 10.12 29.13 47.39
N ALA H 76 9.29 30.13 47.68
CA ALA H 76 8.00 29.91 48.33
C ALA H 76 7.03 29.15 47.44
N ILE H 77 7.11 29.38 46.13
CA ILE H 77 6.26 28.69 45.16
C ILE H 77 6.57 27.18 45.10
N GLU H 78 7.85 26.82 45.14
CA GLU H 78 8.24 25.41 45.14
C GLU H 78 7.68 24.67 46.36
N VAL H 79 7.61 25.36 47.49
CA VAL H 79 6.97 24.80 48.69
C VAL H 79 5.48 24.58 48.45
N VAL H 80 4.82 25.55 47.83
CA VAL H 80 3.39 25.46 47.53
C VAL H 80 3.12 24.31 46.56
N ARG H 81 3.92 24.24 45.50
CA ARG H 81 3.82 23.15 44.52
C ARG H 81 3.95 21.77 45.17
N GLU H 82 4.86 21.65 46.13
CA GLU H 82 5.10 20.38 46.82
C GLU H 82 3.94 19.99 47.74
N ILE H 83 3.31 20.98 48.37
CA ILE H 83 2.13 20.73 49.20
C ILE H 83 0.93 20.36 48.33
N ALA H 84 0.76 21.11 47.25
CA ALA H 84 -0.37 20.91 46.33
C ALA H 84 -0.38 19.51 45.70
N ALA H 85 0.80 18.95 45.47
CA ALA H 85 0.91 17.61 44.91
C ALA H 85 0.41 16.54 45.89
N ALA H 86 0.68 16.74 47.17
CA ALA H 86 0.19 15.84 48.21
C ALA H 86 -1.31 16.01 48.44
N ASP H 87 -1.77 17.26 48.46
CA ASP H 87 -3.18 17.58 48.66
C ASP H 87 -3.48 18.98 48.15
N GLY H 88 -4.39 19.05 47.18
CA GLY H 88 -4.79 20.33 46.58
C GLY H 88 -5.41 21.29 47.56
N SER H 89 -6.17 20.76 48.52
CA SER H 89 -6.81 21.58 49.56
C SER H 89 -5.77 22.29 50.40
N LEU H 90 -4.78 21.54 50.90
CA LEU H 90 -3.73 22.10 51.73
C LEU H 90 -2.86 23.05 50.94
N GLY H 91 -2.49 22.65 49.72
CA GLY H 91 -1.76 23.52 48.81
C GLY H 91 -2.47 24.84 48.60
N HIS H 92 -3.79 24.77 48.51
CA HIS H 92 -4.63 25.97 48.38
C HIS H 92 -4.76 26.73 49.70
N LEU H 93 -4.86 26.00 50.81
CA LEU H 93 -4.92 26.62 52.15
C LEU H 93 -3.65 27.39 52.48
N PHE H 94 -2.51 26.77 52.21
CA PHE H 94 -1.21 27.42 52.40
C PHE H 94 -0.99 28.50 51.33
N GLY H 95 -1.55 28.29 50.14
CA GLY H 95 -1.48 29.26 49.06
C GLY H 95 -2.14 30.59 49.37
N TYR H 96 -3.44 30.55 49.70
CA TYR H 96 -4.17 31.76 50.10
C TYR H 96 -3.59 32.40 51.35
N HIS H 97 -3.06 31.57 52.25
CA HIS H 97 -2.40 32.06 53.47
C HIS H 97 -1.25 33.01 53.14
N LEU H 98 -0.41 32.60 52.19
CA LEU H 98 0.74 33.42 51.78
C LEU H 98 0.32 34.72 51.11
N THR H 99 -0.83 34.73 50.44
CA THR H 99 -1.32 35.93 49.75
C THR H 99 -1.91 36.96 50.72
N ASN H 100 -2.30 36.51 51.92
CA ASN H 100 -2.95 37.39 52.90
C ASN H 100 -2.01 38.39 53.55
N ALA H 101 -0.88 37.91 54.06
CA ALA H 101 0.07 38.74 54.83
C ALA H 101 0.64 39.96 54.06
N PRO H 102 0.99 39.78 52.78
CA PRO H 102 1.48 40.90 51.97
C PRO H 102 0.57 42.13 51.95
N MET H 103 -0.72 41.94 52.18
CA MET H 103 -1.68 43.05 52.24
C MET H 103 -1.30 44.11 53.29
N ILE H 104 -0.55 43.72 54.31
CA ILE H 104 -0.11 44.66 55.33
C ILE H 104 0.97 45.60 54.78
N GLU H 105 1.99 45.04 54.14
CA GLU H 105 3.04 45.87 53.53
C GLU H 105 2.64 46.42 52.15
N LEU H 106 1.59 45.87 51.57
CA LEU H 106 1.08 46.37 50.29
C LEU H 106 0.42 47.73 50.45
N ILE H 107 -0.48 47.83 51.43
CA ILE H 107 -1.20 49.09 51.70
C ILE H 107 -1.06 49.61 53.14
N GLY H 108 -0.93 48.71 54.12
CA GLY H 108 -0.85 49.11 55.53
C GLY H 108 0.41 49.87 55.88
N SER H 109 0.42 50.44 57.09
CA SER H 109 1.49 51.35 57.52
C SER H 109 2.74 50.62 57.99
N GLN H 110 3.78 51.39 58.28
CA GLN H 110 5.04 50.87 58.82
C GLN H 110 4.86 50.37 60.27
N GLU H 111 3.89 50.97 60.98
CA GLU H 111 3.56 50.54 62.34
C GLU H 111 2.85 49.19 62.34
N GLN H 112 1.91 49.01 61.42
CA GLN H 112 1.18 47.74 61.27
C GLN H 112 2.07 46.62 60.75
N GLU H 113 3.02 46.96 59.88
CA GLU H 113 3.93 45.99 59.29
C GLU H 113 4.78 45.30 60.37
N GLU H 114 5.36 46.10 61.26
CA GLU H 114 6.18 45.58 62.35
C GLU H 114 5.36 44.74 63.35
N HIS H 115 4.17 45.22 63.68
CA HIS H 115 3.33 44.56 64.69
C HIS H 115 2.72 43.25 64.17
N LEU H 116 2.10 43.30 63.00
CA LEU H 116 1.34 42.16 62.47
C LEU H 116 2.23 41.01 61.99
N TYR H 117 3.31 41.33 61.26
CA TYR H 117 4.25 40.31 60.80
C TYR H 117 4.89 39.55 61.96
N THR H 118 5.35 40.30 62.95
CA THR H 118 5.99 39.73 64.13
C THR H 118 5.06 38.77 64.88
N GLN H 119 3.83 39.20 65.11
CA GLN H 119 2.85 38.40 65.86
C GLN H 119 2.31 37.21 65.06
N ILE H 120 2.40 37.27 63.74
CA ILE H 120 2.13 36.09 62.91
C ILE H 120 3.26 35.08 63.09
N ALA H 121 4.51 35.57 63.07
CA ALA H 121 5.69 34.73 63.10
C ALA H 121 5.86 33.93 64.39
N GLN H 122 5.96 34.62 65.52
CA GLN H 122 6.26 33.96 66.79
C GLN H 122 5.08 33.17 67.38
N ASN H 123 3.85 33.54 67.02
CA ASN H 123 2.66 32.78 67.42
C ASN H 123 2.29 31.68 66.41
N ASN H 124 2.94 31.68 65.25
CA ASN H 124 2.64 30.76 64.15
C ASN H 124 1.15 30.82 63.77
N TRP H 125 0.65 32.03 63.55
CA TRP H 125 -0.77 32.24 63.28
C TRP H 125 -1.15 31.82 61.86
N TRP H 126 -2.25 31.08 61.75
CA TRP H 126 -2.93 30.88 60.48
C TRP H 126 -3.63 32.18 60.10
N THR H 127 -3.86 32.36 58.80
CA THR H 127 -4.51 33.56 58.29
C THR H 127 -5.62 33.16 57.32
N GLY H 128 -6.74 33.88 57.40
CA GLY H 128 -7.85 33.69 56.47
C GLY H 128 -8.39 35.03 56.03
N ASN H 129 -9.38 35.02 55.14
CA ASN H 129 -10.02 36.25 54.68
C ASN H 129 -11.50 36.06 54.36
N ALA H 130 -12.26 37.16 54.49
CA ALA H 130 -13.66 37.18 54.12
C ALA H 130 -13.88 38.38 53.20
N SER H 131 -13.79 38.13 51.89
CA SER H 131 -13.87 39.18 50.88
C SER H 131 -15.06 38.98 49.95
N SER H 132 -15.12 37.85 49.27
CA SER H 132 -16.15 37.59 48.26
C SER H 132 -17.46 37.13 48.89
N GLU H 133 -18.57 37.57 48.30
CA GLU H 133 -19.91 37.25 48.79
C GLU H 133 -20.72 36.54 47.69
N ASN H 134 -22.03 36.40 47.90
CA ASN H 134 -22.92 35.80 46.91
C ASN H 134 -24.26 36.54 46.83
N ASN H 135 -24.33 37.53 45.94
CA ASN H 135 -25.55 38.33 45.75
C ASN H 135 -25.88 38.52 44.26
N SER H 136 -25.60 39.70 43.70
CA SER H 136 -25.95 40.00 42.32
C SER H 136 -24.80 39.63 41.38
N HIS H 137 -23.60 40.07 41.72
CA HIS H 137 -22.38 39.74 40.97
C HIS H 137 -21.14 39.95 41.84
N VAL H 138 -19.98 39.57 41.30
CA VAL H 138 -18.70 39.64 42.03
C VAL H 138 -18.44 41.03 42.61
N LEU H 139 -18.74 42.07 41.84
CA LEU H 139 -18.56 43.45 42.27
C LEU H 139 -19.84 44.03 42.89
N ASP H 140 -20.35 43.34 43.91
CA ASP H 140 -21.53 43.81 44.65
C ASP H 140 -21.46 43.29 46.10
N TRP H 141 -20.49 43.82 46.85
CA TRP H 141 -20.26 43.41 48.23
C TRP H 141 -21.24 44.09 49.19
N LYS H 142 -22.09 43.29 49.83
CA LYS H 142 -23.12 43.80 50.75
C LYS H 142 -22.87 43.39 52.22
N VAL H 143 -21.87 44.00 52.84
CA VAL H 143 -21.72 43.98 54.30
C VAL H 143 -21.35 45.39 54.78
N ARG H 144 -22.06 45.88 55.79
CA ARG H 144 -21.93 47.26 56.23
C ARG H 144 -20.65 47.49 57.03
N ALA H 145 -20.33 48.76 57.26
CA ALA H 145 -19.18 49.16 58.07
C ALA H 145 -19.34 50.61 58.54
N THR H 146 -20.12 50.79 59.61
CA THR H 146 -20.42 52.12 60.14
C THR H 146 -19.19 52.71 60.83
N PRO H 147 -18.78 53.94 60.44
CA PRO H 147 -17.61 54.57 61.04
C PRO H 147 -17.90 55.15 62.42
N THR H 148 -17.30 54.57 63.46
CA THR H 148 -17.45 55.05 64.83
C THR H 148 -16.63 56.33 65.04
N GLU H 149 -16.98 57.10 66.07
CA GLU H 149 -16.35 58.40 66.33
C GLU H 149 -14.85 58.31 66.63
N ASP H 150 -14.43 57.22 67.29
CA ASP H 150 -13.01 57.03 67.63
C ASP H 150 -12.14 56.69 66.43
N GLY H 151 -12.75 56.15 65.37
CA GLY H 151 -12.03 55.81 64.14
C GLY H 151 -12.34 54.41 63.63
N GLY H 152 -12.76 53.54 64.53
CA GLY H 152 -13.05 52.14 64.19
C GLY H 152 -14.30 51.94 63.35
N TYR H 153 -14.57 50.67 63.02
CA TYR H 153 -15.72 50.30 62.19
C TYR H 153 -16.41 49.05 62.75
N VAL H 154 -17.74 49.01 62.65
CA VAL H 154 -18.53 47.87 63.12
C VAL H 154 -19.11 47.12 61.93
N LEU H 155 -18.66 45.88 61.73
CA LEU H 155 -19.04 45.08 60.57
C LEU H 155 -20.37 44.33 60.79
N ASN H 156 -21.31 44.56 59.88
CA ASN H 156 -22.58 43.84 59.84
C ASN H 156 -22.76 43.16 58.50
N GLY H 157 -23.15 41.89 58.50
CA GLY H 157 -23.42 41.16 57.26
C GLY H 157 -22.85 39.75 57.26
N THR H 158 -22.84 39.12 56.09
CA THR H 158 -22.37 37.75 55.93
C THR H 158 -21.60 37.58 54.61
N LYS H 159 -20.53 36.80 54.65
CA LYS H 159 -19.76 36.41 53.46
C LYS H 159 -20.09 34.97 53.05
N HIS H 160 -19.54 34.52 51.94
CA HIS H 160 -19.83 33.18 51.41
C HIS H 160 -18.63 32.33 50.97
N PHE H 161 -17.58 32.98 50.45
CA PHE H 161 -16.35 32.27 50.08
C PHE H 161 -15.20 32.71 50.99
N CYS H 162 -15.33 32.38 52.27
CA CYS H 162 -14.32 32.75 53.26
C CYS H 162 -13.17 31.76 53.28
N SER H 163 -12.23 31.96 52.36
CA SER H 163 -11.11 31.03 52.15
C SER H 163 -10.24 30.84 53.40
N GLY H 164 -10.43 29.69 54.06
CA GLY H 164 -9.61 29.30 55.20
C GLY H 164 -9.85 30.09 56.48
N ALA H 165 -11.03 30.70 56.59
CA ALA H 165 -11.37 31.53 57.75
C ALA H 165 -11.56 30.67 59.01
N LYS H 166 -12.18 29.51 58.85
CA LYS H 166 -12.41 28.60 59.96
C LYS H 166 -11.09 28.02 60.46
N GLY H 167 -10.93 27.96 61.78
CA GLY H 167 -9.71 27.43 62.40
C GLY H 167 -8.49 28.32 62.24
N SER H 168 -8.69 29.58 61.87
CA SER H 168 -7.59 30.53 61.69
C SER H 168 -7.48 31.45 62.90
N ASP H 169 -6.42 32.26 62.91
CA ASP H 169 -6.14 33.15 64.02
C ASP H 169 -6.31 34.62 63.62
N LEU H 170 -5.74 35.01 62.48
CA LEU H 170 -5.88 36.37 61.95
C LEU H 170 -6.79 36.36 60.71
N LEU H 171 -7.79 37.23 60.70
CA LEU H 171 -8.78 37.28 59.63
C LEU H 171 -8.71 38.61 58.87
N PHE H 172 -8.35 38.55 57.59
CA PHE H 172 -8.32 39.72 56.73
C PHE H 172 -9.69 39.94 56.10
N VAL H 173 -10.53 40.73 56.78
CA VAL H 173 -11.91 40.96 56.36
C VAL H 173 -12.04 42.18 55.43
N PHE H 174 -13.11 42.21 54.64
CA PHE H 174 -13.44 43.37 53.81
C PHE H 174 -14.90 43.78 54.02
N GLY H 175 -15.18 45.06 53.81
CA GLY H 175 -16.52 45.61 53.95
C GLY H 175 -16.73 46.88 53.15
N VAL H 176 -17.95 47.41 53.20
CA VAL H 176 -18.31 48.62 52.47
C VAL H 176 -19.10 49.59 53.35
N VAL H 177 -18.90 50.89 53.13
CA VAL H 177 -19.68 51.93 53.78
C VAL H 177 -20.87 52.26 52.88
N GLN H 178 -22.08 52.10 53.41
CA GLN H 178 -23.31 52.28 52.63
C GLN H 178 -24.36 53.07 53.42
N ASP H 179 -24.41 54.38 53.20
CA ASP H 179 -25.38 55.25 53.88
C ASP H 179 -25.62 56.52 53.05
N ASP H 180 -26.32 57.50 53.61
CA ASP H 180 -26.57 58.77 52.94
C ASP H 180 -25.29 59.56 52.65
N SER H 181 -24.32 59.46 53.57
CA SER H 181 -23.03 60.14 53.43
C SER H 181 -22.30 59.74 52.14
N PRO H 182 -21.61 60.69 51.48
CA PRO H 182 -20.82 60.36 50.30
C PRO H 182 -19.59 59.48 50.61
N GLN H 183 -19.84 58.18 50.83
CA GLN H 183 -18.80 57.18 50.96
C GLN H 183 -19.27 55.86 50.35
N GLN H 184 -19.98 55.96 49.23
CA GLN H 184 -20.60 54.80 48.59
C GLN H 184 -19.55 54.01 47.80
N GLY H 185 -19.42 52.73 48.15
CA GLY H 185 -18.40 51.88 47.55
C GLY H 185 -17.02 52.09 48.15
N ALA H 186 -16.98 52.63 49.37
CA ALA H 186 -15.72 52.81 50.08
C ALA H 186 -15.27 51.47 50.67
N ILE H 187 -14.38 50.79 49.95
CA ILE H 187 -13.94 49.44 50.33
C ILE H 187 -12.93 49.52 51.48
N ILE H 188 -13.34 49.07 52.65
CA ILE H 188 -12.45 49.01 53.81
C ILE H 188 -11.77 47.64 53.91
N ALA H 189 -10.50 47.65 54.29
CA ALA H 189 -9.74 46.43 54.56
C ALA H 189 -9.34 46.47 56.03
N ALA H 190 -9.27 45.30 56.65
CA ALA H 190 -8.93 45.20 58.06
C ALA H 190 -8.46 43.81 58.43
N ALA H 191 -7.47 43.74 59.31
CA ALA H 191 -6.96 42.48 59.84
C ALA H 191 -7.27 42.40 61.33
N ILE H 192 -8.23 41.54 61.69
CA ILE H 192 -8.64 41.37 63.08
C ILE H 192 -8.41 39.93 63.55
N PRO H 193 -8.25 39.74 64.87
CA PRO H 193 -8.25 38.38 65.41
C PRO H 193 -9.59 37.69 65.15
N THR H 194 -9.54 36.38 64.91
CA THR H 194 -10.74 35.60 64.62
C THR H 194 -11.61 35.33 65.86
N SER H 195 -11.08 35.63 67.05
CA SER H 195 -11.81 35.43 68.30
C SER H 195 -12.69 36.64 68.69
N ARG H 196 -12.81 37.61 67.79
CA ARG H 196 -13.59 38.83 68.06
C ARG H 196 -15.08 38.50 68.20
N ALA H 197 -15.77 39.23 69.06
CA ALA H 197 -17.19 39.00 69.33
C ALA H 197 -18.04 39.30 68.09
N GLY H 198 -18.95 38.38 67.77
CA GLY H 198 -19.87 38.55 66.65
C GLY H 198 -19.53 37.70 65.45
N VAL H 199 -18.23 37.54 65.16
CA VAL H 199 -17.80 36.76 64.00
C VAL H 199 -18.08 35.27 64.22
N THR H 200 -18.51 34.60 63.14
CA THR H 200 -18.90 33.19 63.22
C THR H 200 -18.62 32.48 61.89
N PRO H 201 -17.38 31.99 61.71
CA PRO H 201 -17.07 31.18 60.52
C PRO H 201 -17.74 29.80 60.58
N ASN H 202 -18.77 29.60 59.76
CA ASN H 202 -19.61 28.41 59.83
C ASN H 202 -18.98 27.16 59.22
N ASP H 203 -19.52 26.00 59.58
CA ASP H 203 -19.09 24.71 59.05
C ASP H 203 -20.02 24.25 57.92
N ASP H 204 -20.28 25.16 56.98
CA ASP H 204 -21.22 24.89 55.87
C ASP H 204 -20.51 24.76 54.52
N TRP H 205 -19.18 24.72 54.54
CA TRP H 205 -18.41 24.58 53.30
C TRP H 205 -18.61 23.19 52.71
N ALA H 206 -18.96 23.16 51.42
CA ALA H 206 -19.14 21.92 50.69
C ALA H 206 -18.94 22.15 49.20
N ALA H 207 -18.08 21.35 48.59
CA ALA H 207 -17.83 21.40 47.15
C ALA H 207 -17.40 20.01 46.67
N ILE H 208 -17.50 19.77 45.36
CA ILE H 208 -17.13 18.46 44.81
C ILE H 208 -15.66 18.11 45.09
N GLY H 209 -14.80 19.13 45.01
CA GLY H 209 -13.39 19.00 45.36
C GLY H 209 -12.99 20.18 46.20
N MET H 210 -11.71 20.25 46.57
CA MET H 210 -11.24 21.23 47.55
C MET H 210 -12.15 21.16 48.77
N ARG H 211 -12.36 19.94 49.26
CA ARG H 211 -13.36 19.67 50.29
C ARG H 211 -12.90 20.09 51.69
N GLN H 212 -11.60 20.23 51.89
CA GLN H 212 -11.05 20.60 53.19
C GLN H 212 -10.41 21.99 53.19
N THR H 213 -10.87 22.86 52.28
CA THR H 213 -10.33 24.22 52.16
C THR H 213 -11.11 25.27 52.97
N ASP H 214 -12.15 24.83 53.69
CA ASP H 214 -12.93 25.71 54.58
C ASP H 214 -13.29 27.06 53.95
N SER H 215 -13.79 27.03 52.71
CA SER H 215 -14.24 28.24 52.02
C SER H 215 -15.75 28.49 52.20
N GLY H 216 -16.22 28.37 53.45
CA GLY H 216 -17.64 28.51 53.76
C GLY H 216 -18.05 29.95 54.03
N SER H 217 -19.14 30.12 54.75
CA SER H 217 -19.68 31.44 55.09
C SER H 217 -19.20 31.92 56.45
N THR H 218 -19.23 33.23 56.65
CA THR H 218 -18.89 33.85 57.93
C THR H 218 -19.86 35.00 58.25
N ASP H 219 -20.70 34.80 59.26
CA ASP H 219 -21.66 35.83 59.68
C ASP H 219 -20.98 36.84 60.60
N PHE H 220 -21.31 38.12 60.40
CA PHE H 220 -20.78 39.20 61.22
C PHE H 220 -21.93 39.92 61.93
N HIS H 221 -22.02 39.72 63.25
CA HIS H 221 -23.05 40.35 64.08
C HIS H 221 -22.41 41.42 64.95
N ASN H 222 -22.32 42.63 64.41
CA ASN H 222 -21.69 43.77 65.10
C ASN H 222 -20.27 43.46 65.56
N VAL H 223 -19.38 43.20 64.60
CA VAL H 223 -17.98 42.90 64.87
C VAL H 223 -17.17 44.19 64.81
N LYS H 224 -16.54 44.55 65.93
CA LYS H 224 -15.78 45.80 66.03
C LYS H 224 -14.41 45.67 65.37
N VAL H 225 -13.92 46.80 64.84
CA VAL H 225 -12.58 46.88 64.28
C VAL H 225 -11.89 48.11 64.85
N GLU H 226 -10.79 47.92 65.57
CA GLU H 226 -10.05 49.02 66.20
C GLU H 226 -9.29 49.85 65.16
N PRO H 227 -8.91 51.09 65.51
CA PRO H 227 -8.15 51.96 64.60
C PRO H 227 -6.85 51.35 64.06
N ASP H 228 -6.14 50.61 64.91
CA ASP H 228 -4.89 49.95 64.49
C ASP H 228 -5.13 48.75 63.59
N GLU H 229 -6.31 48.14 63.70
CA GLU H 229 -6.66 46.97 62.89
C GLU H 229 -7.11 47.32 61.47
N VAL H 230 -7.44 48.58 61.22
CA VAL H 230 -7.86 49.04 59.89
C VAL H 230 -6.66 49.18 58.96
N LEU H 231 -6.70 48.46 57.84
CA LEU H 231 -5.59 48.43 56.87
C LEU H 231 -5.74 49.53 55.81
N GLY H 232 -4.91 50.56 55.90
CA GLY H 232 -4.93 51.64 54.93
C GLY H 232 -6.13 52.56 55.09
N ALA H 233 -6.25 53.52 54.18
CA ALA H 233 -7.36 54.47 54.21
C ALA H 233 -8.65 53.80 53.72
N PRO H 234 -9.80 54.46 53.91
CA PRO H 234 -11.03 53.96 53.32
C PRO H 234 -10.96 53.98 51.78
N ASN H 235 -11.29 52.85 51.16
CA ASN H 235 -11.22 52.70 49.70
C ASN H 235 -9.78 52.75 49.19
N ALA H 236 -8.85 52.19 49.97
CA ALA H 236 -7.42 52.25 49.65
C ALA H 236 -7.03 51.34 48.49
N PHE H 237 -7.56 50.11 48.49
CA PHE H 237 -7.28 49.15 47.42
C PHE H 237 -7.74 49.63 46.05
N VAL H 238 -8.89 50.31 46.00
CA VAL H 238 -9.42 50.84 44.73
C VAL H 238 -8.48 51.90 44.15
N LEU H 239 -7.93 52.76 45.02
CA LEU H 239 -6.97 53.78 44.58
C LEU H 239 -5.70 53.16 44.02
N ALA H 240 -5.16 52.16 44.72
CA ALA H 240 -3.95 51.47 44.28
C ALA H 240 -4.15 50.70 42.98
N PHE H 241 -5.37 50.20 42.75
CA PHE H 241 -5.70 49.52 41.48
C PHE H 241 -5.74 50.50 40.32
N ILE H 242 -6.40 51.64 40.52
CA ILE H 242 -6.57 52.65 39.47
C ILE H 242 -5.22 53.32 39.13
N GLN H 243 -4.38 53.49 40.15
CA GLN H 243 -3.06 54.11 39.97
C GLN H 243 -1.97 53.11 39.57
N SER H 244 -2.26 51.80 39.69
CA SER H 244 -1.29 50.74 39.44
C SER H 244 -0.04 50.89 40.32
N GLU H 245 -0.29 51.00 41.63
CA GLU H 245 0.78 51.08 42.64
C GLU H 245 0.96 49.71 43.27
N ARG H 246 1.77 49.63 44.34
CA ARG H 246 2.16 48.32 44.90
C ARG H 246 0.99 47.47 45.36
N GLY H 247 -0.13 48.10 45.74
CA GLY H 247 -1.34 47.39 46.14
C GLY H 247 -1.95 46.53 45.03
N SER H 248 -1.75 46.95 43.77
CA SER H 248 -2.28 46.23 42.62
C SER H 248 -1.50 44.95 42.30
N LEU H 249 -0.42 44.67 43.04
CA LEU H 249 0.28 43.39 42.94
C LEU H 249 -0.48 42.23 43.59
N PHE H 250 -1.60 42.54 44.27
CA PHE H 250 -2.48 41.52 44.85
C PHE H 250 -2.80 40.40 43.86
N ALA H 251 -3.40 40.76 42.72
CA ALA H 251 -3.89 39.77 41.76
C ALA H 251 -2.76 38.95 41.10
N PRO H 252 -1.70 39.62 40.60
CA PRO H 252 -0.54 38.88 40.09
C PRO H 252 0.02 37.82 41.04
N ILE H 253 0.06 38.12 42.35
CA ILE H 253 0.56 37.19 43.34
C ILE H 253 -0.40 36.02 43.55
N ALA H 254 -1.67 36.34 43.75
CA ALA H 254 -2.72 35.34 43.97
C ALA H 254 -2.82 34.38 42.79
N GLN H 255 -2.88 34.94 41.58
CA GLN H 255 -3.14 34.16 40.38
C GLN H 255 -1.98 33.22 40.01
N LEU H 256 -0.76 33.58 40.39
CA LEU H 256 0.39 32.71 40.15
C LEU H 256 0.39 31.52 41.11
N ILE H 257 0.06 31.77 42.38
CA ILE H 257 -0.04 30.71 43.39
C ILE H 257 -1.14 29.71 43.03
N PHE H 258 -2.29 30.22 42.59
CA PHE H 258 -3.38 29.34 42.13
C PHE H 258 -2.88 28.45 41.01
N ALA H 259 -2.24 29.05 40.01
CA ALA H 259 -1.72 28.31 38.86
C ALA H 259 -0.76 27.22 39.29
N ASN H 260 0.16 27.55 40.21
CA ASN H 260 1.13 26.59 40.71
C ASN H 260 0.50 25.49 41.56
N VAL H 261 -0.64 25.78 42.18
CA VAL H 261 -1.39 24.75 42.91
C VAL H 261 -1.93 23.71 41.93
N TYR H 262 -2.38 24.16 40.76
CA TYR H 262 -2.91 23.26 39.74
C TYR H 262 -1.80 22.36 39.20
N LEU H 263 -0.68 22.99 38.85
CA LEU H 263 0.47 22.25 38.33
C LEU H 263 0.97 21.24 39.34
N GLY H 264 0.91 21.59 40.62
CA GLY H 264 1.22 20.66 41.71
C GLY H 264 0.29 19.45 41.70
N ILE H 265 -1.01 19.71 41.64
CA ILE H 265 -2.03 18.66 41.60
C ILE H 265 -1.84 17.76 40.38
N ALA H 266 -1.51 18.36 39.24
CA ALA H 266 -1.22 17.62 38.00
C ALA H 266 -0.02 16.70 38.14
N HIS H 267 1.03 17.18 38.82
CA HIS H 267 2.23 16.38 39.07
C HIS H 267 1.90 15.19 39.97
N GLY H 268 1.15 15.44 41.03
CA GLY H 268 0.70 14.38 41.92
C GLY H 268 -0.15 13.35 41.18
N ALA H 269 -1.04 13.84 40.31
CA ALA H 269 -1.90 12.95 39.51
C ALA H 269 -1.06 12.12 38.53
N LEU H 270 -0.04 12.74 37.95
CA LEU H 270 0.86 12.07 37.03
C LEU H 270 1.71 11.02 37.75
N ASP H 271 2.29 11.42 38.89
CA ASP H 271 3.11 10.54 39.73
C ASP H 271 2.30 9.35 40.26
N ALA H 272 1.06 9.60 40.63
CA ALA H 272 0.17 8.55 41.15
C ALA H 272 -0.22 7.55 40.06
N ALA H 273 -0.44 8.05 38.85
CA ALA H 273 -0.75 7.19 37.69
C ALA H 273 0.45 6.37 37.27
N ARG H 274 1.61 7.01 37.21
CA ARG H 274 2.88 6.36 36.86
C ARG H 274 3.11 5.08 37.66
N GLU H 275 3.04 5.20 38.98
CA GLU H 275 3.27 4.08 39.88
C GLU H 275 2.22 2.98 39.69
N TYR H 276 0.97 3.39 39.44
CA TYR H 276 -0.11 2.44 39.21
C TYR H 276 0.15 1.63 37.94
N THR H 277 0.44 2.33 36.85
CA THR H 277 0.78 1.67 35.58
C THR H 277 1.93 0.69 35.77
N ARG H 278 2.92 1.08 36.57
CA ARG H 278 4.11 0.25 36.81
C ARG H 278 3.83 -1.02 37.62
N THR H 279 2.89 -0.97 38.56
CA THR H 279 2.67 -2.10 39.49
C THR H 279 1.30 -2.78 39.39
N GLN H 280 0.28 -2.06 38.95
CA GLN H 280 -1.10 -2.54 39.01
C GLN H 280 -1.76 -2.75 37.64
N ALA H 281 -1.53 -1.84 36.71
CA ALA H 281 -2.20 -1.90 35.41
C ALA H 281 -1.85 -3.17 34.65
N ARG H 282 -2.82 -3.71 33.93
CA ARG H 282 -2.63 -4.90 33.10
C ARG H 282 -2.58 -4.50 31.63
N PRO H 283 -1.78 -5.21 30.82
CA PRO H 283 -1.80 -4.97 29.38
C PRO H 283 -3.11 -5.42 28.74
N TRP H 284 -3.49 -4.76 27.65
CA TRP H 284 -4.66 -5.17 26.88
C TRP H 284 -4.26 -6.32 25.95
N THR H 285 -4.55 -7.54 26.37
CA THR H 285 -4.11 -8.74 25.65
C THR H 285 -4.85 -9.00 24.33
N PRO H 286 -6.08 -8.49 24.15
CA PRO H 286 -6.69 -8.60 22.82
C PRO H 286 -5.87 -7.95 21.71
N ALA H 287 -5.12 -6.90 22.05
CA ALA H 287 -4.25 -6.23 21.08
C ALA H 287 -2.83 -6.84 21.04
N GLY H 288 -2.63 -8.00 21.65
CA GLY H 288 -1.33 -8.68 21.64
C GLY H 288 -0.27 -8.06 22.53
N ILE H 289 -0.69 -7.23 23.49
CA ILE H 289 0.24 -6.53 24.37
C ILE H 289 0.55 -7.42 25.57
N GLN H 290 1.83 -7.47 25.96
CA GLN H 290 2.29 -8.35 27.04
C GLN H 290 2.74 -7.60 28.29
N GLN H 291 3.04 -6.30 28.14
CA GLN H 291 3.44 -5.46 29.26
C GLN H 291 2.74 -4.11 29.19
N ALA H 292 2.15 -3.69 30.30
CA ALA H 292 1.43 -2.41 30.37
C ALA H 292 2.35 -1.21 30.13
N THR H 293 3.59 -1.31 30.62
CA THR H 293 4.58 -0.27 30.41
C THR H 293 5.18 -0.27 29.00
N GLU H 294 4.87 -1.30 28.20
CA GLU H 294 5.34 -1.40 26.83
C GLU H 294 4.26 -1.04 25.81
N ASP H 295 3.08 -0.64 26.28
CA ASP H 295 2.00 -0.25 25.38
C ASP H 295 2.36 1.08 24.69
N PRO H 296 2.30 1.11 23.34
CA PRO H 296 2.72 2.31 22.61
C PRO H 296 1.87 3.53 22.90
N TYR H 297 0.56 3.32 23.04
CA TYR H 297 -0.37 4.44 23.25
C TYR H 297 -0.32 4.96 24.68
N THR H 298 -0.11 4.06 25.64
CA THR H 298 0.15 4.45 27.02
C THR H 298 1.43 5.28 27.09
N ILE H 299 2.50 4.76 26.51
CA ILE H 299 3.75 5.50 26.38
C ILE H 299 3.52 6.89 25.78
N ARG H 300 2.72 6.98 24.73
CA ARG H 300 2.40 8.26 24.08
C ARG H 300 1.60 9.17 25.03
N SER H 301 0.62 8.60 25.72
CA SER H 301 -0.19 9.35 26.69
C SER H 301 0.65 10.00 27.76
N TYR H 302 1.61 9.24 28.30
CA TYR H 302 2.51 9.75 29.33
C TYR H 302 3.45 10.84 28.80
N GLY H 303 3.95 10.64 27.59
CA GLY H 303 4.76 11.65 26.93
C GLY H 303 3.97 12.94 26.80
N GLU H 304 2.75 12.82 26.27
CA GLU H 304 1.86 13.98 26.10
C GLU H 304 1.62 14.75 27.41
N PHE H 305 1.38 14.03 28.50
CA PHE H 305 1.15 14.67 29.80
C PHE H 305 2.38 15.43 30.29
N THR H 306 3.53 14.77 30.25
CA THR H 306 4.79 15.35 30.72
C THR H 306 5.13 16.64 29.98
N ILE H 307 4.93 16.62 28.67
CA ILE H 307 5.26 17.75 27.79
C ILE H 307 4.35 18.95 28.04
N ALA H 308 3.07 18.70 28.32
CA ALA H 308 2.14 19.77 28.68
C ALA H 308 2.53 20.42 30.01
N LEU H 309 3.02 19.61 30.96
CA LEU H 309 3.52 20.14 32.24
C LEU H 309 4.84 20.86 32.07
N GLN H 310 5.75 20.25 31.31
CA GLN H 310 7.05 20.86 30.96
C GLN H 310 6.86 22.29 30.50
N GLY H 311 5.99 22.49 29.51
CA GLY H 311 5.73 23.83 28.97
C GLY H 311 5.12 24.78 29.98
N ALA H 312 4.17 24.28 30.76
CA ALA H 312 3.44 25.08 31.73
C ALA H 312 4.31 25.45 32.93
N ASP H 313 5.01 24.45 33.48
CA ASP H 313 5.96 24.65 34.58
C ASP H 313 7.04 25.68 34.24
N ALA H 314 7.57 25.58 33.02
CA ALA H 314 8.63 26.49 32.58
C ALA H 314 8.12 27.93 32.51
N ALA H 315 6.89 28.11 32.02
CA ALA H 315 6.23 29.42 32.03
C ALA H 315 5.97 29.91 33.45
N ALA H 316 5.64 28.99 34.35
CA ALA H 316 5.37 29.33 35.75
C ALA H 316 6.63 29.83 36.46
N ARG H 317 7.72 29.08 36.37
CA ARG H 317 8.99 29.46 37.00
C ARG H 317 9.54 30.77 36.46
N GLU H 318 9.43 30.97 35.14
CA GLU H 318 9.84 32.22 34.51
C GLU H 318 9.00 33.40 35.04
N ALA H 319 7.70 33.17 35.22
CA ALA H 319 6.80 34.18 35.77
C ALA H 319 7.06 34.48 37.25
N ALA H 320 7.55 33.49 37.98
CA ALA H 320 7.91 33.67 39.40
C ALA H 320 9.10 34.64 39.56
N HIS H 321 10.10 34.51 38.69
CA HIS H 321 11.26 35.40 38.71
C HIS H 321 10.87 36.84 38.37
N LEU H 322 9.90 37.00 37.48
CA LEU H 322 9.40 38.32 37.12
C LEU H 322 8.65 38.97 38.28
N LEU H 323 7.85 38.17 38.99
CA LEU H 323 7.16 38.66 40.17
C LEU H 323 8.14 39.15 41.24
N GLN H 324 9.22 38.39 41.44
CA GLN H 324 10.26 38.76 42.41
C GLN H 324 10.94 40.07 42.00
N THR H 325 11.25 40.20 40.72
CA THR H 325 11.89 41.40 40.17
C THR H 325 11.04 42.64 40.42
N VAL H 326 9.74 42.53 40.13
CA VAL H 326 8.80 43.64 40.34
C VAL H 326 8.58 43.89 41.84
N TRP H 327 8.56 42.81 42.61
CA TRP H 327 8.41 42.88 44.07
C TRP H 327 9.53 43.68 44.74
N ASP H 328 10.76 43.50 44.23
CA ASP H 328 11.94 44.19 44.79
C ASP H 328 11.93 45.69 44.56
N LYS H 329 11.23 46.15 43.52
CA LYS H 329 11.11 47.58 43.22
C LYS H 329 10.23 48.30 44.24
N GLY H 330 9.16 47.64 44.68
CA GLY H 330 8.26 48.22 45.68
C GLY H 330 7.37 49.27 45.07
N ASP H 331 7.35 50.46 45.67
CA ASP H 331 6.55 51.59 45.18
C ASP H 331 7.09 52.19 43.88
N ALA H 332 8.35 51.87 43.54
CA ALA H 332 8.95 52.33 42.29
C ALA H 332 8.41 51.63 41.04
N LEU H 333 7.61 50.57 41.23
CA LEU H 333 7.01 49.83 40.11
C LEU H 333 6.10 50.72 39.27
N THR H 334 6.13 50.51 37.95
CA THR H 334 5.32 51.27 37.00
C THR H 334 4.13 50.45 36.52
N PRO H 335 3.09 51.12 35.97
CA PRO H 335 1.98 50.42 35.32
C PRO H 335 2.43 49.43 34.26
N GLU H 336 3.49 49.78 33.52
CA GLU H 336 4.08 48.90 32.51
C GLU H 336 4.63 47.61 33.12
N ASP H 337 5.27 47.72 34.27
CA ASP H 337 5.81 46.54 34.97
C ASP H 337 4.69 45.63 35.46
N ARG H 338 3.68 46.24 36.08
CA ARG H 338 2.55 45.50 36.65
C ARG H 338 1.70 44.86 35.55
N GLY H 339 1.49 45.60 34.47
CA GLY H 339 0.72 45.10 33.34
C GLY H 339 1.32 43.86 32.69
N GLU H 340 2.61 43.95 32.33
CA GLU H 340 3.31 42.84 31.68
C GLU H 340 3.28 41.59 32.57
N LEU H 341 3.55 41.78 33.86
CA LEU H 341 3.51 40.68 34.83
C LEU H 341 2.14 39.99 34.88
N MET H 342 1.08 40.79 34.88
CA MET H 342 -0.27 40.28 34.93
C MET H 342 -0.59 39.46 33.68
N VAL H 343 -0.15 39.93 32.52
CA VAL H 343 -0.35 39.21 31.25
C VAL H 343 0.39 37.87 31.27
N LYS H 344 1.62 37.87 31.78
CA LYS H 344 2.39 36.63 31.90
C LYS H 344 1.71 35.67 32.87
N VAL H 345 1.31 36.18 34.03
CA VAL H 345 0.64 35.37 35.04
C VAL H 345 -0.70 34.85 34.53
N SER H 346 -1.42 35.69 33.79
CA SER H 346 -2.68 35.28 33.14
C SER H 346 -2.41 34.13 32.17
N GLY H 347 -1.29 34.21 31.45
CA GLY H 347 -0.89 33.14 30.55
C GLY H 347 -0.57 31.83 31.25
N VAL H 348 0.07 31.92 32.42
CA VAL H 348 0.38 30.74 33.23
C VAL H 348 -0.88 30.13 33.85
N LYS H 349 -1.85 30.99 34.19
CA LYS H 349 -3.14 30.57 34.74
C LYS H 349 -3.87 29.71 33.71
N ALA H 350 -3.86 30.15 32.45
CA ALA H 350 -4.46 29.40 31.36
C ALA H 350 -3.78 28.04 31.18
N LEU H 351 -2.45 28.07 31.04
CA LEU H 351 -1.67 26.85 30.85
C LEU H 351 -1.88 25.85 32.01
N ALA H 352 -1.87 26.36 33.23
CA ALA H 352 -2.00 25.51 34.42
C ALA H 352 -3.33 24.80 34.44
N THR H 353 -4.40 25.58 34.27
CA THR H 353 -5.77 25.07 34.24
C THR H 353 -5.97 23.95 33.23
N ASN H 354 -5.67 24.20 31.96
CA ASN H 354 -5.91 23.20 30.92
C ASN H 354 -4.98 22.00 31.03
N ALA H 355 -3.73 22.22 31.43
CA ALA H 355 -2.80 21.12 31.68
C ALA H 355 -3.25 20.25 32.87
N ALA H 356 -3.75 20.88 33.93
CA ALA H 356 -4.24 20.14 35.10
C ALA H 356 -5.54 19.38 34.80
N LEU H 357 -6.48 20.04 34.14
CA LEU H 357 -7.75 19.39 33.76
C LEU H 357 -7.52 18.22 32.80
N ASN H 358 -6.64 18.42 31.83
CA ASN H 358 -6.28 17.42 30.84
C ASN H 358 -5.62 16.19 31.46
N ILE H 359 -4.63 16.43 32.32
CA ILE H 359 -3.87 15.35 32.96
C ILE H 359 -4.69 14.62 34.03
N SER H 360 -5.36 15.38 34.88
CA SER H 360 -6.16 14.79 35.95
C SER H 360 -7.30 13.91 35.41
N SER H 361 -7.88 14.30 34.28
CA SER H 361 -8.89 13.47 33.63
C SER H 361 -8.27 12.36 32.81
N GLY H 362 -7.38 12.74 31.89
CA GLY H 362 -6.74 11.79 30.96
C GLY H 362 -5.95 10.68 31.64
N VAL H 363 -5.39 10.96 32.81
CA VAL H 363 -4.66 9.95 33.58
C VAL H 363 -5.45 8.66 33.76
N PHE H 364 -6.79 8.75 33.79
CA PHE H 364 -7.63 7.56 33.90
C PHE H 364 -7.52 6.61 32.71
N GLU H 365 -7.21 7.12 31.52
CA GLU H 365 -7.07 6.28 30.33
C GLU H 365 -6.03 5.19 30.57
N VAL H 366 -4.89 5.57 31.13
CA VAL H 366 -3.76 4.66 31.30
C VAL H 366 -3.81 3.85 32.60
N ILE H 367 -4.62 4.30 33.55
CA ILE H 367 -4.83 3.59 34.81
C ILE H 367 -5.70 2.35 34.60
N GLY H 368 -6.90 2.54 34.07
CA GLY H 368 -7.83 1.43 33.78
C GLY H 368 -9.04 1.39 34.71
N ALA H 369 -9.91 0.41 34.49
CA ALA H 369 -11.22 0.33 35.15
C ALA H 369 -11.13 0.12 36.66
N ARG H 370 -10.26 -0.80 37.08
CA ARG H 370 -10.06 -1.05 38.51
C ARG H 370 -9.64 0.21 39.27
N GLY H 371 -9.01 1.15 38.57
CA GLY H 371 -8.60 2.41 39.17
C GLY H 371 -9.69 3.42 39.49
N THR H 372 -10.94 3.09 39.16
CA THR H 372 -12.09 3.90 39.59
C THR H 372 -12.59 3.50 41.00
N HIS H 373 -11.93 2.54 41.63
CA HIS H 373 -12.25 2.13 43.01
C HIS H 373 -11.87 3.26 43.99
N PRO H 374 -12.79 3.64 44.90
CA PRO H 374 -12.55 4.72 45.88
C PRO H 374 -11.32 4.59 46.80
N ARG H 375 -10.76 3.39 46.90
CA ARG H 375 -9.57 3.14 47.71
C ARG H 375 -8.33 3.86 47.17
N TYR H 376 -8.30 4.08 45.86
CA TYR H 376 -7.23 4.84 45.22
C TYR H 376 -7.53 6.34 45.23
N GLY H 377 -8.81 6.68 45.11
CA GLY H 377 -9.25 8.07 45.08
C GLY H 377 -8.58 8.87 43.96
N PHE H 378 -8.49 8.26 42.78
CA PHE H 378 -7.78 8.88 41.65
C PHE H 378 -8.52 10.08 41.04
N ASP H 379 -9.81 10.23 41.35
CA ASP H 379 -10.59 11.38 40.87
C ASP H 379 -10.46 12.62 41.76
N ARG H 380 -9.70 12.52 42.86
CA ARG H 380 -9.53 13.67 43.75
C ARG H 380 -8.71 14.79 43.10
N PHE H 381 -7.82 14.43 42.19
CA PHE H 381 -6.96 15.40 41.51
C PHE H 381 -7.82 16.29 40.61
N TRP H 382 -8.67 15.66 39.80
CA TRP H 382 -9.58 16.37 38.91
C TRP H 382 -10.59 17.20 39.69
N ARG H 383 -11.27 16.58 40.65
CA ARG H 383 -12.27 17.29 41.46
C ARG H 383 -11.69 18.55 42.11
N ASN H 384 -10.46 18.47 42.60
CA ASN H 384 -9.79 19.64 43.17
C ASN H 384 -9.53 20.74 42.13
N VAL H 385 -9.05 20.35 40.95
CA VAL H 385 -8.74 21.31 39.88
C VAL H 385 -10.01 21.84 39.24
N ARG H 386 -10.99 20.96 39.04
CA ARG H 386 -12.26 21.34 38.44
C ARG H 386 -13.00 22.37 39.28
N THR H 387 -12.86 22.28 40.61
CA THR H 387 -13.54 23.18 41.53
C THR H 387 -12.90 24.57 41.55
N HIS H 388 -11.61 24.63 41.89
CA HIS H 388 -10.95 25.93 42.07
C HIS H 388 -10.65 26.67 40.77
N SER H 389 -10.64 25.96 39.64
CA SER H 389 -10.44 26.61 38.34
C SER H 389 -11.60 27.54 37.97
N LEU H 390 -12.72 27.42 38.67
CA LEU H 390 -13.88 28.28 38.46
C LEU H 390 -13.87 29.53 39.36
N HIS H 391 -12.84 29.69 40.18
CA HIS H 391 -12.71 30.86 41.04
C HIS H 391 -12.90 32.14 40.23
N ASP H 392 -12.12 32.28 39.18
CA ASP H 392 -12.31 33.34 38.19
C ASP H 392 -12.25 32.73 36.79
N PRO H 393 -13.02 33.29 35.84
CA PRO H 393 -13.15 32.66 34.52
C PRO H 393 -11.85 32.67 33.71
N VAL H 394 -11.40 31.48 33.30
CA VAL H 394 -10.17 31.34 32.54
C VAL H 394 -10.27 31.97 31.15
N SER H 395 -11.49 32.03 30.61
CA SER H 395 -11.75 32.67 29.32
C SER H 395 -11.23 34.11 29.29
N TYR H 396 -11.41 34.83 30.40
CA TYR H 396 -11.00 36.24 30.47
C TYR H 396 -9.52 36.42 30.82
N LYS H 397 -8.91 35.41 31.45
CA LYS H 397 -7.45 35.37 31.56
C LYS H 397 -6.86 35.27 30.16
N ILE H 398 -7.40 34.34 29.37
CA ILE H 398 -7.00 34.18 27.97
C ILE H 398 -7.29 35.43 27.15
N ALA H 399 -8.45 36.05 27.40
CA ALA H 399 -8.83 37.27 26.69
C ALA H 399 -7.91 38.45 27.00
N ASP H 400 -7.50 38.56 28.26
CA ASP H 400 -6.62 39.65 28.68
C ASP H 400 -5.23 39.58 28.04
N VAL H 401 -4.77 38.37 27.70
CA VAL H 401 -3.48 38.17 27.05
C VAL H 401 -3.56 38.57 25.57
N GLY H 402 -4.64 38.15 24.92
CA GLY H 402 -4.89 38.50 23.52
C GLY H 402 -5.08 39.98 23.28
N LYS H 403 -5.67 40.66 24.26
CA LYS H 403 -5.80 42.13 24.23
C LYS H 403 -4.43 42.80 24.27
N HIS H 404 -3.52 42.26 25.08
CA HIS H 404 -2.15 42.75 25.15
C HIS H 404 -1.41 42.41 23.87
N THR H 405 -1.44 41.13 23.48
CA THR H 405 -0.81 40.69 22.24
C THR H 405 -1.17 41.61 21.07
N LEU H 406 -2.47 41.79 20.86
CA LEU H 406 -2.95 42.50 19.67
C LEU H 406 -2.87 44.03 19.81
N ASN H 407 -3.34 44.56 20.93
CA ASN H 407 -3.46 46.01 21.10
C ASN H 407 -2.57 46.63 22.18
N GLY H 408 -1.72 45.82 22.81
CA GLY H 408 -0.88 46.30 23.92
C GLY H 408 -1.65 46.77 25.16
N GLN H 409 -2.93 46.42 25.25
CA GLN H 409 -3.79 46.88 26.32
C GLN H 409 -3.54 46.01 27.55
N TYR H 410 -3.21 46.64 28.68
CA TYR H 410 -3.01 45.92 29.94
C TYR H 410 -4.35 45.65 30.62
N PRO H 411 -4.42 44.59 31.45
CA PRO H 411 -5.68 44.30 32.14
C PRO H 411 -6.02 45.36 33.18
N ILE H 412 -7.32 45.65 33.32
CA ILE H 412 -7.78 46.60 34.33
C ILE H 412 -7.49 45.99 35.70
N PRO H 413 -6.67 46.66 36.53
CA PRO H 413 -6.34 46.08 37.84
C PRO H 413 -7.55 45.92 38.76
N GLY H 414 -7.70 44.72 39.30
CA GLY H 414 -8.76 44.43 40.26
C GLY H 414 -8.30 43.34 41.20
N PHE H 415 -9.26 42.64 41.80
CA PHE H 415 -8.94 41.55 42.73
C PHE H 415 -8.43 40.30 42.01
N THR H 416 -8.86 40.11 40.76
CA THR H 416 -8.41 38.98 39.94
C THR H 416 -7.59 39.38 38.71
N SER H 417 -7.86 40.55 38.14
CA SER H 417 -7.15 41.01 36.93
C SER H 417 -6.11 42.09 37.27
#